data_3ZKR
#
_entry.id   3ZKR
#
_cell.length_a   105.109
_cell.length_b   266.248
_cell.length_c   110.746
_cell.angle_alpha   90.00
_cell.angle_beta   109.78
_cell.angle_gamma   90.00
#
_symmetry.space_group_name_H-M   'P 1 21 1'
#
loop_
_entity.id
_entity.type
_entity.pdbx_description
1 polymer 'CYS-LOOP LIGAND-GATED ION CHANNEL'
2 non-polymer TRIBROMOMETHANE
#
_entity_poly.entity_id   1
_entity_poly.type   'polypeptide(L)'
_entity_poly.pdbx_seq_one_letter_code
;PVDVSVSIFINKIYGVNTLEQTYKVDGYIVAQWTGKPRKTPGDKPLIVENTQIERWINNGLWVPALEFINVVGSPDTGNK
RLMLFPDGRVIYNARFLGSFSNDMDFRLFPFDRQQFVLELEPFSYNNQQLRFSDIQVYTENIDNEEIDEWWIRGKASTHI
SDIRYDHLSSVQPNQNEFSRITVRIDAVRNPSYYLWSFILPLGLIIAASWSVFWLESFSERLQTSFTLMLTVVAYAFYTS
NILPRLPYTTVIDQMIIAGYGSIFAAILLIIFAHHRQANGVEDDLLIQRCRLAFPLGFLAIGCVLVI
;
_entity_poly.pdbx_strand_id   A,B,C,D,E,F,G,H,I,J
#
# COMPACT_ATOMS: atom_id res chain seq x y z
N PRO A 1 11.44 29.50 -51.17
CA PRO A 1 11.21 29.85 -49.76
C PRO A 1 10.38 28.79 -49.06
N VAL A 2 11.04 27.91 -48.31
CA VAL A 2 10.36 26.79 -47.67
C VAL A 2 9.44 27.20 -46.52
N ASP A 3 8.16 26.84 -46.65
CA ASP A 3 7.17 27.15 -45.62
C ASP A 3 7.22 26.17 -44.47
N VAL A 4 7.63 26.67 -43.31
CA VAL A 4 7.71 25.82 -42.12
C VAL A 4 6.61 26.13 -41.11
N SER A 5 5.83 25.11 -40.79
CA SER A 5 4.82 25.19 -39.74
C SER A 5 5.36 24.67 -38.41
N VAL A 6 5.32 25.50 -37.37
CA VAL A 6 5.88 25.14 -36.07
C VAL A 6 4.81 24.93 -35.01
N SER A 7 5.06 24.01 -34.07
CA SER A 7 4.18 23.83 -32.92
C SER A 7 5.04 23.65 -31.68
N ILE A 8 4.76 24.44 -30.65
CA ILE A 8 5.42 24.31 -29.36
C ILE A 8 4.46 23.80 -28.30
N PHE A 9 4.88 22.77 -27.58
CA PHE A 9 4.15 22.29 -26.42
C PHE A 9 4.91 22.57 -25.14
N ILE A 10 4.34 23.41 -24.27
CA ILE A 10 5.02 23.76 -23.03
C ILE A 10 4.55 22.87 -21.87
N ASN A 11 5.46 22.12 -21.26
CA ASN A 11 5.06 21.24 -20.15
C ASN A 11 5.22 21.91 -18.80
N LYS A 12 6.34 22.58 -18.59
CA LYS A 12 6.68 23.13 -17.28
C LYS A 12 7.56 24.37 -17.41
N ILE A 13 7.21 25.41 -16.65
CA ILE A 13 8.07 26.57 -16.52
C ILE A 13 8.46 26.81 -15.05
N TYR A 14 9.73 26.60 -14.76
CA TYR A 14 10.23 26.66 -13.39
C TYR A 14 11.64 27.27 -13.30
N GLY A 15 12.20 27.23 -12.10
CA GLY A 15 13.56 27.65 -11.82
C GLY A 15 13.99 29.02 -12.30
N VAL A 16 13.26 30.05 -11.92
CA VAL A 16 13.62 31.42 -12.28
C VAL A 16 14.88 31.86 -11.52
N ASN A 17 15.88 32.29 -12.27
CA ASN A 17 17.10 32.89 -11.71
C ASN A 17 17.02 34.40 -11.81
N THR A 18 16.66 35.03 -10.69
CA THR A 18 16.45 36.46 -10.69
C THR A 18 17.66 37.29 -11.12
N LEU A 19 18.84 36.91 -10.65
CA LEU A 19 20.07 37.64 -11.00
C LEU A 19 20.40 37.52 -12.48
N GLU A 20 20.30 36.30 -12.99
CA GLU A 20 20.65 36.06 -14.39
C GLU A 20 19.50 36.39 -15.32
N GLN A 21 18.32 36.60 -14.76
CA GLN A 21 17.12 36.86 -15.56
C GLN A 21 16.91 35.69 -16.50
N THR A 22 16.73 34.51 -15.89
CA THR A 22 16.73 33.25 -16.60
C THR A 22 15.57 32.41 -16.10
N TYR A 23 15.03 31.53 -16.94
CA TYR A 23 14.03 30.59 -16.49
C TYR A 23 14.08 29.29 -17.30
N LYS A 24 13.75 28.18 -16.67
CA LYS A 24 13.80 26.88 -17.33
C LYS A 24 12.46 26.47 -17.97
N VAL A 25 12.54 25.92 -19.17
CA VAL A 25 11.34 25.45 -19.88
C VAL A 25 11.50 24.02 -20.39
N ASP A 26 10.54 23.17 -20.05
CA ASP A 26 10.49 21.81 -20.61
C ASP A 26 9.35 21.74 -21.58
N GLY A 27 9.61 21.12 -22.74
CA GLY A 27 8.58 20.98 -23.74
C GLY A 27 9.01 20.24 -24.99
N TYR A 28 8.19 20.37 -26.04
CA TYR A 28 8.43 19.69 -27.30
C TYR A 28 8.39 20.70 -28.45
N ILE A 29 9.18 20.46 -29.49
CA ILE A 29 9.07 21.28 -30.70
C ILE A 29 8.62 20.38 -31.84
N VAL A 30 7.67 20.87 -32.62
CA VAL A 30 7.25 20.19 -33.84
C VAL A 30 7.43 21.15 -35.01
N ALA A 31 8.25 20.74 -35.98
CA ALA A 31 8.43 21.52 -37.19
C ALA A 31 8.06 20.71 -38.42
N GLN A 32 7.26 21.32 -39.28
CA GLN A 32 6.79 20.65 -40.48
C GLN A 32 7.02 21.44 -41.76
N TRP A 33 7.50 20.76 -42.79
CA TRP A 33 7.66 21.37 -44.10
C TRP A 33 7.42 20.31 -45.16
N THR A 34 7.29 20.72 -46.42
CA THR A 34 7.10 19.75 -47.48
C THR A 34 8.32 19.68 -48.40
N GLY A 35 8.85 18.48 -48.50
CA GLY A 35 9.98 18.19 -49.37
C GLY A 35 9.51 17.51 -50.63
N LYS A 36 10.45 16.89 -51.32
CA LYS A 36 10.12 16.13 -52.52
C LYS A 36 9.62 14.74 -52.14
N PRO A 37 8.54 14.28 -52.77
CA PRO A 37 7.88 12.99 -52.52
C PRO A 37 8.86 11.82 -52.43
N ARG A 38 8.72 11.01 -51.39
CA ARG A 38 9.64 9.92 -51.15
C ARG A 38 8.95 8.58 -51.40
N LYS A 39 9.72 7.51 -51.45
CA LYS A 39 9.17 6.17 -51.49
C LYS A 39 9.39 5.48 -50.17
N THR A 40 8.36 5.44 -49.33
CA THR A 40 8.45 4.83 -48.01
C THR A 40 8.07 3.35 -48.06
N PRO A 41 8.68 2.53 -47.19
CA PRO A 41 8.33 1.10 -47.11
C PRO A 41 6.84 0.91 -46.92
N GLY A 42 6.23 0.14 -47.82
CA GLY A 42 4.80 0.04 -47.77
C GLY A 42 4.17 1.21 -48.48
N ASP A 43 3.82 2.22 -47.68
CA ASP A 43 3.36 3.51 -48.19
C ASP A 43 3.11 4.41 -47.00
N LYS A 44 3.01 3.79 -45.83
CA LYS A 44 2.82 4.54 -44.60
C LYS A 44 4.05 5.36 -44.22
N PRO A 45 3.84 6.46 -43.48
CA PRO A 45 4.94 7.35 -43.08
C PRO A 45 6.10 6.60 -42.44
N LEU A 46 7.32 7.00 -42.76
CA LEU A 46 8.51 6.39 -42.19
C LEU A 46 8.95 7.12 -40.92
N ILE A 47 9.16 6.38 -39.83
CA ILE A 47 9.67 6.99 -38.61
C ILE A 47 11.17 6.78 -38.38
N VAL A 48 11.89 7.88 -38.18
CA VAL A 48 13.33 7.83 -37.92
C VAL A 48 13.62 8.49 -36.58
N GLU A 49 13.99 7.67 -35.61
CA GLU A 49 14.30 8.16 -34.26
C GLU A 49 15.78 8.43 -34.05
N ASN A 50 16.09 8.96 -32.88
CA ASN A 50 17.37 9.59 -32.53
C ASN A 50 18.60 9.43 -33.42
N THR A 51 19.43 8.44 -33.08
CA THR A 51 20.66 8.11 -33.78
C THR A 51 20.51 8.04 -35.30
N GLN A 52 19.46 7.38 -35.79
CA GLN A 52 19.25 7.21 -37.23
C GLN A 52 19.09 8.52 -38.01
N ILE A 53 18.78 9.60 -37.32
CA ILE A 53 18.56 10.88 -37.98
C ILE A 53 19.81 11.41 -38.66
N GLU A 54 20.93 11.28 -37.95
CA GLU A 54 22.22 11.67 -38.49
C GLU A 54 22.54 10.91 -39.76
N ARG A 55 22.28 9.60 -39.73
CA ARG A 55 22.50 8.74 -40.88
C ARG A 55 21.78 9.20 -42.14
N TRP A 56 20.56 9.72 -41.96
CA TRP A 56 19.77 10.26 -43.07
C TRP A 56 20.27 11.59 -43.60
N ILE A 57 20.80 12.41 -42.70
CA ILE A 57 21.37 13.69 -43.07
C ILE A 57 22.62 13.51 -43.91
N ASN A 58 23.46 12.57 -43.50
CA ASN A 58 24.64 12.20 -44.25
C ASN A 58 24.32 11.78 -45.68
N ASN A 59 23.16 11.15 -45.88
CA ASN A 59 22.75 10.72 -47.21
C ASN A 59 22.02 11.82 -47.99
N GLY A 60 22.05 13.03 -47.45
CA GLY A 60 21.54 14.20 -48.14
C GLY A 60 20.20 14.75 -47.70
N LEU A 61 19.65 14.25 -46.60
CA LEU A 61 18.39 14.77 -46.08
C LEU A 61 18.61 16.16 -45.51
N TRP A 62 17.89 17.14 -46.04
CA TRP A 62 17.98 18.51 -45.55
C TRP A 62 17.17 18.70 -44.26
N VAL A 63 17.86 18.89 -43.13
CA VAL A 63 17.19 19.17 -41.86
C VAL A 63 17.76 20.43 -41.23
N PRO A 64 17.11 21.58 -41.45
CA PRO A 64 17.62 22.89 -41.06
C PRO A 64 17.70 23.06 -39.55
N ALA A 65 18.82 23.59 -39.08
CA ALA A 65 19.03 23.85 -37.65
C ALA A 65 18.26 25.07 -37.17
N LEU A 66 17.33 24.85 -36.24
CA LEU A 66 16.55 25.97 -35.71
C LEU A 66 17.09 26.42 -34.36
N GLU A 67 17.66 27.62 -34.30
CA GLU A 67 18.27 28.10 -33.07
C GLU A 67 17.27 28.78 -32.14
N PHE A 68 17.43 28.55 -30.84
CA PHE A 68 16.73 29.31 -29.81
C PHE A 68 17.55 30.54 -29.51
N ILE A 69 17.14 31.67 -30.09
CA ILE A 69 17.86 32.93 -29.91
C ILE A 69 18.15 33.32 -28.46
N ASN A 70 17.17 33.20 -27.57
CA ASN A 70 17.37 33.62 -26.20
C ASN A 70 17.71 32.50 -25.22
N VAL A 71 18.31 31.44 -25.74
CA VAL A 71 18.73 30.35 -24.88
C VAL A 71 20.09 30.65 -24.24
N VAL A 72 20.20 30.36 -22.96
CA VAL A 72 21.46 30.44 -22.23
C VAL A 72 22.13 29.08 -22.20
N GLY A 73 23.23 28.93 -22.93
CA GLY A 73 23.90 27.64 -23.00
C GLY A 73 23.23 26.87 -24.11
N SER A 74 23.27 25.55 -24.05
CA SER A 74 22.62 24.79 -25.10
C SER A 74 21.74 23.74 -24.44
N PRO A 75 20.51 23.60 -24.97
CA PRO A 75 19.42 22.83 -24.35
C PRO A 75 19.80 21.38 -24.13
N ASP A 76 19.21 20.76 -23.11
CA ASP A 76 19.27 19.33 -22.96
C ASP A 76 18.20 18.82 -23.92
N THR A 77 18.67 18.14 -24.97
CA THR A 77 17.75 17.49 -25.88
C THR A 77 17.47 16.04 -25.48
N GLY A 78 16.19 15.71 -25.36
CA GLY A 78 15.78 14.35 -25.07
C GLY A 78 15.68 13.61 -26.38
N ASN A 79 14.55 12.95 -26.60
CA ASN A 79 14.35 12.11 -27.77
C ASN A 79 14.07 12.96 -29.01
N LYS A 80 14.63 12.53 -30.14
CA LYS A 80 14.47 13.23 -31.40
C LYS A 80 13.68 12.31 -32.31
N ARG A 81 12.94 12.89 -33.24
CA ARG A 81 12.14 12.10 -34.16
C ARG A 81 11.95 12.77 -35.51
N LEU A 82 12.06 11.97 -36.56
CA LEU A 82 11.73 12.42 -37.90
C LEU A 82 10.56 11.58 -38.39
N MET A 83 9.51 12.23 -38.88
CA MET A 83 8.43 11.52 -39.53
C MET A 83 8.40 11.86 -41.01
N LEU A 84 8.73 10.88 -41.84
CA LEU A 84 8.85 11.09 -43.28
C LEU A 84 7.67 10.54 -44.06
N PHE A 85 6.88 11.45 -44.63
CA PHE A 85 5.71 11.05 -45.38
C PHE A 85 6.07 10.83 -46.85
N PRO A 86 5.36 9.93 -47.53
CA PRO A 86 5.66 9.62 -48.93
C PRO A 86 5.30 10.80 -49.84
N ASP A 87 4.30 11.60 -49.46
CA ASP A 87 3.90 12.75 -50.27
C ASP A 87 4.96 13.86 -50.26
N GLY A 88 5.96 13.70 -49.41
CA GLY A 88 7.08 14.63 -49.35
C GLY A 88 7.28 15.27 -48.00
N ARG A 89 6.18 15.67 -47.37
CA ARG A 89 6.24 16.42 -46.11
C ARG A 89 7.05 15.73 -45.02
N VAL A 90 7.73 16.54 -44.20
CA VAL A 90 8.62 16.05 -43.15
C VAL A 90 8.26 16.66 -41.81
N ILE A 91 8.16 15.83 -40.77
CA ILE A 91 7.86 16.32 -39.43
C ILE A 91 8.95 15.98 -38.40
N TYR A 92 9.56 17.01 -37.83
CA TYR A 92 10.60 16.89 -36.82
C TYR A 92 10.07 17.14 -35.40
N ASN A 93 10.25 16.15 -34.51
CA ASN A 93 9.69 16.23 -33.16
C ASN A 93 10.77 15.94 -32.15
N ALA A 94 10.92 16.82 -31.18
CA ALA A 94 11.97 16.65 -30.17
C ALA A 94 11.57 17.30 -28.84
N ARG A 95 11.91 16.64 -27.74
CA ARG A 95 11.72 17.25 -26.43
C ARG A 95 12.94 18.05 -26.02
N PHE A 96 12.73 19.13 -25.30
CA PHE A 96 13.83 19.97 -24.87
C PHE A 96 13.69 20.54 -23.46
N LEU A 97 14.83 20.81 -22.84
CA LEU A 97 14.87 21.50 -21.56
C LEU A 97 15.95 22.55 -21.65
N GLY A 98 15.58 23.82 -21.56
CA GLY A 98 16.53 24.90 -21.77
C GLY A 98 16.44 26.00 -20.73
N SER A 99 17.52 26.76 -20.58
CA SER A 99 17.52 27.99 -19.80
C SER A 99 17.38 29.16 -20.75
N PHE A 100 16.36 29.98 -20.53
CA PHE A 100 16.06 31.07 -21.44
C PHE A 100 16.25 32.43 -20.79
N SER A 101 16.60 33.42 -21.60
CA SER A 101 16.94 34.76 -21.11
C SER A 101 15.89 35.74 -21.56
N ASN A 102 15.55 36.66 -20.66
CA ASN A 102 14.64 37.76 -20.95
C ASN A 102 14.76 38.88 -19.95
N ASP A 103 14.45 40.09 -20.40
CA ASP A 103 14.44 41.24 -19.51
C ASP A 103 13.39 41.01 -18.44
N MET A 104 13.84 41.01 -17.19
CA MET A 104 12.95 40.81 -16.07
C MET A 104 13.05 41.92 -15.01
N ASP A 105 11.93 42.58 -14.76
CA ASP A 105 11.88 43.64 -13.76
C ASP A 105 11.32 43.10 -12.45
N PHE A 106 12.11 43.19 -11.39
CA PHE A 106 11.72 42.65 -10.08
C PHE A 106 11.51 43.75 -9.02
N ARG A 107 11.44 45.00 -9.45
CA ARG A 107 11.32 46.15 -8.55
C ARG A 107 10.18 45.99 -7.54
N LEU A 108 8.99 45.65 -8.04
CA LEU A 108 7.84 45.54 -7.15
C LEU A 108 7.60 44.11 -6.65
N PHE A 109 8.67 43.40 -6.33
CA PHE A 109 8.56 42.09 -5.68
C PHE A 109 7.89 42.34 -4.33
N PRO A 110 7.06 41.39 -3.86
CA PRO A 110 6.69 40.10 -4.42
C PRO A 110 5.44 40.20 -5.28
N PHE A 111 5.18 41.37 -5.86
CA PHE A 111 4.05 41.47 -6.78
C PHE A 111 4.44 41.71 -8.23
N ASP A 112 5.45 40.99 -8.69
CA ASP A 112 5.96 41.15 -10.04
C ASP A 112 5.00 40.64 -11.08
N ARG A 113 5.00 41.31 -12.21
CA ARG A 113 4.28 40.81 -13.36
C ARG A 113 5.42 40.46 -14.32
N GLN A 114 5.60 39.19 -14.65
CA GLN A 114 6.64 38.82 -15.61
C GLN A 114 6.09 38.23 -16.88
N GLN A 115 6.91 38.20 -17.93
CA GLN A 115 6.54 37.47 -19.13
C GLN A 115 7.69 36.62 -19.67
N PHE A 116 7.38 35.35 -19.84
CA PHE A 116 8.34 34.36 -20.33
C PHE A 116 8.34 34.34 -21.85
N VAL A 117 9.51 34.56 -22.44
CA VAL A 117 9.62 34.69 -23.88
C VAL A 117 10.46 33.58 -24.50
N LEU A 118 10.06 33.15 -25.70
CA LEU A 118 10.84 32.21 -26.50
C LEU A 118 11.04 32.77 -27.89
N GLU A 119 12.29 32.79 -28.33
CA GLU A 119 12.61 33.30 -29.65
C GLU A 119 13.24 32.25 -30.56
N LEU A 120 12.52 31.88 -31.61
CA LEU A 120 12.94 30.84 -32.56
C LEU A 120 13.31 31.46 -33.89
N GLU A 121 14.44 31.03 -34.44
CA GLU A 121 14.94 31.58 -35.67
C GLU A 121 15.86 30.57 -36.33
N PRO A 122 15.75 30.42 -37.67
CA PRO A 122 16.64 29.50 -38.40
C PRO A 122 18.08 29.96 -38.25
N PHE A 123 18.98 29.03 -37.96
CA PHE A 123 20.36 29.41 -37.70
C PHE A 123 21.08 29.98 -38.94
N SER A 124 20.78 29.43 -40.11
CA SER A 124 21.56 29.75 -41.31
C SER A 124 20.72 30.15 -42.55
N TYR A 125 19.45 29.78 -42.55
CA TYR A 125 18.57 30.08 -43.69
C TYR A 125 17.71 31.32 -43.54
N ASN A 126 17.92 32.26 -44.46
CA ASN A 126 17.16 33.50 -44.49
C ASN A 126 15.75 33.38 -45.00
N ASN A 127 14.98 34.45 -44.79
CA ASN A 127 13.57 34.52 -45.16
C ASN A 127 13.21 34.07 -46.57
N GLN A 128 14.17 34.19 -47.49
CA GLN A 128 13.95 33.77 -48.86
C GLN A 128 14.25 32.29 -49.02
N GLN A 129 15.06 31.75 -48.12
CA GLN A 129 15.37 30.32 -48.12
C GLN A 129 14.37 29.56 -47.25
N LEU A 130 14.16 30.04 -46.02
CA LEU A 130 13.25 29.39 -45.09
C LEU A 130 12.34 30.42 -44.42
N ARG A 131 11.05 30.14 -44.47
CA ARG A 131 10.06 31.07 -43.94
C ARG A 131 9.11 30.32 -42.99
N PHE A 132 8.78 30.95 -41.86
CA PHE A 132 7.84 30.38 -40.91
C PHE A 132 6.38 30.60 -41.32
N SER A 133 5.74 29.57 -41.86
CA SER A 133 4.37 29.68 -42.34
C SER A 133 3.37 30.02 -41.24
N ASP A 134 3.40 29.24 -40.16
CA ASP A 134 2.53 29.49 -39.02
C ASP A 134 3.04 28.86 -37.74
N ILE A 135 2.48 29.28 -36.61
CA ILE A 135 2.84 28.68 -35.33
C ILE A 135 1.68 28.63 -34.34
N GLN A 136 1.51 27.49 -33.68
CA GLN A 136 0.55 27.39 -32.59
C GLN A 136 1.22 26.89 -31.32
N VAL A 137 0.90 27.53 -30.20
CA VAL A 137 1.47 27.16 -28.91
C VAL A 137 0.41 26.52 -28.02
N TYR A 138 0.76 25.40 -27.40
CA TYR A 138 -0.15 24.73 -26.47
C TYR A 138 0.38 24.70 -25.05
N THR A 139 -0.17 25.58 -24.21
CA THR A 139 0.13 25.62 -22.79
C THR A 139 -0.88 24.79 -22.03
N GLU A 140 -0.66 23.48 -21.98
CA GLU A 140 -1.59 22.55 -21.36
C GLU A 140 -1.67 22.64 -19.84
N ASN A 141 -1.49 23.85 -19.31
CA ASN A 141 -1.62 24.08 -17.88
C ASN A 141 -3.00 24.58 -17.46
N ILE A 142 -3.26 24.48 -16.15
CA ILE A 142 -4.53 24.83 -15.53
C ILE A 142 -4.54 24.41 -14.07
N ASP A 143 -5.51 24.90 -13.29
CA ASP A 143 -5.68 24.42 -11.92
C ASP A 143 -4.50 24.54 -10.95
N ASN A 144 -4.84 24.35 -9.68
CA ASN A 144 -3.91 24.38 -8.58
C ASN A 144 -2.96 25.57 -8.57
N GLU A 145 -3.53 26.78 -8.62
CA GLU A 145 -2.68 27.94 -8.66
C GLU A 145 -1.97 28.21 -7.34
N GLU A 146 -2.63 27.82 -6.25
CA GLU A 146 -2.14 28.03 -4.88
C GLU A 146 -1.05 27.04 -4.53
N ILE A 147 -0.74 26.13 -5.45
CA ILE A 147 0.29 25.14 -5.21
C ILE A 147 1.57 25.48 -5.95
N ASP A 148 1.42 26.23 -7.04
CA ASP A 148 2.55 26.66 -7.85
C ASP A 148 3.01 28.06 -7.49
N GLU A 149 4.28 28.34 -7.74
CA GLU A 149 4.89 29.61 -7.42
C GLU A 149 4.37 30.70 -8.36
N TRP A 150 4.11 30.34 -9.61
CA TRP A 150 3.70 31.33 -10.58
C TRP A 150 2.31 31.03 -11.10
N TRP A 151 1.54 32.08 -11.36
CA TRP A 151 0.18 31.93 -11.87
C TRP A 151 0.14 32.39 -13.32
N ILE A 152 -0.02 31.44 -14.25
CA ILE A 152 -0.07 31.76 -15.66
C ILE A 152 -1.42 32.42 -15.95
N ARG A 153 -1.40 33.52 -16.71
CA ARG A 153 -2.63 34.30 -16.91
C ARG A 153 -3.27 34.06 -18.26
N GLY A 154 -2.62 34.55 -19.30
CA GLY A 154 -3.12 34.43 -20.65
C GLY A 154 -2.93 33.03 -21.20
N LYS A 155 -3.13 32.91 -22.51
CA LYS A 155 -2.87 31.65 -23.21
C LYS A 155 -1.72 31.62 -24.16
N ALA A 156 -0.71 32.42 -24.01
CA ALA A 156 0.49 32.62 -24.87
C ALA A 156 0.19 33.44 -26.14
N SER A 157 0.98 34.51 -26.19
CA SER A 157 0.95 35.51 -27.25
C SER A 157 1.97 35.06 -28.28
N THR A 158 1.62 35.23 -29.55
CA THR A 158 2.50 34.84 -30.62
C THR A 158 2.77 35.93 -31.64
N HIS A 159 3.99 35.95 -32.18
CA HIS A 159 4.35 36.92 -33.20
C HIS A 159 5.42 36.38 -34.14
N ILE A 160 5.04 36.20 -35.41
CA ILE A 160 6.02 35.93 -36.44
C ILE A 160 6.44 37.26 -37.06
N SER A 161 7.75 37.46 -37.18
CA SER A 161 8.28 38.72 -37.68
C SER A 161 9.55 38.46 -38.47
N ASP A 162 10.07 39.52 -39.09
CA ASP A 162 11.29 39.42 -39.88
C ASP A 162 12.39 40.30 -39.31
N ILE A 163 13.48 39.67 -38.87
CA ILE A 163 14.59 40.37 -38.22
C ILE A 163 15.71 40.67 -39.21
N ARG A 164 16.04 41.95 -39.35
CA ARG A 164 17.08 42.40 -40.25
C ARG A 164 18.43 42.56 -39.57
N TYR A 165 19.45 41.90 -40.10
CA TYR A 165 20.80 42.05 -39.58
C TYR A 165 21.56 42.99 -40.52
N ASP A 166 22.21 44.01 -39.98
CA ASP A 166 22.80 45.05 -40.83
C ASP A 166 24.21 44.68 -41.28
N HIS A 167 24.87 43.77 -40.56
CA HIS A 167 26.24 43.44 -40.92
C HIS A 167 26.46 41.92 -41.16
N LEU A 168 26.37 41.59 -42.50
CA LEU A 168 26.61 40.27 -43.19
C LEU A 168 27.48 40.17 -44.51
N SER A 169 27.14 39.21 -45.39
CA SER A 169 27.90 38.87 -46.63
C SER A 169 27.88 39.93 -47.76
N SER A 170 28.61 39.67 -48.85
CA SER A 170 28.55 40.49 -50.06
C SER A 170 27.28 40.19 -50.86
N VAL A 171 26.16 40.12 -50.15
CA VAL A 171 24.88 39.90 -50.78
C VAL A 171 24.07 41.21 -50.78
N GLN A 172 23.59 41.59 -51.96
CA GLN A 172 22.93 42.89 -52.12
C GLN A 172 21.46 42.86 -52.38
N PRO A 173 20.96 41.76 -52.98
CA PRO A 173 19.54 41.87 -53.14
C PRO A 173 18.91 42.10 -51.81
N ASN A 174 18.86 41.00 -51.04
CA ASN A 174 18.19 41.07 -49.79
C ASN A 174 18.32 39.94 -48.76
N GLN A 175 19.38 39.13 -48.83
CA GLN A 175 19.48 38.02 -47.88
C GLN A 175 19.97 38.47 -46.52
N ASN A 176 19.05 39.02 -45.72
CA ASN A 176 19.40 39.56 -44.42
C ASN A 176 18.26 39.60 -43.40
N GLU A 177 17.05 39.23 -43.82
CA GLU A 177 15.92 39.31 -42.91
C GLU A 177 15.34 37.98 -42.43
N PHE A 178 16.17 37.17 -41.77
CA PHE A 178 15.74 35.93 -41.14
C PHE A 178 14.39 36.10 -40.44
N SER A 179 13.51 35.12 -40.60
CA SER A 179 12.19 35.15 -39.96
C SER A 179 12.27 34.62 -38.53
N ARG A 180 11.67 35.34 -37.59
CA ARG A 180 11.76 34.98 -36.19
C ARG A 180 10.40 34.76 -35.55
N ILE A 181 10.27 33.67 -34.81
CA ILE A 181 9.06 33.42 -34.04
C ILE A 181 9.28 33.87 -32.59
N THR A 182 8.34 34.64 -32.05
CA THR A 182 8.44 35.12 -30.68
C THR A 182 7.19 34.71 -29.92
N VAL A 183 7.37 33.89 -28.89
CA VAL A 183 6.26 33.46 -28.03
C VAL A 183 6.33 34.23 -26.73
N ARG A 184 5.19 34.73 -26.27
CA ARG A 184 5.13 35.40 -24.98
C ARG A 184 4.08 34.82 -24.05
N ILE A 185 4.50 34.46 -22.84
CA ILE A 185 3.60 33.96 -21.80
C ILE A 185 3.62 34.89 -20.59
N ASP A 186 2.48 35.49 -20.28
CA ASP A 186 2.38 36.36 -19.11
C ASP A 186 2.17 35.56 -17.83
N ALA A 187 2.76 36.03 -16.74
CA ALA A 187 2.62 35.35 -15.47
C ALA A 187 2.69 36.26 -14.25
N VAL A 188 2.05 35.85 -13.17
CA VAL A 188 2.06 36.62 -11.93
C VAL A 188 2.58 35.77 -10.79
N ARG A 189 3.39 36.38 -9.92
CA ARG A 189 3.94 35.72 -8.74
C ARG A 189 2.88 35.45 -7.68
N ASN A 190 2.92 34.26 -7.08
CA ASN A 190 2.05 33.96 -5.95
C ASN A 190 2.59 34.64 -4.69
N PRO A 191 1.95 35.74 -4.28
CA PRO A 191 2.48 36.61 -3.23
C PRO A 191 2.16 36.13 -1.81
N SER A 192 1.38 35.07 -1.69
CA SER A 192 0.89 34.60 -0.39
C SER A 192 1.95 34.39 0.67
N TYR A 193 3.01 33.67 0.30
CA TYR A 193 4.05 33.33 1.26
C TYR A 193 4.72 34.57 1.81
N TYR A 194 5.04 35.50 0.91
CA TYR A 194 5.78 36.71 1.27
C TYR A 194 4.94 37.68 2.09
N LEU A 195 3.62 37.69 1.85
CA LEU A 195 2.72 38.55 2.60
C LEU A 195 2.64 38.09 4.05
N TRP A 196 2.32 36.82 4.25
CA TRP A 196 2.09 36.27 5.57
C TRP A 196 3.35 36.06 6.39
N SER A 197 4.41 35.61 5.71
CA SER A 197 5.64 35.33 6.41
C SER A 197 6.70 36.44 6.46
N PHE A 198 6.52 37.46 5.63
CA PHE A 198 7.43 38.60 5.59
C PHE A 198 6.79 39.95 5.90
N ILE A 199 5.84 40.35 5.05
CA ILE A 199 5.18 41.65 5.20
C ILE A 199 4.46 41.82 6.53
N LEU A 200 3.62 40.83 6.87
CA LEU A 200 2.83 40.85 8.10
C LEU A 200 3.69 41.05 9.35
N PRO A 201 4.67 40.14 9.60
CA PRO A 201 5.41 40.39 10.84
C PRO A 201 6.28 41.64 10.81
N LEU A 202 6.76 42.00 9.63
CA LEU A 202 7.55 43.21 9.47
C LEU A 202 6.73 44.43 9.90
N GLY A 203 5.46 44.39 9.53
CA GLY A 203 4.50 45.40 9.92
C GLY A 203 4.31 45.48 11.42
N LEU A 204 4.23 44.31 12.05
CA LEU A 204 4.09 44.24 13.49
C LEU A 204 5.30 44.77 14.23
N ILE A 205 6.48 44.54 13.67
CA ILE A 205 7.71 45.08 14.20
C ILE A 205 7.69 46.62 14.16
N ILE A 206 7.43 47.18 12.99
CA ILE A 206 7.36 48.63 12.81
C ILE A 206 6.31 49.22 13.76
N ALA A 207 5.16 48.56 13.86
CA ALA A 207 4.08 49.06 14.72
C ALA A 207 4.62 49.05 16.15
N ALA A 208 5.11 47.89 16.58
CA ALA A 208 5.55 47.76 17.96
C ALA A 208 6.74 48.66 18.26
N SER A 209 7.47 49.05 17.22
CA SER A 209 8.54 50.04 17.36
C SER A 209 8.02 51.32 17.98
N TRP A 210 6.82 51.74 17.56
CA TRP A 210 6.28 53.01 18.02
C TRP A 210 5.83 52.96 19.48
N SER A 211 5.77 51.75 20.03
CA SER A 211 5.31 51.57 21.40
C SER A 211 6.35 52.02 22.42
N VAL A 212 7.48 52.52 21.92
CA VAL A 212 8.58 52.96 22.77
C VAL A 212 8.18 54.22 23.53
N PHE A 213 7.23 54.97 22.97
CA PHE A 213 6.80 56.24 23.55
C PHE A 213 5.88 56.08 24.75
N TRP A 214 5.31 54.90 24.91
CA TRP A 214 4.51 54.62 26.10
C TRP A 214 5.33 54.25 27.32
N LEU A 215 6.65 54.28 27.17
CA LEU A 215 7.53 54.10 28.32
C LEU A 215 7.64 55.37 29.12
N GLU A 216 7.74 55.21 30.44
CA GLU A 216 7.72 56.37 31.32
C GLU A 216 9.05 57.12 31.38
N SER A 217 10.10 56.42 31.81
CA SER A 217 11.42 57.00 31.94
C SER A 217 12.09 57.28 30.61
N PHE A 218 13.01 58.25 30.60
CA PHE A 218 13.84 58.52 29.44
C PHE A 218 14.89 57.45 29.13
N SER A 219 15.51 56.92 30.18
CA SER A 219 16.45 55.82 30.06
C SER A 219 15.75 54.60 29.45
N GLU A 220 14.54 54.34 29.90
CA GLU A 220 13.75 53.21 29.40
C GLU A 220 13.49 53.44 27.92
N ARG A 221 13.03 54.65 27.59
CA ARG A 221 12.70 55.00 26.21
C ARG A 221 13.87 54.87 25.26
N LEU A 222 15.04 55.26 25.70
CA LEU A 222 16.23 55.23 24.87
C LEU A 222 16.81 53.81 24.77
N GLN A 223 17.10 53.18 25.90
CA GLN A 223 17.78 51.89 25.89
C GLN A 223 16.99 50.85 25.08
N THR A 224 15.67 50.86 25.22
CA THR A 224 14.82 49.90 24.54
C THR A 224 14.93 50.01 23.02
N SER A 225 15.17 51.22 22.53
CA SER A 225 15.27 51.46 21.08
C SER A 225 16.50 50.84 20.41
N PHE A 226 17.47 50.46 21.22
CA PHE A 226 18.69 49.79 20.78
C PHE A 226 18.43 48.33 20.54
N THR A 227 17.58 47.75 21.38
CA THR A 227 17.11 46.39 21.15
C THR A 227 16.25 46.42 19.89
N LEU A 228 15.47 47.49 19.76
CA LEU A 228 14.53 47.61 18.64
C LEU A 228 15.28 47.73 17.32
N MET A 229 16.39 48.45 17.37
CA MET A 229 17.28 48.61 16.22
C MET A 229 17.85 47.25 15.85
N LEU A 230 18.37 46.56 16.86
CA LEU A 230 18.96 45.24 16.71
C LEU A 230 17.91 44.25 16.16
N THR A 231 16.65 44.46 16.50
CA THR A 231 15.58 43.59 15.99
C THR A 231 15.39 43.73 14.48
N VAL A 232 15.45 44.96 13.99
CA VAL A 232 15.32 45.22 12.56
C VAL A 232 16.49 44.64 11.77
N VAL A 233 17.68 44.73 12.33
CA VAL A 233 18.88 44.13 11.75
C VAL A 233 18.70 42.63 11.58
N ALA A 234 18.23 41.99 12.64
CA ALA A 234 17.98 40.55 12.61
C ALA A 234 16.93 40.18 11.59
N TYR A 235 15.93 41.03 11.42
CA TYR A 235 14.94 40.79 10.39
C TYR A 235 15.44 41.01 8.97
N ALA A 236 16.28 42.04 8.78
CA ALA A 236 16.91 42.31 7.49
C ALA A 236 17.69 41.08 7.07
N PHE A 237 18.33 40.46 8.04
CA PHE A 237 19.14 39.28 7.82
C PHE A 237 18.25 38.14 7.38
N TYR A 238 17.22 37.89 8.19
CA TYR A 238 16.26 36.84 7.89
C TYR A 238 15.63 37.00 6.52
N THR A 239 15.25 38.23 6.19
CA THR A 239 14.74 38.59 4.87
C THR A 239 15.74 38.29 3.75
N SER A 240 16.92 38.88 3.86
CA SER A 240 17.98 38.77 2.86
C SER A 240 18.46 37.34 2.58
N ASN A 241 18.54 36.52 3.62
CA ASN A 241 19.00 35.15 3.47
C ASN A 241 18.01 34.33 2.64
N ILE A 242 16.72 34.65 2.76
CA ILE A 242 15.69 33.85 2.10
C ILE A 242 15.19 34.40 0.76
N LEU A 243 15.00 35.72 0.70
CA LEU A 243 14.64 36.38 -0.54
C LEU A 243 15.70 36.26 -1.66
N PRO A 244 15.28 36.44 -2.93
CA PRO A 244 16.14 36.37 -4.11
C PRO A 244 17.13 37.51 -4.18
N ARG A 245 18.36 37.23 -4.60
CA ARG A 245 19.38 38.28 -4.72
C ARG A 245 19.10 39.18 -5.92
N LEU A 246 19.13 40.49 -5.70
CA LEU A 246 18.87 41.44 -6.78
C LEU A 246 19.87 42.59 -6.72
N PRO A 247 20.06 43.30 -7.85
CA PRO A 247 20.94 44.47 -7.85
C PRO A 247 20.22 45.78 -7.58
N TYR A 248 18.99 45.67 -7.10
CA TYR A 248 18.16 46.81 -6.73
C TYR A 248 17.21 46.49 -5.58
N THR A 249 16.69 47.54 -4.95
CA THR A 249 15.84 47.37 -3.79
C THR A 249 14.42 47.02 -4.21
N THR A 250 13.79 46.14 -3.43
CA THR A 250 12.40 45.79 -3.63
C THR A 250 11.50 46.61 -2.71
N VAL A 251 10.21 46.28 -2.73
CA VAL A 251 9.25 46.91 -1.85
C VAL A 251 9.62 46.57 -0.41
N ILE A 252 9.88 45.29 -0.18
CA ILE A 252 10.26 44.79 1.14
C ILE A 252 11.53 45.45 1.66
N ASP A 253 12.48 45.65 0.76
CA ASP A 253 13.74 46.31 1.08
C ASP A 253 13.50 47.73 1.55
N GLN A 254 12.55 48.39 0.90
CA GLN A 254 12.16 49.74 1.24
C GLN A 254 11.48 49.80 2.60
N MET A 255 10.67 48.77 2.88
CA MET A 255 10.03 48.65 4.18
C MET A 255 11.05 48.53 5.29
N ILE A 256 12.13 47.80 5.01
CA ILE A 256 13.21 47.63 5.97
C ILE A 256 13.85 48.96 6.29
N ILE A 257 14.24 49.69 5.24
CA ILE A 257 14.84 51.01 5.39
C ILE A 257 13.92 51.91 6.19
N ALA A 258 12.61 51.80 5.93
CA ALA A 258 11.63 52.60 6.65
C ALA A 258 11.71 52.27 8.13
N GLY A 259 11.93 50.98 8.41
CA GLY A 259 12.03 50.50 9.76
C GLY A 259 13.20 51.13 10.50
N TYR A 260 14.34 51.20 9.81
CA TYR A 260 15.53 51.85 10.35
C TYR A 260 15.28 53.33 10.59
N GLY A 261 14.59 53.96 9.65
CA GLY A 261 14.29 55.38 9.74
C GLY A 261 13.40 55.70 10.93
N SER A 262 12.34 54.92 11.09
CA SER A 262 11.38 55.11 12.18
C SER A 262 12.09 55.09 13.51
N ILE A 263 12.98 54.11 13.68
CA ILE A 263 13.71 53.94 14.94
C ILE A 263 14.73 55.03 15.17
N PHE A 264 15.41 55.41 14.10
CA PHE A 264 16.40 56.46 14.17
C PHE A 264 15.74 57.81 14.44
N ALA A 265 14.59 58.03 13.83
CA ALA A 265 13.84 59.27 14.07
C ALA A 265 13.35 59.33 15.51
N ALA A 266 12.94 58.17 16.03
CA ALA A 266 12.49 58.04 17.41
C ALA A 266 13.64 58.39 18.35
N ILE A 267 14.82 57.87 18.02
CA ILE A 267 16.02 58.08 18.83
C ILE A 267 16.25 59.58 18.93
N LEU A 268 16.21 60.26 17.79
CA LEU A 268 16.48 61.69 17.75
C LEU A 268 15.48 62.47 18.61
N LEU A 269 14.19 62.15 18.45
CA LEU A 269 13.13 62.81 19.20
C LEU A 269 13.30 62.56 20.69
N ILE A 270 13.56 61.31 21.06
CA ILE A 270 13.74 60.97 22.47
C ILE A 270 14.83 61.79 23.15
N ILE A 271 15.99 61.85 22.52
CA ILE A 271 17.08 62.69 23.00
C ILE A 271 16.69 64.17 23.01
N PHE A 272 15.97 64.57 21.97
CA PHE A 272 15.54 65.97 21.81
C PHE A 272 14.61 66.36 22.94
N ALA A 273 13.55 65.58 23.12
CA ALA A 273 12.58 65.82 24.19
C ALA A 273 13.24 66.08 25.53
N HIS A 274 14.22 65.25 25.88
CA HIS A 274 14.88 65.29 27.17
C HIS A 274 15.73 66.56 27.30
N HIS A 275 16.49 66.92 26.25
CA HIS A 275 17.43 68.03 26.36
C HIS A 275 16.92 69.38 25.82
N ARG A 276 15.81 69.35 25.07
CA ARG A 276 15.17 70.59 24.66
C ARG A 276 14.24 71.04 25.76
N GLN A 277 14.77 71.85 26.67
CA GLN A 277 14.12 72.15 27.93
C GLN A 277 14.29 73.61 28.37
N ALA A 278 13.68 73.95 29.49
CA ALA A 278 13.86 75.28 30.08
C ALA A 278 14.34 75.10 31.50
N ASN A 279 14.87 73.91 31.76
CA ASN A 279 15.39 73.55 33.07
C ASN A 279 16.48 72.47 32.92
N GLY A 280 16.09 71.34 32.34
CA GLY A 280 16.95 70.18 32.18
C GLY A 280 16.12 68.94 31.94
N VAL A 281 15.07 68.74 32.71
CA VAL A 281 14.21 67.56 32.55
C VAL A 281 12.81 67.91 32.05
N GLU A 282 12.67 69.04 31.39
CA GLU A 282 11.40 69.40 30.79
C GLU A 282 11.13 68.63 29.50
N ASP A 283 10.65 67.40 29.68
CA ASP A 283 10.33 66.55 28.55
C ASP A 283 8.96 67.02 28.05
N ASP A 284 8.98 67.60 26.86
CA ASP A 284 7.83 68.23 26.20
C ASP A 284 6.62 67.31 26.23
N LEU A 285 5.72 67.59 27.17
CA LEU A 285 4.53 66.78 27.44
C LEU A 285 3.75 66.35 26.20
N LEU A 286 3.85 67.13 25.13
CA LEU A 286 3.17 66.83 23.87
C LEU A 286 4.06 65.99 22.97
N ILE A 287 5.36 66.28 22.96
CA ILE A 287 6.28 65.59 22.06
C ILE A 287 6.51 64.17 22.56
N GLN A 288 6.53 64.01 23.89
CA GLN A 288 6.66 62.68 24.45
C GLN A 288 5.39 61.90 24.17
N ARG A 289 4.31 62.63 23.90
CA ARG A 289 3.04 62.01 23.53
C ARG A 289 2.83 62.06 22.05
N CYS A 290 3.89 62.05 21.27
CA CYS A 290 3.74 61.78 19.86
C CYS A 290 3.55 60.28 19.59
N ARG A 291 2.88 59.62 20.53
CA ARG A 291 2.57 58.20 20.44
C ARG A 291 1.61 57.94 19.28
N LEU A 292 0.98 59.02 18.82
CA LEU A 292 0.00 58.94 17.74
C LEU A 292 0.42 59.81 16.56
N ALA A 293 1.32 60.76 16.79
CA ALA A 293 1.71 61.70 15.73
C ALA A 293 2.35 60.97 14.54
N PHE A 294 3.52 60.39 14.74
CA PHE A 294 4.21 59.75 13.63
C PHE A 294 3.84 58.29 13.26
N PRO A 295 3.11 57.56 14.14
CA PRO A 295 2.61 56.31 13.56
C PRO A 295 1.69 56.53 12.38
N LEU A 296 0.86 57.58 12.44
CA LEU A 296 0.01 57.92 11.30
C LEU A 296 0.75 58.79 10.30
N GLY A 297 1.83 59.39 10.78
CA GLY A 297 2.74 60.12 9.92
C GLY A 297 3.58 59.19 9.11
N PHE A 298 3.70 57.96 9.60
CA PHE A 298 4.43 56.92 8.91
C PHE A 298 3.45 56.37 7.83
N LEU A 299 2.17 56.32 8.19
CA LEU A 299 1.13 55.85 7.27
C LEU A 299 0.91 56.87 6.16
N ALA A 300 1.26 58.13 6.43
CA ALA A 300 1.14 59.14 5.40
C ALA A 300 2.32 59.04 4.44
N ILE A 301 3.51 58.80 5.00
CA ILE A 301 4.72 58.60 4.22
C ILE A 301 4.64 57.28 3.45
N GLY A 302 4.02 56.28 4.07
CA GLY A 302 3.84 54.99 3.42
C GLY A 302 2.91 55.06 2.24
N CYS A 303 1.85 55.86 2.37
CA CYS A 303 0.91 56.08 1.27
C CYS A 303 1.50 57.00 0.22
N VAL A 304 2.50 57.78 0.61
CA VAL A 304 3.21 58.63 -0.35
C VAL A 304 4.17 57.82 -1.22
N LEU A 305 4.69 56.73 -0.67
CA LEU A 305 5.55 55.79 -1.39
C LEU A 305 4.82 55.04 -2.49
N VAL A 306 3.49 55.01 -2.40
CA VAL A 306 2.65 54.40 -3.43
C VAL A 306 2.55 55.34 -4.61
N ILE A 307 2.65 56.64 -4.36
CA ILE A 307 2.50 57.63 -5.40
C ILE A 307 3.79 57.71 -6.22
N PRO B 1 -0.27 -4.22 -33.94
CA PRO B 1 -0.09 -3.55 -32.65
C PRO B 1 0.79 -4.37 -31.70
N VAL B 2 2.04 -3.93 -31.55
CA VAL B 2 3.05 -4.68 -30.80
C VAL B 2 2.77 -4.68 -29.31
N ASP B 3 2.64 -5.88 -28.74
CA ASP B 3 2.39 -6.04 -27.32
C ASP B 3 3.69 -5.92 -26.54
N VAL B 4 3.80 -4.87 -25.73
CA VAL B 4 5.00 -4.66 -24.93
C VAL B 4 4.77 -4.90 -23.44
N SER B 5 5.55 -5.81 -22.86
CA SER B 5 5.52 -6.06 -21.43
C SER B 5 6.64 -5.31 -20.72
N VAL B 6 6.29 -4.48 -19.76
CA VAL B 6 7.27 -3.64 -19.07
C VAL B 6 7.46 -4.10 -17.62
N SER B 7 8.68 -3.95 -17.11
CA SER B 7 8.96 -4.16 -15.69
C SER B 7 9.89 -3.08 -15.16
N ILE B 8 9.47 -2.40 -14.11
CA ILE B 8 10.28 -1.37 -13.46
C ILE B 8 10.78 -1.86 -12.09
N PHE B 9 12.08 -1.72 -11.88
CA PHE B 9 12.68 -2.00 -10.58
C PHE B 9 13.16 -0.71 -9.93
N ILE B 10 12.57 -0.35 -8.80
CA ILE B 10 12.95 0.88 -8.11
C ILE B 10 13.98 0.66 -7.02
N ASN B 11 15.16 1.23 -7.16
CA ASN B 11 16.19 1.01 -6.16
C ASN B 11 16.21 2.02 -5.03
N LYS B 12 16.09 3.29 -5.41
CA LYS B 12 16.16 4.39 -4.45
C LYS B 12 15.35 5.60 -4.89
N ILE B 13 14.58 6.15 -3.95
CA ILE B 13 13.92 7.43 -4.15
C ILE B 13 14.35 8.53 -3.18
N TYR B 14 15.09 9.51 -3.69
CA TYR B 14 15.71 10.52 -2.85
C TYR B 14 15.67 11.91 -3.49
N GLY B 15 16.35 12.85 -2.84
CA GLY B 15 16.54 14.21 -3.34
C GLY B 15 15.32 14.98 -3.79
N VAL B 16 14.33 15.13 -2.91
CA VAL B 16 13.11 15.85 -3.24
C VAL B 16 13.45 17.34 -3.30
N ASN B 17 13.14 17.96 -4.42
CA ASN B 17 13.20 19.41 -4.55
C ASN B 17 11.81 20.01 -4.42
N THR B 18 11.54 20.57 -3.24
CA THR B 18 10.22 21.10 -2.92
C THR B 18 9.82 22.23 -3.86
N LEU B 19 10.72 23.15 -4.16
CA LEU B 19 10.34 24.28 -5.02
C LEU B 19 10.05 23.86 -6.46
N GLU B 20 10.83 22.92 -6.96
CA GLU B 20 10.67 22.43 -8.32
C GLU B 20 9.64 21.32 -8.41
N GLN B 21 9.27 20.77 -7.26
CA GLN B 21 8.35 19.64 -7.22
C GLN B 21 8.99 18.53 -8.01
N THR B 22 10.12 18.06 -7.52
CA THR B 22 10.95 17.13 -8.27
C THR B 22 11.48 16.08 -7.31
N TYR B 23 11.82 14.90 -7.84
CA TYR B 23 12.45 13.89 -7.01
C TYR B 23 13.30 12.98 -7.89
N LYS B 24 14.34 12.38 -7.31
CA LYS B 24 15.24 11.52 -8.07
C LYS B 24 14.93 10.05 -7.85
N VAL B 25 14.94 9.30 -8.94
CA VAL B 25 14.72 7.85 -8.89
C VAL B 25 15.86 7.11 -9.59
N ASP B 26 16.45 6.14 -8.89
CA ASP B 26 17.40 5.23 -9.49
C ASP B 26 16.73 3.87 -9.69
N GLY B 27 16.91 3.24 -10.84
CA GLY B 27 16.33 1.92 -11.06
C GLY B 27 16.61 1.34 -12.43
N TYR B 28 15.86 0.31 -12.79
CA TYR B 28 16.04 -0.37 -14.07
C TYR B 28 14.72 -0.51 -14.82
N ILE B 29 14.78 -0.43 -16.15
CA ILE B 29 13.62 -0.71 -16.98
C ILE B 29 13.84 -1.98 -17.77
N VAL B 30 12.83 -2.84 -17.78
CA VAL B 30 12.81 -4.00 -18.63
C VAL B 30 11.64 -3.96 -19.60
N ALA B 31 11.92 -3.99 -20.89
CA ALA B 31 10.84 -3.98 -21.86
C ALA B 31 10.93 -5.20 -22.77
N GLN B 32 9.81 -5.88 -22.98
CA GLN B 32 9.79 -7.12 -23.74
C GLN B 32 8.74 -7.10 -24.83
N TRP B 33 9.11 -7.60 -26.00
CA TRP B 33 8.15 -7.72 -27.11
C TRP B 33 8.60 -8.89 -27.96
N THR B 34 7.73 -9.37 -28.83
CA THR B 34 8.09 -10.46 -29.70
C THR B 34 8.24 -10.01 -31.16
N GLY B 35 9.43 -10.19 -31.71
CA GLY B 35 9.69 -9.85 -33.09
C GLY B 35 9.72 -11.10 -33.94
N LYS B 36 10.28 -11.01 -35.15
CA LYS B 36 10.37 -12.20 -35.98
C LYS B 36 11.55 -13.03 -35.53
N PRO B 37 11.38 -14.35 -35.52
CA PRO B 37 12.42 -15.31 -35.13
C PRO B 37 13.77 -15.06 -35.76
N ARG B 38 14.82 -15.16 -34.95
CA ARG B 38 16.18 -14.93 -35.40
C ARG B 38 16.98 -16.22 -35.37
N LYS B 39 18.15 -16.16 -36.00
CA LYS B 39 19.14 -17.22 -35.92
C LYS B 39 20.30 -16.77 -35.05
N THR B 40 20.31 -17.22 -33.80
CA THR B 40 21.34 -16.84 -32.86
C THR B 40 22.46 -17.87 -32.82
N PRO B 41 23.70 -17.41 -32.58
CA PRO B 41 24.86 -18.30 -32.49
C PRO B 41 24.65 -19.44 -31.50
N GLY B 42 24.71 -20.67 -31.98
CA GLY B 42 24.33 -21.80 -31.14
C GLY B 42 22.84 -21.93 -31.29
N ASP B 43 22.13 -21.37 -30.31
CA ASP B 43 20.67 -21.35 -30.29
C ASP B 43 20.25 -20.62 -29.02
N LYS B 44 21.22 -20.40 -28.14
CA LYS B 44 21.00 -19.67 -26.90
C LYS B 44 20.78 -18.18 -27.20
N PRO B 45 20.03 -17.48 -26.34
CA PRO B 45 19.77 -16.05 -26.53
C PRO B 45 21.06 -15.24 -26.70
N LEU B 46 21.02 -14.26 -27.60
CA LEU B 46 22.14 -13.40 -27.90
C LEU B 46 22.11 -12.13 -27.06
N ILE B 47 23.20 -11.85 -26.37
CA ILE B 47 23.32 -10.64 -25.57
C ILE B 47 24.09 -9.52 -26.28
N VAL B 48 23.46 -8.35 -26.37
CA VAL B 48 24.07 -7.17 -26.99
C VAL B 48 24.11 -6.02 -25.99
N GLU B 49 25.31 -5.71 -25.50
CA GLU B 49 25.41 -4.64 -24.51
C GLU B 49 25.77 -3.29 -25.16
N ASN B 50 25.76 -2.27 -24.31
CA ASN B 50 25.82 -0.84 -24.66
C ASN B 50 26.08 -0.45 -26.12
N THR B 51 27.35 -0.17 -26.42
CA THR B 51 27.79 0.31 -27.72
C THR B 51 27.25 -0.48 -28.92
N GLN B 52 27.26 -1.80 -28.79
CA GLN B 52 26.83 -2.68 -29.86
C GLN B 52 25.36 -2.51 -30.26
N ILE B 53 24.54 -1.98 -29.36
CA ILE B 53 23.11 -1.83 -29.61
C ILE B 53 22.84 -0.91 -30.81
N GLU B 54 23.56 0.20 -30.87
CA GLU B 54 23.47 1.12 -32.00
C GLU B 54 23.78 0.44 -33.31
N ARG B 55 24.80 -0.41 -33.29
CA ARG B 55 25.22 -1.15 -34.47
C ARG B 55 24.10 -2.02 -35.02
N TRP B 56 23.33 -2.62 -34.12
CA TRP B 56 22.22 -3.49 -34.49
C TRP B 56 21.04 -2.71 -35.09
N ILE B 57 20.78 -1.54 -34.50
CA ILE B 57 19.73 -0.64 -34.99
C ILE B 57 20.00 -0.15 -36.40
N ASN B 58 21.25 0.22 -36.64
CA ASN B 58 21.70 0.62 -37.96
C ASN B 58 21.44 -0.47 -39.00
N ASN B 59 21.52 -1.72 -38.58
CA ASN B 59 21.25 -2.83 -39.49
C ASN B 59 19.78 -3.21 -39.57
N GLY B 60 18.92 -2.36 -39.03
CA GLY B 60 17.49 -2.52 -39.18
C GLY B 60 16.75 -3.08 -37.98
N LEU B 61 17.41 -3.24 -36.84
CA LEU B 61 16.71 -3.70 -35.64
C LEU B 61 15.79 -2.58 -35.16
N TRP B 62 14.50 -2.91 -35.00
CA TRP B 62 13.55 -1.96 -34.45
C TRP B 62 13.59 -1.94 -32.92
N VAL B 63 14.10 -0.84 -32.37
CA VAL B 63 14.06 -0.61 -30.93
C VAL B 63 13.38 0.72 -30.57
N PRO B 64 12.07 0.66 -30.27
CA PRO B 64 11.28 1.89 -30.09
C PRO B 64 11.72 2.70 -28.87
N ALA B 65 11.77 4.02 -29.03
CA ALA B 65 12.13 4.93 -27.94
C ALA B 65 10.98 5.08 -26.96
N LEU B 66 11.23 4.77 -25.69
CA LEU B 66 10.21 4.96 -24.66
C LEU B 66 10.51 6.19 -23.82
N GLU B 67 9.67 7.21 -23.97
CA GLU B 67 9.88 8.47 -23.26
C GLU B 67 9.31 8.47 -21.84
N PHE B 68 10.05 9.07 -20.91
CA PHE B 68 9.55 9.31 -19.57
C PHE B 68 8.84 10.64 -19.61
N ILE B 69 7.50 10.63 -19.59
CA ILE B 69 6.73 11.85 -19.76
C ILE B 69 7.00 12.94 -18.73
N ASN B 70 7.11 12.55 -17.47
CA ASN B 70 7.33 13.53 -16.40
C ASN B 70 8.77 13.68 -15.95
N VAL B 71 9.71 13.35 -16.82
CA VAL B 71 11.12 13.57 -16.53
C VAL B 71 11.59 15.01 -16.80
N VAL B 72 12.31 15.54 -15.81
CA VAL B 72 12.92 16.87 -15.91
C VAL B 72 14.33 16.73 -16.46
N GLY B 73 14.56 17.17 -17.69
CA GLY B 73 15.87 16.95 -18.28
C GLY B 73 15.90 15.58 -18.90
N SER B 74 17.10 15.03 -19.08
CA SER B 74 17.20 13.71 -19.67
C SER B 74 18.06 12.79 -18.83
N PRO B 75 17.53 11.61 -18.50
CA PRO B 75 18.04 10.73 -17.45
C PRO B 75 19.50 10.37 -17.66
N ASP B 76 20.20 10.08 -16.57
CA ASP B 76 21.53 9.49 -16.67
C ASP B 76 21.32 8.02 -16.93
N THR B 77 21.62 7.58 -18.15
CA THR B 77 21.54 6.16 -18.47
C THR B 77 22.86 5.48 -18.13
N GLY B 78 22.77 4.40 -17.37
CA GLY B 78 23.94 3.57 -17.07
C GLY B 78 24.13 2.55 -18.17
N ASN B 79 24.23 1.28 -17.81
CA ASN B 79 24.41 0.24 -18.81
C ASN B 79 23.14 -0.17 -19.51
N LYS B 80 23.27 -0.45 -20.80
CA LYS B 80 22.10 -0.80 -21.59
C LYS B 80 22.34 -2.25 -21.98
N ARG B 81 21.25 -2.96 -22.26
CA ARG B 81 21.34 -4.32 -22.71
C ARG B 81 20.20 -4.72 -23.63
N LEU B 82 20.53 -5.52 -24.64
CA LEU B 82 19.55 -6.17 -25.48
C LEU B 82 19.71 -7.67 -25.32
N MET B 83 18.63 -8.36 -25.00
CA MET B 83 18.64 -9.82 -25.05
C MET B 83 17.79 -10.30 -26.22
N LEU B 84 18.45 -10.90 -27.20
CA LEU B 84 17.79 -11.41 -28.40
C LEU B 84 17.58 -12.91 -28.41
N PHE B 85 16.32 -13.32 -28.37
CA PHE B 85 15.97 -14.72 -28.37
C PHE B 85 15.76 -15.21 -29.79
N PRO B 86 16.04 -16.50 -30.05
CA PRO B 86 15.88 -17.05 -31.39
C PRO B 86 14.41 -17.17 -31.78
N ASP B 87 13.54 -17.35 -30.80
CA ASP B 87 12.10 -17.43 -31.08
C ASP B 87 11.49 -16.10 -31.48
N GLY B 88 12.30 -15.04 -31.48
CA GLY B 88 11.85 -13.75 -31.96
C GLY B 88 11.87 -12.69 -30.86
N ARG B 89 11.40 -13.05 -29.66
CA ARG B 89 11.24 -12.09 -28.56
C ARG B 89 12.51 -11.32 -28.18
N VAL B 90 12.34 -10.07 -27.77
CA VAL B 90 13.45 -9.15 -27.50
C VAL B 90 13.26 -8.53 -26.13
N ILE B 91 14.33 -8.49 -25.35
CA ILE B 91 14.29 -7.86 -24.04
C ILE B 91 15.35 -6.77 -23.87
N TYR B 92 14.89 -5.55 -23.63
CA TYR B 92 15.75 -4.40 -23.38
C TYR B 92 15.84 -4.08 -21.90
N ASN B 93 17.06 -4.08 -21.38
CA ASN B 93 17.25 -3.81 -19.97
C ASN B 93 18.23 -2.63 -19.80
N ALA B 94 17.88 -1.64 -18.99
CA ALA B 94 18.73 -0.48 -18.78
C ALA B 94 18.59 0.12 -17.38
N ARG B 95 19.68 0.57 -16.78
CA ARG B 95 19.64 1.28 -15.50
C ARG B 95 19.45 2.77 -15.76
N PHE B 96 18.68 3.46 -14.91
CA PHE B 96 18.44 4.89 -15.11
C PHE B 96 18.45 5.68 -13.81
N LEU B 97 18.90 6.93 -13.89
CA LEU B 97 18.74 7.86 -12.77
C LEU B 97 18.16 9.14 -13.36
N GLY B 98 16.99 9.56 -12.87
CA GLY B 98 16.28 10.67 -13.47
C GLY B 98 15.67 11.60 -12.44
N SER B 99 15.42 12.83 -12.86
CA SER B 99 14.63 13.76 -12.06
C SER B 99 13.21 13.81 -12.59
N PHE B 100 12.25 13.49 -11.73
CA PHE B 100 10.85 13.44 -12.16
C PHE B 100 9.99 14.53 -11.54
N SER B 101 9.00 14.96 -12.31
CA SER B 101 8.12 16.06 -11.91
C SER B 101 6.75 15.49 -11.51
N ASN B 102 6.15 16.10 -10.49
CA ASN B 102 4.79 15.80 -10.08
C ASN B 102 4.21 16.84 -9.15
N ASP B 103 2.89 17.00 -9.21
CA ASP B 103 2.20 17.94 -8.33
C ASP B 103 2.45 17.56 -6.89
N MET B 104 3.08 18.44 -6.12
CA MET B 104 3.34 18.14 -4.72
C MET B 104 2.81 19.23 -3.81
N ASP B 105 1.90 18.86 -2.90
CA ASP B 105 1.35 19.79 -1.94
C ASP B 105 2.14 19.67 -0.63
N PHE B 106 2.75 20.77 -0.20
CA PHE B 106 3.53 20.80 1.04
C PHE B 106 2.89 21.64 2.16
N ARG B 107 1.62 22.01 2.00
CA ARG B 107 0.96 22.86 2.98
C ARG B 107 1.04 22.36 4.42
N LEU B 108 0.80 21.08 4.64
CA LEU B 108 0.83 20.53 5.98
C LEU B 108 2.17 19.91 6.40
N PHE B 109 3.25 20.57 6.01
CA PHE B 109 4.59 20.20 6.41
C PHE B 109 4.73 20.43 7.89
N PRO B 110 5.42 19.53 8.59
CA PRO B 110 6.18 18.35 8.16
C PRO B 110 5.34 17.08 8.14
N PHE B 111 4.03 17.19 8.07
CA PHE B 111 3.20 15.98 7.97
C PHE B 111 2.62 15.76 6.58
N ASP B 112 3.46 15.89 5.55
CA ASP B 112 2.97 15.75 4.18
C ASP B 112 2.62 14.32 3.88
N ARG B 113 1.69 14.14 2.95
CA ARG B 113 1.54 12.84 2.34
C ARG B 113 1.83 13.17 0.90
N GLN B 114 2.78 12.45 0.31
CA GLN B 114 3.10 12.66 -1.09
C GLN B 114 2.98 11.37 -1.86
N GLN B 115 2.88 11.51 -3.18
CA GLN B 115 3.00 10.36 -4.05
C GLN B 115 3.90 10.57 -5.27
N PHE B 116 4.83 9.65 -5.41
CA PHE B 116 5.84 9.68 -6.47
C PHE B 116 5.30 8.98 -7.69
N VAL B 117 5.33 9.67 -8.82
CA VAL B 117 4.67 9.20 -10.03
C VAL B 117 5.69 9.02 -11.13
N LEU B 118 5.49 7.96 -11.92
CA LEU B 118 6.25 7.76 -13.14
C LEU B 118 5.31 7.54 -14.31
N GLU B 119 5.54 8.29 -15.38
CA GLU B 119 4.72 8.19 -16.59
C GLU B 119 5.54 7.78 -17.81
N LEU B 120 5.26 6.56 -18.28
CA LEU B 120 5.95 5.99 -19.43
C LEU B 120 5.03 6.01 -20.65
N GLU B 121 5.60 6.35 -21.80
CA GLU B 121 4.79 6.42 -23.01
C GLU B 121 5.74 6.34 -24.19
N PRO B 122 5.31 5.63 -25.26
CA PRO B 122 6.14 5.53 -26.45
C PRO B 122 6.30 6.90 -27.08
N PHE B 123 7.50 7.23 -27.53
CA PHE B 123 7.72 8.56 -28.06
C PHE B 123 7.06 8.83 -29.40
N SER B 124 6.99 7.81 -30.24
CA SER B 124 6.53 7.98 -31.63
C SER B 124 5.44 7.01 -32.11
N TYR B 125 5.31 5.90 -31.41
CA TYR B 125 4.36 4.86 -31.80
C TYR B 125 3.02 4.84 -31.07
N ASN B 126 1.94 5.11 -31.80
CA ASN B 126 0.61 5.09 -31.20
C ASN B 126 0.09 3.71 -30.82
N ASN B 127 -1.00 3.72 -30.05
CA ASN B 127 -1.69 2.53 -29.55
C ASN B 127 -1.91 1.43 -30.59
N GLN B 128 -2.03 1.80 -31.85
CA GLN B 128 -2.27 0.82 -32.90
C GLN B 128 -0.96 0.28 -33.45
N GLN B 129 0.10 1.04 -33.22
CA GLN B 129 1.46 0.61 -33.54
C GLN B 129 2.13 -0.13 -32.39
N LEU B 130 2.06 0.48 -31.22
CA LEU B 130 2.65 -0.10 -30.01
C LEU B 130 1.72 0.02 -28.82
N ARG B 131 1.54 -1.11 -28.12
CA ARG B 131 0.59 -1.14 -27.03
C ARG B 131 1.26 -1.82 -25.84
N PHE B 132 1.00 -1.29 -24.65
CA PHE B 132 1.53 -1.87 -23.42
C PHE B 132 0.70 -3.02 -22.91
N SER B 133 1.20 -4.24 -23.11
CA SER B 133 0.47 -5.44 -22.72
C SER B 133 0.25 -5.53 -21.21
N ASP B 134 1.33 -5.40 -20.44
CA ASP B 134 1.23 -5.45 -18.98
C ASP B 134 2.42 -4.75 -18.34
N ILE B 135 2.29 -4.46 -17.05
CA ILE B 135 3.40 -3.93 -16.25
C ILE B 135 3.43 -4.34 -14.78
N GLN B 136 4.61 -4.75 -14.31
CA GLN B 136 4.77 -5.07 -12.90
C GLN B 136 5.89 -4.20 -12.32
N VAL B 137 5.66 -3.66 -11.13
CA VAL B 137 6.63 -2.83 -10.44
C VAL B 137 7.19 -3.47 -9.18
N TYR B 138 8.50 -3.49 -9.04
CA TYR B 138 9.14 -4.11 -7.88
C TYR B 138 9.83 -3.05 -7.03
N THR B 139 9.21 -2.69 -5.92
CA THR B 139 9.82 -1.80 -4.93
C THR B 139 10.48 -2.60 -3.82
N GLU B 140 11.67 -3.10 -4.12
CA GLU B 140 12.37 -3.95 -3.16
C GLU B 140 12.83 -3.26 -1.88
N ASN B 141 12.05 -2.32 -1.38
CA ASN B 141 12.38 -1.67 -0.14
C ASN B 141 11.72 -2.34 1.06
N ILE B 142 12.13 -1.94 2.26
CA ILE B 142 11.61 -2.46 3.53
C ILE B 142 12.50 -1.92 4.65
N ASP B 143 12.05 -2.10 5.89
CA ASP B 143 12.87 -1.89 7.09
C ASP B 143 13.51 -0.50 7.26
N ASN B 144 14.08 -0.28 8.45
CA ASN B 144 14.80 0.95 8.77
C ASN B 144 14.05 2.22 8.38
N GLU B 145 12.83 2.37 8.86
CA GLU B 145 12.05 3.53 8.49
C GLU B 145 12.59 4.76 9.20
N GLU B 146 13.05 4.56 10.43
CA GLU B 146 13.52 5.67 11.26
C GLU B 146 14.91 6.15 10.83
N ILE B 147 15.44 5.56 9.77
CA ILE B 147 16.75 5.94 9.23
C ILE B 147 16.58 6.76 7.96
N ASP B 148 15.45 6.56 7.29
CA ASP B 148 15.20 7.26 6.03
C ASP B 148 14.25 8.42 6.24
N GLU B 149 14.36 9.41 5.36
CA GLU B 149 13.54 10.61 5.42
C GLU B 149 12.09 10.32 5.11
N TRP B 150 11.84 9.42 4.18
CA TRP B 150 10.50 9.10 3.74
C TRP B 150 10.14 7.64 4.03
N TRP B 151 8.89 7.45 4.44
CA TRP B 151 8.36 6.12 4.73
C TRP B 151 7.40 5.69 3.65
N ILE B 152 7.83 4.70 2.87
CA ILE B 152 7.01 4.18 1.79
C ILE B 152 5.91 3.33 2.39
N ARG B 153 4.68 3.59 1.93
CA ARG B 153 3.54 2.93 2.53
C ARG B 153 3.01 1.73 1.78
N GLY B 154 2.45 1.99 0.61
CA GLY B 154 1.86 0.98 -0.24
C GLY B 154 2.92 0.16 -0.94
N LYS B 155 2.49 -0.59 -1.95
CA LYS B 155 3.43 -1.38 -2.73
C LYS B 155 3.75 -0.90 -4.14
N ALA B 156 3.00 0.07 -4.61
CA ALA B 156 3.05 0.77 -5.92
C ALA B 156 1.72 0.52 -6.61
N SER B 157 1.11 1.62 -7.04
CA SER B 157 -0.12 1.52 -7.76
C SER B 157 0.20 1.63 -9.23
N THR B 158 -0.54 0.89 -10.03
CA THR B 158 -0.31 0.91 -11.46
C THR B 158 -1.56 1.24 -12.25
N HIS B 159 -1.35 1.85 -13.41
CA HIS B 159 -2.41 2.16 -14.36
C HIS B 159 -1.91 2.26 -15.78
N ILE B 160 -2.37 1.33 -16.62
CA ILE B 160 -2.24 1.46 -18.05
C ILE B 160 -3.47 2.12 -18.64
N SER B 161 -3.26 3.13 -19.46
CA SER B 161 -4.37 3.90 -20.00
C SER B 161 -4.02 4.42 -21.37
N ASP B 162 -4.98 5.05 -22.03
CA ASP B 162 -4.73 5.55 -23.37
C ASP B 162 -4.92 7.07 -23.38
N ILE B 163 -3.86 7.77 -23.76
CA ILE B 163 -3.89 9.22 -23.80
C ILE B 163 -4.12 9.77 -25.20
N ARG B 164 -5.18 10.57 -25.33
CA ARG B 164 -5.55 11.19 -26.59
C ARG B 164 -5.01 12.60 -26.73
N TYR B 165 -4.31 12.83 -27.83
CA TYR B 165 -3.81 14.14 -28.18
C TYR B 165 -4.69 14.71 -29.29
N ASP B 166 -5.16 15.94 -29.08
CA ASP B 166 -6.15 16.52 -29.98
C ASP B 166 -5.53 17.25 -31.17
N HIS B 167 -4.27 17.62 -31.05
CA HIS B 167 -3.60 18.32 -32.14
C HIS B 167 -2.29 17.60 -32.53
N LEU B 168 -2.35 16.83 -33.64
CA LEU B 168 -1.20 16.13 -34.28
C LEU B 168 -0.96 16.29 -35.81
N SER B 169 -0.48 15.20 -36.45
CA SER B 169 -0.09 15.19 -37.87
C SER B 169 -1.29 15.32 -38.81
N SER B 170 -1.04 15.28 -40.12
CA SER B 170 -2.12 15.26 -41.10
C SER B 170 -2.80 13.88 -41.17
N VAL B 171 -2.89 13.23 -40.02
CA VAL B 171 -3.61 11.97 -39.88
C VAL B 171 -4.78 12.08 -38.91
N GLN B 172 -5.95 11.65 -39.35
CA GLN B 172 -7.18 11.83 -38.58
C GLN B 172 -7.93 10.60 -38.06
N PRO B 173 -7.84 9.44 -38.76
CA PRO B 173 -8.72 8.35 -38.35
C PRO B 173 -8.67 8.11 -36.88
N ASN B 174 -7.55 7.59 -36.42
CA ASN B 174 -7.48 7.32 -35.01
C ASN B 174 -6.09 7.12 -34.43
N GLN B 175 -5.07 7.52 -35.18
CA GLN B 175 -3.71 7.43 -34.68
C GLN B 175 -3.44 8.64 -33.80
N ASN B 176 -3.97 8.61 -32.58
CA ASN B 176 -3.83 9.74 -31.65
C ASN B 176 -3.91 9.34 -30.18
N GLU B 177 -4.13 8.05 -29.91
CA GLU B 177 -4.26 7.57 -28.54
C GLU B 177 -3.08 6.73 -28.04
N PHE B 178 -1.90 7.34 -27.95
CA PHE B 178 -0.73 6.70 -27.33
C PHE B 178 -1.09 6.07 -26.00
N SER B 179 -0.55 4.87 -25.77
CA SER B 179 -0.77 4.21 -24.49
C SER B 179 0.26 4.61 -23.46
N ARG B 180 -0.23 4.92 -22.26
CA ARG B 180 0.64 5.41 -21.22
C ARG B 180 0.58 4.57 -19.95
N ILE B 181 1.76 4.26 -19.43
CA ILE B 181 1.85 3.63 -18.13
C ILE B 181 2.02 4.69 -17.05
N THR B 182 1.29 4.56 -15.95
CA THR B 182 1.41 5.47 -14.82
C THR B 182 1.63 4.70 -13.53
N VAL B 183 2.82 4.87 -12.94
CA VAL B 183 3.15 4.24 -11.66
C VAL B 183 2.99 5.24 -10.51
N ARG B 184 2.31 4.82 -9.44
CA ARG B 184 2.13 5.69 -8.27
C ARG B 184 2.65 5.02 -7.00
N ILE B 185 3.54 5.71 -6.29
CA ILE B 185 4.08 5.24 -5.02
C ILE B 185 3.73 6.23 -3.90
N ASP B 186 2.96 5.77 -2.92
CA ASP B 186 2.59 6.66 -1.83
C ASP B 186 3.70 6.73 -0.78
N ALA B 187 3.86 7.88 -0.15
CA ALA B 187 4.90 8.03 0.88
C ALA B 187 4.52 9.03 1.97
N VAL B 188 5.11 8.85 3.16
CA VAL B 188 4.87 9.80 4.24
C VAL B 188 6.21 10.31 4.76
N ARG B 189 6.27 11.59 5.10
CA ARG B 189 7.46 12.19 5.68
C ARG B 189 7.72 11.73 7.11
N ASN B 190 8.98 11.47 7.42
CA ASN B 190 9.41 11.20 8.79
C ASN B 190 9.46 12.51 9.58
N PRO B 191 8.45 12.73 10.43
CA PRO B 191 8.26 14.03 11.09
C PRO B 191 9.06 14.17 12.38
N SER B 192 9.76 13.12 12.78
CA SER B 192 10.46 13.11 14.07
C SER B 192 11.39 14.31 14.27
N TYR B 193 12.25 14.56 13.29
CA TYR B 193 13.26 15.61 13.42
C TYR B 193 12.64 16.98 13.66
N TYR B 194 11.63 17.29 12.84
CA TYR B 194 10.96 18.58 12.92
C TYR B 194 10.08 18.76 14.15
N LEU B 195 9.62 17.65 14.70
CA LEU B 195 8.83 17.69 15.93
C LEU B 195 9.69 18.06 17.12
N TRP B 196 10.80 17.34 17.28
CA TRP B 196 11.65 17.53 18.43
C TRP B 196 12.54 18.76 18.37
N SER B 197 13.08 19.03 17.19
CA SER B 197 13.99 20.15 17.00
C SER B 197 13.34 21.44 16.55
N PHE B 198 12.07 21.41 16.14
CA PHE B 198 11.43 22.64 15.75
C PHE B 198 10.16 22.92 16.54
N ILE B 199 9.19 22.00 16.45
CA ILE B 199 7.89 22.22 17.06
C ILE B 199 8.01 22.40 18.58
N LEU B 200 8.64 21.41 19.22
CA LEU B 200 8.81 21.38 20.68
C LEU B 200 9.39 22.68 21.24
N PRO B 201 10.59 23.11 20.79
CA PRO B 201 11.12 24.33 21.40
C PRO B 201 10.29 25.56 21.04
N LEU B 202 9.74 25.59 19.83
CA LEU B 202 8.90 26.70 19.41
C LEU B 202 7.72 26.85 20.36
N GLY B 203 7.17 25.71 20.78
CA GLY B 203 6.13 25.67 21.79
C GLY B 203 6.58 26.25 23.11
N LEU B 204 7.76 25.85 23.57
CA LEU B 204 8.30 26.36 24.82
C LEU B 204 8.47 27.88 24.75
N ILE B 205 8.87 28.39 23.58
CA ILE B 205 9.02 29.83 23.39
C ILE B 205 7.68 30.53 23.59
N ILE B 206 6.67 30.04 22.89
CA ILE B 206 5.34 30.63 22.98
C ILE B 206 4.80 30.55 24.39
N ALA B 207 5.02 29.41 25.04
CA ALA B 207 4.57 29.24 26.42
C ALA B 207 5.28 30.24 27.32
N ALA B 208 6.60 30.31 27.21
CA ALA B 208 7.40 31.20 28.04
C ALA B 208 7.09 32.66 27.74
N SER B 209 6.60 32.92 26.53
CA SER B 209 6.19 34.26 26.15
C SER B 209 5.12 34.77 27.10
N TRP B 210 4.21 33.89 27.50
CA TRP B 210 3.10 34.28 28.35
C TRP B 210 3.53 34.58 29.78
N SER B 211 4.75 34.16 30.14
CA SER B 211 5.24 34.37 31.49
C SER B 211 5.57 35.84 31.78
N VAL B 212 5.37 36.68 30.78
CA VAL B 212 5.67 38.11 30.90
C VAL B 212 4.71 38.77 31.90
N PHE B 213 3.54 38.15 32.09
CA PHE B 213 2.50 38.70 32.96
C PHE B 213 2.78 38.46 34.44
N TRP B 214 3.66 37.52 34.74
CA TRP B 214 4.05 37.32 36.12
C TRP B 214 5.06 38.35 36.64
N LEU B 215 5.47 39.27 35.77
CA LEU B 215 6.36 40.34 36.18
C LEU B 215 5.57 41.43 36.91
N GLU B 216 6.20 42.02 37.93
CA GLU B 216 5.51 42.95 38.82
C GLU B 216 5.35 44.31 38.14
N SER B 217 6.47 44.98 37.88
CA SER B 217 6.48 46.32 37.30
C SER B 217 5.98 46.36 35.86
N PHE B 218 5.41 47.50 35.47
CA PHE B 218 5.01 47.73 34.08
C PHE B 218 6.19 47.88 33.12
N SER B 219 7.24 48.57 33.55
CA SER B 219 8.46 48.70 32.76
C SER B 219 9.10 47.34 32.50
N GLU B 220 9.04 46.49 33.52
CA GLU B 220 9.55 45.14 33.43
C GLU B 220 8.75 44.35 32.40
N ARG B 221 7.43 44.44 32.54
CA ARG B 221 6.50 43.74 31.66
C ARG B 221 6.68 44.10 30.20
N LEU B 222 6.87 45.40 29.95
CA LEU B 222 6.99 45.89 28.60
C LEU B 222 8.36 45.65 27.95
N GLN B 223 9.43 46.04 28.65
CA GLN B 223 10.79 45.92 28.11
C GLN B 223 11.20 44.49 27.77
N THR B 224 10.74 43.56 28.60
CA THR B 224 11.01 42.15 28.42
C THR B 224 10.38 41.58 27.16
N SER B 225 9.24 42.13 26.78
CA SER B 225 8.58 41.68 25.56
C SER B 225 9.27 42.03 24.25
N PHE B 226 10.19 42.99 24.33
CA PHE B 226 11.00 43.37 23.19
C PHE B 226 12.10 42.36 22.91
N THR B 227 12.65 41.80 23.99
CA THR B 227 13.56 40.68 23.89
C THR B 227 12.80 39.47 23.40
N LEU B 228 11.56 39.33 23.86
CA LEU B 228 10.74 38.17 23.51
C LEU B 228 10.45 38.24 22.01
N MET B 229 10.19 39.44 21.51
CA MET B 229 9.91 39.69 20.10
C MET B 229 11.13 39.27 19.28
N LEU B 230 12.29 39.70 19.78
CA LEU B 230 13.58 39.46 19.16
C LEU B 230 13.93 37.99 19.15
N THR B 231 13.44 37.28 20.15
CA THR B 231 13.63 35.84 20.20
C THR B 231 12.88 35.10 19.11
N VAL B 232 11.64 35.51 18.88
CA VAL B 232 10.83 34.94 17.80
C VAL B 232 11.39 35.18 16.41
N VAL B 233 11.96 36.36 16.21
CA VAL B 233 12.68 36.68 14.98
C VAL B 233 13.87 35.74 14.79
N ALA B 234 14.68 35.58 15.83
CA ALA B 234 15.86 34.72 15.77
C ALA B 234 15.42 33.29 15.41
N TYR B 235 14.26 32.89 15.92
CA TYR B 235 13.74 31.54 15.63
C TYR B 235 13.20 31.39 14.23
N ALA B 236 12.51 32.41 13.75
CA ALA B 236 12.03 32.42 12.38
C ALA B 236 13.21 32.24 11.44
N PHE B 237 14.32 32.88 11.79
CA PHE B 237 15.53 32.85 10.98
C PHE B 237 16.06 31.41 10.97
N TYR B 238 16.23 30.86 12.17
CA TYR B 238 16.72 29.50 12.37
C TYR B 238 15.86 28.50 11.62
N THR B 239 14.55 28.72 11.69
CA THR B 239 13.57 27.88 11.00
C THR B 239 13.81 27.98 9.49
N SER B 240 13.68 29.21 8.98
CA SER B 240 13.77 29.49 7.54
C SER B 240 15.05 29.05 6.86
N ASN B 241 16.16 29.09 7.61
CA ASN B 241 17.46 28.71 7.05
C ASN B 241 17.53 27.23 6.81
N ILE B 242 16.88 26.46 7.68
CA ILE B 242 16.98 25.01 7.61
C ILE B 242 15.85 24.31 6.85
N LEU B 243 14.61 24.78 7.07
CA LEU B 243 13.44 24.28 6.32
C LEU B 243 13.48 24.55 4.82
N PRO B 244 12.79 23.71 4.05
CA PRO B 244 12.70 23.79 2.59
C PRO B 244 11.98 25.04 2.09
N ARG B 245 12.50 25.67 1.04
CA ARG B 245 11.85 26.87 0.53
C ARG B 245 10.54 26.57 -0.19
N LEU B 246 9.49 27.30 0.15
CA LEU B 246 8.17 27.08 -0.44
C LEU B 246 7.56 28.42 -0.85
N PRO B 247 6.59 28.39 -1.76
CA PRO B 247 5.88 29.63 -2.13
C PRO B 247 4.62 29.84 -1.29
N TYR B 248 4.45 29.04 -0.23
CA TYR B 248 3.30 29.13 0.65
C TYR B 248 3.68 28.80 2.09
N THR B 249 2.85 29.21 3.05
CA THR B 249 3.15 29.00 4.45
C THR B 249 2.81 27.59 4.90
N THR B 250 3.66 27.02 5.77
CA THR B 250 3.37 25.71 6.30
C THR B 250 2.71 25.83 7.68
N VAL B 251 2.57 24.71 8.37
CA VAL B 251 2.04 24.68 9.73
C VAL B 251 3.02 25.44 10.63
N ILE B 252 4.30 25.12 10.50
CA ILE B 252 5.32 25.76 11.31
C ILE B 252 5.33 27.26 11.06
N ASP B 253 5.16 27.64 9.80
CA ASP B 253 5.15 29.05 9.46
C ASP B 253 4.01 29.77 10.17
N GLN B 254 2.88 29.08 10.28
CA GLN B 254 1.70 29.62 10.96
C GLN B 254 1.96 29.75 12.45
N MET B 255 2.66 28.76 13.03
CA MET B 255 3.01 28.85 14.44
C MET B 255 3.88 30.05 14.71
N ILE B 256 4.80 30.34 13.79
CA ILE B 256 5.66 31.51 13.92
C ILE B 256 4.82 32.80 13.95
N ILE B 257 3.90 32.94 13.00
CA ILE B 257 3.01 34.09 12.96
C ILE B 257 2.23 34.19 14.26
N ALA B 258 1.78 33.05 14.76
CA ALA B 258 1.04 32.98 16.01
C ALA B 258 1.89 33.52 17.15
N GLY B 259 3.19 33.25 17.08
CA GLY B 259 4.13 33.73 18.08
C GLY B 259 4.20 35.24 18.07
N TYR B 260 4.30 35.81 16.86
CA TYR B 260 4.36 37.25 16.70
C TYR B 260 3.09 37.89 17.25
N GLY B 261 1.96 37.24 16.97
CA GLY B 261 0.67 37.73 17.37
C GLY B 261 0.52 37.75 18.87
N SER B 262 0.88 36.65 19.51
CA SER B 262 0.80 36.54 20.96
C SER B 262 1.58 37.62 21.69
N ILE B 263 2.77 37.89 21.20
CA ILE B 263 3.63 38.94 21.77
C ILE B 263 3.09 40.33 21.51
N PHE B 264 2.61 40.57 20.29
CA PHE B 264 2.06 41.87 19.96
C PHE B 264 0.77 42.12 20.74
N ALA B 265 -0.03 41.06 20.90
CA ALA B 265 -1.30 41.15 21.62
C ALA B 265 -0.96 41.52 23.06
N ALA B 266 0.06 40.87 23.60
CA ALA B 266 0.51 41.14 24.96
C ALA B 266 1.01 42.56 25.12
N ILE B 267 1.73 43.04 24.11
CA ILE B 267 2.22 44.42 24.11
C ILE B 267 1.07 45.40 24.26
N LEU B 268 0.03 45.19 23.47
CA LEU B 268 -1.16 46.05 23.50
C LEU B 268 -1.84 46.03 24.85
N LEU B 269 -2.05 44.83 25.37
CA LEU B 269 -2.70 44.66 26.67
C LEU B 269 -1.90 45.33 27.78
N ILE B 270 -0.59 45.12 27.77
CA ILE B 270 0.31 45.68 28.78
C ILE B 270 0.21 47.21 28.84
N ILE B 271 0.27 47.85 27.67
CA ILE B 271 0.12 49.29 27.53
C ILE B 271 -1.28 49.68 27.98
N PHE B 272 -2.27 48.91 27.54
CA PHE B 272 -3.67 49.18 27.84
C PHE B 272 -3.92 49.15 29.34
N ALA B 273 -3.51 48.07 29.99
CA ALA B 273 -3.64 47.91 31.44
C ALA B 273 -3.17 49.15 32.18
N HIS B 274 -2.00 49.65 31.80
CA HIS B 274 -1.37 50.77 32.49
C HIS B 274 -2.11 52.10 32.29
N HIS B 275 -2.55 52.38 31.07
CA HIS B 275 -3.18 53.66 30.76
C HIS B 275 -4.72 53.66 30.76
N ARG B 276 -5.34 52.48 30.74
CA ARG B 276 -6.78 52.43 30.94
C ARG B 276 -7.00 52.45 32.45
N GLN B 277 -7.27 53.64 32.97
CA GLN B 277 -7.30 53.84 34.41
C GLN B 277 -8.35 54.84 34.86
N ALA B 278 -8.44 55.01 36.16
CA ALA B 278 -9.30 55.99 36.78
C ALA B 278 -8.42 56.93 37.59
N ASN B 279 -7.12 56.89 37.31
CA ASN B 279 -6.18 57.74 38.02
C ASN B 279 -4.91 57.99 37.23
N GLY B 280 -4.25 56.89 36.89
CA GLY B 280 -3.02 56.95 36.13
C GLY B 280 -2.29 55.63 36.14
N VAL B 281 -2.20 55.06 37.34
CA VAL B 281 -1.58 53.75 37.55
C VAL B 281 -2.52 52.64 37.96
N GLU B 282 -3.80 52.78 37.61
CA GLU B 282 -4.75 51.72 37.95
C GLU B 282 -4.60 50.56 36.98
N ASP B 283 -3.57 49.73 37.20
CA ASP B 283 -3.44 48.58 36.34
C ASP B 283 -4.45 47.49 36.69
N ASP B 284 -5.42 47.29 35.79
CA ASP B 284 -6.54 46.43 36.08
C ASP B 284 -6.31 45.05 36.71
N LEU B 285 -6.55 44.93 38.01
CA LEU B 285 -6.12 43.80 38.83
C LEU B 285 -6.37 42.43 38.20
N LEU B 286 -7.38 42.40 37.33
CA LEU B 286 -7.70 41.19 36.63
C LEU B 286 -7.03 41.09 35.28
N ILE B 287 -6.86 42.23 34.62
CA ILE B 287 -6.34 42.17 33.27
C ILE B 287 -4.84 41.89 33.31
N GLN B 288 -4.20 42.33 34.40
CA GLN B 288 -2.78 42.06 34.61
C GLN B 288 -2.67 40.59 34.95
N ARG B 289 -3.76 40.03 35.46
CA ARG B 289 -3.78 38.60 35.82
C ARG B 289 -4.47 37.82 34.74
N CYS B 290 -4.34 38.26 33.51
CA CYS B 290 -4.70 37.38 32.41
C CYS B 290 -3.57 36.40 32.12
N ARG B 291 -2.83 36.02 33.18
CA ARG B 291 -1.75 35.06 33.08
C ARG B 291 -2.30 33.68 32.66
N LEU B 292 -3.61 33.52 32.76
CA LEU B 292 -4.27 32.27 32.42
C LEU B 292 -5.32 32.46 31.35
N ALA B 293 -5.72 33.70 31.12
CA ALA B 293 -6.78 33.99 30.18
C ALA B 293 -6.42 33.57 28.75
N PHE B 294 -5.46 34.27 28.16
CA PHE B 294 -5.07 33.96 26.78
C PHE B 294 -4.05 32.83 26.49
N PRO B 295 -3.34 32.32 27.52
CA PRO B 295 -2.62 31.06 27.24
C PRO B 295 -3.56 29.95 26.82
N LEU B 296 -4.70 29.85 27.48
CA LEU B 296 -5.71 28.89 27.06
C LEU B 296 -6.59 29.46 25.95
N GLY B 297 -6.58 30.78 25.80
CA GLY B 297 -7.26 31.41 24.69
C GLY B 297 -6.47 31.19 23.42
N PHE B 298 -5.18 30.91 23.59
CA PHE B 298 -4.30 30.61 22.47
C PHE B 298 -4.57 29.16 22.09
N LEU B 299 -4.80 28.34 23.11
CA LEU B 299 -5.06 26.91 22.90
C LEU B 299 -6.42 26.74 22.24
N ALA B 300 -7.29 27.72 22.42
CA ALA B 300 -8.59 27.68 21.75
C ALA B 300 -8.49 28.13 20.30
N ILE B 301 -7.64 29.13 20.06
CA ILE B 301 -7.35 29.58 18.71
C ILE B 301 -6.51 28.55 17.95
N GLY B 302 -5.62 27.89 18.69
CA GLY B 302 -4.81 26.85 18.10
C GLY B 302 -5.66 25.65 17.70
N CYS B 303 -6.64 25.29 18.53
CA CYS B 303 -7.52 24.20 18.14
C CYS B 303 -8.54 24.58 17.07
N VAL B 304 -8.77 25.88 16.93
CA VAL B 304 -9.60 26.42 15.85
C VAL B 304 -8.91 26.37 14.50
N LEU B 305 -7.58 26.48 14.55
CA LEU B 305 -6.74 26.36 13.37
C LEU B 305 -6.74 24.95 12.78
N VAL B 306 -7.11 23.98 13.61
CA VAL B 306 -7.23 22.61 13.13
C VAL B 306 -8.52 22.40 12.36
N ILE B 307 -9.52 23.20 12.67
CA ILE B 307 -10.81 23.12 12.00
C ILE B 307 -10.74 23.72 10.60
N PRO C 1 31.42 -21.47 -17.56
CA PRO C 1 31.39 -20.43 -16.53
C PRO C 1 32.75 -19.76 -16.43
N VAL C 2 32.85 -18.56 -16.98
CA VAL C 2 34.11 -17.80 -16.99
C VAL C 2 34.56 -17.35 -15.60
N ASP C 3 35.75 -17.79 -15.20
CA ASP C 3 36.32 -17.39 -13.92
C ASP C 3 36.90 -15.97 -14.06
N VAL C 4 36.36 -15.03 -13.29
CA VAL C 4 36.88 -13.67 -13.24
C VAL C 4 37.55 -13.29 -11.93
N SER C 5 38.81 -12.86 -12.02
CA SER C 5 39.53 -12.37 -10.85
C SER C 5 39.46 -10.86 -10.83
N VAL C 6 39.05 -10.30 -9.70
CA VAL C 6 38.88 -8.86 -9.59
C VAL C 6 39.85 -8.25 -8.58
N SER C 7 40.34 -7.04 -8.87
CA SER C 7 41.15 -6.29 -7.93
C SER C 7 40.63 -4.85 -7.85
N ILE C 8 40.36 -4.37 -6.65
CA ILE C 8 39.97 -2.97 -6.44
C ILE C 8 41.02 -2.18 -5.66
N PHE C 9 41.42 -1.04 -6.22
CA PHE C 9 42.34 -0.14 -5.53
C PHE C 9 41.61 1.13 -5.13
N ILE C 10 41.49 1.36 -3.83
CA ILE C 10 40.81 2.55 -3.32
C ILE C 10 41.79 3.68 -3.06
N ASN C 11 41.60 4.80 -3.74
CA ASN C 11 42.49 5.94 -3.57
C ASN C 11 41.98 6.90 -2.49
N LYS C 12 40.69 7.25 -2.57
CA LYS C 12 40.17 8.29 -1.69
C LYS C 12 38.67 8.09 -1.45
N ILE C 13 38.27 8.15 -0.18
CA ILE C 13 36.84 8.17 0.16
C ILE C 13 36.50 9.50 0.82
N TYR C 14 35.63 10.26 0.16
CA TYR C 14 35.25 11.60 0.60
C TYR C 14 33.81 11.97 0.23
N GLY C 15 33.44 13.19 0.60
CA GLY C 15 32.15 13.76 0.27
C GLY C 15 30.88 13.01 0.64
N VAL C 16 30.79 12.60 1.90
CA VAL C 16 29.58 11.95 2.39
C VAL C 16 28.40 12.89 2.38
N ASN C 17 27.34 12.49 1.67
CA ASN C 17 26.08 13.20 1.72
C ASN C 17 25.17 12.50 2.73
N THR C 18 25.01 13.10 3.92
CA THR C 18 24.19 12.50 4.97
C THR C 18 22.74 12.26 4.60
N LEU C 19 22.10 13.23 3.95
CA LEU C 19 20.69 13.10 3.58
C LEU C 19 20.44 12.04 2.53
N GLU C 20 21.33 11.98 1.54
CA GLU C 20 21.23 11.02 0.46
C GLU C 20 21.84 9.67 0.83
N GLN C 21 22.59 9.64 1.93
CA GLN C 21 23.33 8.45 2.35
C GLN C 21 24.23 7.99 1.21
N THR C 22 25.14 8.89 0.83
CA THR C 22 25.89 8.70 -0.40
C THR C 22 27.34 9.03 -0.01
N TYR C 23 28.31 8.45 -0.71
CA TYR C 23 29.72 8.82 -0.52
C TYR C 23 30.50 8.62 -1.81
N LYS C 24 31.53 9.44 -2.01
CA LYS C 24 32.32 9.41 -3.24
C LYS C 24 33.53 8.50 -3.12
N VAL C 25 33.81 7.71 -4.17
CA VAL C 25 34.99 6.87 -4.14
C VAL C 25 35.86 7.02 -5.39
N ASP C 26 37.14 7.32 -5.26
CA ASP C 26 38.02 7.30 -6.42
C ASP C 26 38.94 6.10 -6.33
N GLY C 27 39.06 5.38 -7.44
CA GLY C 27 39.95 4.23 -7.50
C GLY C 27 40.09 3.59 -8.86
N TYR C 28 40.59 2.36 -8.86
CA TYR C 28 40.79 1.60 -10.08
C TYR C 28 40.15 0.22 -9.97
N ILE C 29 39.67 -0.30 -11.09
CA ILE C 29 39.20 -1.68 -11.14
C ILE C 29 40.08 -2.50 -12.06
N VAL C 30 40.45 -3.69 -11.59
CA VAL C 30 41.19 -4.62 -12.43
C VAL C 30 40.38 -5.92 -12.53
N ALA C 31 40.04 -6.31 -13.75
CA ALA C 31 39.31 -7.56 -13.97
C ALA C 31 40.12 -8.47 -14.89
N GLN C 32 40.27 -9.73 -14.49
CA GLN C 32 41.04 -10.68 -15.29
C GLN C 32 40.28 -11.96 -15.56
N TRP C 33 40.34 -12.42 -16.80
CA TRP C 33 39.78 -13.71 -17.19
C TRP C 33 40.65 -14.31 -18.28
N THR C 34 40.47 -15.59 -18.55
CA THR C 34 41.21 -16.23 -19.64
C THR C 34 40.35 -16.59 -20.85
N GLY C 35 40.70 -16.03 -21.99
CA GLY C 35 39.97 -16.28 -23.21
C GLY C 35 40.76 -17.26 -24.07
N LYS C 36 40.45 -17.31 -25.36
CA LYS C 36 41.19 -18.15 -26.29
C LYS C 36 42.47 -17.48 -26.71
N PRO C 37 43.57 -18.26 -26.76
CA PRO C 37 44.91 -17.77 -27.12
C PRO C 37 44.91 -16.89 -28.36
N ARG C 38 45.64 -15.79 -28.28
CA ARG C 38 45.72 -14.81 -29.36
C ARG C 38 47.13 -14.75 -29.95
N LYS C 39 47.23 -14.19 -31.14
CA LYS C 39 48.53 -13.94 -31.76
C LYS C 39 48.87 -12.47 -31.71
N THR C 40 49.69 -12.10 -30.72
CA THR C 40 50.02 -10.71 -30.49
C THR C 40 51.29 -10.33 -31.23
N PRO C 41 51.41 -9.06 -31.67
CA PRO C 41 52.59 -8.58 -32.38
C PRO C 41 53.85 -8.89 -31.58
N GLY C 42 54.80 -9.59 -32.19
CA GLY C 42 55.94 -10.02 -31.41
C GLY C 42 55.56 -11.28 -30.66
N ASP C 43 55.19 -11.10 -29.40
CA ASP C 43 54.68 -12.17 -28.56
C ASP C 43 54.32 -11.55 -27.24
N LYS C 44 54.85 -10.36 -26.98
CA LYS C 44 54.54 -9.66 -25.75
C LYS C 44 53.09 -9.20 -25.70
N PRO C 45 52.54 -9.04 -24.48
CA PRO C 45 51.13 -8.64 -24.33
C PRO C 45 50.76 -7.39 -25.14
N LEU C 46 49.55 -7.36 -25.68
CA LEU C 46 49.09 -6.21 -26.47
C LEU C 46 48.35 -5.26 -25.57
N ILE C 47 48.68 -3.97 -25.63
CA ILE C 47 47.94 -2.97 -24.86
C ILE C 47 46.94 -2.20 -25.75
N VAL C 48 45.70 -2.14 -25.31
CA VAL C 48 44.63 -1.40 -25.99
C VAL C 48 44.00 -0.38 -25.04
N GLU C 49 44.26 0.89 -25.30
CA GLU C 49 43.80 1.99 -24.46
C GLU C 49 42.59 2.74 -24.99
N ASN C 50 41.74 3.17 -24.06
CA ASN C 50 40.53 3.98 -24.30
C ASN C 50 39.79 3.69 -25.60
N THR C 51 39.79 4.69 -26.48
CA THR C 51 39.05 4.66 -27.74
C THR C 51 39.17 3.37 -28.55
N GLN C 52 40.38 2.82 -28.64
CA GLN C 52 40.60 1.56 -29.36
C GLN C 52 39.87 0.33 -28.81
N ILE C 53 39.41 0.41 -27.56
CA ILE C 53 38.75 -0.73 -26.95
C ILE C 53 37.43 -1.02 -27.68
N GLU C 54 36.67 0.03 -27.97
CA GLU C 54 35.42 -0.12 -28.71
C GLU C 54 35.68 -0.83 -30.04
N ARG C 55 36.74 -0.43 -30.72
CA ARG C 55 37.11 -1.01 -31.99
C ARG C 55 37.34 -2.51 -31.98
N TRP C 56 37.86 -3.00 -30.86
CA TRP C 56 38.05 -4.43 -30.67
C TRP C 56 36.79 -5.20 -30.34
N ILE C 57 35.90 -4.57 -29.59
CA ILE C 57 34.61 -5.13 -29.24
C ILE C 57 33.80 -5.36 -30.52
N ASN C 58 33.77 -4.34 -31.36
CA ASN C 58 33.11 -4.40 -32.66
C ASN C 58 33.60 -5.57 -33.52
N ASN C 59 34.86 -5.95 -33.35
CA ASN C 59 35.41 -7.08 -34.09
C ASN C 59 35.23 -8.40 -33.35
N GLY C 60 34.39 -8.39 -32.33
CA GLY C 60 33.99 -9.60 -31.66
C GLY C 60 34.69 -9.92 -30.34
N LEU C 61 35.41 -8.95 -29.77
CA LEU C 61 36.02 -9.17 -28.45
C LEU C 61 34.93 -9.12 -27.42
N TRP C 62 34.88 -10.14 -26.58
CA TRP C 62 33.91 -10.17 -25.52
C TRP C 62 34.45 -9.46 -24.28
N VAL C 63 33.83 -8.32 -23.94
CA VAL C 63 34.18 -7.56 -22.75
C VAL C 63 32.92 -7.32 -21.91
N PRO C 64 32.67 -8.18 -20.91
CA PRO C 64 31.40 -8.10 -20.18
C PRO C 64 31.27 -6.83 -19.35
N ALA C 65 30.10 -6.20 -19.40
CA ALA C 65 29.80 -5.04 -18.57
C ALA C 65 29.68 -5.38 -17.09
N LEU C 66 30.50 -4.77 -16.25
CA LEU C 66 30.37 -4.99 -14.82
C LEU C 66 29.65 -3.83 -14.13
N GLU C 67 28.46 -4.06 -13.60
CA GLU C 67 27.69 -2.98 -13.00
C GLU C 67 28.01 -2.75 -11.53
N PHE C 68 28.08 -1.47 -11.13
CA PHE C 68 28.17 -1.14 -9.72
C PHE C 68 26.74 -1.10 -9.21
N ILE C 69 26.34 -2.09 -8.41
CA ILE C 69 24.96 -2.18 -7.95
C ILE C 69 24.49 -0.96 -7.17
N ASN C 70 25.33 -0.49 -6.24
CA ASN C 70 24.94 0.60 -5.36
C ASN C 70 25.48 1.97 -5.77
N VAL C 71 25.74 2.14 -7.05
CA VAL C 71 26.14 3.43 -7.60
C VAL C 71 24.94 4.34 -7.89
N VAL C 72 25.03 5.58 -7.40
CA VAL C 72 24.03 6.59 -7.69
C VAL C 72 24.42 7.38 -8.93
N GLY C 73 23.71 7.20 -10.05
CA GLY C 73 24.22 7.93 -11.19
C GLY C 73 25.24 7.03 -11.85
N SER C 74 25.82 7.48 -12.94
CA SER C 74 26.82 6.68 -13.63
C SER C 74 28.23 7.27 -13.47
N PRO C 75 29.21 6.45 -13.08
CA PRO C 75 30.53 6.88 -12.60
C PRO C 75 31.26 7.74 -13.63
N ASP C 76 32.15 8.62 -13.16
CA ASP C 76 33.04 9.28 -14.09
C ASP C 76 34.13 8.26 -14.36
N THR C 77 34.24 7.84 -15.62
CA THR C 77 35.31 6.96 -16.01
C THR C 77 36.50 7.73 -16.54
N GLY C 78 37.66 7.43 -15.99
CA GLY C 78 38.91 8.02 -16.42
C GLY C 78 39.43 7.26 -17.62
N ASN C 79 40.71 6.89 -17.55
CA ASN C 79 41.33 6.11 -18.60
C ASN C 79 40.90 4.66 -18.51
N LYS C 80 40.78 4.02 -19.66
CA LYS C 80 40.45 2.61 -19.75
C LYS C 80 41.60 1.89 -20.41
N ARG C 81 41.79 0.62 -20.04
CA ARG C 81 42.87 -0.17 -20.63
C ARG C 81 42.50 -1.64 -20.79
N LEU C 82 42.88 -2.21 -21.92
CA LEU C 82 42.82 -3.66 -22.11
C LEU C 82 44.24 -4.17 -22.26
N MET C 83 44.60 -5.18 -21.47
CA MET C 83 45.87 -5.87 -21.69
C MET C 83 45.62 -7.27 -22.22
N LEU C 84 45.96 -7.50 -23.49
CA LEU C 84 45.71 -8.77 -24.16
C LEU C 84 46.95 -9.67 -24.22
N PHE C 85 46.92 -10.78 -23.49
CA PHE C 85 48.05 -11.70 -23.49
C PHE C 85 47.87 -12.74 -24.60
N PRO C 86 49.00 -13.24 -25.14
CA PRO C 86 48.90 -14.25 -26.20
C PRO C 86 48.40 -15.60 -25.73
N ASP C 87 48.61 -15.91 -24.46
CA ASP C 87 48.14 -17.17 -23.89
C ASP C 87 46.61 -17.19 -23.72
N GLY C 88 45.97 -16.07 -23.99
CA GLY C 88 44.51 -16.01 -23.95
C GLY C 88 43.97 -15.01 -22.94
N ARG C 89 44.62 -14.93 -21.78
CA ARG C 89 44.11 -14.11 -20.70
C ARG C 89 43.98 -12.62 -21.01
N VAL C 90 42.96 -12.01 -20.42
CA VAL C 90 42.64 -10.61 -20.67
C VAL C 90 42.55 -9.81 -19.38
N ILE C 91 43.17 -8.64 -19.35
CA ILE C 91 43.12 -7.78 -18.16
C ILE C 91 42.54 -6.40 -18.48
N TYR C 92 41.42 -6.06 -17.84
CA TYR C 92 40.79 -4.76 -18.02
C TYR C 92 41.09 -3.85 -16.83
N ASN C 93 41.64 -2.67 -17.11
CA ASN C 93 42.00 -1.72 -16.06
C ASN C 93 41.33 -0.39 -16.34
N ALA C 94 40.70 0.19 -15.33
CA ALA C 94 40.04 1.49 -15.49
C ALA C 94 40.01 2.28 -14.19
N ARG C 95 40.20 3.59 -14.26
CA ARG C 95 40.01 4.41 -13.08
C ARG C 95 38.55 4.87 -13.02
N PHE C 96 38.01 4.99 -11.81
CA PHE C 96 36.64 5.49 -11.65
C PHE C 96 36.46 6.48 -10.51
N LEU C 97 35.46 7.34 -10.64
CA LEU C 97 34.96 8.13 -9.53
C LEU C 97 33.44 8.07 -9.52
N GLY C 98 32.88 7.54 -8.44
CA GLY C 98 31.45 7.34 -8.37
C GLY C 98 30.83 7.76 -7.05
N SER C 99 29.52 7.99 -7.09
CA SER C 99 28.71 8.20 -5.90
C SER C 99 27.99 6.91 -5.52
N PHE C 100 28.28 6.40 -4.33
CA PHE C 100 27.72 5.13 -3.90
C PHE C 100 26.71 5.24 -2.76
N SER C 101 25.75 4.33 -2.74
CA SER C 101 24.65 4.40 -1.78
C SER C 101 24.82 3.29 -0.76
N ASN C 102 24.47 3.58 0.49
CA ASN C 102 24.43 2.58 1.53
C ASN C 102 23.59 3.06 2.71
N ASP C 103 23.00 2.13 3.46
CA ASP C 103 22.27 2.48 4.67
C ASP C 103 23.24 3.09 5.68
N MET C 104 22.98 4.33 6.04
CA MET C 104 23.83 5.05 6.99
C MET C 104 23.05 5.61 8.19
N ASP C 105 23.42 5.14 9.38
CA ASP C 105 22.78 5.60 10.61
C ASP C 105 23.60 6.72 11.25
N PHE C 106 22.99 7.90 11.36
CA PHE C 106 23.68 9.06 11.93
C PHE C 106 23.14 9.48 13.30
N ARG C 107 22.39 8.61 13.96
CA ARG C 107 21.74 8.93 15.24
C ARG C 107 22.70 9.45 16.29
N LEU C 108 23.83 8.76 16.46
CA LEU C 108 24.77 9.16 17.49
C LEU C 108 25.90 10.04 16.99
N PHE C 109 25.59 10.93 16.06
CA PHE C 109 26.56 11.91 15.62
C PHE C 109 26.93 12.76 16.83
N PRO C 110 28.18 13.24 16.91
CA PRO C 110 29.28 13.07 15.94
C PRO C 110 30.11 11.83 16.24
N PHE C 111 29.55 10.85 16.91
CA PHE C 111 30.29 9.60 17.17
C PHE C 111 29.79 8.43 16.33
N ASP C 112 29.59 8.66 15.04
CA ASP C 112 29.04 7.64 14.16
C ASP C 112 30.08 6.55 13.95
N ARG C 113 29.59 5.35 13.70
CA ARG C 113 30.39 4.28 13.14
C ARG C 113 29.71 4.01 11.83
N GLN C 114 30.43 4.18 10.72
CA GLN C 114 29.84 3.94 9.42
C GLN C 114 30.61 2.84 8.70
N GLN C 115 29.99 2.25 7.70
CA GLN C 115 30.70 1.35 6.80
C GLN C 115 30.43 1.57 5.31
N PHE C 116 31.49 1.83 4.56
CA PHE C 116 31.37 2.13 3.14
C PHE C 116 31.39 0.83 2.35
N VAL C 117 30.34 0.63 1.56
CA VAL C 117 30.14 -0.61 0.83
C VAL C 117 30.22 -0.40 -0.67
N LEU C 118 30.76 -1.41 -1.35
CA LEU C 118 30.75 -1.48 -2.80
C LEU C 118 30.21 -2.81 -3.28
N GLU C 119 29.24 -2.77 -4.18
CA GLU C 119 28.67 -4.00 -4.69
C GLU C 119 28.84 -4.11 -6.20
N LEU C 120 29.59 -5.15 -6.58
CA LEU C 120 29.91 -5.41 -7.98
C LEU C 120 29.15 -6.63 -8.46
N GLU C 121 28.59 -6.55 -9.65
CA GLU C 121 27.82 -7.65 -10.19
C GLU C 121 27.77 -7.54 -11.71
N PRO C 122 27.94 -8.66 -12.42
CA PRO C 122 27.85 -8.62 -13.89
C PRO C 122 26.48 -8.14 -14.31
N PHE C 123 26.42 -7.25 -15.29
CA PHE C 123 25.15 -6.67 -15.70
C PHE C 123 24.22 -7.67 -16.36
N SER C 124 24.79 -8.55 -17.18
CA SER C 124 23.97 -9.48 -17.96
C SER C 124 24.30 -10.96 -17.90
N TYR C 125 25.49 -11.29 -17.40
CA TYR C 125 25.87 -12.70 -17.33
C TYR C 125 25.68 -13.37 -15.96
N ASN C 126 24.87 -14.42 -15.93
CA ASN C 126 24.62 -15.16 -14.68
C ASN C 126 25.80 -16.00 -14.22
N ASN C 127 25.70 -16.50 -12.99
CA ASN C 127 26.71 -17.37 -12.37
C ASN C 127 27.22 -18.54 -13.22
N GLN C 128 26.39 -19.01 -14.14
CA GLN C 128 26.77 -20.13 -15.00
C GLN C 128 27.48 -19.62 -16.24
N GLN C 129 27.29 -18.35 -16.54
CA GLN C 129 28.00 -17.72 -17.64
C GLN C 129 29.27 -17.08 -17.11
N LEU C 130 29.12 -16.24 -16.09
CA LEU C 130 30.25 -15.51 -15.54
C LEU C 130 30.28 -15.62 -14.00
N ARG C 131 31.42 -16.01 -13.46
CA ARG C 131 31.60 -16.26 -12.04
C ARG C 131 32.85 -15.55 -11.55
N PHE C 132 32.73 -14.93 -10.38
CA PHE C 132 33.85 -14.26 -9.74
C PHE C 132 34.76 -15.22 -8.99
N SER C 133 35.92 -15.49 -9.58
CA SER C 133 36.87 -16.45 -8.99
C SER C 133 37.42 -16.00 -7.65
N ASP C 134 37.87 -14.76 -7.59
CA ASP C 134 38.41 -14.20 -6.35
C ASP C 134 38.47 -12.69 -6.43
N ILE C 135 38.68 -12.07 -5.27
CA ILE C 135 38.89 -10.64 -5.20
C ILE C 135 39.78 -10.16 -4.07
N GLN C 136 40.69 -9.24 -4.39
CA GLN C 136 41.50 -8.62 -3.36
C GLN C 136 41.32 -7.10 -3.42
N VAL C 137 41.21 -6.48 -2.25
CA VAL C 137 41.06 -5.05 -2.15
C VAL C 137 42.30 -4.41 -1.52
N TYR C 138 42.79 -3.33 -2.13
CA TYR C 138 43.94 -2.61 -1.61
C TYR C 138 43.57 -1.20 -1.17
N THR C 139 43.50 -1.00 0.14
CA THR C 139 43.28 0.32 0.71
C THR C 139 44.62 0.90 1.12
N GLU C 140 45.33 1.48 0.16
CA GLU C 140 46.67 2.01 0.43
C GLU C 140 46.65 3.27 1.29
N ASN C 141 45.73 3.33 2.26
CA ASN C 141 45.71 4.44 3.18
C ASN C 141 46.47 4.17 4.48
N ILE C 142 46.75 5.24 5.23
CA ILE C 142 47.47 5.18 6.51
C ILE C 142 47.79 6.61 6.97
N ASP C 143 48.23 6.74 8.22
CA ASP C 143 48.75 8.01 8.75
C ASP C 143 47.81 9.22 8.68
N ASN C 144 48.19 10.26 9.41
CA ASN C 144 47.49 11.55 9.45
C ASN C 144 45.99 11.42 9.67
N GLU C 145 45.62 10.77 10.76
CA GLU C 145 44.22 10.57 11.06
C GLU C 145 43.59 11.89 11.49
N GLU C 146 44.36 12.72 12.20
CA GLU C 146 43.84 13.96 12.75
C GLU C 146 43.70 15.03 11.67
N ILE C 147 44.06 14.68 10.43
CA ILE C 147 43.99 15.62 9.32
C ILE C 147 42.76 15.31 8.46
N ASP C 148 42.34 14.05 8.48
CA ASP C 148 41.17 13.62 7.72
C ASP C 148 39.92 13.53 8.57
N GLU C 149 38.78 13.76 7.93
CA GLU C 149 37.48 13.73 8.58
C GLU C 149 37.10 12.35 9.11
N TRP C 150 37.48 11.32 8.38
CA TRP C 150 37.14 9.95 8.76
C TRP C 150 38.38 9.11 9.05
N TRP C 151 38.29 8.26 10.08
CA TRP C 151 39.39 7.37 10.38
C TRP C 151 39.03 5.96 9.98
N ILE C 152 39.72 5.46 8.97
CA ILE C 152 39.53 4.09 8.50
C ILE C 152 40.13 3.12 9.48
N ARG C 153 39.32 2.13 9.87
CA ARG C 153 39.73 1.21 10.90
C ARG C 153 40.32 -0.12 10.45
N GLY C 154 39.49 -0.94 9.82
CA GLY C 154 39.93 -2.24 9.36
C GLY C 154 40.80 -2.16 8.13
N LYS C 155 40.90 -3.29 7.42
CA LYS C 155 41.61 -3.29 6.14
C LYS C 155 40.71 -3.30 4.91
N ALA C 156 39.54 -3.93 5.02
CA ALA C 156 38.43 -4.09 4.04
C ALA C 156 37.93 -5.50 4.16
N SER C 157 36.64 -5.60 4.40
CA SER C 157 35.96 -6.87 4.48
C SER C 157 35.46 -7.23 3.08
N THR C 158 35.61 -8.49 2.72
CA THR C 158 35.18 -8.95 1.41
C THR C 158 34.24 -10.15 1.45
N HIS C 159 33.29 -10.18 0.52
CA HIS C 159 32.34 -11.27 0.41
C HIS C 159 31.86 -11.48 -1.01
N ILE C 160 32.20 -12.64 -1.56
CA ILE C 160 31.63 -13.11 -2.81
C ILE C 160 30.43 -14.00 -2.51
N SER C 161 29.31 -13.67 -3.13
CA SER C 161 28.08 -14.39 -2.89
C SER C 161 27.24 -14.48 -4.15
N ASP C 162 26.15 -15.22 -4.07
CA ASP C 162 25.29 -15.48 -5.21
C ASP C 162 23.89 -14.91 -4.97
N ILE C 163 23.49 -13.95 -5.80
CA ILE C 163 22.24 -13.23 -5.61
C ILE C 163 21.15 -13.76 -6.52
N ARG C 164 20.06 -14.22 -5.91
CA ARG C 164 18.94 -14.79 -6.66
C ARG C 164 17.89 -13.73 -6.92
N TYR C 165 17.49 -13.62 -8.18
CA TYR C 165 16.39 -12.77 -8.62
C TYR C 165 15.20 -13.65 -8.94
N ASP C 166 14.05 -13.34 -8.34
CA ASP C 166 12.92 -14.23 -8.45
C ASP C 166 12.05 -13.97 -9.68
N HIS C 167 12.13 -12.76 -10.21
CA HIS C 167 11.35 -12.37 -11.38
C HIS C 167 12.27 -11.85 -12.47
N LEU C 168 12.61 -12.66 -13.47
CA LEU C 168 13.49 -12.13 -14.52
C LEU C 168 12.91 -12.34 -15.89
N SER C 169 13.80 -12.61 -16.84
CA SER C 169 13.46 -12.82 -18.23
C SER C 169 12.68 -14.12 -18.30
N SER C 170 12.21 -14.48 -19.49
CA SER C 170 11.58 -15.78 -19.67
C SER C 170 12.61 -16.92 -19.64
N VAL C 171 13.43 -16.94 -18.59
CA VAL C 171 14.41 -17.99 -18.38
C VAL C 171 14.03 -18.94 -17.24
N GLN C 172 14.05 -20.23 -17.53
CA GLN C 172 13.51 -21.24 -16.61
C GLN C 172 14.48 -22.25 -15.93
N PRO C 173 15.60 -22.61 -16.57
CA PRO C 173 16.43 -23.62 -15.90
C PRO C 173 16.92 -23.29 -14.45
N ASN C 174 17.91 -22.42 -14.32
CA ASN C 174 18.55 -21.92 -13.09
C ASN C 174 19.40 -20.69 -13.33
N GLN C 175 19.16 -20.04 -14.47
CA GLN C 175 19.91 -18.86 -14.79
C GLN C 175 19.29 -17.68 -14.03
N ASN C 176 19.58 -17.56 -12.75
CA ASN C 176 18.96 -16.50 -11.94
C ASN C 176 19.78 -16.08 -10.72
N GLU C 177 20.94 -16.70 -10.57
CA GLU C 177 21.84 -16.42 -9.45
C GLU C 177 23.14 -15.69 -9.79
N PHE C 178 23.04 -14.49 -10.36
CA PHE C 178 24.21 -13.65 -10.60
C PHE C 178 25.14 -13.62 -9.38
N SER C 179 26.44 -13.71 -9.62
CA SER C 179 27.41 -13.63 -8.54
C SER C 179 27.75 -12.18 -8.20
N ARG C 180 27.76 -11.86 -6.92
CA ARG C 180 27.97 -10.49 -6.49
C ARG C 180 29.16 -10.36 -5.55
N ILE C 181 29.99 -9.35 -5.79
CA ILE C 181 31.09 -9.02 -4.89
C ILE C 181 30.67 -7.89 -3.98
N THR C 182 30.88 -8.07 -2.67
CA THR C 182 30.53 -7.02 -1.74
C THR C 182 31.75 -6.64 -0.89
N VAL C 183 32.22 -5.40 -1.05
CA VAL C 183 33.35 -4.91 -0.25
C VAL C 183 32.85 -4.03 0.88
N ARG C 184 33.33 -4.28 2.09
CA ARG C 184 32.99 -3.40 3.20
C ARG C 184 34.18 -2.76 3.90
N ILE C 185 34.13 -1.44 4.03
CA ILE C 185 35.14 -0.70 4.78
C ILE C 185 34.59 0.03 6.00
N ASP C 186 35.03 -0.35 7.19
CA ASP C 186 34.57 0.33 8.41
C ASP C 186 35.32 1.63 8.64
N ALA C 187 34.61 2.62 9.18
CA ALA C 187 35.17 3.94 9.42
C ALA C 187 34.55 4.61 10.64
N VAL C 188 35.31 5.49 11.27
CA VAL C 188 34.85 6.25 12.42
C VAL C 188 35.07 7.74 12.20
N ARG C 189 34.09 8.54 12.63
CA ARG C 189 34.17 9.99 12.45
C ARG C 189 35.18 10.61 13.39
N ASN C 190 35.93 11.59 12.91
CA ASN C 190 36.82 12.38 13.74
C ASN C 190 35.97 13.39 14.52
N PRO C 191 35.75 13.13 15.83
CA PRO C 191 34.80 13.89 16.64
C PRO C 191 35.40 15.16 17.24
N SER C 192 36.70 15.38 17.04
CA SER C 192 37.42 16.47 17.69
C SER C 192 36.73 17.82 17.47
N TYR C 193 36.45 18.17 16.22
CA TYR C 193 35.93 19.50 15.91
C TYR C 193 34.61 19.78 16.61
N TYR C 194 33.71 18.79 16.57
CA TYR C 194 32.38 18.92 17.16
C TYR C 194 32.40 18.92 18.68
N LEU C 195 33.39 18.27 19.27
CA LEU C 195 33.54 18.25 20.72
C LEU C 195 33.93 19.63 21.24
N TRP C 196 35.01 20.17 20.68
CA TRP C 196 35.57 21.43 21.13
C TRP C 196 34.76 22.65 20.73
N SER C 197 34.24 22.65 19.51
CA SER C 197 33.52 23.82 18.98
C SER C 197 32.01 23.77 19.17
N PHE C 198 31.47 22.61 19.56
CA PHE C 198 30.02 22.52 19.74
C PHE C 198 29.59 22.01 21.10
N ILE C 199 30.05 20.82 21.46
CA ILE C 199 29.70 20.21 22.73
C ILE C 199 30.14 21.05 23.92
N LEU C 200 31.44 21.35 23.96
CA LEU C 200 32.03 22.10 25.06
C LEU C 200 31.29 23.44 25.31
N PRO C 201 31.24 24.37 24.33
CA PRO C 201 30.55 25.62 24.68
C PRO C 201 29.06 25.44 25.01
N LEU C 202 28.41 24.48 24.38
CA LEU C 202 27.02 24.16 24.67
C LEU C 202 26.85 23.75 26.12
N GLY C 203 27.82 23.00 26.64
CA GLY C 203 27.85 22.64 28.04
C GLY C 203 27.97 23.86 28.93
N LEU C 204 28.85 24.78 28.55
CA LEU C 204 29.05 25.99 29.32
C LEU C 204 27.79 26.84 29.36
N ILE C 205 27.06 26.88 28.25
CA ILE C 205 25.78 27.57 28.23
C ILE C 205 24.79 26.96 29.21
N ILE C 206 24.60 25.64 29.13
CA ILE C 206 23.68 24.94 30.02
C ILE C 206 24.09 25.17 31.47
N ALA C 207 25.39 25.12 31.73
CA ALA C 207 25.88 25.28 33.09
C ALA C 207 25.59 26.70 33.57
N ALA C 208 25.92 27.67 32.74
CA ALA C 208 25.74 29.08 33.08
C ALA C 208 24.26 29.39 33.21
N SER C 209 23.43 28.61 32.51
CA SER C 209 21.97 28.75 32.60
C SER C 209 21.52 28.64 34.05
N TRP C 210 22.13 27.71 34.78
CA TRP C 210 21.72 27.43 36.16
C TRP C 210 22.15 28.53 37.13
N SER C 211 23.02 29.42 36.66
CA SER C 211 23.52 30.52 37.50
C SER C 211 22.46 31.60 37.71
N VAL C 212 21.28 31.40 37.15
CA VAL C 212 20.18 32.36 37.28
C VAL C 212 19.64 32.39 38.71
N PHE C 213 19.85 31.30 39.44
CA PHE C 213 19.36 31.15 40.79
C PHE C 213 20.19 31.91 41.83
N TRP C 214 21.41 32.26 41.45
CA TRP C 214 22.24 33.08 42.34
C TRP C 214 21.85 34.56 42.31
N LEU C 215 20.87 34.91 41.47
CA LEU C 215 20.38 36.28 41.45
C LEU C 215 19.48 36.55 42.65
N GLU C 216 19.54 37.77 43.17
CA GLU C 216 18.80 38.12 44.39
C GLU C 216 17.30 38.35 44.18
N SER C 217 16.99 39.35 43.37
CA SER C 217 15.62 39.72 43.05
C SER C 217 14.92 38.73 42.13
N PHE C 218 13.60 38.66 42.28
CA PHE C 218 12.75 37.85 41.42
C PHE C 218 12.72 38.40 40.01
N SER C 219 12.61 39.72 39.87
CA SER C 219 12.60 40.33 38.56
C SER C 219 13.90 40.08 37.79
N GLU C 220 15.02 40.11 38.52
CA GLU C 220 16.30 39.78 37.94
C GLU C 220 16.30 38.32 37.51
N ARG C 221 15.86 37.42 38.40
CA ARG C 221 15.85 35.98 38.10
C ARG C 221 15.05 35.68 36.85
N LEU C 222 13.91 36.36 36.69
CA LEU C 222 13.03 36.07 35.56
C LEU C 222 13.48 36.71 34.27
N GLN C 223 13.73 38.01 34.28
CA GLN C 223 14.08 38.70 33.05
C GLN C 223 15.33 38.13 32.38
N THR C 224 16.30 37.74 33.20
CA THR C 224 17.58 37.21 32.71
C THR C 224 17.39 35.91 31.94
N SER C 225 16.41 35.12 32.36
CA SER C 225 16.13 33.85 31.71
C SER C 225 15.56 34.00 30.31
N PHE C 226 15.05 35.19 30.00
CA PHE C 226 14.56 35.40 28.65
C PHE C 226 15.73 35.60 27.67
N THR C 227 16.79 36.23 28.17
CA THR C 227 18.04 36.37 27.43
C THR C 227 18.69 35.00 27.29
N LEU C 228 18.54 34.20 28.33
CA LEU C 228 19.11 32.86 28.36
C LEU C 228 18.43 32.00 27.33
N MET C 229 17.10 32.17 27.21
CA MET C 229 16.31 31.44 26.23
C MET C 229 16.78 31.82 24.84
N LEU C 230 16.92 33.13 24.63
CA LEU C 230 17.35 33.68 23.35
C LEU C 230 18.76 33.26 22.96
N THR C 231 19.58 32.99 23.97
CA THR C 231 20.94 32.50 23.78
C THR C 231 20.89 31.10 23.16
N VAL C 232 20.05 30.24 23.72
CA VAL C 232 19.92 28.87 23.25
C VAL C 232 19.38 28.78 21.83
N VAL C 233 18.46 29.67 21.50
CA VAL C 233 17.97 29.81 20.12
C VAL C 233 19.08 30.16 19.16
N ALA C 234 19.88 31.15 19.53
CA ALA C 234 21.02 31.57 18.72
C ALA C 234 22.01 30.44 18.51
N TYR C 235 22.19 29.63 19.54
CA TYR C 235 23.09 28.49 19.45
C TYR C 235 22.53 27.38 18.56
N ALA C 236 21.23 27.10 18.70
CA ALA C 236 20.58 26.11 17.85
C ALA C 236 20.77 26.50 16.39
N PHE C 237 20.67 27.80 16.14
CA PHE C 237 20.81 28.32 14.79
C PHE C 237 22.23 28.05 14.29
N TYR C 238 23.19 28.43 15.11
CA TYR C 238 24.62 28.27 14.83
C TYR C 238 24.94 26.80 14.58
N THR C 239 24.37 25.93 15.41
CA THR C 239 24.49 24.49 15.24
C THR C 239 23.91 23.99 13.93
N SER C 240 22.64 24.29 13.71
CA SER C 240 21.88 23.86 12.54
C SER C 240 22.48 24.30 11.21
N ASN C 241 23.00 25.52 11.18
CA ASN C 241 23.57 26.04 9.94
C ASN C 241 24.86 25.31 9.54
N ILE C 242 25.58 24.78 10.52
CA ILE C 242 26.88 24.18 10.26
C ILE C 242 26.82 22.66 10.18
N LEU C 243 26.07 22.05 11.10
CA LEU C 243 25.88 20.60 11.05
C LEU C 243 25.15 20.06 9.83
N PRO C 244 25.29 18.76 9.57
CA PRO C 244 24.67 18.11 8.41
C PRO C 244 23.17 17.96 8.59
N ARG C 245 22.42 18.16 7.51
CA ARG C 245 20.96 18.01 7.55
C ARG C 245 20.56 16.54 7.69
N LEU C 246 19.67 16.26 8.64
CA LEU C 246 19.20 14.90 8.88
C LEU C 246 17.70 14.87 9.12
N PRO C 247 17.06 13.73 8.87
CA PRO C 247 15.63 13.61 9.14
C PRO C 247 15.34 13.12 10.55
N TYR C 248 16.35 13.09 11.40
CA TYR C 248 16.20 12.70 12.80
C TYR C 248 17.13 13.48 13.70
N THR C 249 16.85 13.45 15.00
CA THR C 249 17.64 14.18 15.97
C THR C 249 18.94 13.46 16.32
N THR C 250 20.02 14.21 16.48
CA THR C 250 21.29 13.67 16.91
C THR C 250 21.47 13.87 18.41
N VAL C 251 22.64 13.49 18.92
CA VAL C 251 22.96 13.70 20.32
C VAL C 251 22.98 15.19 20.65
N ILE C 252 23.64 15.95 19.79
CA ILE C 252 23.70 17.41 19.92
C ILE C 252 22.30 18.03 19.91
N ASP C 253 21.44 17.54 19.03
CA ASP C 253 20.09 18.06 18.94
C ASP C 253 19.36 17.82 20.26
N GLN C 254 19.60 16.67 20.88
CA GLN C 254 18.97 16.30 22.13
C GLN C 254 19.48 17.27 23.23
N MET C 255 20.78 17.56 23.18
CA MET C 255 21.41 18.49 24.13
C MET C 255 20.75 19.86 24.05
N ILE C 256 20.44 20.28 22.83
CA ILE C 256 19.73 21.55 22.62
C ILE C 256 18.35 21.55 23.25
N ILE C 257 17.59 20.49 23.01
CA ILE C 257 16.28 20.33 23.62
C ILE C 257 16.39 20.40 25.13
N ALA C 258 17.41 19.71 25.66
CA ALA C 258 17.66 19.72 27.09
C ALA C 258 17.92 21.13 27.59
N GLY C 259 18.54 21.95 26.75
CA GLY C 259 18.81 23.34 27.06
C GLY C 259 17.52 24.11 27.23
N TYR C 260 16.63 23.94 26.26
CA TYR C 260 15.33 24.60 26.32
C TYR C 260 14.57 24.15 27.55
N GLY C 261 14.62 22.86 27.85
CA GLY C 261 13.90 22.33 28.99
C GLY C 261 14.40 22.85 30.32
N SER C 262 15.71 22.93 30.48
CA SER C 262 16.32 23.43 31.71
C SER C 262 15.84 24.85 31.96
N ILE C 263 15.87 25.69 30.92
CA ILE C 263 15.49 27.10 31.05
C ILE C 263 13.99 27.26 31.33
N PHE C 264 13.18 26.47 30.64
CA PHE C 264 11.74 26.48 30.87
C PHE C 264 11.37 25.95 32.23
N ALA C 265 12.07 24.92 32.68
CA ALA C 265 11.84 24.37 34.01
C ALA C 265 12.18 25.44 35.05
N ALA C 266 13.26 26.16 34.80
CA ALA C 266 13.70 27.23 35.69
C ALA C 266 12.64 28.32 35.74
N ILE C 267 12.14 28.71 34.56
CA ILE C 267 11.11 29.73 34.46
C ILE C 267 9.92 29.35 35.35
N LEU C 268 9.46 28.10 35.25
CA LEU C 268 8.33 27.64 36.04
C LEU C 268 8.61 27.74 37.53
N LEU C 269 9.77 27.23 37.97
CA LEU C 269 10.14 27.26 39.38
C LEU C 269 10.27 28.69 39.91
N ILE C 270 10.88 29.56 39.13
CA ILE C 270 11.04 30.97 39.50
C ILE C 270 9.67 31.58 39.78
N ILE C 271 8.75 31.42 38.84
CA ILE C 271 7.41 31.94 39.03
C ILE C 271 6.70 31.29 40.21
N PHE C 272 6.92 29.98 40.34
CA PHE C 272 6.32 29.21 41.43
C PHE C 272 6.81 29.69 42.79
N ALA C 273 8.13 29.77 42.94
CA ALA C 273 8.76 30.24 44.17
C ALA C 273 8.12 31.53 44.69
N HIS C 274 7.92 32.48 43.77
CA HIS C 274 7.43 33.80 44.11
C HIS C 274 5.96 33.73 44.55
N HIS C 275 5.13 33.01 43.81
CA HIS C 275 3.68 32.99 44.07
C HIS C 275 3.14 31.83 44.90
N ARG C 276 3.95 30.81 45.14
CA ARG C 276 3.59 29.77 46.09
C ARG C 276 4.00 30.27 47.48
N GLN C 277 3.09 30.92 48.18
CA GLN C 277 3.46 31.66 49.38
C GLN C 277 2.38 31.55 50.47
N ALA C 278 2.68 32.13 51.62
CA ALA C 278 1.75 32.23 52.73
C ALA C 278 1.53 33.70 53.06
N ASN C 279 1.90 34.55 52.11
CA ASN C 279 1.75 35.99 52.22
C ASN C 279 1.67 36.67 50.84
N GLY C 280 2.70 36.47 50.04
CA GLY C 280 2.80 37.06 48.72
C GLY C 280 4.23 37.03 48.21
N VAL C 281 5.18 37.36 49.08
CA VAL C 281 6.60 37.34 48.72
C VAL C 281 7.40 36.29 49.47
N GLU C 282 6.73 35.22 49.91
CA GLU C 282 7.42 34.13 50.57
C GLU C 282 8.10 33.23 49.53
N ASP C 283 9.28 33.66 49.11
CA ASP C 283 10.05 32.89 48.16
C ASP C 283 10.74 31.80 48.95
N ASP C 284 10.28 30.55 48.73
CA ASP C 284 10.77 29.40 49.48
C ASP C 284 12.28 29.31 49.55
N LEU C 285 12.79 29.64 50.74
CA LEU C 285 14.22 29.77 51.00
C LEU C 285 15.05 28.61 50.47
N LEU C 286 14.44 27.43 50.38
CA LEU C 286 15.13 26.25 49.89
C LEU C 286 14.98 26.07 48.39
N ILE C 287 13.82 26.42 47.87
CA ILE C 287 13.54 26.23 46.44
C ILE C 287 14.29 27.28 45.63
N GLN C 288 14.48 28.46 46.22
CA GLN C 288 15.23 29.49 45.55
C GLN C 288 16.71 29.09 45.61
N ARG C 289 17.04 28.24 46.57
CA ARG C 289 18.40 27.70 46.68
C ARG C 289 18.50 26.32 46.09
N CYS C 290 17.69 26.06 45.06
CA CYS C 290 17.89 24.88 44.25
C CYS C 290 19.00 25.15 43.23
N ARG C 291 19.97 25.97 43.65
CA ARG C 291 21.14 26.23 42.83
C ARG C 291 22.02 25.00 42.66
N LEU C 292 21.76 23.98 43.46
CA LEU C 292 22.52 22.74 43.40
C LEU C 292 21.61 21.55 43.12
N ALA C 293 20.31 21.73 43.33
CA ALA C 293 19.35 20.63 43.19
C ALA C 293 19.31 20.09 41.77
N PHE C 294 18.84 20.89 40.82
CA PHE C 294 18.72 20.42 39.43
C PHE C 294 19.94 20.51 38.47
N PRO C 295 21.00 21.24 38.86
CA PRO C 295 22.22 21.10 38.05
C PRO C 295 22.71 19.66 38.12
N LEU C 296 22.63 19.04 39.29
CA LEU C 296 23.00 17.63 39.39
C LEU C 296 21.81 16.75 39.06
N GLY C 297 20.60 17.32 39.11
CA GLY C 297 19.43 16.59 38.65
C GLY C 297 19.45 16.50 37.13
N PHE C 298 20.21 17.41 36.52
CA PHE C 298 20.37 17.45 35.07
C PHE C 298 21.40 16.40 34.68
N LEU C 299 22.37 16.24 35.57
CA LEU C 299 23.45 15.28 35.40
C LEU C 299 22.93 13.86 35.61
N ALA C 300 21.81 13.76 36.32
CA ALA C 300 21.15 12.49 36.57
C ALA C 300 20.30 12.12 35.35
N ILE C 301 19.62 13.13 34.80
CA ILE C 301 18.82 12.97 33.59
C ILE C 301 19.73 12.78 32.38
N GLY C 302 20.88 13.46 32.39
CA GLY C 302 21.85 13.32 31.32
C GLY C 302 22.45 11.93 31.32
N CYS C 303 22.71 11.36 32.50
CA CYS C 303 23.26 10.01 32.54
C CYS C 303 22.19 8.96 32.26
N VAL C 304 20.93 9.34 32.47
CA VAL C 304 19.79 8.48 32.15
C VAL C 304 19.57 8.39 30.64
N LEU C 305 19.93 9.45 29.93
CA LEU C 305 19.88 9.46 28.47
C LEU C 305 20.90 8.53 27.83
N VAL C 306 21.93 8.17 28.58
CA VAL C 306 22.93 7.23 28.10
C VAL C 306 22.39 5.80 28.16
N ILE C 307 21.47 5.57 29.09
CA ILE C 307 20.86 4.26 29.25
C ILE C 307 19.83 3.98 28.17
N PRO D 1 62.71 1.48 -24.34
CA PRO D 1 62.25 2.42 -23.31
C PRO D 1 62.12 3.83 -23.87
N VAL D 2 60.91 4.24 -24.20
CA VAL D 2 60.70 5.52 -24.87
C VAL D 2 60.98 6.72 -23.96
N ASP D 3 61.89 7.60 -24.37
CA ASP D 3 62.21 8.80 -23.59
C ASP D 3 61.20 9.90 -23.85
N VAL D 4 60.44 10.25 -22.82
CA VAL D 4 59.44 11.31 -22.91
C VAL D 4 59.83 12.57 -22.16
N SER D 5 59.90 13.67 -22.88
CA SER D 5 60.14 14.98 -22.30
C SER D 5 58.83 15.72 -22.08
N VAL D 6 58.58 16.16 -20.84
CA VAL D 6 57.31 16.77 -20.50
C VAL D 6 57.52 18.24 -20.13
N SER D 7 56.54 19.07 -20.47
CA SER D 7 56.51 20.47 -20.04
C SER D 7 55.11 20.80 -19.54
N ILE D 8 55.03 21.34 -18.33
CA ILE D 8 53.77 21.84 -17.79
C ILE D 8 53.74 23.35 -17.65
N PHE D 9 52.71 23.98 -18.23
CA PHE D 9 52.49 25.41 -18.04
C PHE D 9 51.29 25.66 -17.13
N ILE D 10 51.51 26.26 -15.95
CA ILE D 10 50.41 26.52 -15.02
C ILE D 10 49.89 27.92 -15.25
N ASN D 11 48.60 28.01 -15.55
CA ASN D 11 47.99 29.30 -15.76
C ASN D 11 47.37 29.94 -14.52
N LYS D 12 46.66 29.10 -13.75
CA LYS D 12 45.87 29.61 -12.63
C LYS D 12 45.61 28.50 -11.62
N ILE D 13 45.85 28.79 -10.36
CA ILE D 13 45.50 27.88 -9.27
C ILE D 13 44.45 28.52 -8.36
N TYR D 14 43.26 27.93 -8.31
CA TYR D 14 42.14 28.54 -7.59
C TYR D 14 41.22 27.48 -6.98
N GLY D 15 40.12 27.95 -6.42
CA GLY D 15 39.05 27.12 -5.89
C GLY D 15 39.44 25.99 -4.95
N VAL D 16 40.12 26.33 -3.87
CA VAL D 16 40.50 25.33 -2.88
C VAL D 16 39.28 24.83 -2.12
N ASN D 17 39.06 23.52 -2.12
CA ASN D 17 38.02 22.91 -1.29
C ASN D 17 38.69 22.35 -0.04
N THR D 18 38.53 23.05 1.08
CA THR D 18 39.16 22.62 2.33
C THR D 18 38.73 21.23 2.79
N LEU D 19 37.43 20.94 2.71
CA LEU D 19 36.91 19.67 3.21
C LEU D 19 37.39 18.50 2.37
N GLU D 20 37.37 18.70 1.05
CA GLU D 20 37.78 17.65 0.13
C GLU D 20 39.28 17.59 -0.10
N GLN D 21 39.98 18.63 0.38
CA GLN D 21 41.41 18.78 0.18
C GLN D 21 41.67 18.75 -1.32
N THR D 22 41.11 19.74 -2.02
CA THR D 22 41.06 19.74 -3.46
C THR D 22 41.38 21.15 -3.95
N TYR D 23 42.03 21.25 -5.11
CA TYR D 23 42.25 22.55 -5.73
C TYR D 23 42.22 22.47 -7.26
N LYS D 24 41.73 23.51 -7.91
CA LYS D 24 41.61 23.54 -9.37
C LYS D 24 42.83 24.14 -10.07
N VAL D 25 43.31 23.47 -11.11
CA VAL D 25 44.44 23.96 -11.91
C VAL D 25 44.09 24.07 -13.39
N ASP D 26 44.33 25.24 -13.98
CA ASP D 26 44.18 25.45 -15.40
C ASP D 26 45.57 25.54 -16.05
N GLY D 27 45.81 24.83 -17.14
CA GLY D 27 47.12 24.90 -17.78
C GLY D 27 47.27 24.04 -19.01
N TYR D 28 48.52 23.84 -19.46
CA TYR D 28 48.77 23.09 -20.69
C TYR D 28 49.79 21.98 -20.42
N ILE D 29 49.63 20.84 -21.07
CA ILE D 29 50.66 19.80 -21.00
C ILE D 29 51.33 19.70 -22.36
N VAL D 30 52.66 19.61 -22.36
CA VAL D 30 53.42 19.30 -23.56
C VAL D 30 54.24 18.03 -23.36
N ALA D 31 53.99 17.04 -24.21
CA ALA D 31 54.76 15.79 -24.14
C ALA D 31 55.48 15.48 -25.45
N GLN D 32 56.77 15.22 -25.37
CA GLN D 32 57.54 15.00 -26.58
C GLN D 32 58.30 13.67 -26.53
N TRP D 33 58.27 12.94 -27.65
CA TRP D 33 59.04 11.72 -27.80
C TRP D 33 59.45 11.58 -29.25
N THR D 34 60.40 10.70 -29.55
CA THR D 34 60.85 10.47 -30.92
C THR D 34 60.42 9.11 -31.45
N GLY D 35 59.58 9.13 -32.48
CA GLY D 35 59.10 7.93 -33.13
C GLY D 35 59.88 7.67 -34.40
N LYS D 36 59.37 6.78 -35.26
CA LYS D 36 60.06 6.54 -36.53
C LYS D 36 59.75 7.66 -37.47
N PRO D 37 60.77 8.08 -38.21
CA PRO D 37 60.62 9.22 -39.11
C PRO D 37 59.36 9.12 -39.98
N ARG D 38 58.93 10.18 -40.62
CA ARG D 38 57.63 10.16 -41.29
C ARG D 38 57.84 11.00 -42.51
N LYS D 39 56.93 10.84 -43.46
CA LYS D 39 56.94 11.68 -44.63
C LYS D 39 55.82 12.70 -44.54
N THR D 40 56.15 13.95 -44.19
CA THR D 40 55.11 14.96 -44.06
C THR D 40 54.95 15.79 -45.32
N PRO D 41 53.72 16.30 -45.57
CA PRO D 41 53.45 17.11 -46.76
C PRO D 41 54.44 18.27 -46.86
N GLY D 42 55.18 18.35 -47.96
CA GLY D 42 56.24 19.32 -48.09
C GLY D 42 57.48 18.78 -47.41
N ASP D 43 57.63 19.14 -46.15
CA ASP D 43 58.67 18.60 -45.27
C ASP D 43 58.54 19.25 -43.90
N LYS D 44 57.74 20.31 -43.83
CA LYS D 44 57.48 21.00 -42.57
C LYS D 44 56.64 20.10 -41.68
N PRO D 45 56.75 20.29 -40.36
CA PRO D 45 55.96 19.50 -39.41
C PRO D 45 54.46 19.56 -39.66
N LEU D 46 53.82 18.41 -39.49
CA LEU D 46 52.38 18.26 -39.68
C LEU D 46 51.62 18.52 -38.40
N ILE D 47 50.62 19.38 -38.48
CA ILE D 47 49.76 19.64 -37.33
C ILE D 47 48.44 18.88 -37.41
N VAL D 48 48.09 18.22 -36.31
CA VAL D 48 46.84 17.48 -36.22
C VAL D 48 46.07 17.92 -35.00
N GLU D 49 44.99 18.67 -35.21
CA GLU D 49 44.22 19.14 -34.06
C GLU D 49 43.06 18.23 -33.71
N ASN D 50 42.38 18.60 -32.63
CA ASN D 50 41.41 17.77 -31.89
C ASN D 50 40.88 16.48 -32.52
N THR D 51 39.74 16.59 -33.20
CA THR D 51 39.05 15.45 -33.81
C THR D 51 39.97 14.53 -34.62
N GLN D 52 40.79 15.12 -35.48
CA GLN D 52 41.67 14.35 -36.36
C GLN D 52 42.67 13.45 -35.62
N ILE D 53 42.91 13.72 -34.34
CA ILE D 53 43.88 12.92 -33.58
C ILE D 53 43.41 11.47 -33.50
N GLU D 54 42.13 11.28 -33.19
CA GLU D 54 41.56 9.94 -33.13
C GLU D 54 41.74 9.15 -34.41
N ARG D 55 41.51 9.83 -35.53
CA ARG D 55 41.71 9.27 -36.86
C ARG D 55 43.11 8.73 -37.07
N TRP D 56 44.11 9.42 -36.54
CA TRP D 56 45.49 8.97 -36.69
C TRP D 56 45.81 7.77 -35.82
N ILE D 57 45.26 7.76 -34.61
CA ILE D 57 45.44 6.65 -33.68
C ILE D 57 44.86 5.36 -34.26
N ASN D 58 43.68 5.47 -34.86
CA ASN D 58 43.03 4.36 -35.55
C ASN D 58 43.94 3.76 -36.60
N ASN D 59 44.67 4.61 -37.32
CA ASN D 59 45.57 4.12 -38.35
C ASN D 59 46.92 3.65 -37.79
N GLY D 60 47.03 3.51 -36.46
CA GLY D 60 48.22 2.94 -35.88
C GLY D 60 49.20 3.88 -35.22
N LEU D 61 48.85 5.15 -35.10
CA LEU D 61 49.70 6.08 -34.38
C LEU D 61 49.68 5.78 -32.88
N TRP D 62 50.87 5.60 -32.29
CA TRP D 62 50.94 5.33 -30.86
C TRP D 62 50.97 6.64 -30.08
N VAL D 63 49.90 6.87 -29.33
CA VAL D 63 49.82 8.02 -28.43
C VAL D 63 49.44 7.60 -27.01
N PRO D 64 50.45 7.39 -26.16
CA PRO D 64 50.21 6.80 -24.85
C PRO D 64 49.40 7.70 -23.92
N ALA D 65 48.49 7.09 -23.15
CA ALA D 65 47.65 7.84 -22.22
C ALA D 65 48.44 8.21 -20.98
N LEU D 66 48.53 9.49 -20.66
CA LEU D 66 49.19 9.91 -19.42
C LEU D 66 48.13 10.26 -18.38
N GLU D 67 48.07 9.47 -17.32
CA GLU D 67 47.11 9.74 -16.26
C GLU D 67 47.60 10.71 -15.19
N PHE D 68 46.71 11.58 -14.75
CA PHE D 68 46.97 12.44 -13.60
C PHE D 68 46.61 11.65 -12.35
N ILE D 69 47.62 11.14 -11.64
CA ILE D 69 47.35 10.29 -10.49
C ILE D 69 46.44 10.89 -9.42
N ASN D 70 46.67 12.16 -9.10
CA ASN D 70 45.92 12.78 -8.02
C ASN D 70 44.77 13.64 -8.48
N VAL D 71 44.24 13.34 -9.66
CA VAL D 71 43.05 14.03 -10.13
C VAL D 71 41.74 13.48 -9.58
N VAL D 72 40.88 14.39 -9.14
CA VAL D 72 39.55 14.05 -8.65
C VAL D 72 38.58 14.13 -9.83
N GLY D 73 38.07 13.00 -10.30
CA GLY D 73 37.19 13.06 -11.45
C GLY D 73 38.05 13.04 -12.69
N SER D 74 37.56 13.58 -13.79
CA SER D 74 38.33 13.57 -15.02
C SER D 74 38.31 14.96 -15.65
N PRO D 75 39.50 15.45 -15.99
CA PRO D 75 39.75 16.85 -16.34
C PRO D 75 38.84 17.33 -17.47
N ASP D 76 38.59 18.63 -17.51
CA ASP D 76 37.98 19.26 -18.66
C ASP D 76 39.14 19.48 -19.60
N THR D 77 39.14 18.72 -20.69
CA THR D 77 40.14 18.95 -21.72
C THR D 77 39.67 19.94 -22.78
N GLY D 78 40.48 20.97 -23.01
CA GLY D 78 40.16 21.97 -24.01
C GLY D 78 40.65 21.46 -25.36
N ASN D 79 41.42 22.29 -26.06
CA ASN D 79 41.93 21.93 -27.37
C ASN D 79 43.08 20.93 -27.23
N LYS D 80 43.17 20.04 -28.22
CA LYS D 80 44.21 19.04 -28.26
C LYS D 80 45.02 19.28 -29.53
N ARG D 81 46.27 18.82 -29.54
CA ARG D 81 47.11 19.02 -30.71
C ARG D 81 48.24 18.03 -30.77
N LEU D 82 48.47 17.54 -32.00
CA LEU D 82 49.61 16.72 -32.27
C LEU D 82 50.49 17.48 -33.24
N MET D 83 51.78 17.60 -32.93
CA MET D 83 52.73 18.10 -33.92
C MET D 83 53.64 16.97 -34.39
N LEU D 84 53.50 16.58 -35.65
CA LEU D 84 54.27 15.48 -36.24
C LEU D 84 55.44 15.98 -37.09
N PHE D 85 56.65 15.70 -36.62
CA PHE D 85 57.86 16.06 -37.34
C PHE D 85 58.31 14.94 -38.27
N PRO D 86 58.93 15.30 -39.41
CA PRO D 86 59.38 14.30 -40.37
C PRO D 86 60.53 13.45 -39.84
N ASP D 87 61.36 14.04 -38.98
CA ASP D 87 62.47 13.32 -38.38
C ASP D 87 62.01 12.25 -37.39
N GLY D 88 60.70 12.19 -37.14
CA GLY D 88 60.17 11.16 -36.28
C GLY D 88 59.48 11.72 -35.05
N ARG D 89 60.12 12.69 -34.40
CA ARG D 89 59.61 13.18 -33.12
C ARG D 89 58.15 13.66 -33.13
N VAL D 90 57.48 13.49 -32.00
CA VAL D 90 56.06 13.84 -31.89
C VAL D 90 55.86 14.74 -30.68
N ILE D 91 55.08 15.80 -30.84
CA ILE D 91 54.70 16.64 -29.72
C ILE D 91 53.19 16.75 -29.51
N TYR D 92 52.76 16.35 -28.32
CA TYR D 92 51.34 16.46 -27.94
C TYR D 92 51.05 17.62 -27.00
N ASN D 93 50.21 18.53 -27.42
CA ASN D 93 49.89 19.71 -26.64
C ASN D 93 48.39 19.84 -26.32
N ALA D 94 48.04 20.01 -25.07
CA ALA D 94 46.66 20.11 -24.69
C ALA D 94 46.42 21.00 -23.48
N ARG D 95 45.31 21.73 -23.47
CA ARG D 95 44.90 22.53 -22.31
C ARG D 95 44.04 21.70 -21.37
N PHE D 96 44.22 21.88 -20.06
CA PHE D 96 43.41 21.13 -19.11
C PHE D 96 42.91 21.97 -17.95
N LEU D 97 41.75 21.61 -17.41
CA LEU D 97 41.29 22.17 -16.15
C LEU D 97 40.87 20.98 -15.28
N GLY D 98 41.50 20.82 -14.13
CA GLY D 98 41.28 19.64 -13.29
C GLY D 98 41.18 19.93 -11.80
N SER D 99 40.51 19.04 -11.08
CA SER D 99 40.47 19.13 -9.62
C SER D 99 41.44 18.11 -9.06
N PHE D 100 42.42 18.60 -8.31
CA PHE D 100 43.49 17.74 -7.81
C PHE D 100 43.43 17.55 -6.30
N SER D 101 43.95 16.42 -5.84
CA SER D 101 43.84 16.01 -4.45
C SER D 101 45.22 16.03 -3.83
N ASN D 102 45.30 16.50 -2.60
CA ASN D 102 46.55 16.45 -1.86
C ASN D 102 46.28 16.60 -0.37
N ASP D 103 47.15 16.00 0.44
CA ASP D 103 47.08 16.14 1.88
C ASP D 103 47.21 17.62 2.26
N MET D 104 46.19 18.17 2.90
CA MET D 104 46.23 19.57 3.30
C MET D 104 45.89 19.83 4.76
N ASP D 105 46.84 20.42 5.47
CA ASP D 105 46.70 20.74 6.87
C ASP D 105 46.28 22.18 7.05
N PHE D 106 45.13 22.36 7.67
CA PHE D 106 44.53 23.67 7.87
C PHE D 106 44.51 24.08 9.35
N ARG D 107 45.16 23.31 10.21
CA ARG D 107 45.11 23.62 11.63
C ARG D 107 45.48 25.04 12.05
N LEU D 108 46.53 25.61 11.48
CA LEU D 108 46.88 27.00 11.78
C LEU D 108 46.30 28.03 10.82
N PHE D 109 45.05 27.84 10.44
CA PHE D 109 44.34 28.84 9.66
C PHE D 109 44.17 30.06 10.54
N PRO D 110 44.25 31.27 9.93
CA PRO D 110 44.45 31.60 8.52
C PRO D 110 45.91 31.73 8.13
N PHE D 111 46.82 31.14 8.90
CA PHE D 111 48.22 31.22 8.51
C PHE D 111 48.79 29.92 7.93
N ASP D 112 48.04 29.25 7.05
CA ASP D 112 48.42 27.94 6.56
C ASP D 112 49.60 28.09 5.61
N ARG D 113 50.39 27.05 5.55
CA ARG D 113 51.35 26.91 4.49
C ARG D 113 50.90 25.65 3.77
N GLN D 114 50.56 25.79 2.48
CA GLN D 114 50.12 24.65 1.69
C GLN D 114 51.07 24.41 0.54
N GLN D 115 51.03 23.19 0.02
CA GLN D 115 51.71 22.87 -1.23
C GLN D 115 50.82 22.12 -2.22
N PHE D 116 50.75 22.67 -3.43
CA PHE D 116 49.95 22.16 -4.52
C PHE D 116 50.76 21.14 -5.29
N VAL D 117 50.23 19.92 -5.43
CA VAL D 117 51.00 18.85 -6.03
C VAL D 117 50.30 18.32 -7.28
N LEU D 118 51.12 17.97 -8.27
CA LEU D 118 50.65 17.32 -9.48
C LEU D 118 51.43 16.02 -9.64
N GLU D 119 50.72 14.93 -9.87
CA GLU D 119 51.36 13.63 -10.10
C GLU D 119 51.01 13.04 -11.46
N LEU D 120 52.03 12.96 -12.32
CA LEU D 120 51.84 12.43 -13.66
C LEU D 120 52.49 11.06 -13.77
N GLU D 121 51.80 10.14 -14.44
CA GLU D 121 52.29 8.78 -14.61
C GLU D 121 51.59 8.13 -15.79
N PRO D 122 52.35 7.39 -16.62
CA PRO D 122 51.76 6.69 -17.76
C PRO D 122 50.71 5.72 -17.25
N PHE D 123 49.58 5.65 -17.94
CA PHE D 123 48.48 4.82 -17.48
C PHE D 123 48.81 3.33 -17.59
N SER D 124 49.42 2.94 -18.69
CA SER D 124 49.65 1.53 -19.00
C SER D 124 51.08 1.07 -19.28
N TYR D 125 51.95 2.02 -19.63
CA TYR D 125 53.33 1.68 -19.96
C TYR D 125 54.34 1.86 -18.81
N ASN D 126 54.94 0.76 -18.40
CA ASN D 126 55.97 0.74 -17.36
C ASN D 126 57.30 1.35 -17.76
N ASN D 127 58.15 1.56 -16.76
CA ASN D 127 59.44 2.20 -16.94
C ASN D 127 60.31 1.65 -18.06
N GLN D 128 60.13 0.37 -18.39
CA GLN D 128 60.93 -0.25 -19.44
C GLN D 128 60.30 -0.02 -20.80
N GLN D 129 59.02 0.33 -20.78
CA GLN D 129 58.30 0.70 -21.99
C GLN D 129 58.34 2.20 -22.23
N LEU D 130 57.96 2.96 -21.20
CA LEU D 130 57.94 4.40 -21.29
C LEU D 130 58.64 5.02 -20.06
N ARG D 131 59.57 5.92 -20.32
CA ARG D 131 60.36 6.58 -19.29
C ARG D 131 60.37 8.10 -19.49
N PHE D 132 60.18 8.82 -18.39
CA PHE D 132 60.18 10.27 -18.44
C PHE D 132 61.61 10.85 -18.44
N SER D 133 62.07 11.30 -19.61
CA SER D 133 63.44 11.79 -19.77
C SER D 133 63.70 13.04 -18.92
N ASP D 134 62.83 14.04 -19.04
CA ASP D 134 62.97 15.25 -18.24
C ASP D 134 61.66 16.01 -18.15
N ILE D 135 61.58 16.94 -17.19
CA ILE D 135 60.42 17.83 -17.09
C ILE D 135 60.74 19.26 -16.66
N GLN D 136 60.17 20.26 -17.34
CA GLN D 136 60.30 21.63 -16.88
C GLN D 136 58.93 22.27 -16.62
N VAL D 137 58.76 22.95 -15.50
CA VAL D 137 57.47 23.57 -15.14
C VAL D 137 57.62 25.08 -15.27
N TYR D 138 56.63 25.70 -15.89
CA TYR D 138 56.60 27.16 -16.02
C TYR D 138 55.42 27.79 -15.30
N THR D 139 55.68 28.33 -14.12
CA THR D 139 54.67 29.10 -13.42
C THR D 139 54.79 30.58 -13.75
N GLU D 140 54.19 31.00 -14.87
CA GLU D 140 54.29 32.39 -15.33
C GLU D 140 53.57 33.41 -14.46
N ASN D 141 53.52 33.17 -13.15
CA ASN D 141 52.85 34.08 -12.23
C ASN D 141 53.84 35.06 -11.61
N ILE D 142 53.29 36.12 -11.02
CA ILE D 142 54.05 37.21 -10.42
C ILE D 142 53.10 38.33 -10.07
N ASP D 143 53.59 39.29 -9.30
CA ASP D 143 52.90 40.52 -8.99
C ASP D 143 51.51 40.40 -8.33
N ASN D 144 50.98 41.54 -7.88
CA ASN D 144 49.64 41.62 -7.30
C ASN D 144 49.32 40.54 -6.28
N GLU D 145 50.10 40.47 -5.21
CA GLU D 145 49.95 39.45 -4.18
C GLU D 145 48.77 39.79 -3.31
N GLU D 146 48.59 41.09 -3.10
CA GLU D 146 47.53 41.57 -2.25
C GLU D 146 46.16 41.57 -2.90
N ILE D 147 46.12 41.10 -4.15
CA ILE D 147 44.86 40.95 -4.88
C ILE D 147 44.39 39.50 -4.94
N ASP D 148 45.34 38.59 -4.83
CA ASP D 148 45.05 37.15 -4.84
C ASP D 148 45.00 36.53 -3.45
N GLU D 149 44.20 35.48 -3.33
CA GLU D 149 44.00 34.79 -2.05
C GLU D 149 45.28 34.11 -1.60
N TRP D 150 46.02 33.54 -2.54
CA TRP D 150 47.23 32.77 -2.19
C TRP D 150 48.47 33.44 -2.76
N TRP D 151 49.54 33.41 -1.98
CA TRP D 151 50.80 33.97 -2.41
C TRP D 151 51.78 32.85 -2.79
N ILE D 152 52.11 32.72 -4.08
CA ILE D 152 53.05 31.68 -4.46
C ILE D 152 54.47 32.12 -4.11
N ARG D 153 55.15 31.23 -3.41
CA ARG D 153 56.52 31.49 -2.87
C ARG D 153 57.70 31.13 -3.78
N GLY D 154 57.90 29.82 -3.97
CA GLY D 154 59.00 29.34 -4.77
C GLY D 154 58.64 29.30 -6.25
N LYS D 155 59.39 28.51 -6.98
CA LYS D 155 59.20 28.41 -8.41
C LYS D 155 58.77 27.10 -8.95
N ALA D 156 58.38 26.14 -8.12
CA ALA D 156 57.94 24.78 -8.49
C ALA D 156 59.05 23.75 -8.41
N SER D 157 58.84 22.84 -7.46
CA SER D 157 59.79 21.80 -7.15
C SER D 157 59.43 20.59 -7.97
N THR D 158 60.45 19.89 -8.48
CA THR D 158 60.10 18.85 -9.42
C THR D 158 60.78 17.55 -8.97
N HIS D 159 60.14 16.41 -9.14
CA HIS D 159 60.83 15.17 -8.79
C HIS D 159 60.47 14.04 -9.79
N ILE D 160 61.40 13.50 -10.56
CA ILE D 160 61.07 12.31 -11.37
C ILE D 160 61.49 11.05 -10.62
N SER D 161 60.59 10.10 -10.43
CA SER D 161 60.87 8.94 -9.58
C SER D 161 60.21 7.71 -10.17
N ASP D 162 60.48 6.54 -9.58
CA ASP D 162 59.94 5.28 -10.06
C ASP D 162 59.08 4.61 -8.99
N ILE D 163 57.80 4.45 -9.29
CA ILE D 163 56.85 3.90 -8.33
C ILE D 163 56.63 2.43 -8.59
N ARG D 164 56.87 1.64 -7.55
CA ARG D 164 56.72 0.20 -7.62
C ARG D 164 55.36 -0.27 -7.12
N TYR D 165 54.66 -1.04 -7.93
CA TYR D 165 53.38 -1.61 -7.51
C TYR D 165 53.61 -3.09 -7.20
N ASP D 166 53.17 -3.53 -6.03
CA ASP D 166 53.49 -4.89 -5.56
C ASP D 166 52.48 -5.92 -6.06
N HIS D 167 51.28 -5.47 -6.42
CA HIS D 167 50.29 -6.41 -6.91
C HIS D 167 49.79 -5.99 -8.30
N LEU D 168 50.31 -6.64 -9.36
CA LEU D 168 49.94 -6.38 -10.78
C LEU D 168 49.60 -7.62 -11.64
N SER D 169 50.01 -7.55 -12.92
CA SER D 169 49.76 -8.62 -13.90
C SER D 169 50.59 -9.86 -13.58
N SER D 170 50.40 -10.92 -14.38
CA SER D 170 51.23 -12.12 -14.28
C SER D 170 52.64 -11.89 -14.85
N VAL D 171 53.25 -10.78 -14.46
CA VAL D 171 54.56 -10.41 -14.96
C VAL D 171 55.66 -10.69 -13.93
N GLN D 172 56.71 -11.38 -14.36
CA GLN D 172 57.74 -11.86 -13.44
C GLN D 172 59.12 -11.20 -13.54
N PRO D 173 59.52 -10.72 -14.73
CA PRO D 173 60.84 -10.08 -14.70
C PRO D 173 60.94 -8.87 -13.76
N ASN D 174 60.38 -7.74 -14.21
CA ASN D 174 60.45 -6.46 -13.51
C ASN D 174 59.51 -5.37 -13.99
N GLN D 175 58.45 -5.76 -14.70
CA GLN D 175 57.57 -4.72 -15.22
C GLN D 175 56.59 -4.22 -14.18
N ASN D 176 57.07 -3.42 -13.24
CA ASN D 176 56.23 -2.97 -12.14
C ASN D 176 56.63 -1.62 -11.54
N GLU D 177 57.58 -0.94 -12.18
CA GLU D 177 58.03 0.36 -11.66
C GLU D 177 57.75 1.53 -12.60
N PHE D 178 56.47 1.77 -12.86
CA PHE D 178 56.07 2.96 -13.61
C PHE D 178 56.78 4.21 -13.14
N SER D 179 57.21 5.02 -14.08
CA SER D 179 57.87 6.26 -13.73
C SER D 179 56.86 7.38 -13.50
N ARG D 180 57.07 8.12 -12.42
CA ARG D 180 56.14 9.17 -12.03
C ARG D 180 56.80 10.54 -11.92
N ILE D 181 56.10 11.55 -12.42
CA ILE D 181 56.51 12.93 -12.24
C ILE D 181 55.71 13.54 -11.12
N THR D 182 56.41 14.19 -10.19
CA THR D 182 55.75 14.88 -9.11
C THR D 182 56.14 16.35 -9.05
N VAL D 183 55.18 17.24 -9.30
CA VAL D 183 55.44 18.67 -9.24
C VAL D 183 54.90 19.25 -7.93
N ARG D 184 55.72 20.03 -7.24
CA ARG D 184 55.27 20.71 -6.02
C ARG D 184 55.42 22.21 -6.07
N ILE D 185 54.30 22.89 -5.80
CA ILE D 185 54.28 24.34 -5.66
C ILE D 185 53.93 24.78 -4.24
N ASP D 186 54.83 25.50 -3.57
CA ASP D 186 54.55 26.00 -2.24
C ASP D 186 53.72 27.29 -2.28
N ALA D 187 52.81 27.44 -1.32
CA ALA D 187 51.99 28.65 -1.25
C ALA D 187 51.59 29.05 0.17
N VAL D 188 51.39 30.35 0.37
CA VAL D 188 50.99 30.90 1.66
C VAL D 188 49.70 31.72 1.51
N ARG D 189 48.79 31.52 2.45
CA ARG D 189 47.48 32.18 2.49
C ARG D 189 47.60 33.66 2.83
N ASN D 190 46.87 34.50 2.10
CA ASN D 190 46.81 35.92 2.40
C ASN D 190 45.92 36.15 3.61
N PRO D 191 46.57 36.43 4.76
CA PRO D 191 45.89 36.45 6.06
C PRO D 191 45.24 37.79 6.37
N SER D 192 45.40 38.75 5.48
CA SER D 192 44.93 40.11 5.77
C SER D 192 43.45 40.22 6.13
N TYR D 193 42.61 39.60 5.31
CA TYR D 193 41.17 39.70 5.49
C TYR D 193 40.72 39.17 6.85
N TYR D 194 41.27 38.01 7.20
CA TYR D 194 40.91 37.34 8.45
C TYR D 194 41.46 38.02 9.68
N LEU D 195 42.58 38.71 9.52
CA LEU D 195 43.18 39.45 10.62
C LEU D 195 42.34 40.65 11.04
N TRP D 196 42.02 41.47 10.05
CA TRP D 196 41.28 42.71 10.25
C TRP D 196 39.79 42.53 10.50
N SER D 197 39.19 41.59 9.79
CA SER D 197 37.74 41.35 9.88
C SER D 197 37.32 40.30 10.91
N PHE D 198 38.27 39.51 11.40
CA PHE D 198 37.94 38.46 12.35
C PHE D 198 38.74 38.46 13.63
N ILE D 199 40.06 38.42 13.51
CA ILE D 199 40.93 38.42 14.69
C ILE D 199 40.79 39.68 15.52
N LEU D 200 40.95 40.83 14.86
CA LEU D 200 40.90 42.13 15.50
C LEU D 200 39.60 42.32 16.29
N PRO D 201 38.42 42.22 15.62
CA PRO D 201 37.26 42.52 16.48
C PRO D 201 36.98 41.48 17.54
N LEU D 202 37.38 40.24 17.27
CA LEU D 202 37.28 39.17 18.25
C LEU D 202 38.08 39.50 19.49
N GLY D 203 39.25 40.08 19.27
CA GLY D 203 40.08 40.54 20.38
C GLY D 203 39.41 41.63 21.17
N LEU D 204 38.81 42.59 20.48
CA LEU D 204 38.10 43.68 21.14
C LEU D 204 36.96 43.15 22.00
N ILE D 205 36.26 42.12 21.51
CA ILE D 205 35.19 41.49 22.28
C ILE D 205 35.77 40.92 23.57
N ILE D 206 36.78 40.05 23.44
CA ILE D 206 37.40 39.42 24.61
C ILE D 206 37.92 40.48 25.59
N ALA D 207 38.48 41.56 25.07
CA ALA D 207 39.00 42.61 25.91
C ALA D 207 37.85 43.28 26.63
N ALA D 208 36.83 43.68 25.88
CA ALA D 208 35.69 44.35 26.47
C ALA D 208 34.92 43.44 27.42
N SER D 209 35.04 42.12 27.22
CA SER D 209 34.46 41.14 28.15
C SER D 209 34.95 41.40 29.57
N TRP D 210 36.23 41.74 29.70
CA TRP D 210 36.84 41.89 31.02
C TRP D 210 36.38 43.17 31.71
N SER D 211 35.74 44.07 30.95
CA SER D 211 35.28 45.34 31.51
C SER D 211 34.07 45.18 32.41
N VAL D 212 33.63 43.94 32.59
CA VAL D 212 32.47 43.63 33.42
C VAL D 212 32.77 43.90 34.89
N PHE D 213 34.05 43.82 35.24
CA PHE D 213 34.51 44.00 36.62
C PHE D 213 34.55 45.45 37.09
N TRP D 214 34.50 46.37 36.14
CA TRP D 214 34.39 47.79 36.46
C TRP D 214 32.99 48.21 36.85
N LEU D 215 32.06 47.26 36.83
CA LEU D 215 30.70 47.55 37.22
C LEU D 215 30.54 47.49 38.73
N GLU D 216 29.72 48.39 39.27
CA GLU D 216 29.62 48.57 40.71
C GLU D 216 28.82 47.47 41.40
N SER D 217 27.56 47.35 41.01
CA SER D 217 26.66 46.36 41.58
C SER D 217 26.94 44.94 41.12
N PHE D 218 26.59 43.99 41.99
CA PHE D 218 26.67 42.57 41.66
C PHE D 218 25.67 42.14 40.60
N SER D 219 24.45 42.67 40.70
CA SER D 219 23.44 42.40 39.69
C SER D 219 23.83 42.92 38.32
N GLU D 220 24.47 44.09 38.30
CA GLU D 220 24.98 44.66 37.05
C GLU D 220 26.06 43.74 36.50
N ARG D 221 27.01 43.37 37.35
CA ARG D 221 28.14 42.52 36.97
C ARG D 221 27.68 41.19 36.39
N LEU D 222 26.66 40.58 36.99
CA LEU D 222 26.19 39.30 36.52
C LEU D 222 25.30 39.33 35.30
N GLN D 223 24.30 40.21 35.30
CA GLN D 223 23.35 40.32 34.18
C GLN D 223 23.99 40.69 32.86
N THR D 224 25.01 41.55 32.94
CA THR D 224 25.73 42.01 31.77
C THR D 224 26.50 40.89 31.09
N SER D 225 26.97 39.94 31.89
CA SER D 225 27.73 38.82 31.34
C SER D 225 26.93 37.83 30.51
N PHE D 226 25.61 37.90 30.64
CA PHE D 226 24.71 37.08 29.84
C PHE D 226 24.58 37.63 28.44
N THR D 227 24.60 38.96 28.35
CA THR D 227 24.62 39.63 27.06
C THR D 227 25.98 39.32 26.44
N LEU D 228 27.02 39.30 27.27
CA LEU D 228 28.38 39.09 26.79
C LEU D 228 28.53 37.69 26.24
N MET D 229 27.89 36.75 26.90
CA MET D 229 27.89 35.36 26.45
C MET D 229 27.20 35.29 25.10
N LEU D 230 26.05 35.96 25.01
CA LEU D 230 25.23 35.98 23.81
C LEU D 230 26.00 36.63 22.65
N THR D 231 26.84 37.60 22.96
CA THR D 231 27.67 38.26 21.95
C THR D 231 28.65 37.30 21.32
N VAL D 232 29.29 36.48 22.15
CA VAL D 232 30.27 35.50 21.67
C VAL D 232 29.62 34.42 20.79
N VAL D 233 28.42 34.01 21.18
CA VAL D 233 27.63 33.11 20.34
C VAL D 233 27.35 33.72 18.96
N ALA D 234 26.90 34.97 18.95
CA ALA D 234 26.62 35.67 17.70
C ALA D 234 27.86 35.74 16.82
N TYR D 235 29.02 35.88 17.47
CA TYR D 235 30.29 35.96 16.74
C TYR D 235 30.69 34.61 16.18
N ALA D 236 30.55 33.58 17.01
CA ALA D 236 30.86 32.22 16.58
C ALA D 236 30.07 31.90 15.31
N PHE D 237 28.83 32.37 15.30
CA PHE D 237 27.93 32.15 14.18
C PHE D 237 28.47 32.88 12.95
N TYR D 238 28.75 34.17 13.13
CA TYR D 238 29.30 35.01 12.06
C TYR D 238 30.60 34.42 11.49
N THR D 239 31.45 33.93 12.38
CA THR D 239 32.70 33.27 12.04
C THR D 239 32.40 32.03 11.20
N SER D 240 31.67 31.10 11.80
CA SER D 240 31.35 29.80 11.21
C SER D 240 30.67 29.88 9.84
N ASN D 241 29.78 30.85 9.66
CA ASN D 241 29.06 30.99 8.41
C ASN D 241 29.98 31.38 7.25
N ILE D 242 31.03 32.12 7.57
CA ILE D 242 31.93 32.65 6.54
C ILE D 242 33.21 31.84 6.34
N LEU D 243 33.83 31.41 7.43
CA LEU D 243 35.00 30.55 7.35
C LEU D 243 34.74 29.19 6.71
N PRO D 244 35.80 28.55 6.19
CA PRO D 244 35.77 27.24 5.52
C PRO D 244 35.43 26.12 6.49
N ARG D 245 34.62 25.16 6.06
CA ARG D 245 34.23 24.06 6.93
C ARG D 245 35.38 23.07 7.11
N LEU D 246 35.70 22.72 8.35
CA LEU D 246 36.79 21.81 8.63
C LEU D 246 36.41 20.74 9.64
N PRO D 247 37.11 19.60 9.64
CA PRO D 247 36.78 18.60 10.65
C PRO D 247 37.63 18.78 11.91
N TYR D 248 38.28 19.95 12.05
CA TYR D 248 39.09 20.17 13.25
C TYR D 248 39.04 21.67 13.57
N THR D 249 39.48 22.03 14.77
CA THR D 249 39.49 23.42 15.21
C THR D 249 40.68 24.20 14.69
N THR D 250 40.45 25.45 14.32
CA THR D 250 41.53 26.32 13.89
C THR D 250 41.97 27.22 15.04
N VAL D 251 42.86 28.14 14.72
CA VAL D 251 43.35 29.10 15.70
C VAL D 251 42.18 29.96 16.14
N ILE D 252 41.41 30.41 15.16
CA ILE D 252 40.23 31.22 15.42
C ILE D 252 39.19 30.51 16.26
N ASP D 253 39.03 29.22 15.98
CA ASP D 253 38.08 28.41 16.72
C ASP D 253 38.49 28.36 18.18
N GLN D 254 39.80 28.25 18.43
CA GLN D 254 40.34 28.20 19.78
C GLN D 254 40.13 29.53 20.49
N MET D 255 40.30 30.62 19.75
CA MET D 255 40.04 31.96 20.28
C MET D 255 38.60 32.09 20.75
N ILE D 256 37.68 31.51 19.98
CA ILE D 256 36.28 31.53 20.35
C ILE D 256 36.07 30.79 21.66
N ILE D 257 36.57 29.55 21.75
CA ILE D 257 36.46 28.75 22.96
C ILE D 257 37.01 29.57 24.13
N ALA D 258 38.13 30.24 23.91
CA ALA D 258 38.76 31.03 24.95
C ALA D 258 37.82 32.15 25.39
N GLY D 259 37.07 32.69 24.45
CA GLY D 259 36.07 33.69 24.77
C GLY D 259 34.99 33.17 25.69
N TYR D 260 34.51 31.97 25.40
CA TYR D 260 33.51 31.32 26.24
C TYR D 260 34.05 31.09 27.63
N GLY D 261 35.30 30.63 27.70
CA GLY D 261 35.93 30.35 28.97
C GLY D 261 36.14 31.57 29.85
N SER D 262 36.62 32.66 29.25
CA SER D 262 36.82 33.93 29.93
C SER D 262 35.51 34.35 30.61
N ILE D 263 34.43 34.34 29.85
CA ILE D 263 33.12 34.78 30.33
C ILE D 263 32.59 33.85 31.42
N PHE D 264 32.71 32.54 31.18
CA PHE D 264 32.28 31.56 32.18
C PHE D 264 33.11 31.65 33.45
N ALA D 265 34.41 31.88 33.31
CA ALA D 265 35.26 32.02 34.48
C ALA D 265 34.86 33.26 35.27
N ALA D 266 34.53 34.32 34.54
CA ALA D 266 34.07 35.57 35.13
C ALA D 266 32.78 35.36 35.90
N ILE D 267 31.86 34.61 35.29
CA ILE D 267 30.58 34.28 35.91
C ILE D 267 30.83 33.61 37.26
N LEU D 268 31.73 32.64 37.26
CA LEU D 268 32.04 31.88 38.48
C LEU D 268 32.61 32.77 39.58
N LEU D 269 33.56 33.64 39.22
CA LEU D 269 34.17 34.55 40.18
C LEU D 269 33.16 35.55 40.70
N ILE D 270 32.35 36.12 39.81
CA ILE D 270 31.34 37.09 40.21
C ILE D 270 30.42 36.50 41.29
N ILE D 271 29.88 35.31 41.03
CA ILE D 271 29.04 34.61 42.01
C ILE D 271 29.84 34.30 43.28
N PHE D 272 31.09 33.92 43.10
CA PHE D 272 31.96 33.56 44.22
C PHE D 272 32.21 34.75 45.12
N ALA D 273 32.64 35.84 44.52
CA ALA D 273 32.90 37.09 45.23
C ALA D 273 31.76 37.46 46.16
N HIS D 274 30.53 37.37 45.65
CA HIS D 274 29.34 37.78 46.37
C HIS D 274 29.02 36.84 47.53
N HIS D 275 29.11 35.53 47.32
CA HIS D 275 28.69 34.56 48.33
C HIS D 275 29.84 34.03 49.20
N ARG D 276 31.09 34.23 48.78
CA ARG D 276 32.21 33.87 49.65
C ARG D 276 32.44 35.05 50.59
N GLN D 277 31.82 34.98 51.76
CA GLN D 277 31.75 36.13 52.65
C GLN D 277 31.89 35.75 54.12
N ALA D 278 31.90 36.77 54.96
CA ALA D 278 31.92 36.59 56.40
C ALA D 278 30.67 37.25 56.97
N ASN D 279 29.72 37.54 56.08
CA ASN D 279 28.47 38.19 56.45
C ASN D 279 27.34 37.88 55.48
N GLY D 280 27.57 38.21 54.22
CA GLY D 280 26.57 37.99 53.19
C GLY D 280 26.95 38.80 51.95
N VAL D 281 27.31 40.06 52.15
CA VAL D 281 27.69 40.90 51.04
C VAL D 281 29.15 41.32 51.05
N GLU D 282 29.99 40.51 51.67
CA GLU D 282 31.42 40.81 51.70
C GLU D 282 32.03 40.47 50.34
N ASP D 283 31.92 41.38 49.39
CA ASP D 283 32.50 41.16 48.08
C ASP D 283 33.99 41.45 48.18
N ASP D 284 34.81 40.40 48.08
CA ASP D 284 36.25 40.54 48.30
C ASP D 284 36.87 41.68 47.51
N LEU D 285 37.19 42.76 48.22
CA LEU D 285 37.69 44.01 47.69
C LEU D 285 38.79 43.83 46.64
N LEU D 286 39.55 42.75 46.76
CA LEU D 286 40.63 42.46 45.84
C LEU D 286 40.18 41.59 44.67
N ILE D 287 39.27 40.66 44.94
CA ILE D 287 38.83 39.73 43.91
C ILE D 287 37.90 40.45 42.94
N GLN D 288 37.13 41.41 43.46
CA GLN D 288 36.26 42.20 42.61
C GLN D 288 37.14 43.10 41.75
N ARG D 289 38.33 43.39 42.27
CA ARG D 289 39.31 44.21 41.54
C ARG D 289 40.34 43.35 40.83
N CYS D 290 39.91 42.17 40.42
CA CYS D 290 40.70 41.37 39.50
C CYS D 290 40.51 41.89 38.06
N ARG D 291 40.29 43.18 37.94
CA ARG D 291 40.14 43.86 36.66
C ARG D 291 41.43 43.84 35.87
N LEU D 292 42.52 43.48 36.54
CA LEU D 292 43.84 43.41 35.90
C LEU D 292 44.43 42.02 36.06
N ALA D 293 43.90 41.24 36.99
CA ALA D 293 44.48 39.92 37.30
C ALA D 293 44.43 39.00 36.09
N PHE D 294 43.22 38.63 35.66
CA PHE D 294 43.09 37.69 34.55
C PHE D 294 43.09 38.23 33.09
N PRO D 295 42.90 39.55 32.90
CA PRO D 295 43.18 40.00 31.53
C PRO D 295 44.62 39.70 31.12
N LEU D 296 45.56 39.88 32.04
CA LEU D 296 46.95 39.52 31.75
C LEU D 296 47.19 38.04 32.04
N GLY D 297 46.29 37.43 32.80
CA GLY D 297 46.31 36.00 33.02
C GLY D 297 45.83 35.28 31.79
N PHE D 298 45.11 36.01 30.95
CA PHE D 298 44.61 35.51 29.68
C PHE D 298 45.73 35.64 28.68
N LEU D 299 46.53 36.69 28.84
CA LEU D 299 47.65 36.93 27.96
C LEU D 299 48.79 35.96 28.25
N ALA D 300 48.75 35.37 29.45
CA ALA D 300 49.70 34.36 29.85
C ALA D 300 49.27 33.01 29.27
N ILE D 301 47.99 32.72 29.38
CA ILE D 301 47.43 31.50 28.79
C ILE D 301 47.43 31.57 27.26
N GLY D 302 47.28 32.78 26.72
CA GLY D 302 47.34 33.00 25.29
C GLY D 302 48.73 32.73 24.73
N CYS D 303 49.74 33.17 25.47
CA CYS D 303 51.14 32.97 25.10
C CYS D 303 51.57 31.51 25.31
N VAL D 304 50.86 30.84 26.21
CA VAL D 304 51.09 29.42 26.50
C VAL D 304 50.54 28.54 25.38
N LEU D 305 49.48 29.02 24.75
CA LEU D 305 48.92 28.35 23.59
C LEU D 305 49.81 28.37 22.35
N VAL D 306 50.77 29.29 22.35
CA VAL D 306 51.78 29.38 21.29
C VAL D 306 52.85 28.31 21.48
N ILE D 307 53.04 27.90 22.72
CA ILE D 307 54.02 26.88 23.03
C ILE D 307 53.49 25.48 22.72
N PRO E 1 50.68 33.06 -45.19
CA PRO E 1 50.09 33.62 -43.98
C PRO E 1 48.61 33.96 -44.14
N VAL E 2 47.73 33.07 -43.68
CA VAL E 2 46.31 33.18 -43.97
C VAL E 2 45.66 34.34 -43.22
N ASP E 3 45.06 35.26 -43.97
CA ASP E 3 44.40 36.42 -43.39
C ASP E 3 43.01 36.06 -42.86
N VAL E 4 42.85 36.11 -41.54
CA VAL E 4 41.57 35.79 -40.91
C VAL E 4 40.83 37.01 -40.34
N SER E 5 39.61 37.25 -40.85
CA SER E 5 38.76 38.33 -40.37
C SER E 5 37.82 37.75 -39.31
N VAL E 6 37.82 38.34 -38.13
CA VAL E 6 36.97 37.87 -37.04
C VAL E 6 35.87 38.86 -36.65
N SER E 7 34.71 38.33 -36.28
CA SER E 7 33.63 39.15 -35.73
C SER E 7 33.06 38.50 -34.48
N ILE E 8 33.01 39.24 -33.38
CA ILE E 8 32.39 38.75 -32.16
C ILE E 8 31.07 39.48 -31.86
N PHE E 9 30.02 38.72 -31.59
CA PHE E 9 28.75 39.30 -31.18
C PHE E 9 28.50 38.95 -29.72
N ILE E 10 28.41 39.96 -28.85
CA ILE E 10 28.18 39.72 -27.43
C ILE E 10 26.70 39.85 -27.08
N ASN E 11 26.09 38.78 -26.61
CA ASN E 11 24.68 38.85 -26.25
C ASN E 11 24.44 39.23 -24.79
N LYS E 12 25.18 38.59 -23.90
CA LYS E 12 24.95 38.71 -22.46
C LYS E 12 26.23 38.53 -21.67
N ILE E 13 26.45 39.41 -20.69
CA ILE E 13 27.54 39.26 -19.73
C ILE E 13 26.98 39.21 -18.32
N TYR E 14 27.15 38.06 -17.67
CA TYR E 14 26.56 37.84 -16.36
C TYR E 14 27.39 36.93 -15.47
N GLY E 15 26.80 36.48 -14.36
CA GLY E 15 27.48 35.51 -13.52
C GLY E 15 28.89 35.77 -13.01
N VAL E 16 29.23 37.00 -12.62
CA VAL E 16 30.57 37.26 -12.10
C VAL E 16 30.85 36.49 -10.80
N ASN E 17 31.91 35.68 -10.82
CA ASN E 17 32.40 35.01 -9.62
C ASN E 17 33.58 35.81 -9.09
N THR E 18 33.34 36.54 -8.00
CA THR E 18 34.37 37.39 -7.43
C THR E 18 35.62 36.68 -6.95
N LEU E 19 35.43 35.53 -6.30
CA LEU E 19 36.55 34.78 -5.77
C LEU E 19 37.45 34.20 -6.86
N GLU E 20 36.82 33.65 -7.89
CA GLU E 20 37.52 33.05 -9.01
C GLU E 20 37.96 34.07 -10.05
N GLN E 21 37.40 35.28 -9.97
CA GLN E 21 37.65 36.36 -10.93
C GLN E 21 37.24 35.87 -12.31
N THR E 22 35.97 35.52 -12.40
CA THR E 22 35.42 34.84 -13.55
C THR E 22 34.12 35.54 -13.92
N TYR E 23 33.75 35.46 -15.19
CA TYR E 23 32.48 35.94 -15.69
C TYR E 23 32.02 35.18 -16.92
N LYS E 24 30.69 35.05 -17.05
CA LYS E 24 30.09 34.31 -18.14
C LYS E 24 29.71 35.17 -19.33
N VAL E 25 30.06 34.72 -20.53
CA VAL E 25 29.71 35.41 -21.77
C VAL E 25 28.98 34.55 -22.78
N ASP E 26 27.81 35.00 -23.23
CA ASP E 26 27.11 34.34 -24.32
C ASP E 26 27.18 35.19 -25.57
N GLY E 27 27.49 34.52 -26.69
CA GLY E 27 27.57 35.19 -27.97
C GLY E 27 27.94 34.30 -29.14
N TYR E 28 28.35 34.94 -30.24
CA TYR E 28 28.66 34.22 -31.47
C TYR E 28 30.05 34.60 -31.96
N ILE E 29 30.74 33.66 -32.58
CA ILE E 29 32.00 33.99 -33.26
C ILE E 29 31.82 33.85 -34.75
N VAL E 30 32.38 34.77 -35.51
CA VAL E 30 32.42 34.62 -36.94
C VAL E 30 33.87 34.74 -37.40
N ALA E 31 34.36 33.73 -38.09
CA ALA E 31 35.72 33.75 -38.64
C ALA E 31 35.67 33.59 -40.15
N GLN E 32 36.39 34.46 -40.87
CA GLN E 32 36.40 34.41 -42.32
C GLN E 32 37.83 34.37 -42.87
N TRP E 33 38.04 33.49 -43.85
CA TRP E 33 39.30 33.42 -44.58
C TRP E 33 39.04 32.96 -46.00
N THR E 34 40.01 33.15 -46.89
CA THR E 34 39.84 32.76 -48.28
C THR E 34 40.72 31.57 -48.63
N GLY E 35 40.05 30.48 -49.01
CA GLY E 35 40.72 29.25 -49.41
C GLY E 35 40.68 29.13 -50.92
N LYS E 36 40.94 27.93 -51.41
CA LYS E 36 40.95 27.71 -52.86
C LYS E 36 39.55 27.52 -53.39
N PRO E 37 39.25 28.18 -54.53
CA PRO E 37 37.90 28.17 -55.11
C PRO E 37 37.25 26.79 -55.18
N ARG E 38 35.99 26.69 -54.82
CA ARG E 38 35.29 25.41 -54.80
C ARG E 38 34.20 25.36 -55.85
N LYS E 39 33.68 24.16 -56.09
CA LYS E 39 32.53 23.94 -56.96
C LYS E 39 31.35 23.61 -56.09
N THR E 40 30.49 24.59 -55.87
CA THR E 40 29.32 24.40 -55.01
C THR E 40 28.11 24.07 -55.87
N PRO E 41 27.18 23.26 -55.32
CA PRO E 41 25.94 22.91 -56.02
C PRO E 41 25.23 24.17 -56.48
N GLY E 42 24.98 24.23 -57.78
CA GLY E 42 24.38 25.40 -58.39
C GLY E 42 25.55 26.35 -58.58
N ASP E 43 25.73 27.26 -57.61
CA ASP E 43 26.83 28.23 -57.63
C ASP E 43 26.71 29.06 -56.36
N LYS E 44 25.55 28.96 -55.71
CA LYS E 44 25.34 29.67 -54.45
C LYS E 44 26.16 29.02 -53.33
N PRO E 45 26.52 29.82 -52.32
CA PRO E 45 27.29 29.30 -51.18
C PRO E 45 26.67 28.07 -50.52
N LEU E 46 27.56 27.14 -50.17
CA LEU E 46 27.15 25.89 -49.54
C LEU E 46 27.15 26.00 -48.02
N ILE E 47 26.04 25.64 -47.40
CA ILE E 47 25.96 25.65 -45.94
C ILE E 47 26.15 24.27 -45.30
N VAL E 48 27.13 24.18 -44.40
CA VAL E 48 27.39 22.94 -43.67
C VAL E 48 27.19 23.16 -42.17
N GLU E 49 26.12 22.60 -41.61
CA GLU E 49 25.83 22.76 -40.19
C GLU E 49 26.40 21.62 -39.34
N ASN E 50 26.26 21.77 -38.03
CA ASN E 50 26.95 21.02 -36.98
C ASN E 50 27.66 19.72 -37.39
N THR E 51 26.97 18.60 -37.24
CA THR E 51 27.56 17.27 -37.48
C THR E 51 28.32 17.12 -38.79
N GLN E 52 27.78 17.69 -39.86
CA GLN E 52 28.42 17.61 -41.16
C GLN E 52 29.78 18.27 -41.28
N ILE E 53 30.12 19.12 -40.33
CA ILE E 53 31.39 19.82 -40.38
C ILE E 53 32.55 18.86 -40.24
N GLU E 54 32.46 17.96 -39.25
CA GLU E 54 33.48 16.95 -39.04
C GLU E 54 33.72 16.15 -40.32
N ARG E 55 32.63 15.79 -40.99
CA ARG E 55 32.69 15.02 -42.23
C ARG E 55 33.53 15.68 -43.32
N TRP E 56 33.44 17.01 -43.38
CA TRP E 56 34.23 17.80 -44.33
C TRP E 56 35.70 17.90 -43.94
N ILE E 57 35.97 17.99 -42.65
CA ILE E 57 37.34 18.05 -42.16
C ILE E 57 38.07 16.76 -42.47
N ASN E 58 37.38 15.64 -42.27
CA ASN E 58 37.91 14.33 -42.59
C ASN E 58 38.33 14.21 -44.05
N ASN E 59 37.59 14.89 -44.92
CA ASN E 59 37.91 14.85 -46.34
C ASN E 59 38.97 15.88 -46.74
N GLY E 60 39.57 16.52 -45.75
CA GLY E 60 40.66 17.46 -46.00
C GLY E 60 40.39 18.94 -45.90
N LEU E 61 39.22 19.32 -45.40
CA LEU E 61 38.90 20.73 -45.20
C LEU E 61 39.74 21.23 -44.02
N TRP E 62 40.49 22.30 -44.27
CA TRP E 62 41.28 22.94 -43.22
C TRP E 62 40.41 23.90 -42.42
N VAL E 63 40.14 23.56 -41.17
CA VAL E 63 39.41 24.42 -40.23
C VAL E 63 40.20 24.60 -38.95
N PRO E 64 40.98 25.69 -38.85
CA PRO E 64 41.88 25.84 -37.71
C PRO E 64 41.19 26.11 -36.39
N ALA E 65 41.65 25.41 -35.35
CA ALA E 65 41.13 25.58 -33.99
C ALA E 65 41.51 26.93 -33.41
N LEU E 66 40.52 27.72 -33.02
CA LEU E 66 40.80 29.01 -32.38
C LEU E 66 40.53 28.94 -30.88
N GLU E 67 41.60 29.02 -30.09
CA GLU E 67 41.47 28.88 -28.65
C GLU E 67 41.14 30.18 -27.92
N PHE E 68 40.26 30.09 -26.92
CA PHE E 68 40.02 31.22 -26.06
C PHE E 68 41.06 31.14 -24.96
N ILE E 69 42.06 32.00 -25.01
CA ILE E 69 43.16 31.96 -24.04
C ILE E 69 42.71 32.04 -22.58
N ASN E 70 41.79 32.94 -22.28
CA ASN E 70 41.40 33.19 -20.89
C ASN E 70 40.12 32.49 -20.50
N VAL E 71 39.79 31.41 -21.19
CA VAL E 71 38.64 30.61 -20.81
C VAL E 71 38.93 29.63 -19.67
N VAL E 72 38.02 29.60 -18.71
CA VAL E 72 38.06 28.65 -17.61
C VAL E 72 37.25 27.41 -17.98
N GLY E 73 37.90 26.27 -18.20
CA GLY E 73 37.17 25.10 -18.63
C GLY E 73 36.93 25.21 -20.12
N SER E 74 35.99 24.45 -20.66
CA SER E 74 35.78 24.54 -22.10
C SER E 74 34.33 24.90 -22.42
N PRO E 75 34.15 25.88 -23.32
CA PRO E 75 32.89 26.57 -23.59
C PRO E 75 31.76 25.61 -23.94
N ASP E 76 30.53 25.96 -23.58
CA ASP E 76 29.39 25.23 -24.08
C ASP E 76 29.22 25.75 -25.51
N THR E 77 29.41 24.89 -26.49
CA THR E 77 29.18 25.25 -27.89
C THR E 77 27.77 24.87 -28.29
N GLY E 78 27.07 25.85 -28.86
CA GLY E 78 25.74 25.63 -29.38
C GLY E 78 25.85 25.17 -30.80
N ASN E 79 25.14 25.84 -31.70
CA ASN E 79 25.13 25.44 -33.10
C ASN E 79 26.37 25.90 -33.83
N LYS E 80 26.90 25.06 -34.72
CA LYS E 80 28.08 25.41 -35.49
C LYS E 80 27.66 25.50 -36.94
N ARG E 81 28.35 26.34 -37.69
CA ARG E 81 28.05 26.54 -39.10
C ARG E 81 29.26 26.81 -39.96
N LEU E 82 29.30 26.21 -41.14
CA LEU E 82 30.31 26.52 -42.14
C LEU E 82 29.60 27.06 -43.37
N MET E 83 30.02 28.22 -43.84
CA MET E 83 29.51 28.73 -45.10
C MET E 83 30.64 28.71 -46.13
N LEU E 84 30.48 27.84 -47.12
CA LEU E 84 31.49 27.67 -48.16
C LEU E 84 31.12 28.36 -49.46
N PHE E 85 31.90 29.38 -49.82
CA PHE E 85 31.63 30.11 -51.04
C PHE E 85 32.42 29.49 -52.20
N PRO E 86 31.91 29.59 -53.43
CA PRO E 86 32.57 29.00 -54.61
C PRO E 86 33.85 29.74 -54.98
N ASP E 87 33.94 31.02 -54.63
CA ASP E 87 35.13 31.81 -54.90
C ASP E 87 36.30 31.45 -53.97
N GLY E 88 36.03 30.58 -53.01
CA GLY E 88 37.08 30.11 -52.12
C GLY E 88 36.84 30.41 -50.66
N ARG E 89 36.38 31.62 -50.39
CA ARG E 89 36.23 32.08 -49.01
C ARG E 89 35.37 31.20 -48.11
N VAL E 90 35.75 31.12 -46.84
CA VAL E 90 35.06 30.26 -45.89
C VAL E 90 34.63 31.04 -44.65
N ILE E 91 33.40 30.85 -44.20
CA ILE E 91 32.89 31.55 -43.01
C ILE E 91 32.40 30.56 -41.95
N TYR E 92 33.05 30.58 -40.78
CA TYR E 92 32.66 29.73 -39.65
C TYR E 92 31.88 30.51 -38.60
N ASN E 93 30.67 30.05 -38.31
CA ASN E 93 29.82 30.78 -37.36
C ASN E 93 29.42 29.80 -36.25
N ALA E 94 29.55 30.22 -34.99
CA ALA E 94 29.19 29.36 -33.86
C ALA E 94 28.75 30.18 -32.65
N ARG E 95 27.73 29.70 -31.93
CA ARG E 95 27.35 30.33 -30.68
C ARG E 95 28.12 29.71 -29.52
N PHE E 96 28.49 30.51 -28.53
CA PHE E 96 29.23 29.99 -27.38
C PHE E 96 28.75 30.56 -26.05
N LEU E 97 28.99 29.80 -25.00
CA LEU E 97 28.85 30.28 -23.64
C LEU E 97 30.02 29.77 -22.83
N GLY E 98 30.80 30.70 -22.30
CA GLY E 98 31.98 30.30 -21.57
C GLY E 98 32.20 31.09 -20.28
N SER E 99 33.04 30.53 -19.42
CA SER E 99 33.54 31.23 -18.25
C SER E 99 34.92 31.78 -18.55
N PHE E 100 35.07 33.09 -18.43
CA PHE E 100 36.35 33.75 -18.72
C PHE E 100 37.06 34.32 -17.50
N SER E 101 38.39 34.31 -17.54
CA SER E 101 39.18 34.77 -16.42
C SER E 101 39.81 36.11 -16.72
N ASN E 102 39.94 36.95 -15.69
CA ASN E 102 40.63 38.22 -15.88
C ASN E 102 41.00 38.72 -14.47
N ASP E 103 42.04 39.54 -14.40
CA ASP E 103 42.39 40.20 -13.16
C ASP E 103 41.25 41.13 -12.74
N MET E 104 40.69 40.90 -11.56
CA MET E 104 39.62 41.77 -11.07
C MET E 104 39.85 42.35 -9.68
N ASP E 105 39.84 43.67 -9.59
CA ASP E 105 40.08 44.36 -8.32
C ASP E 105 38.74 44.75 -7.69
N PHE E 106 38.46 44.24 -6.50
CA PHE E 106 37.18 44.52 -5.86
C PHE E 106 37.31 45.38 -4.59
N ARG E 107 38.49 45.97 -4.40
CA ARG E 107 38.80 46.74 -3.20
C ARG E 107 37.77 47.80 -2.85
N LEU E 108 37.38 48.59 -3.86
CA LEU E 108 36.39 49.64 -3.64
C LEU E 108 34.95 49.26 -3.97
N PHE E 109 34.57 48.05 -3.54
CA PHE E 109 33.20 47.59 -3.67
C PHE E 109 32.38 48.45 -2.73
N PRO E 110 31.14 48.80 -3.12
CA PRO E 110 30.38 48.43 -4.32
C PRO E 110 30.55 49.40 -5.51
N PHE E 111 31.61 50.19 -5.48
CA PHE E 111 31.94 51.15 -6.54
C PHE E 111 33.08 50.67 -7.44
N ASP E 112 33.04 49.40 -7.84
CA ASP E 112 34.11 48.83 -8.65
C ASP E 112 34.05 49.39 -10.04
N ARG E 113 35.21 49.45 -10.69
CA ARG E 113 35.26 49.64 -12.10
C ARG E 113 35.92 48.37 -12.59
N GLN E 114 35.21 47.58 -13.39
CA GLN E 114 35.77 46.37 -13.91
C GLN E 114 35.86 46.38 -15.45
N GLN E 115 36.76 45.57 -16.01
CA GLN E 115 36.82 45.39 -17.46
C GLN E 115 36.87 43.93 -17.91
N PHE E 116 35.88 43.54 -18.70
CA PHE E 116 35.72 42.17 -19.17
C PHE E 116 36.52 41.94 -20.45
N VAL E 117 37.42 40.97 -20.37
CA VAL E 117 38.41 40.76 -21.43
C VAL E 117 38.19 39.43 -22.13
N LEU E 118 38.40 39.41 -23.43
CA LEU E 118 38.38 38.18 -24.22
C LEU E 118 39.69 38.06 -24.97
N GLU E 119 40.34 36.91 -24.87
CA GLU E 119 41.59 36.73 -25.61
C GLU E 119 41.51 35.56 -26.59
N LEU E 120 41.61 35.88 -27.88
CA LEU E 120 41.52 34.88 -28.94
C LEU E 120 42.90 34.66 -29.52
N GLU E 121 43.23 33.41 -29.81
CA GLU E 121 44.51 33.07 -30.40
C GLU E 121 44.44 31.70 -31.05
N PRO E 122 45.04 31.56 -32.24
CA PRO E 122 45.05 30.26 -32.91
C PRO E 122 45.78 29.22 -32.07
N PHE E 123 45.21 28.03 -31.94
CA PHE E 123 45.77 27.04 -31.03
C PHE E 123 47.13 26.53 -31.51
N SER E 124 47.27 26.34 -32.81
CA SER E 124 48.48 25.72 -33.34
C SER E 124 49.21 26.46 -34.47
N TYR E 125 48.53 27.38 -35.13
CA TYR E 125 49.13 28.11 -36.24
C TYR E 125 49.77 29.46 -35.89
N ASN E 126 51.07 29.59 -36.10
CA ASN E 126 51.76 30.86 -35.81
C ASN E 126 51.45 31.99 -36.80
N ASN E 127 51.87 33.20 -36.45
CA ASN E 127 51.70 34.42 -37.25
C ASN E 127 52.05 34.28 -38.72
N GLN E 128 52.97 33.37 -39.03
CA GLN E 128 53.37 33.20 -40.42
C GLN E 128 52.47 32.21 -41.14
N GLN E 129 51.81 31.37 -40.36
CA GLN E 129 50.83 30.42 -40.89
C GLN E 129 49.45 31.07 -40.91
N LEU E 130 49.05 31.64 -39.77
CA LEU E 130 47.72 32.24 -39.62
C LEU E 130 47.82 33.60 -38.95
N ARG E 131 47.21 34.60 -39.57
CA ARG E 131 47.29 35.97 -39.12
C ARG E 131 45.88 36.57 -39.05
N PHE E 132 45.60 37.32 -37.98
CA PHE E 132 44.32 37.99 -37.84
C PHE E 132 44.25 39.32 -38.59
N SER E 133 43.57 39.31 -39.72
CA SER E 133 43.52 40.50 -40.58
C SER E 133 42.80 41.67 -39.92
N ASP E 134 41.62 41.42 -39.37
CA ASP E 134 40.86 42.47 -38.68
C ASP E 134 39.82 41.89 -37.74
N ILE E 135 39.33 42.71 -36.83
CA ILE E 135 38.25 42.29 -35.94
C ILE E 135 37.27 43.41 -35.59
N GLN E 136 35.98 43.12 -35.64
CA GLN E 136 34.97 44.06 -35.18
C GLN E 136 34.12 43.37 -34.11
N VAL E 137 33.82 44.12 -33.05
CA VAL E 137 32.99 43.64 -31.95
C VAL E 137 31.64 44.36 -31.89
N TYR E 138 30.57 43.60 -31.79
CA TYR E 138 29.23 44.17 -31.73
C TYR E 138 28.59 43.91 -30.35
N THR E 139 28.57 44.94 -29.51
CA THR E 139 27.87 44.87 -28.23
C THR E 139 26.49 45.47 -28.33
N GLU E 140 25.54 44.68 -28.82
CA GLU E 140 24.18 45.14 -29.10
C GLU E 140 23.35 45.45 -27.87
N ASN E 141 24.02 45.92 -26.81
CA ASN E 141 23.34 46.30 -25.58
C ASN E 141 23.03 47.79 -25.53
N ILE E 142 22.13 48.15 -24.62
CA ILE E 142 21.65 49.51 -24.38
C ILE E 142 20.47 49.48 -23.43
N ASP E 143 20.08 50.66 -22.95
CA ASP E 143 18.87 50.82 -22.14
C ASP E 143 18.78 50.00 -20.85
N ASN E 144 17.80 50.36 -20.02
CA ASN E 144 17.52 49.69 -18.76
C ASN E 144 18.72 49.43 -17.86
N GLU E 145 19.48 50.47 -17.54
CA GLU E 145 20.68 50.28 -16.74
C GLU E 145 20.29 49.97 -15.30
N GLU E 146 19.20 50.57 -14.83
CA GLU E 146 18.75 50.38 -13.45
C GLU E 146 18.08 49.03 -13.21
N ILE E 147 18.02 48.21 -14.26
CA ILE E 147 17.45 46.88 -14.17
C ILE E 147 18.58 45.84 -14.11
N ASP E 148 19.71 46.18 -14.72
CA ASP E 148 20.86 45.28 -14.74
C ASP E 148 21.91 45.57 -13.67
N GLU E 149 22.64 44.54 -13.28
CA GLU E 149 23.64 44.64 -12.21
C GLU E 149 24.79 45.53 -12.64
N TRP E 150 25.20 45.37 -13.89
CA TRP E 150 26.34 46.11 -14.40
C TRP E 150 25.96 47.10 -15.49
N TRP E 151 26.63 48.25 -15.48
CA TRP E 151 26.39 49.27 -16.50
C TRP E 151 27.57 49.35 -17.46
N ILE E 152 27.35 48.89 -18.69
CA ILE E 152 28.36 48.90 -19.73
C ILE E 152 28.56 50.34 -20.21
N ARG E 153 29.81 50.79 -20.21
CA ARG E 153 30.19 52.18 -20.45
C ARG E 153 30.59 52.48 -21.90
N GLY E 154 31.74 51.96 -22.32
CA GLY E 154 32.24 52.13 -23.66
C GLY E 154 31.51 51.28 -24.69
N LYS E 155 32.13 51.14 -25.85
CA LYS E 155 31.60 50.32 -26.93
C LYS E 155 32.36 49.02 -26.79
N ALA E 156 33.60 48.87 -27.19
CA ALA E 156 34.40 47.64 -26.99
C ALA E 156 35.81 48.03 -27.37
N SER E 157 36.81 47.88 -26.51
CA SER E 157 38.16 48.24 -26.92
C SER E 157 38.76 46.99 -27.58
N THR E 158 39.47 47.18 -28.68
CA THR E 158 40.08 46.10 -29.47
C THR E 158 41.56 46.26 -29.75
N HIS E 159 42.28 45.15 -29.64
CA HIS E 159 43.71 45.13 -29.90
C HIS E 159 44.22 43.83 -30.48
N ILE E 160 44.68 43.90 -31.73
CA ILE E 160 45.38 42.78 -32.34
C ILE E 160 46.87 42.96 -32.12
N SER E 161 47.51 41.92 -31.59
CA SER E 161 48.92 41.99 -31.23
C SER E 161 49.59 40.65 -31.53
N ASP E 162 50.90 40.59 -31.35
CA ASP E 162 51.65 39.36 -31.58
C ASP E 162 52.37 38.90 -30.32
N ILE E 163 51.97 37.73 -29.83
CA ILE E 163 52.50 37.21 -28.58
C ILE E 163 53.64 36.24 -28.85
N ARG E 164 54.79 36.53 -28.23
CA ARG E 164 55.98 35.69 -28.34
C ARG E 164 56.09 34.72 -27.18
N TYR E 165 56.26 33.46 -27.53
CA TYR E 165 56.55 32.38 -26.59
C TYR E 165 58.02 32.03 -26.66
N ASP E 166 58.71 32.01 -25.51
CA ASP E 166 60.16 31.86 -25.53
C ASP E 166 60.60 30.40 -25.50
N HIS E 167 59.77 29.53 -24.93
CA HIS E 167 60.09 28.12 -24.82
C HIS E 167 59.05 27.37 -25.58
N LEU E 168 59.39 27.02 -26.79
CA LEU E 168 58.45 26.26 -27.51
C LEU E 168 59.13 25.05 -28.02
N SER E 169 58.54 24.58 -29.09
CA SER E 169 58.87 23.34 -29.72
C SER E 169 60.27 23.50 -30.29
N SER E 170 60.77 22.44 -30.90
CA SER E 170 62.10 22.48 -31.50
C SER E 170 62.14 23.37 -32.75
N VAL E 171 61.45 24.50 -32.71
CA VAL E 171 61.48 25.47 -33.79
C VAL E 171 62.25 26.73 -33.40
N GLN E 172 63.23 27.11 -34.22
CA GLN E 172 64.12 28.23 -33.90
C GLN E 172 64.11 29.53 -34.74
N PRO E 173 63.73 29.46 -36.03
CA PRO E 173 63.74 30.67 -36.88
C PRO E 173 62.97 31.82 -36.31
N ASN E 174 61.66 31.69 -36.46
CA ASN E 174 60.82 32.75 -35.99
C ASN E 174 59.36 32.33 -35.85
N GLN E 175 59.13 31.02 -35.85
CA GLN E 175 57.75 30.56 -35.66
C GLN E 175 57.45 30.51 -34.18
N ASN E 176 57.26 31.70 -33.60
CA ASN E 176 57.00 31.82 -32.18
C ASN E 176 56.14 32.99 -31.74
N GLU E 177 55.63 33.76 -32.70
CA GLU E 177 54.77 34.90 -32.41
C GLU E 177 53.32 34.81 -32.84
N PHE E 178 52.61 33.82 -32.33
CA PHE E 178 51.18 33.70 -32.54
C PHE E 178 50.48 35.04 -32.38
N SER E 179 49.55 35.31 -33.29
CA SER E 179 48.79 36.54 -33.21
C SER E 179 47.57 36.42 -32.32
N ARG E 180 47.39 37.40 -31.44
CA ARG E 180 46.33 37.36 -30.47
C ARG E 180 45.38 38.54 -30.60
N ILE E 181 44.09 38.25 -30.46
CA ILE E 181 43.08 39.29 -30.39
C ILE E 181 42.66 39.49 -28.95
N THR E 182 42.67 40.75 -28.51
CA THR E 182 42.25 41.07 -27.16
C THR E 182 41.09 42.06 -27.18
N VAL E 183 39.92 41.63 -26.71
CA VAL E 183 38.76 42.50 -26.60
C VAL E 183 38.57 43.01 -25.17
N ARG E 184 38.39 44.31 -24.99
CA ARG E 184 38.13 44.84 -23.66
C ARG E 184 36.80 45.60 -23.58
N ILE E 185 35.98 45.25 -22.58
CA ILE E 185 34.73 45.94 -22.31
C ILE E 185 34.73 46.51 -20.91
N ASP E 186 34.66 47.84 -20.80
CA ASP E 186 34.61 48.49 -19.51
C ASP E 186 33.19 48.44 -18.92
N ALA E 187 33.11 48.27 -17.60
CA ALA E 187 31.81 48.21 -16.90
C ALA E 187 31.84 48.80 -15.49
N VAL E 188 30.71 49.34 -15.06
CA VAL E 188 30.57 49.88 -13.71
C VAL E 188 29.44 49.20 -12.95
N ARG E 189 29.67 48.92 -11.67
CA ARG E 189 28.67 48.24 -10.84
C ARG E 189 27.52 49.17 -10.48
N ASN E 190 26.30 48.63 -10.48
CA ASN E 190 25.10 49.36 -10.03
C ASN E 190 25.07 49.40 -8.51
N PRO E 191 25.49 50.54 -7.93
CA PRO E 191 25.70 50.64 -6.48
C PRO E 191 24.44 50.98 -5.70
N SER E 192 23.30 51.11 -6.37
CA SER E 192 22.04 51.47 -5.72
C SER E 192 21.69 50.55 -4.56
N TYR E 193 21.66 49.24 -4.81
CA TYR E 193 21.20 48.30 -3.81
C TYR E 193 22.01 48.36 -2.53
N TYR E 194 23.33 48.38 -2.71
CA TYR E 194 24.25 48.36 -1.59
C TYR E 194 24.25 49.69 -0.81
N LEU E 195 23.94 50.78 -1.49
CA LEU E 195 23.89 52.07 -0.83
C LEU E 195 22.69 52.17 0.11
N TRP E 196 21.52 51.88 -0.43
CA TRP E 196 20.28 51.99 0.31
C TRP E 196 20.09 50.92 1.38
N SER E 197 20.45 49.69 1.05
CA SER E 197 20.21 48.55 1.96
C SER E 197 21.39 48.21 2.87
N PHE E 198 22.57 48.76 2.57
CA PHE E 198 23.74 48.42 3.38
C PHE E 198 24.41 49.65 3.99
N ILE E 199 24.81 50.60 3.14
CA ILE E 199 25.52 51.79 3.60
C ILE E 199 24.66 52.66 4.49
N LEU E 200 23.48 53.01 4.00
CA LEU E 200 22.55 53.88 4.72
C LEU E 200 22.27 53.38 6.15
N PRO E 201 21.72 52.14 6.30
CA PRO E 201 21.43 51.76 7.68
C PRO E 201 22.66 51.57 8.56
N LEU E 202 23.76 51.12 7.97
CA LEU E 202 25.02 50.99 8.70
C LEU E 202 25.42 52.37 9.26
N GLY E 203 25.18 53.41 8.47
CA GLY E 203 25.45 54.78 8.88
C GLY E 203 24.61 55.15 10.08
N LEU E 204 23.32 54.80 10.01
CA LEU E 204 22.40 55.08 11.10
C LEU E 204 22.79 54.36 12.39
N ILE E 205 23.28 53.14 12.25
CA ILE E 205 23.80 52.41 13.40
C ILE E 205 24.97 53.12 14.07
N ILE E 206 25.96 53.51 13.26
CA ILE E 206 27.13 54.22 13.76
C ILE E 206 26.71 55.53 14.39
N ALA E 207 25.78 56.24 13.76
CA ALA E 207 25.35 57.51 14.31
C ALA E 207 24.63 57.28 15.64
N ALA E 208 23.71 56.32 15.67
CA ALA E 208 22.95 56.03 16.88
C ALA E 208 23.86 55.49 17.97
N SER E 209 24.99 54.91 17.57
CA SER E 209 25.99 54.44 18.52
C SER E 209 26.46 55.57 19.43
N TRP E 210 26.59 56.76 18.85
CA TRP E 210 27.11 57.91 19.58
C TRP E 210 26.11 58.48 20.56
N SER E 211 24.85 58.06 20.43
CA SER E 211 23.82 58.55 21.30
C SER E 211 23.88 57.96 22.70
N VAL E 212 24.87 57.10 22.92
CA VAL E 212 25.08 56.48 24.23
C VAL E 212 25.47 57.54 25.27
N PHE E 213 26.08 58.64 24.80
CA PHE E 213 26.58 59.68 25.70
C PHE E 213 25.47 60.58 26.26
N TRP E 214 24.31 60.54 25.63
CA TRP E 214 23.16 61.28 26.14
C TRP E 214 22.46 60.60 27.32
N LEU E 215 22.97 59.43 27.69
CA LEU E 215 22.45 58.72 28.86
C LEU E 215 23.01 59.29 30.16
N GLU E 216 22.15 59.37 31.16
CA GLU E 216 22.50 60.03 32.41
C GLU E 216 23.44 59.23 33.30
N SER E 217 23.00 58.01 33.67
CA SER E 217 23.84 57.17 34.52
C SER E 217 25.01 56.55 33.80
N PHE E 218 26.03 56.20 34.59
CA PHE E 218 27.19 55.47 34.12
C PHE E 218 26.85 54.02 33.77
N SER E 219 26.04 53.38 34.62
CA SER E 219 25.60 52.03 34.37
C SER E 219 24.79 51.92 33.09
N GLU E 220 23.94 52.92 32.86
CA GLU E 220 23.16 53.03 31.63
C GLU E 220 24.08 53.16 30.44
N ARG E 221 25.02 54.11 30.53
CA ARG E 221 25.97 54.35 29.46
C ARG E 221 26.78 53.13 29.09
N LEU E 222 27.23 52.38 30.09
CA LEU E 222 28.06 51.22 29.84
C LEU E 222 27.27 50.01 29.33
N GLN E 223 26.22 49.62 30.04
CA GLN E 223 25.47 48.41 29.68
C GLN E 223 24.89 48.50 28.27
N THR E 224 24.41 49.67 27.90
CA THR E 224 23.79 49.88 26.59
C THR E 224 24.77 49.67 25.43
N SER E 225 26.04 49.96 25.65
CA SER E 225 27.09 49.80 24.64
C SER E 225 27.34 48.32 24.28
N PHE E 226 26.99 47.41 25.19
CA PHE E 226 27.13 45.97 24.97
C PHE E 226 26.06 45.45 24.02
N THR E 227 24.89 46.07 24.09
CA THR E 227 23.83 45.78 23.14
C THR E 227 24.29 46.36 21.80
N LEU E 228 24.95 47.52 21.87
CA LEU E 228 25.39 48.24 20.67
C LEU E 228 26.47 47.45 19.96
N MET E 229 27.34 46.83 20.74
CA MET E 229 28.39 45.99 20.21
C MET E 229 27.76 44.82 19.49
N LEU E 230 26.79 44.20 20.15
CA LEU E 230 26.07 43.04 19.66
C LEU E 230 25.28 43.36 18.40
N THR E 231 24.80 44.60 18.30
CA THR E 231 24.14 45.04 17.09
C THR E 231 25.08 45.09 15.89
N VAL E 232 26.29 45.59 16.08
CA VAL E 232 27.28 45.63 15.00
C VAL E 232 27.69 44.24 14.50
N VAL E 233 27.81 43.31 15.44
CA VAL E 233 28.06 41.91 15.12
C VAL E 233 26.96 41.35 14.24
N ALA E 234 25.71 41.56 14.64
CA ALA E 234 24.58 41.08 13.88
C ALA E 234 24.60 41.68 12.48
N TYR E 235 25.01 42.93 12.37
CA TYR E 235 25.07 43.58 11.06
C TYR E 235 26.21 43.05 10.19
N ALA E 236 27.36 42.77 10.81
CA ALA E 236 28.50 42.20 10.11
C ALA E 236 28.04 40.89 9.48
N PHE E 237 27.27 40.14 10.25
CA PHE E 237 26.78 38.84 9.83
C PHE E 237 25.87 39.02 8.64
N TYR E 238 24.88 39.89 8.78
CA TYR E 238 23.93 40.21 7.72
C TYR E 238 24.66 40.65 6.46
N THR E 239 25.68 41.49 6.63
CA THR E 239 26.51 41.93 5.51
C THR E 239 27.27 40.79 4.84
N SER E 240 28.01 40.04 5.64
CA SER E 240 28.85 38.94 5.17
C SER E 240 28.07 37.85 4.47
N ASN E 241 26.88 37.54 4.96
CA ASN E 241 26.07 36.48 4.36
C ASN E 241 25.57 36.83 2.97
N ILE E 242 25.39 38.11 2.71
CA ILE E 242 24.82 38.55 1.44
C ILE E 242 25.88 39.02 0.45
N LEU E 243 26.82 39.83 0.92
CA LEU E 243 27.93 40.29 0.08
C LEU E 243 28.82 39.15 -0.48
N PRO E 244 29.51 39.43 -1.59
CA PRO E 244 30.41 38.47 -2.28
C PRO E 244 31.64 38.13 -1.44
N ARG E 245 32.08 36.88 -1.46
CA ARG E 245 33.26 36.50 -0.69
C ARG E 245 34.53 37.00 -1.36
N LEU E 246 35.39 37.63 -0.56
CA LEU E 246 36.65 38.17 -1.07
C LEU E 246 37.82 37.84 -0.14
N PRO E 247 39.04 37.87 -0.67
CA PRO E 247 40.20 37.62 0.20
C PRO E 247 40.76 38.94 0.74
N TYR E 248 40.01 40.03 0.60
CA TYR E 248 40.45 41.32 1.13
C TYR E 248 39.26 42.15 1.58
N THR E 249 39.54 43.20 2.37
CA THR E 249 38.46 44.01 2.92
C THR E 249 37.95 45.01 1.89
N THR E 250 36.64 45.25 1.90
CA THR E 250 36.06 46.29 1.04
C THR E 250 35.83 47.56 1.84
N VAL E 251 35.21 48.54 1.19
CA VAL E 251 34.87 49.79 1.84
C VAL E 251 33.90 49.50 2.99
N ILE E 252 32.87 48.72 2.67
CA ILE E 252 31.86 48.34 3.67
C ILE E 252 32.51 47.61 4.84
N ASP E 253 33.47 46.74 4.54
CA ASP E 253 34.15 45.98 5.58
C ASP E 253 34.88 46.94 6.51
N GLN E 254 35.46 47.99 5.93
CA GLN E 254 36.15 49.01 6.69
C GLN E 254 35.19 49.79 7.58
N MET E 255 34.00 50.09 7.05
CA MET E 255 32.97 50.76 7.83
C MET E 255 32.59 49.92 9.05
N ILE E 256 32.49 48.62 8.84
CA ILE E 256 32.18 47.72 9.95
C ILE E 256 33.23 47.80 11.05
N ILE E 257 34.50 47.68 10.67
CA ILE E 257 35.61 47.80 11.62
C ILE E 257 35.52 49.14 12.34
N ALA E 258 35.19 50.20 11.60
CA ALA E 258 35.05 51.52 12.18
C ALA E 258 33.96 51.50 13.24
N GLY E 259 32.91 50.73 12.99
CA GLY E 259 31.81 50.62 13.91
C GLY E 259 32.27 49.99 15.22
N TYR E 260 33.06 48.94 15.11
CA TYR E 260 33.60 48.26 16.28
C TYR E 260 34.47 49.24 17.05
N GLY E 261 35.31 49.98 16.33
CA GLY E 261 36.23 50.91 16.96
C GLY E 261 35.51 52.00 17.72
N SER E 262 34.49 52.60 17.09
CA SER E 262 33.72 53.68 17.71
C SER E 262 33.15 53.22 19.06
N ILE E 263 32.54 52.04 19.05
CA ILE E 263 31.94 51.49 20.27
C ILE E 263 32.99 51.14 21.33
N PHE E 264 34.10 50.55 20.90
CA PHE E 264 35.17 50.21 21.82
C PHE E 264 35.80 51.47 22.41
N ALA E 265 35.96 52.49 21.57
CA ALA E 265 36.54 53.75 21.99
C ALA E 265 35.62 54.38 23.04
N ALA E 266 34.32 54.28 22.78
CA ALA E 266 33.32 54.80 23.70
C ALA E 266 33.34 54.06 25.03
N ILE E 267 33.50 52.74 24.96
CA ILE E 267 33.61 51.92 26.15
C ILE E 267 34.76 52.39 27.03
N LEU E 268 35.90 52.64 26.41
CA LEU E 268 37.09 53.11 27.10
C LEU E 268 36.89 54.46 27.78
N LEU E 269 36.32 55.40 27.03
CA LEU E 269 36.04 56.74 27.55
C LEU E 269 35.03 56.71 28.70
N ILE E 270 33.99 55.90 28.55
CA ILE E 270 32.95 55.77 29.56
C ILE E 270 33.58 55.33 30.88
N ILE E 271 34.35 54.24 30.83
CA ILE E 271 35.02 53.72 32.01
C ILE E 271 35.99 54.78 32.55
N PHE E 272 36.68 55.46 31.63
CA PHE E 272 37.67 56.46 31.98
C PHE E 272 37.07 57.65 32.73
N ALA E 273 36.02 58.22 32.13
CA ALA E 273 35.25 59.30 32.75
C ALA E 273 34.90 59.02 34.19
N HIS E 274 34.42 57.81 34.45
CA HIS E 274 33.95 57.43 35.77
C HIS E 274 35.07 57.28 36.79
N HIS E 275 36.17 56.67 36.38
CA HIS E 275 37.27 56.39 37.28
C HIS E 275 38.43 57.40 37.29
N ARG E 276 38.52 58.24 36.27
CA ARG E 276 39.48 59.34 36.27
C ARG E 276 38.85 60.48 37.05
N GLN E 277 39.14 60.56 38.34
CA GLN E 277 38.42 61.44 39.23
C GLN E 277 39.32 62.04 40.30
N ALA E 278 38.74 62.90 41.12
CA ALA E 278 39.42 63.47 42.26
C ALA E 278 38.64 63.15 43.52
N ASN E 279 37.77 62.16 43.39
CA ASN E 279 36.94 61.67 44.47
C ASN E 279 36.52 60.22 44.28
N GLY E 280 35.83 59.96 43.18
CA GLY E 280 35.33 58.63 42.90
C GLY E 280 34.29 58.69 41.80
N VAL E 281 33.36 59.65 41.92
CA VAL E 281 32.36 59.82 40.90
C VAL E 281 32.46 61.12 40.12
N GLU E 282 33.65 61.70 40.07
CA GLU E 282 33.85 62.90 39.28
C GLU E 282 33.86 62.57 37.79
N ASP E 283 32.68 62.46 37.18
CA ASP E 283 32.58 62.18 35.76
C ASP E 283 32.84 63.48 35.02
N ASP E 284 33.98 63.57 34.34
CA ASP E 284 34.37 64.83 33.73
C ASP E 284 33.28 65.47 32.87
N LEU E 285 32.72 66.55 33.41
CA LEU E 285 31.58 67.28 32.84
C LEU E 285 31.67 67.53 31.34
N LEU E 286 32.89 67.67 30.85
CA LEU E 286 33.16 67.91 29.44
C LEU E 286 33.36 66.60 28.67
N ILE E 287 33.96 65.61 29.30
CA ILE E 287 34.30 64.39 28.59
C ILE E 287 33.04 63.52 28.44
N GLN E 288 32.12 63.64 29.38
CA GLN E 288 30.83 62.96 29.32
C GLN E 288 30.06 63.66 28.21
N ARG E 289 30.35 64.94 28.02
CA ARG E 289 29.67 65.70 26.97
C ARG E 289 30.50 65.77 25.69
N CYS E 290 31.29 64.73 25.44
CA CYS E 290 31.88 64.49 24.11
C CYS E 290 30.82 63.88 23.19
N ARG E 291 29.57 64.26 23.39
CA ARG E 291 28.48 63.90 22.51
C ARG E 291 28.61 64.53 21.13
N LEU E 292 29.51 65.49 21.01
CA LEU E 292 29.76 66.16 19.75
C LEU E 292 31.23 66.09 19.33
N ALA E 293 32.11 65.75 20.27
CA ALA E 293 33.54 65.69 19.99
C ALA E 293 33.89 64.64 18.94
N PHE E 294 33.67 63.37 19.25
CA PHE E 294 34.03 62.31 18.32
C PHE E 294 33.03 61.85 17.23
N PRO E 295 31.75 62.25 17.32
CA PRO E 295 30.94 62.07 16.11
C PRO E 295 31.50 62.81 14.90
N LEU E 296 32.00 64.02 15.13
CA LEU E 296 32.65 64.77 14.07
C LEU E 296 34.11 64.40 13.94
N GLY E 297 34.65 63.82 15.02
CA GLY E 297 35.99 63.31 15.01
C GLY E 297 36.02 62.04 14.18
N PHE E 298 34.87 61.39 14.08
CA PHE E 298 34.77 60.19 13.26
C PHE E 298 34.60 60.65 11.82
N LEU E 299 33.97 61.79 11.63
CA LEU E 299 33.75 62.35 10.31
C LEU E 299 35.06 62.90 9.74
N ALA E 300 36.01 63.15 10.62
CA ALA E 300 37.36 63.58 10.28
C ALA E 300 38.18 62.36 9.89
N ILE E 301 38.06 61.29 10.68
CA ILE E 301 38.75 60.05 10.38
C ILE E 301 38.17 59.37 9.14
N GLY E 302 36.87 59.55 8.96
CA GLY E 302 36.16 59.05 7.80
C GLY E 302 36.58 59.72 6.51
N CYS E 303 36.83 61.03 6.60
CA CYS E 303 37.32 61.80 5.47
C CYS E 303 38.80 61.58 5.23
N VAL E 304 39.50 61.15 6.27
CA VAL E 304 40.90 60.78 6.15
C VAL E 304 41.13 59.44 5.47
N LEU E 305 40.14 58.56 5.61
CA LEU E 305 40.11 57.28 4.90
C LEU E 305 39.97 57.43 3.40
N VAL E 306 39.46 58.58 2.96
CA VAL E 306 39.30 58.86 1.54
C VAL E 306 40.64 59.25 0.95
N ILE E 307 41.48 59.87 1.77
CA ILE E 307 42.80 60.27 1.33
C ILE E 307 43.74 59.07 1.16
N PRO F 1 -64.46 2.45 13.87
CA PRO F 1 -63.58 1.32 14.26
C PRO F 1 -63.98 0.05 13.53
N VAL F 2 -63.21 -0.31 12.51
CA VAL F 2 -63.55 -1.42 11.63
C VAL F 2 -63.38 -2.78 12.30
N ASP F 3 -64.48 -3.54 12.37
CA ASP F 3 -64.43 -4.86 12.98
C ASP F 3 -63.87 -5.89 12.00
N VAL F 4 -62.71 -6.43 12.35
CA VAL F 4 -62.05 -7.46 11.54
C VAL F 4 -62.09 -8.86 12.15
N SER F 5 -62.62 -9.80 11.39
CA SER F 5 -62.68 -11.20 11.80
C SER F 5 -61.56 -11.96 11.11
N VAL F 6 -60.74 -12.64 11.90
CA VAL F 6 -59.57 -13.31 11.37
C VAL F 6 -59.68 -14.83 11.53
N SER F 7 -59.15 -15.56 10.56
CA SER F 7 -59.05 -17.00 10.67
C SER F 7 -57.68 -17.46 10.20
N ILE F 8 -56.99 -18.23 11.05
CA ILE F 8 -55.68 -18.80 10.71
C ILE F 8 -55.76 -20.31 10.52
N PHE F 9 -55.26 -20.80 9.39
CA PHE F 9 -55.17 -22.24 9.15
C PHE F 9 -53.71 -22.66 9.15
N ILE F 10 -53.32 -23.49 10.10
CA ILE F 10 -51.94 -23.95 10.23
C ILE F 10 -51.74 -25.29 9.53
N ASN F 11 -50.87 -25.35 8.54
CA ASN F 11 -50.69 -26.60 7.82
C ASN F 11 -49.52 -27.38 8.40
N LYS F 12 -48.39 -26.71 8.61
CA LYS F 12 -47.16 -27.39 8.99
C LYS F 12 -46.30 -26.51 9.90
N ILE F 13 -45.80 -27.09 10.98
CA ILE F 13 -44.82 -26.40 11.81
C ILE F 13 -43.53 -27.21 11.86
N TYR F 14 -42.44 -26.63 11.33
CA TYR F 14 -41.19 -27.35 11.19
C TYR F 14 -39.98 -26.44 11.28
N GLY F 15 -38.80 -27.00 11.01
CA GLY F 15 -37.55 -26.26 10.95
C GLY F 15 -37.22 -25.36 12.13
N VAL F 16 -37.21 -25.91 13.34
CA VAL F 16 -36.85 -25.12 14.53
C VAL F 16 -35.36 -24.81 14.56
N ASN F 17 -35.02 -23.52 14.57
CA ASN F 17 -33.63 -23.09 14.73
C ASN F 17 -33.39 -22.77 16.20
N THR F 18 -32.74 -23.68 16.92
CA THR F 18 -32.54 -23.53 18.35
C THR F 18 -31.76 -22.27 18.73
N LEU F 19 -30.69 -21.97 18.00
CA LEU F 19 -29.86 -20.80 18.30
C LEU F 19 -30.61 -19.50 18.09
N GLU F 20 -31.33 -19.43 16.98
CA GLU F 20 -32.08 -18.24 16.63
C GLU F 20 -33.42 -18.15 17.32
N GLN F 21 -33.83 -19.26 17.96
CA GLN F 21 -35.15 -19.32 18.58
C GLN F 21 -36.22 -19.01 17.54
N THR F 22 -36.24 -19.84 16.49
CA THR F 22 -37.00 -19.55 15.30
C THR F 22 -37.70 -20.85 14.88
N TYR F 23 -38.84 -20.72 14.21
CA TYR F 23 -39.54 -21.87 13.65
C TYR F 23 -40.32 -21.43 12.42
N LYS F 24 -40.51 -22.39 11.52
CA LYS F 24 -41.21 -22.14 10.27
C LYS F 24 -42.68 -22.53 10.32
N VAL F 25 -43.55 -21.70 9.76
CA VAL F 25 -44.97 -22.03 9.70
C VAL F 25 -45.56 -21.85 8.30
N ASP F 26 -46.24 -22.88 7.82
CA ASP F 26 -46.98 -22.78 6.57
C ASP F 26 -48.46 -22.76 6.88
N GLY F 27 -49.18 -21.86 6.23
CA GLY F 27 -50.62 -21.79 6.42
C GLY F 27 -51.30 -20.69 5.63
N TYR F 28 -52.53 -20.39 6.01
CA TYR F 28 -53.37 -19.43 5.32
C TYR F 28 -53.92 -18.40 6.30
N ILE F 29 -54.10 -17.17 5.83
CA ILE F 29 -54.78 -16.18 6.66
C ILE F 29 -56.06 -15.77 5.97
N VAL F 30 -57.13 -15.67 6.76
CA VAL F 30 -58.38 -15.15 6.26
C VAL F 30 -58.73 -13.93 7.10
N ALA F 31 -58.93 -12.79 6.46
CA ALA F 31 -59.39 -11.59 7.14
C ALA F 31 -60.71 -11.10 6.54
N GLN F 32 -61.68 -10.81 7.40
CA GLN F 32 -62.97 -10.34 6.91
C GLN F 32 -63.42 -9.05 7.59
N TRP F 33 -63.95 -8.13 6.81
CA TRP F 33 -64.52 -6.90 7.35
C TRP F 33 -65.65 -6.47 6.43
N THR F 34 -66.48 -5.54 6.90
CA THR F 34 -67.56 -5.07 6.05
C THR F 34 -67.37 -3.63 5.56
N GLY F 35 -67.33 -3.45 4.24
CA GLY F 35 -67.14 -2.11 3.71
C GLY F 35 -68.48 -1.63 3.18
N LYS F 36 -68.46 -0.60 2.34
CA LYS F 36 -69.68 -0.08 1.72
C LYS F 36 -70.10 -1.03 0.59
N PRO F 37 -71.40 -1.31 0.48
CA PRO F 37 -72.00 -2.17 -0.55
C PRO F 37 -71.52 -1.85 -1.96
N ARG F 38 -71.21 -2.91 -2.71
CA ARG F 38 -70.66 -2.75 -4.04
C ARG F 38 -71.65 -3.27 -5.08
N LYS F 39 -71.41 -2.95 -6.34
CA LYS F 39 -72.20 -3.52 -7.42
C LYS F 39 -71.33 -4.52 -8.17
N THR F 40 -71.53 -5.80 -7.89
CA THR F 40 -70.75 -6.86 -8.51
C THR F 40 -71.44 -7.39 -9.78
N PRO F 41 -70.64 -7.85 -10.76
CA PRO F 41 -71.16 -8.42 -12.00
C PRO F 41 -72.15 -9.53 -11.71
N GLY F 42 -73.37 -9.38 -12.20
CA GLY F 42 -74.41 -10.31 -11.84
C GLY F 42 -74.99 -9.93 -10.51
N ASP F 43 -74.47 -10.56 -9.46
CA ASP F 43 -74.79 -10.22 -8.08
C ASP F 43 -73.99 -11.11 -7.16
N LYS F 44 -73.42 -12.13 -7.74
CA LYS F 44 -72.57 -13.03 -6.99
C LYS F 44 -71.28 -12.34 -6.54
N PRO F 45 -70.63 -12.81 -5.47
CA PRO F 45 -69.34 -12.27 -5.01
C PRO F 45 -68.27 -12.20 -6.11
N LEU F 46 -67.51 -11.12 -6.13
CA LEU F 46 -66.47 -10.91 -7.12
C LEU F 46 -65.13 -11.43 -6.59
N ILE F 47 -64.46 -12.27 -7.37
CA ILE F 47 -63.14 -12.77 -6.96
C ILE F 47 -61.98 -12.05 -7.64
N VAL F 48 -61.05 -11.54 -6.84
CA VAL F 48 -59.88 -10.82 -7.36
C VAL F 48 -58.64 -11.56 -6.89
N GLU F 49 -57.91 -12.18 -7.81
CA GLU F 49 -56.71 -12.91 -7.42
C GLU F 49 -55.44 -12.09 -7.65
N ASN F 50 -54.32 -12.67 -7.20
CA ASN F 50 -53.04 -11.99 -7.05
C ASN F 50 -52.80 -10.60 -7.64
N THR F 51 -52.21 -10.57 -8.83
CA THR F 51 -51.86 -9.33 -9.54
C THR F 51 -52.99 -8.28 -9.54
N GLN F 52 -54.22 -8.71 -9.80
CA GLN F 52 -55.38 -7.80 -9.88
C GLN F 52 -55.71 -7.06 -8.60
N ILE F 53 -55.17 -7.51 -7.47
CA ILE F 53 -55.46 -6.89 -6.18
C ILE F 53 -54.87 -5.48 -6.17
N GLU F 54 -53.62 -5.36 -6.61
CA GLU F 54 -52.96 -4.07 -6.65
C GLU F 54 -53.78 -3.07 -7.44
N ARG F 55 -54.26 -3.51 -8.61
CA ARG F 55 -55.08 -2.67 -9.48
C ARG F 55 -56.30 -2.10 -8.77
N TRP F 56 -56.90 -2.89 -7.89
CA TRP F 56 -58.07 -2.42 -7.13
C TRP F 56 -57.71 -1.42 -6.06
N ILE F 57 -56.58 -1.66 -5.39
CA ILE F 57 -56.10 -0.75 -4.36
C ILE F 57 -55.81 0.63 -4.95
N ASN F 58 -55.17 0.64 -6.13
CA ASN F 58 -54.90 1.87 -6.86
C ASN F 58 -56.17 2.66 -7.12
N ASN F 59 -57.28 1.96 -7.35
CA ASN F 59 -58.54 2.64 -7.59
C ASN F 59 -59.30 3.01 -6.33
N GLY F 60 -58.63 2.86 -5.19
CA GLY F 60 -59.16 3.32 -3.92
C GLY F 60 -59.68 2.26 -2.97
N LEU F 61 -59.45 0.98 -3.28
CA LEU F 61 -59.88 -0.07 -2.37
C LEU F 61 -59.00 -0.06 -1.13
N TRP F 62 -59.62 0.02 0.03
CA TRP F 62 -58.89 -0.02 1.29
C TRP F 62 -58.58 -1.45 1.70
N VAL F 63 -57.30 -1.82 1.64
CA VAL F 63 -56.85 -3.12 2.13
C VAL F 63 -55.71 -2.96 3.13
N PRO F 64 -56.03 -2.97 4.43
CA PRO F 64 -55.06 -2.65 5.49
C PRO F 64 -53.98 -3.72 5.63
N ALA F 65 -52.73 -3.27 5.75
CA ALA F 65 -51.60 -4.20 5.90
C ALA F 65 -51.53 -4.79 7.30
N LEU F 66 -51.63 -6.11 7.41
CA LEU F 66 -51.54 -6.75 8.72
C LEU F 66 -50.15 -7.35 8.94
N GLU F 67 -49.41 -6.77 9.88
CA GLU F 67 -48.03 -7.20 10.12
C GLU F 67 -47.93 -8.39 11.08
N PHE F 68 -47.05 -9.33 10.76
CA PHE F 68 -46.71 -10.40 11.69
C PHE F 68 -45.63 -9.85 12.63
N ILE F 69 -45.99 -9.51 13.86
CA ILE F 69 -45.06 -8.89 14.79
C ILE F 69 -43.79 -9.71 15.00
N ASN F 70 -43.93 -11.02 15.19
CA ASN F 70 -42.77 -11.84 15.55
C ASN F 70 -42.15 -12.58 14.36
N VAL F 71 -42.35 -12.06 13.16
CA VAL F 71 -41.73 -12.66 11.99
C VAL F 71 -40.29 -12.21 11.80
N VAL F 72 -39.43 -13.18 11.54
CA VAL F 72 -38.05 -12.91 11.19
C VAL F 72 -37.94 -12.78 9.68
N GLY F 73 -37.63 -11.59 9.17
CA GLY F 73 -37.56 -11.44 7.73
C GLY F 73 -38.95 -11.16 7.23
N SER F 74 -39.21 -11.45 5.97
CA SER F 74 -40.54 -11.23 5.47
C SER F 74 -41.03 -12.45 4.72
N PRO F 75 -42.26 -12.86 5.03
CA PRO F 75 -42.83 -14.17 4.65
C PRO F 75 -42.81 -14.41 3.16
N ASP F 76 -42.74 -15.69 2.78
CA ASP F 76 -42.95 -16.06 1.40
C ASP F 76 -44.46 -16.09 1.27
N THR F 77 -44.99 -15.16 0.48
CA THR F 77 -46.41 -15.15 0.18
C THR F 77 -46.70 -15.94 -1.09
N GLY F 78 -47.58 -16.93 -0.97
CA GLY F 78 -48.06 -17.67 -2.11
C GLY F 78 -49.14 -16.89 -2.84
N ASN F 79 -50.28 -17.54 -3.03
CA ASN F 79 -51.38 -16.96 -3.76
C ASN F 79 -52.18 -16.01 -2.87
N LYS F 80 -52.65 -14.92 -3.44
CA LYS F 80 -53.44 -13.95 -2.70
C LYS F 80 -54.83 -13.91 -3.32
N ARG F 81 -55.82 -13.59 -2.52
CA ARG F 81 -57.18 -13.54 -3.03
C ARG F 81 -58.01 -12.51 -2.30
N LEU F 82 -58.82 -11.78 -3.07
CA LEU F 82 -59.83 -10.91 -2.52
C LEU F 82 -61.20 -11.43 -2.91
N MET F 83 -62.09 -11.61 -1.94
CA MET F 83 -63.47 -11.92 -2.27
C MET F 83 -64.36 -10.73 -1.93
N LEU F 84 -64.93 -10.11 -2.96
CA LEU F 84 -65.75 -8.92 -2.76
C LEU F 84 -67.24 -9.22 -2.87
N PHE F 85 -67.96 -9.07 -1.75
CA PHE F 85 -69.39 -9.31 -1.80
C PHE F 85 -70.11 -8.01 -2.10
N PRO F 86 -71.32 -8.12 -2.68
CA PRO F 86 -72.11 -6.92 -3.01
C PRO F 86 -72.69 -6.21 -1.81
N ASP F 87 -72.93 -6.94 -0.73
CA ASP F 87 -73.48 -6.39 0.50
C ASP F 87 -72.41 -5.51 1.19
N GLY F 88 -71.18 -5.59 0.72
CA GLY F 88 -70.09 -4.76 1.22
C GLY F 88 -68.89 -5.50 1.75
N ARG F 89 -69.13 -6.57 2.50
CA ARG F 89 -68.08 -7.33 3.21
C ARG F 89 -66.96 -7.78 2.28
N VAL F 90 -65.75 -7.81 2.81
CA VAL F 90 -64.58 -8.10 1.99
C VAL F 90 -63.82 -9.26 2.67
N ILE F 91 -63.40 -10.26 1.92
CA ILE F 91 -62.60 -11.36 2.46
C ILE F 91 -61.23 -11.52 1.77
N TYR F 92 -60.16 -11.34 2.54
CA TYR F 92 -58.81 -11.49 2.05
C TYR F 92 -58.20 -12.83 2.45
N ASN F 93 -57.85 -13.62 1.46
CA ASN F 93 -57.23 -14.96 1.73
C ASN F 93 -55.87 -15.11 1.05
N ALA F 94 -54.90 -15.56 1.82
CA ALA F 94 -53.52 -15.71 1.32
C ALA F 94 -52.76 -16.81 2.05
N ARG F 95 -51.96 -17.57 1.31
CA ARG F 95 -51.10 -18.57 1.92
C ARG F 95 -49.75 -17.97 2.27
N PHE F 96 -49.16 -18.41 3.38
CA PHE F 96 -47.88 -17.85 3.78
C PHE F 96 -46.91 -18.89 4.33
N LEU F 97 -45.62 -18.62 4.17
CA LEU F 97 -44.58 -19.39 4.85
C LEU F 97 -43.62 -18.40 5.49
N GLY F 98 -43.47 -18.49 6.81
CA GLY F 98 -42.68 -17.52 7.53
C GLY F 98 -41.80 -18.12 8.60
N SER F 99 -40.74 -17.40 8.97
CA SER F 99 -39.90 -17.74 10.11
C SER F 99 -40.30 -16.86 11.27
N PHE F 100 -40.70 -17.49 12.37
CA PHE F 100 -41.21 -16.72 13.51
C PHE F 100 -40.32 -16.85 14.73
N SER F 101 -40.30 -15.79 15.53
CA SER F 101 -39.42 -15.71 16.68
C SER F 101 -40.21 -15.84 17.96
N ASN F 102 -39.63 -16.54 18.94
CA ASN F 102 -40.22 -16.63 20.27
C ASN F 102 -39.20 -17.09 21.30
N ASP F 103 -39.38 -16.69 22.55
CA ASP F 103 -38.52 -17.13 23.64
C ASP F 103 -38.62 -18.64 23.76
N MET F 104 -37.50 -19.31 23.56
CA MET F 104 -37.44 -20.76 23.66
C MET F 104 -36.38 -21.27 24.65
N ASP F 105 -36.84 -21.99 25.66
CA ASP F 105 -35.95 -22.54 26.67
C ASP F 105 -35.64 -24.00 26.34
N PHE F 106 -34.35 -24.29 26.13
CA PHE F 106 -33.91 -25.63 25.76
C PHE F 106 -33.09 -26.34 26.84
N ARG F 107 -33.10 -25.79 28.06
CA ARG F 107 -32.31 -26.32 29.17
C ARG F 107 -32.50 -27.82 29.38
N LEU F 108 -33.75 -28.26 29.44
CA LEU F 108 -34.04 -29.67 29.68
C LEU F 108 -34.21 -30.51 28.42
N PHE F 109 -33.38 -30.25 27.42
CA PHE F 109 -33.35 -31.07 26.22
C PHE F 109 -32.89 -32.45 26.62
N PRO F 110 -33.43 -33.50 25.98
CA PRO F 110 -34.41 -33.57 24.89
C PRO F 110 -35.86 -33.64 25.37
N PHE F 111 -36.13 -33.21 26.59
CA PHE F 111 -37.49 -33.17 27.12
C PHE F 111 -38.07 -31.77 27.22
N ASP F 112 -37.86 -30.95 26.20
CA ASP F 112 -38.36 -29.59 26.21
C ASP F 112 -39.84 -29.51 26.10
N ARG F 113 -40.42 -28.48 26.69
CA ARG F 113 -41.81 -28.20 26.43
C ARG F 113 -41.72 -26.84 25.77
N GLN F 114 -42.16 -26.72 24.51
CA GLN F 114 -42.10 -25.43 23.83
C GLN F 114 -43.50 -24.93 23.49
N GLN F 115 -43.61 -23.65 23.18
CA GLN F 115 -44.87 -23.12 22.65
C GLN F 115 -44.64 -22.19 21.47
N PHE F 116 -45.31 -22.51 20.36
CA PHE F 116 -45.16 -21.74 19.14
C PHE F 116 -46.16 -20.59 19.14
N VAL F 117 -45.65 -19.37 19.00
CA VAL F 117 -46.47 -18.18 19.09
C VAL F 117 -46.57 -17.41 17.76
N LEU F 118 -47.75 -16.90 17.47
CA LEU F 118 -47.98 -15.99 16.36
C LEU F 118 -48.61 -14.70 16.86
N GLU F 119 -48.01 -13.57 16.47
CA GLU F 119 -48.52 -12.26 16.85
C GLU F 119 -48.92 -11.41 15.66
N LEU F 120 -50.22 -11.17 15.56
CA LEU F 120 -50.78 -10.39 14.46
C LEU F 120 -51.23 -9.03 14.94
N GLU F 121 -50.90 -7.99 14.17
CA GLU F 121 -51.23 -6.62 14.53
C GLU F 121 -51.25 -5.75 13.29
N PRO F 122 -52.27 -4.86 13.19
CA PRO F 122 -52.34 -3.95 12.05
C PRO F 122 -51.11 -3.07 12.01
N PHE F 123 -50.54 -2.89 10.83
CA PHE F 123 -49.29 -2.16 10.71
C PHE F 123 -49.47 -0.68 11.02
N SER F 124 -50.61 -0.12 10.58
CA SER F 124 -50.76 1.34 10.65
C SER F 124 -52.01 1.86 11.35
N TYR F 125 -53.02 0.99 11.44
CA TYR F 125 -54.29 1.36 12.00
C TYR F 125 -54.51 1.02 13.48
N ASN F 126 -54.72 2.03 14.31
CA ASN F 126 -54.94 1.83 15.74
C ASN F 126 -56.34 1.29 16.07
N ASN F 127 -56.47 0.83 17.31
CA ASN F 127 -57.72 0.26 17.85
C ASN F 127 -59.00 1.02 17.57
N GLN F 128 -58.87 2.32 17.36
CA GLN F 128 -60.03 3.14 17.06
C GLN F 128 -60.30 3.16 15.57
N GLN F 129 -59.25 2.87 14.80
CA GLN F 129 -59.40 2.77 13.36
C GLN F 129 -59.74 1.35 12.94
N LEU F 130 -58.96 0.41 13.45
CA LEU F 130 -59.14 -1.01 13.16
C LEU F 130 -59.03 -1.91 14.39
N ARG F 131 -60.06 -2.72 14.60
CA ARG F 131 -60.27 -3.59 15.75
C ARG F 131 -60.54 -5.01 15.32
N PHE F 132 -59.88 -5.93 16.02
CA PHE F 132 -60.03 -7.34 15.77
C PHE F 132 -61.29 -7.87 16.47
N SER F 133 -62.32 -8.15 15.68
CA SER F 133 -63.59 -8.61 16.24
C SER F 133 -63.49 -9.98 16.90
N ASP F 134 -62.98 -10.94 16.14
CA ASP F 134 -62.80 -12.29 16.65
C ASP F 134 -61.74 -13.04 15.87
N ILE F 135 -61.27 -14.15 16.43
CA ILE F 135 -60.32 -15.03 15.73
C ILE F 135 -60.52 -16.51 16.04
N GLN F 136 -60.50 -17.34 15.00
CA GLN F 136 -60.51 -18.79 15.20
C GLN F 136 -59.31 -19.42 14.52
N VAL F 137 -58.64 -20.34 15.21
CA VAL F 137 -57.49 -21.04 14.65
C VAL F 137 -57.75 -22.51 14.41
N TYR F 138 -57.47 -22.98 13.20
CA TYR F 138 -57.66 -24.37 12.89
C TYR F 138 -56.34 -25.13 12.69
N THR F 139 -55.98 -25.92 13.68
CA THR F 139 -54.80 -26.78 13.58
C THR F 139 -55.23 -28.16 13.08
N GLU F 140 -55.38 -28.33 11.77
CA GLU F 140 -55.89 -29.59 11.22
C GLU F 140 -54.91 -30.77 11.34
N ASN F 141 -54.13 -30.80 12.42
CA ASN F 141 -53.21 -31.91 12.64
C ASN F 141 -53.80 -32.99 13.52
N ILE F 142 -53.14 -34.15 13.51
CA ILE F 142 -53.54 -35.33 14.26
C ILE F 142 -52.68 -36.50 13.83
N ASP F 143 -52.76 -37.59 14.58
CA ASP F 143 -52.13 -38.85 14.22
C ASP F 143 -50.61 -38.86 13.95
N ASN F 144 -50.05 -40.06 13.86
CA ASN F 144 -48.65 -40.29 13.55
C ASN F 144 -47.68 -39.44 14.36
N GLU F 145 -47.78 -39.53 15.68
CA GLU F 145 -46.93 -38.74 16.55
C GLU F 145 -45.48 -39.24 16.52
N GLU F 146 -45.34 -40.56 16.39
CA GLU F 146 -44.03 -41.21 16.42
C GLU F 146 -43.28 -41.00 15.10
N ILE F 147 -43.91 -40.31 14.15
CA ILE F 147 -43.29 -40.07 12.86
C ILE F 147 -42.77 -38.64 12.79
N ASP F 148 -43.39 -37.75 13.56
CA ASP F 148 -42.99 -36.35 13.57
C ASP F 148 -42.07 -36.07 14.76
N GLU F 149 -41.25 -35.05 14.60
CA GLU F 149 -40.32 -34.60 15.64
C GLU F 149 -41.03 -33.99 16.83
N TRP F 150 -42.11 -33.26 16.59
CA TRP F 150 -42.80 -32.61 17.69
C TRP F 150 -44.23 -33.14 17.84
N TRP F 151 -44.68 -33.26 19.08
CA TRP F 151 -46.04 -33.70 19.37
C TRP F 151 -46.86 -32.52 19.86
N ILE F 152 -47.81 -32.11 19.02
CA ILE F 152 -48.71 -31.02 19.37
C ILE F 152 -49.68 -31.50 20.45
N ARG F 153 -49.87 -30.69 21.48
CA ARG F 153 -50.67 -31.12 22.62
C ARG F 153 -52.06 -30.58 22.65
N GLY F 154 -52.17 -29.28 22.90
CA GLY F 154 -53.50 -28.72 22.92
C GLY F 154 -54.13 -28.51 21.59
N LYS F 155 -55.15 -27.68 21.58
CA LYS F 155 -55.72 -27.24 20.30
C LYS F 155 -55.20 -25.84 20.17
N ALA F 156 -54.89 -24.71 19.57
CA ALA F 156 -54.43 -23.38 19.95
C ALA F 156 -55.06 -22.47 20.94
N SER F 157 -54.19 -21.87 21.72
CA SER F 157 -54.61 -20.90 22.74
C SER F 157 -54.64 -19.54 22.04
N THR F 158 -55.68 -18.76 22.29
CA THR F 158 -55.90 -17.50 21.61
C THR F 158 -56.15 -16.34 22.55
N HIS F 159 -55.63 -15.18 22.18
CA HIS F 159 -55.79 -14.00 23.00
C HIS F 159 -55.78 -12.74 22.15
N ILE F 160 -56.91 -12.04 22.12
CA ILE F 160 -56.97 -10.70 21.57
C ILE F 160 -56.76 -9.68 22.67
N SER F 161 -55.84 -8.75 22.45
CA SER F 161 -55.50 -7.79 23.47
C SER F 161 -55.15 -6.45 22.81
N ASP F 162 -54.93 -5.43 23.63
CA ASP F 162 -54.57 -4.10 23.13
C ASP F 162 -53.20 -3.67 23.64
N ILE F 163 -52.29 -3.45 22.69
CA ILE F 163 -50.91 -3.11 23.00
C ILE F 163 -50.70 -1.60 22.90
N ARG F 164 -50.24 -1.03 24.00
CA ARG F 164 -49.99 0.40 24.10
C ARG F 164 -48.54 0.76 23.81
N TYR F 165 -48.33 1.66 22.85
CA TYR F 165 -46.99 2.12 22.56
C TYR F 165 -46.85 3.50 23.22
N ASP F 166 -45.76 3.71 23.93
CA ASP F 166 -45.58 4.94 24.70
C ASP F 166 -44.92 6.08 23.94
N HIS F 167 -44.19 5.74 22.89
CA HIS F 167 -43.51 6.77 22.11
C HIS F 167 -43.88 6.67 20.66
N LEU F 168 -44.81 7.54 20.29
CA LEU F 168 -45.27 7.56 18.93
C LEU F 168 -45.28 8.96 18.34
N SER F 169 -46.30 9.18 17.54
CA SER F 169 -46.49 10.40 16.76
C SER F 169 -46.78 11.58 17.67
N SER F 170 -46.89 12.76 17.07
CA SER F 170 -47.31 13.95 17.81
C SER F 170 -48.83 13.92 18.05
N VAL F 171 -49.34 12.73 18.36
CA VAL F 171 -50.75 12.52 18.67
C VAL F 171 -50.94 12.19 20.15
N GLN F 172 -51.83 12.92 20.81
CA GLN F 172 -52.00 12.78 22.26
C GLN F 172 -53.29 12.19 22.84
N PRO F 173 -54.44 12.34 22.14
CA PRO F 173 -55.64 11.80 22.77
C PRO F 173 -55.57 10.35 23.21
N ASN F 174 -55.64 9.42 22.25
CA ASN F 174 -55.59 8.02 22.63
C ASN F 174 -55.24 7.06 21.50
N GLN F 175 -54.73 7.58 20.39
CA GLN F 175 -54.39 6.74 19.26
C GLN F 175 -53.04 6.09 19.50
N ASN F 176 -53.03 5.05 20.34
CA ASN F 176 -51.78 4.39 20.70
C ASN F 176 -51.90 2.92 21.12
N GLU F 177 -53.13 2.41 21.17
CA GLU F 177 -53.34 1.03 21.60
C GLU F 177 -53.77 0.04 20.52
N PHE F 178 -52.93 -0.11 19.50
CA PHE F 178 -53.12 -1.10 18.45
C PHE F 178 -53.62 -2.42 19.04
N SER F 179 -54.58 -3.06 18.39
CA SER F 179 -55.09 -4.36 18.84
C SER F 179 -54.27 -5.53 18.30
N ARG F 180 -53.88 -6.46 19.16
CA ARG F 180 -52.98 -7.51 18.74
C ARG F 180 -53.60 -8.88 19.01
N ILE F 181 -53.46 -9.76 18.03
CA ILE F 181 -53.84 -11.16 18.17
C ILE F 181 -52.62 -11.97 18.54
N THR F 182 -52.76 -12.81 19.55
CA THR F 182 -51.68 -13.70 19.95
C THR F 182 -52.13 -15.16 19.97
N VAL F 183 -51.57 -15.97 19.08
CA VAL F 183 -51.90 -17.39 19.04
C VAL F 183 -50.79 -18.22 19.67
N ARG F 184 -51.17 -19.16 20.53
CA ARG F 184 -50.19 -20.03 21.19
C ARG F 184 -50.51 -21.50 21.01
N ILE F 185 -49.51 -22.23 20.53
CA ILE F 185 -49.59 -23.67 20.34
C ILE F 185 -48.54 -24.38 21.17
N ASP F 186 -48.99 -25.20 22.11
CA ASP F 186 -48.06 -25.95 22.95
C ASP F 186 -47.58 -27.22 22.25
N ALA F 187 -46.32 -27.57 22.46
CA ALA F 187 -45.75 -28.75 21.83
C ALA F 187 -44.74 -29.46 22.73
N VAL F 188 -44.56 -30.75 22.50
CA VAL F 188 -43.53 -31.52 23.20
C VAL F 188 -42.61 -32.25 22.23
N ARG F 189 -41.32 -32.26 22.54
CA ARG F 189 -40.33 -32.95 21.73
C ARG F 189 -40.46 -34.46 21.79
N ASN F 190 -40.28 -35.12 20.66
CA ASN F 190 -40.22 -36.58 20.62
C ASN F 190 -38.86 -37.05 21.07
N PRO F 191 -38.78 -37.57 22.31
CA PRO F 191 -37.49 -37.83 22.97
C PRO F 191 -36.92 -39.20 22.62
N SER F 192 -37.67 -39.99 21.86
CA SER F 192 -37.30 -41.38 21.58
C SER F 192 -35.89 -41.52 21.01
N TYR F 193 -35.58 -40.75 19.97
CA TYR F 193 -34.29 -40.89 19.31
C TYR F 193 -33.12 -40.63 20.24
N TYR F 194 -33.22 -39.57 21.02
CA TYR F 194 -32.18 -39.13 21.92
C TYR F 194 -32.00 -40.06 23.13
N LEU F 195 -33.08 -40.72 23.52
CA LEU F 195 -33.03 -41.67 24.62
C LEU F 195 -32.25 -42.91 24.21
N TRP F 196 -32.67 -43.52 23.12
CA TRP F 196 -32.08 -44.78 22.66
C TRP F 196 -30.71 -44.66 22.05
N SER F 197 -30.48 -43.59 21.31
CA SER F 197 -29.22 -43.38 20.61
C SER F 197 -28.21 -42.50 21.33
N PHE F 198 -28.65 -41.81 22.37
CA PHE F 198 -27.70 -40.98 23.12
C PHE F 198 -27.62 -41.32 24.60
N ILE F 199 -28.76 -41.24 25.29
CA ILE F 199 -28.79 -41.49 26.72
C ILE F 199 -28.38 -42.90 27.13
N LEU F 200 -29.00 -43.87 26.48
CA LEU F 200 -28.76 -45.29 26.74
C LEU F 200 -27.27 -45.66 26.64
N PRO F 201 -26.64 -45.43 25.47
CA PRO F 201 -25.24 -45.86 25.41
C PRO F 201 -24.34 -45.01 26.31
N LEU F 202 -24.66 -43.73 26.49
CA LEU F 202 -23.90 -42.90 27.40
C LEU F 202 -23.91 -43.45 28.82
N GLY F 203 -25.06 -44.01 29.20
CA GLY F 203 -25.22 -44.69 30.46
C GLY F 203 -24.30 -45.89 30.58
N LEU F 204 -24.29 -46.71 29.53
CA LEU F 204 -23.45 -47.89 29.48
C LEU F 204 -21.97 -47.54 29.58
N ILE F 205 -21.56 -46.43 28.97
CA ILE F 205 -20.19 -45.94 29.06
C ILE F 205 -19.86 -45.62 30.52
N ILE F 206 -20.71 -44.82 31.17
CA ILE F 206 -20.47 -44.43 32.56
C ILE F 206 -20.44 -45.66 33.44
N ALA F 207 -21.36 -46.60 33.19
CA ALA F 207 -21.43 -47.80 34.00
C ALA F 207 -20.15 -48.62 33.83
N ALA F 208 -19.76 -48.81 32.57
CA ALA F 208 -18.55 -49.58 32.24
C ALA F 208 -17.30 -48.87 32.73
N SER F 209 -17.41 -47.56 32.91
CA SER F 209 -16.29 -46.79 33.46
C SER F 209 -15.91 -47.30 34.82
N TRP F 210 -16.92 -47.65 35.63
CA TRP F 210 -16.68 -48.09 37.00
C TRP F 210 -16.08 -49.49 37.07
N SER F 211 -16.06 -50.19 35.93
CA SER F 211 -15.51 -51.55 35.90
C SER F 211 -14.00 -51.57 35.98
N VAL F 212 -13.40 -50.40 36.06
CA VAL F 212 -11.95 -50.26 36.12
C VAL F 212 -11.39 -50.81 37.44
N PHE F 213 -12.23 -50.82 38.46
CA PHE F 213 -11.87 -51.26 39.81
C PHE F 213 -11.78 -52.77 39.96
N TRP F 214 -12.38 -53.49 39.03
CA TRP F 214 -12.28 -54.95 39.01
C TRP F 214 -10.95 -55.43 38.43
N LEU F 215 -10.11 -54.50 38.00
CA LEU F 215 -8.78 -54.85 37.50
C LEU F 215 -7.82 -55.09 38.64
N GLU F 216 -6.96 -56.09 38.47
CA GLU F 216 -6.09 -56.53 39.56
C GLU F 216 -4.94 -55.55 39.81
N SER F 217 -4.06 -55.41 38.82
CA SER F 217 -2.88 -54.56 38.90
C SER F 217 -3.21 -53.07 38.95
N PHE F 218 -2.33 -52.30 39.59
CA PHE F 218 -2.44 -50.84 39.60
C PHE F 218 -2.18 -50.21 38.24
N SER F 219 -1.18 -50.74 37.53
CA SER F 219 -0.86 -50.28 36.17
C SER F 219 -2.02 -50.52 35.23
N GLU F 220 -2.70 -51.65 35.40
CA GLU F 220 -3.88 -51.95 34.59
C GLU F 220 -4.98 -50.96 34.93
N ARG F 221 -5.22 -50.77 36.22
CA ARG F 221 -6.27 -49.87 36.68
C ARG F 221 -6.10 -48.45 36.16
N LEU F 222 -4.87 -47.98 36.17
CA LEU F 222 -4.60 -46.62 35.75
C LEU F 222 -4.57 -46.43 34.23
N GLN F 223 -3.80 -47.26 33.52
CA GLN F 223 -3.66 -47.10 32.08
C GLN F 223 -4.98 -47.20 31.30
N THR F 224 -5.85 -48.09 31.77
CA THR F 224 -7.16 -48.35 31.16
C THR F 224 -8.03 -47.10 31.25
N SER F 225 -7.89 -46.34 32.33
CA SER F 225 -8.71 -45.14 32.51
C SER F 225 -8.36 -44.01 31.56
N PHE F 226 -7.20 -44.09 30.91
CA PHE F 226 -6.84 -43.10 29.91
C PHE F 226 -7.59 -43.36 28.61
N THR F 227 -7.83 -44.63 28.32
CA THR F 227 -8.64 -45.05 27.18
C THR F 227 -10.05 -44.65 27.51
N LEU F 228 -10.42 -44.81 28.78
CA LEU F 228 -11.79 -44.53 29.19
C LEU F 228 -12.10 -43.05 29.06
N MET F 229 -11.10 -42.22 29.40
CA MET F 229 -11.20 -40.78 29.27
C MET F 229 -11.37 -40.44 27.80
N LEU F 230 -10.52 -41.03 26.96
CA LEU F 230 -10.53 -40.81 25.52
C LEU F 230 -11.87 -41.25 24.90
N THR F 231 -12.50 -42.26 25.51
CA THR F 231 -13.80 -42.72 25.05
C THR F 231 -14.87 -41.65 25.25
N VAL F 232 -14.84 -41.00 26.41
CA VAL F 232 -15.83 -39.96 26.74
C VAL F 232 -15.66 -38.75 25.82
N VAL F 233 -14.41 -38.41 25.49
CA VAL F 233 -14.15 -37.34 24.55
C VAL F 233 -14.75 -37.66 23.18
N ALA F 234 -14.54 -38.89 22.72
CA ALA F 234 -15.08 -39.31 21.43
C ALA F 234 -16.61 -39.22 21.44
N TYR F 235 -17.20 -39.52 22.59
CA TYR F 235 -18.65 -39.50 22.73
C TYR F 235 -19.17 -38.06 22.72
N ALA F 236 -18.46 -37.18 23.45
CA ALA F 236 -18.82 -35.77 23.48
C ALA F 236 -18.82 -35.19 22.09
N PHE F 237 -17.86 -35.63 21.30
CA PHE F 237 -17.72 -35.19 19.93
C PHE F 237 -18.93 -35.65 19.12
N TYR F 238 -19.22 -36.94 19.23
CA TYR F 238 -20.35 -37.57 18.55
C TYR F 238 -21.65 -36.87 18.93
N THR F 239 -21.82 -36.60 20.22
CA THR F 239 -22.96 -35.87 20.74
C THR F 239 -23.07 -34.48 20.13
N SER F 240 -22.00 -33.69 20.31
CA SER F 240 -21.93 -32.30 19.86
C SER F 240 -22.11 -32.06 18.38
N ASN F 241 -21.65 -33.01 17.57
CA ASN F 241 -21.77 -32.89 16.12
C ASN F 241 -23.22 -33.04 15.68
N ILE F 242 -23.96 -33.88 16.38
CA ILE F 242 -25.33 -34.18 15.99
C ILE F 242 -26.44 -33.38 16.69
N LEU F 243 -26.27 -33.17 17.99
CA LEU F 243 -27.15 -32.29 18.74
C LEU F 243 -27.17 -30.82 18.31
N PRO F 244 -28.27 -30.10 18.62
CA PRO F 244 -28.43 -28.69 18.24
C PRO F 244 -27.46 -27.80 19.02
N ARG F 245 -26.94 -26.77 18.37
CA ARG F 245 -26.06 -25.81 19.05
C ARG F 245 -26.85 -24.92 20.00
N LEU F 246 -26.35 -24.80 21.24
CA LEU F 246 -26.98 -23.93 22.23
C LEU F 246 -25.94 -23.11 22.99
N PRO F 247 -26.37 -21.98 23.58
CA PRO F 247 -25.43 -21.21 24.40
C PRO F 247 -25.45 -21.58 25.88
N TYR F 248 -26.04 -22.73 26.18
CA TYR F 248 -26.08 -23.29 27.52
C TYR F 248 -26.04 -24.81 27.52
N THR F 249 -25.78 -25.39 28.69
CA THR F 249 -25.67 -26.84 28.81
C THR F 249 -27.04 -27.48 28.90
N THR F 250 -27.18 -28.65 28.29
CA THR F 250 -28.40 -29.44 28.42
C THR F 250 -28.23 -30.52 29.47
N VAL F 251 -29.23 -31.38 29.58
CA VAL F 251 -29.18 -32.53 30.48
C VAL F 251 -28.06 -33.45 30.02
N ILE F 252 -28.05 -33.75 28.72
CA ILE F 252 -27.03 -34.59 28.12
C ILE F 252 -25.64 -34.03 28.33
N ASP F 253 -25.52 -32.71 28.21
CA ASP F 253 -24.24 -32.04 28.40
C ASP F 253 -23.73 -32.27 29.81
N GLN F 254 -24.65 -32.23 30.78
CA GLN F 254 -24.34 -32.45 32.18
C GLN F 254 -23.89 -33.89 32.40
N MET F 255 -24.57 -34.81 31.74
CA MET F 255 -24.24 -36.24 31.79
C MET F 255 -22.80 -36.46 31.33
N ILE F 256 -22.40 -35.71 30.31
CA ILE F 256 -21.06 -35.78 29.77
C ILE F 256 -20.04 -35.31 30.80
N ILE F 257 -20.33 -34.17 31.44
CA ILE F 257 -19.46 -33.64 32.48
C ILE F 257 -19.33 -34.62 33.63
N ALA F 258 -20.44 -35.27 33.95
CA ALA F 258 -20.49 -36.28 34.99
C ALA F 258 -19.57 -37.43 34.64
N GLY F 259 -19.52 -37.76 33.36
CA GLY F 259 -18.64 -38.81 32.89
C GLY F 259 -17.19 -38.48 33.05
N TYR F 260 -16.83 -37.24 32.72
CA TYR F 260 -15.47 -36.77 32.92
C TYR F 260 -15.09 -36.80 34.40
N GLY F 261 -16.05 -36.41 35.25
CA GLY F 261 -15.83 -36.38 36.67
C GLY F 261 -15.61 -37.75 37.28
N SER F 262 -16.46 -38.69 36.88
CA SER F 262 -16.37 -40.06 37.37
C SER F 262 -14.99 -40.65 37.10
N ILE F 263 -14.50 -40.44 35.87
CA ILE F 263 -13.21 -40.96 35.46
C ILE F 263 -12.05 -40.27 36.16
N PHE F 264 -12.15 -38.95 36.29
CA PHE F 264 -11.14 -38.19 37.01
C PHE F 264 -11.11 -38.50 38.49
N ALA F 265 -12.29 -38.72 39.07
CA ALA F 265 -12.37 -39.10 40.47
C ALA F 265 -11.73 -40.47 40.68
N ALA F 266 -11.96 -41.35 39.71
CA ALA F 266 -11.40 -42.70 39.73
C ALA F 266 -9.89 -42.62 39.64
N ILE F 267 -9.40 -41.76 38.76
CA ILE F 267 -7.96 -41.56 38.57
C ILE F 267 -7.32 -41.18 39.90
N LEU F 268 -7.94 -40.23 40.60
CA LEU F 268 -7.42 -39.75 41.87
C LEU F 268 -7.38 -40.84 42.93
N LEU F 269 -8.48 -41.60 43.04
CA LEU F 269 -8.55 -42.68 44.01
C LEU F 269 -7.54 -43.76 43.69
N ILE F 270 -7.43 -44.13 42.41
CA ILE F 270 -6.48 -45.16 42.00
C ILE F 270 -5.06 -44.81 42.42
N ILE F 271 -4.63 -43.58 42.12
CA ILE F 271 -3.31 -43.12 42.54
C ILE F 271 -3.21 -43.08 44.07
N PHE F 272 -4.28 -42.62 44.71
CA PHE F 272 -4.34 -42.51 46.16
C PHE F 272 -4.17 -43.86 46.85
N ALA F 273 -4.98 -44.82 46.42
CA ALA F 273 -4.94 -46.20 46.93
C ALA F 273 -3.51 -46.72 46.99
N HIS F 274 -2.80 -46.54 45.89
CA HIS F 274 -1.47 -47.08 45.68
C HIS F 274 -0.44 -46.39 46.58
N HIS F 275 -0.50 -45.06 46.66
CA HIS F 275 0.50 -44.29 47.40
C HIS F 275 0.13 -43.94 48.86
N ARG F 276 -1.14 -44.10 49.22
CA ARG F 276 -1.54 -43.97 50.62
C ARG F 276 -1.38 -45.29 51.29
N GLN F 277 -0.20 -45.45 51.88
CA GLN F 277 0.25 -46.72 52.41
C GLN F 277 1.02 -46.64 53.71
N ALA F 278 1.37 -47.81 54.23
CA ALA F 278 2.17 -47.91 55.44
C ALA F 278 3.44 -48.68 55.06
N ASN F 279 3.68 -48.77 53.76
CA ASN F 279 4.85 -49.47 53.24
C ASN F 279 5.28 -48.98 51.86
N GLY F 280 4.35 -49.05 50.92
CA GLY F 280 4.59 -48.63 49.56
C GLY F 280 3.50 -49.15 48.64
N VAL F 281 3.19 -50.43 48.78
CA VAL F 281 2.16 -51.09 47.97
C VAL F 281 0.91 -51.49 48.76
N GLU F 282 0.65 -50.81 49.86
CA GLU F 282 -0.54 -51.09 50.67
C GLU F 282 -1.74 -50.47 50.00
N ASP F 283 -2.26 -51.17 49.00
CA ASP F 283 -3.46 -50.71 48.34
C ASP F 283 -4.68 -51.06 49.19
N ASP F 284 -5.27 -50.03 49.79
CA ASP F 284 -6.35 -50.17 50.77
C ASP F 284 -7.46 -51.13 50.33
N LEU F 285 -7.42 -52.34 50.90
CA LEU F 285 -8.30 -53.44 50.50
C LEU F 285 -9.77 -53.09 50.35
N LEU F 286 -10.21 -52.06 51.04
CA LEU F 286 -11.58 -51.58 50.98
C LEU F 286 -11.74 -50.50 49.92
N ILE F 287 -10.74 -49.65 49.76
CA ILE F 287 -10.85 -48.53 48.82
C ILE F 287 -10.70 -49.05 47.39
N GLN F 288 -9.91 -50.10 47.21
CA GLN F 288 -9.74 -50.71 45.91
C GLN F 288 -11.04 -51.42 45.59
N ARG F 289 -11.78 -51.77 46.63
CA ARG F 289 -13.06 -52.43 46.46
C ARG F 289 -14.20 -51.44 46.56
N CYS F 290 -13.92 -50.19 46.24
CA CYS F 290 -15.04 -49.28 46.07
C CYS F 290 -15.73 -49.48 44.73
N ARG F 291 -15.78 -50.76 44.31
CA ARG F 291 -16.43 -51.17 43.07
C ARG F 291 -17.94 -50.94 43.17
N LEU F 292 -18.41 -50.75 44.40
CA LEU F 292 -19.82 -50.54 44.65
C LEU F 292 -20.09 -49.23 45.36
N ALA F 293 -19.04 -48.63 45.92
CA ALA F 293 -19.22 -47.40 46.70
C ALA F 293 -19.76 -46.28 45.83
N PHE F 294 -18.94 -45.80 44.90
CA PHE F 294 -19.35 -44.66 44.07
C PHE F 294 -20.22 -44.91 42.81
N PRO F 295 -20.36 -46.17 42.36
CA PRO F 295 -21.40 -46.35 41.34
C PRO F 295 -22.78 -45.98 41.87
N LEU F 296 -23.06 -46.32 43.12
CA LEU F 296 -24.32 -45.92 43.74
C LEU F 296 -24.19 -44.52 44.33
N GLY F 297 -22.95 -44.09 44.55
CA GLY F 297 -22.69 -42.74 44.98
C GLY F 297 -22.89 -41.79 43.82
N PHE F 298 -22.84 -42.34 42.62
CA PHE F 298 -23.12 -41.57 41.43
C PHE F 298 -24.60 -41.53 41.17
N LEU F 299 -25.28 -42.59 41.56
CA LEU F 299 -26.72 -42.65 41.49
C LEU F 299 -27.37 -41.77 42.55
N ALA F 300 -26.60 -41.43 43.59
CA ALA F 300 -27.07 -40.49 44.59
C ALA F 300 -26.86 -39.06 44.13
N ILE F 301 -25.72 -38.81 43.50
CA ILE F 301 -25.44 -37.50 42.93
C ILE F 301 -26.33 -37.26 41.69
N GLY F 302 -26.63 -38.32 40.95
CA GLY F 302 -27.52 -38.21 39.81
C GLY F 302 -28.95 -37.87 40.20
N CYS F 303 -29.41 -38.44 41.31
CA CYS F 303 -30.74 -38.19 41.84
C CYS F 303 -30.77 -36.80 42.48
N VAL F 304 -29.61 -36.33 42.95
CA VAL F 304 -29.53 -34.99 43.54
C VAL F 304 -29.61 -33.90 42.46
N LEU F 305 -29.15 -34.22 41.26
CA LEU F 305 -29.22 -33.35 40.08
C LEU F 305 -30.67 -33.13 39.65
N VAL F 306 -31.55 -34.05 40.05
CA VAL F 306 -32.96 -33.87 39.73
C VAL F 306 -33.63 -32.90 40.69
N ILE F 307 -33.07 -32.77 41.89
CA ILE F 307 -33.61 -31.86 42.88
C ILE F 307 -33.26 -30.41 42.52
N PRO G 1 -70.21 -24.64 -14.41
CA PRO G 1 -69.07 -25.38 -13.88
C PRO G 1 -68.05 -25.69 -14.98
N VAL G 2 -66.95 -24.93 -14.98
CA VAL G 2 -65.96 -25.06 -16.04
C VAL G 2 -65.19 -26.38 -15.95
N ASP G 3 -65.21 -27.13 -17.05
CA ASP G 3 -64.46 -28.38 -17.14
C ASP G 3 -62.99 -28.12 -17.47
N VAL G 4 -62.12 -28.42 -16.51
CA VAL G 4 -60.68 -28.28 -16.71
C VAL G 4 -59.92 -29.61 -16.88
N SER G 5 -59.23 -29.75 -18.00
CA SER G 5 -58.38 -30.92 -18.27
C SER G 5 -56.93 -30.61 -17.94
N VAL G 6 -56.33 -31.41 -17.07
CA VAL G 6 -54.98 -31.12 -16.59
C VAL G 6 -54.01 -32.21 -17.06
N SER G 7 -52.78 -31.80 -17.35
CA SER G 7 -51.70 -32.72 -17.68
C SER G 7 -50.42 -32.31 -16.94
N ILE G 8 -49.86 -33.25 -16.20
CA ILE G 8 -48.58 -33.02 -15.51
C ILE G 8 -47.44 -33.83 -16.08
N PHE G 9 -46.36 -33.14 -16.46
CA PHE G 9 -45.16 -33.82 -16.95
C PHE G 9 -44.07 -33.75 -15.90
N ILE G 10 -43.65 -34.89 -15.38
CA ILE G 10 -42.61 -34.91 -14.34
C ILE G 10 -41.22 -35.17 -14.94
N ASN G 11 -40.29 -34.24 -14.79
CA ASN G 11 -38.94 -34.42 -15.32
C ASN G 11 -38.05 -35.03 -14.26
N LYS G 12 -37.96 -34.42 -13.08
CA LYS G 12 -36.99 -34.90 -12.11
C LYS G 12 -37.55 -34.86 -10.69
N ILE G 13 -37.33 -35.93 -9.92
CA ILE G 13 -37.65 -35.92 -8.49
C ILE G 13 -36.37 -36.14 -7.68
N TYR G 14 -35.98 -35.12 -6.92
CA TYR G 14 -34.73 -35.18 -6.16
C TYR G 14 -34.80 -34.42 -4.84
N GLY G 15 -33.65 -34.27 -4.20
CA GLY G 15 -33.52 -33.50 -2.96
C GLY G 15 -34.48 -33.79 -1.83
N VAL G 16 -34.63 -35.04 -1.44
CA VAL G 16 -35.48 -35.35 -0.30
C VAL G 16 -34.88 -34.81 1.01
N ASN G 17 -35.67 -34.00 1.72
CA ASN G 17 -35.29 -33.58 3.06
C ASN G 17 -36.05 -34.45 4.06
N THR G 18 -35.33 -35.36 4.68
CA THR G 18 -35.93 -36.30 5.62
C THR G 18 -36.59 -35.64 6.82
N LEU G 19 -35.91 -34.68 7.44
CA LEU G 19 -36.44 -34.01 8.62
C LEU G 19 -37.71 -33.21 8.33
N GLU G 20 -37.70 -32.49 7.21
CA GLU G 20 -38.81 -31.66 6.79
C GLU G 20 -39.92 -32.48 6.11
N GLN G 21 -39.57 -33.69 5.68
CA GLN G 21 -40.48 -34.52 4.91
C GLN G 21 -40.85 -33.76 3.64
N THR G 22 -39.82 -33.49 2.85
CA THR G 22 -39.92 -32.64 1.68
C THR G 22 -39.21 -33.28 0.50
N TYR G 23 -39.63 -32.95 -0.71
CA TYR G 23 -38.93 -33.37 -1.90
C TYR G 23 -39.12 -32.38 -3.04
N LYS G 24 -38.12 -32.24 -3.89
CA LYS G 24 -38.18 -31.31 -5.00
C LYS G 24 -38.70 -31.96 -6.29
N VAL G 25 -39.54 -31.25 -7.04
CA VAL G 25 -40.06 -31.74 -8.31
C VAL G 25 -39.90 -30.68 -9.39
N ASP G 26 -39.27 -31.05 -10.50
CA ASP G 26 -39.19 -30.17 -11.66
C ASP G 26 -40.19 -30.73 -12.70
N GLY G 27 -40.99 -29.88 -13.35
CA GLY G 27 -41.91 -30.37 -14.35
C GLY G 27 -42.73 -29.29 -15.03
N TYR G 28 -43.78 -29.69 -15.74
CA TYR G 28 -44.63 -28.75 -16.47
C TYR G 28 -46.07 -29.00 -16.09
N ILE G 29 -46.89 -27.95 -16.12
CA ILE G 29 -48.31 -28.12 -15.96
C ILE G 29 -49.04 -27.68 -17.21
N VAL G 30 -50.01 -28.48 -17.64
CA VAL G 30 -50.86 -28.07 -18.75
C VAL G 30 -52.30 -28.06 -18.27
N ALA G 31 -52.97 -26.93 -18.42
CA ALA G 31 -54.38 -26.83 -18.04
C ALA G 31 -55.17 -26.34 -19.24
N GLN G 32 -56.27 -27.03 -19.50
CA GLN G 32 -57.14 -26.72 -20.62
C GLN G 32 -58.60 -26.58 -20.24
N TRP G 33 -59.23 -25.56 -20.81
CA TRP G 33 -60.66 -25.34 -20.64
C TRP G 33 -61.18 -24.66 -21.89
N THR G 34 -62.50 -24.64 -22.05
CA THR G 34 -63.10 -23.96 -23.17
C THR G 34 -63.85 -22.67 -22.78
N GLY G 35 -63.39 -21.55 -23.31
CA GLY G 35 -64.05 -20.28 -23.05
C GLY G 35 -64.88 -19.89 -24.26
N LYS G 36 -65.24 -18.61 -24.35
CA LYS G 36 -66.02 -18.15 -25.48
C LYS G 36 -65.12 -17.91 -26.68
N PRO G 37 -65.59 -18.32 -27.87
CA PRO G 37 -64.86 -18.18 -29.12
C PRO G 37 -64.20 -16.81 -29.31
N ARG G 38 -62.97 -16.81 -29.80
CA ARG G 38 -62.22 -15.58 -30.00
C ARG G 38 -61.96 -15.36 -31.47
N LYS G 39 -61.53 -14.16 -31.80
CA LYS G 39 -61.05 -13.84 -33.14
C LYS G 39 -59.54 -13.66 -33.12
N THR G 40 -58.84 -14.71 -33.53
CA THR G 40 -57.39 -14.69 -33.52
C THR G 40 -56.82 -14.23 -34.86
N PRO G 41 -55.66 -13.55 -34.83
CA PRO G 41 -55.02 -13.08 -36.06
C PRO G 41 -54.89 -14.22 -37.06
N GLY G 42 -55.41 -14.03 -38.26
CA GLY G 42 -55.43 -15.11 -39.24
C GLY G 42 -56.61 -15.99 -38.87
N ASP G 43 -56.32 -17.05 -38.11
CA ASP G 43 -57.31 -18.00 -37.60
C ASP G 43 -56.59 -19.05 -36.78
N LYS G 44 -55.27 -19.09 -36.92
CA LYS G 44 -54.48 -20.02 -36.14
C LYS G 44 -54.46 -19.59 -34.68
N PRO G 45 -54.23 -20.55 -33.76
CA PRO G 45 -54.12 -20.28 -32.32
C PRO G 45 -53.11 -19.21 -31.95
N LEU G 46 -53.52 -18.32 -31.05
CA LEU G 46 -52.69 -17.20 -30.65
C LEU G 46 -51.82 -17.58 -29.44
N ILE G 47 -50.51 -17.35 -29.52
CA ILE G 47 -49.62 -17.65 -28.41
C ILE G 47 -49.28 -16.40 -27.59
N VAL G 48 -49.44 -16.50 -26.27
CA VAL G 48 -49.14 -15.41 -25.36
C VAL G 48 -48.14 -15.89 -24.31
N GLU G 49 -46.89 -15.45 -24.42
CA GLU G 49 -45.89 -15.92 -23.48
C GLU G 49 -45.72 -14.93 -22.32
N ASN G 50 -44.91 -15.36 -21.35
CA ASN G 50 -44.73 -14.79 -20.02
C ASN G 50 -45.41 -13.45 -19.69
N THR G 51 -44.62 -12.38 -19.84
CA THR G 51 -45.04 -11.02 -19.51
C THR G 51 -46.40 -10.61 -20.08
N GLN G 52 -46.62 -10.96 -21.33
CA GLN G 52 -47.87 -10.59 -21.98
C GLN G 52 -49.15 -11.19 -21.37
N ILE G 53 -48.99 -12.24 -20.58
CA ILE G 53 -50.13 -12.92 -19.98
C ILE G 53 -50.89 -11.97 -19.05
N GLU G 54 -50.13 -11.25 -18.21
CA GLU G 54 -50.71 -10.29 -17.27
C GLU G 54 -51.53 -9.26 -18.04
N ARG G 55 -50.99 -8.79 -19.17
CA ARG G 55 -51.64 -7.78 -19.99
C ARG G 55 -53.04 -8.24 -20.42
N TRP G 56 -53.16 -9.52 -20.76
CA TRP G 56 -54.43 -10.10 -21.19
C TRP G 56 -55.43 -10.23 -20.03
N ILE G 57 -54.93 -10.61 -18.87
CA ILE G 57 -55.77 -10.73 -17.67
C ILE G 57 -56.37 -9.38 -17.29
N ASN G 58 -55.55 -8.34 -17.38
CA ASN G 58 -55.99 -6.97 -17.16
C ASN G 58 -57.12 -6.54 -18.07
N ASN G 59 -57.14 -7.07 -19.28
CA ASN G 59 -58.22 -6.79 -20.21
C ASN G 59 -59.41 -7.72 -20.08
N GLY G 60 -59.42 -8.51 -19.01
CA GLY G 60 -60.56 -9.34 -18.66
C GLY G 60 -60.47 -10.82 -18.96
N LEU G 61 -59.28 -11.30 -19.34
CA LEU G 61 -59.13 -12.73 -19.56
C LEU G 61 -59.19 -13.44 -18.21
N TRP G 62 -60.02 -14.46 -18.13
CA TRP G 62 -60.16 -15.23 -16.90
C TRP G 62 -59.11 -16.33 -16.87
N VAL G 63 -58.14 -16.21 -15.98
CA VAL G 63 -57.14 -17.26 -15.80
C VAL G 63 -57.07 -17.70 -14.34
N PRO G 64 -57.79 -18.77 -13.98
CA PRO G 64 -57.92 -19.16 -12.56
C PRO G 64 -56.60 -19.60 -11.94
N ALA G 65 -56.33 -19.18 -10.72
CA ALA G 65 -55.13 -19.60 -10.01
C ALA G 65 -55.23 -21.01 -9.45
N LEU G 66 -54.34 -21.91 -9.88
CA LEU G 66 -54.37 -23.27 -9.36
C LEU G 66 -53.26 -23.48 -8.32
N GLU G 67 -53.69 -23.64 -7.07
CA GLU G 67 -52.75 -23.75 -5.94
C GLU G 67 -52.24 -25.19 -5.74
N PHE G 68 -50.95 -25.32 -5.50
CA PHE G 68 -50.36 -26.59 -5.12
C PHE G 68 -50.54 -26.75 -3.61
N ILE G 69 -51.52 -27.55 -3.20
CA ILE G 69 -51.86 -27.69 -1.77
C ILE G 69 -50.71 -28.06 -0.83
N ASN G 70 -49.90 -29.01 -1.26
CA ASN G 70 -48.79 -29.48 -0.44
C ASN G 70 -47.42 -28.92 -0.78
N VAL G 71 -47.39 -27.77 -1.42
CA VAL G 71 -46.15 -27.06 -1.68
C VAL G 71 -45.64 -26.29 -0.45
N VAL G 72 -44.34 -26.44 -0.19
CA VAL G 72 -43.66 -25.70 0.86
C VAL G 72 -43.04 -24.44 0.28
N GLY G 73 -43.56 -23.27 0.65
CA GLY G 73 -43.02 -22.06 0.04
C GLY G 73 -43.71 -21.92 -1.30
N SER G 74 -43.17 -21.08 -2.18
CA SER G 74 -43.83 -20.88 -3.44
C SER G 74 -42.88 -21.20 -4.60
N PRO G 75 -43.38 -21.98 -5.57
CA PRO G 75 -42.60 -22.62 -6.64
C PRO G 75 -41.78 -21.65 -7.46
N ASP G 76 -40.62 -22.08 -7.92
CA ASP G 76 -39.89 -21.31 -8.89
C ASP G 76 -40.59 -21.58 -10.21
N THR G 77 -41.27 -20.56 -10.73
CA THR G 77 -41.90 -20.65 -12.05
C THR G 77 -40.95 -20.20 -13.14
N GLY G 78 -40.77 -21.09 -14.12
CA GLY G 78 -39.98 -20.79 -15.28
C GLY G 78 -40.82 -20.05 -16.31
N ASN G 79 -40.86 -20.56 -17.53
CA ASN G 79 -41.58 -19.88 -18.59
C ASN G 79 -43.07 -20.15 -18.45
N LYS G 80 -43.89 -19.18 -18.87
CA LYS G 80 -45.34 -19.34 -18.80
C LYS G 80 -45.83 -19.21 -20.23
N ARG G 81 -46.96 -19.83 -20.52
CA ARG G 81 -47.54 -19.76 -21.85
C ARG G 81 -49.05 -19.86 -21.85
N LEU G 82 -49.68 -19.06 -22.69
CA LEU G 82 -51.10 -19.17 -22.95
C LEU G 82 -51.27 -19.48 -24.43
N MET G 83 -51.99 -20.54 -24.73
CA MET G 83 -52.39 -20.80 -26.11
C MET G 83 -53.88 -20.55 -26.27
N LEU G 84 -54.21 -19.52 -27.05
CA LEU G 84 -55.59 -19.12 -27.27
C LEU G 84 -56.12 -19.58 -28.63
N PHE G 85 -57.11 -20.46 -28.60
CA PHE G 85 -57.74 -20.97 -29.81
C PHE G 85 -58.95 -20.15 -30.18
N PRO G 86 -59.24 -20.04 -31.48
CA PRO G 86 -60.36 -19.22 -31.94
C PRO G 86 -61.71 -19.86 -31.59
N ASP G 87 -61.72 -21.18 -31.46
CA ASP G 87 -62.95 -21.87 -31.07
C ASP G 87 -63.32 -21.67 -29.61
N GLY G 88 -62.45 -21.00 -28.87
CA GLY G 88 -62.73 -20.66 -27.49
C GLY G 88 -61.78 -21.24 -26.48
N ARG G 89 -61.37 -22.49 -26.71
CA ARG G 89 -60.52 -23.20 -25.76
C ARG G 89 -59.18 -22.54 -25.47
N VAL G 90 -58.73 -22.70 -24.22
CA VAL G 90 -57.53 -22.05 -23.73
C VAL G 90 -56.60 -23.07 -23.09
N ILE G 91 -55.32 -23.00 -23.43
CA ILE G 91 -54.31 -23.85 -22.81
C ILE G 91 -53.19 -23.07 -22.13
N TYR G 92 -53.04 -23.32 -20.82
CA TYR G 92 -51.96 -22.75 -20.06
C TYR G 92 -50.86 -23.73 -19.76
N ASN G 93 -49.67 -23.39 -20.25
CA ASN G 93 -48.49 -24.25 -20.01
C ASN G 93 -47.35 -23.52 -19.30
N ALA G 94 -46.86 -24.14 -18.22
CA ALA G 94 -45.82 -23.52 -17.39
C ALA G 94 -44.88 -24.56 -16.76
N ARG G 95 -43.59 -24.24 -16.70
CA ARG G 95 -42.61 -25.08 -16.03
C ARG G 95 -42.51 -24.68 -14.58
N PHE G 96 -42.28 -25.64 -13.70
CA PHE G 96 -42.20 -25.35 -12.28
C PHE G 96 -41.17 -26.19 -11.55
N LEU G 97 -40.61 -25.60 -10.50
CA LEU G 97 -39.77 -26.33 -9.57
C LEU G 97 -40.26 -26.01 -8.17
N GLY G 98 -40.62 -27.02 -7.40
CA GLY G 98 -41.21 -26.77 -6.10
C GLY G 98 -40.76 -27.74 -5.03
N SER G 99 -40.89 -27.31 -3.78
CA SER G 99 -40.67 -28.19 -2.65
C SER G 99 -42.02 -28.68 -2.12
N PHE G 100 -42.22 -29.99 -2.11
CA PHE G 100 -43.51 -30.57 -1.75
C PHE G 100 -43.47 -31.34 -0.43
N SER G 101 -44.58 -31.29 0.30
CA SER G 101 -44.66 -31.90 1.63
C SER G 101 -45.50 -33.17 1.56
N ASN G 102 -45.11 -34.17 2.33
CA ASN G 102 -45.91 -35.37 2.49
C ASN G 102 -45.42 -36.24 3.64
N ASP G 103 -46.35 -36.97 4.24
CA ASP G 103 -46.04 -37.84 5.36
C ASP G 103 -45.01 -38.85 4.88
N MET G 104 -43.82 -38.85 5.49
CA MET G 104 -42.78 -39.81 5.14
C MET G 104 -42.26 -40.63 6.31
N ASP G 105 -42.42 -41.95 6.23
CA ASP G 105 -41.95 -42.84 7.29
C ASP G 105 -40.57 -43.39 6.93
N PHE G 106 -39.56 -43.06 7.75
CA PHE G 106 -38.19 -43.52 7.50
C PHE G 106 -37.68 -44.55 8.52
N ARG G 107 -38.61 -45.22 9.19
CA ARG G 107 -38.28 -46.19 10.25
C ARG G 107 -37.36 -47.31 9.77
N LEU G 108 -37.72 -47.91 8.64
CA LEU G 108 -36.95 -49.03 8.10
C LEU G 108 -35.88 -48.62 7.08
N PHE G 109 -35.19 -47.52 7.35
CA PHE G 109 -34.12 -47.07 6.50
C PHE G 109 -32.99 -48.06 6.65
N PRO G 110 -32.24 -48.33 5.57
CA PRO G 110 -32.30 -47.79 4.20
C PRO G 110 -33.20 -48.59 3.27
N PHE G 111 -34.18 -49.30 3.81
CA PHE G 111 -35.17 -50.00 3.00
C PHE G 111 -36.53 -49.33 3.02
N ASP G 112 -36.56 -48.03 2.82
CA ASP G 112 -37.81 -47.30 2.83
C ASP G 112 -38.61 -47.54 1.60
N ARG G 113 -39.92 -47.57 1.77
CA ARG G 113 -40.76 -47.39 0.62
C ARG G 113 -41.47 -46.10 0.84
N GLN G 114 -41.30 -45.18 -0.11
CA GLN G 114 -41.93 -43.89 -0.01
C GLN G 114 -42.90 -43.65 -1.18
N GLN G 115 -43.80 -42.69 -0.97
CA GLN G 115 -44.61 -42.19 -2.07
C GLN G 115 -44.71 -40.67 -2.23
N PHE G 116 -44.36 -40.18 -3.41
CA PHE G 116 -44.31 -38.76 -3.69
C PHE G 116 -45.66 -38.24 -4.16
N VAL G 117 -46.24 -37.31 -3.43
CA VAL G 117 -47.61 -36.90 -3.69
C VAL G 117 -47.65 -35.45 -4.19
N LEU G 118 -48.58 -35.18 -5.10
CA LEU G 118 -48.90 -33.82 -5.54
C LEU G 118 -50.38 -33.56 -5.40
N GLU G 119 -50.72 -32.44 -4.78
CA GLU G 119 -52.12 -32.08 -4.60
C GLU G 119 -52.45 -30.75 -5.26
N LEU G 120 -53.28 -30.83 -6.30
CA LEU G 120 -53.69 -29.64 -7.04
C LEU G 120 -55.13 -29.30 -6.70
N GLU G 121 -55.39 -28.01 -6.53
CA GLU G 121 -56.73 -27.55 -6.19
C GLU G 121 -56.87 -26.09 -6.62
N PRO G 122 -58.05 -25.71 -7.11
CA PRO G 122 -58.27 -24.31 -7.46
C PRO G 122 -58.21 -23.45 -6.21
N PHE G 123 -57.58 -22.28 -6.30
CA PHE G 123 -57.38 -21.48 -5.11
C PHE G 123 -58.69 -20.89 -4.60
N SER G 124 -59.51 -20.40 -5.53
CA SER G 124 -60.71 -19.65 -5.18
C SER G 124 -62.04 -20.17 -5.76
N TYR G 125 -61.96 -21.00 -6.81
CA TYR G 125 -63.17 -21.50 -7.45
C TYR G 125 -63.63 -22.89 -7.01
N ASN G 126 -64.82 -22.96 -6.46
CA ASN G 126 -65.41 -24.21 -6.00
C ASN G 126 -65.90 -25.14 -7.10
N ASN G 127 -66.20 -26.38 -6.71
CA ASN G 127 -66.66 -27.40 -7.65
C ASN G 127 -67.76 -27.00 -8.61
N GLN G 128 -68.58 -26.05 -8.19
CA GLN G 128 -69.67 -25.59 -9.03
C GLN G 128 -69.25 -24.48 -9.96
N GLN G 129 -68.10 -23.88 -9.66
CA GLN G 129 -67.50 -22.88 -10.53
C GLN G 129 -66.45 -23.52 -11.44
N LEU G 130 -65.57 -24.30 -10.84
CA LEU G 130 -64.51 -24.97 -11.57
C LEU G 130 -64.37 -26.42 -11.14
N ARG G 131 -64.38 -27.29 -12.13
CA ARG G 131 -64.30 -28.73 -11.94
C ARG G 131 -63.24 -29.34 -12.84
N PHE G 132 -62.48 -30.27 -12.26
CA PHE G 132 -61.42 -30.97 -12.97
C PHE G 132 -61.96 -32.13 -13.78
N SER G 133 -62.03 -31.93 -15.10
CA SER G 133 -62.61 -32.94 -15.96
C SER G 133 -61.84 -34.24 -16.01
N ASP G 134 -60.54 -34.14 -16.28
CA ASP G 134 -59.68 -35.32 -16.31
C ASP G 134 -58.23 -34.92 -16.04
N ILE G 135 -57.40 -35.90 -15.73
CA ILE G 135 -55.96 -35.67 -15.60
C ILE G 135 -55.09 -36.86 -16.03
N GLN G 136 -54.06 -36.59 -16.82
CA GLN G 136 -53.08 -37.61 -17.17
C GLN G 136 -51.70 -37.14 -16.72
N VAL G 137 -50.95 -38.07 -16.13
CA VAL G 137 -49.59 -37.83 -15.71
C VAL G 137 -48.53 -38.60 -16.49
N TYR G 138 -47.54 -37.88 -17.00
CA TYR G 138 -46.46 -38.51 -17.75
C TYR G 138 -45.16 -38.49 -16.97
N THR G 139 -44.76 -39.68 -16.50
CA THR G 139 -43.46 -39.87 -15.88
C THR G 139 -42.47 -40.42 -16.87
N GLU G 140 -41.89 -39.55 -17.68
CA GLU G 140 -40.98 -39.95 -18.75
C GLU G 140 -39.65 -40.51 -18.25
N ASN G 141 -39.68 -41.22 -17.13
CA ASN G 141 -38.48 -41.85 -16.61
C ASN G 141 -38.35 -43.31 -16.98
N ILE G 142 -37.14 -43.85 -16.82
CA ILE G 142 -36.79 -45.24 -17.13
C ILE G 142 -35.28 -45.40 -17.01
N ASP G 143 -34.83 -46.65 -17.00
CA ASP G 143 -33.41 -47.03 -17.07
C ASP G 143 -32.49 -46.48 -15.98
N ASN G 144 -31.26 -47.00 -15.96
CA ASN G 144 -30.22 -46.54 -15.04
C ASN G 144 -30.63 -46.43 -13.58
N GLU G 145 -31.15 -47.52 -13.03
CA GLU G 145 -31.71 -47.48 -11.69
C GLU G 145 -30.55 -47.41 -10.71
N GLU G 146 -29.46 -48.10 -11.06
CA GLU G 146 -28.31 -48.20 -10.17
C GLU G 146 -27.50 -46.91 -10.14
N ILE G 147 -27.95 -45.91 -10.91
CA ILE G 147 -27.24 -44.63 -10.98
C ILE G 147 -27.98 -43.60 -10.14
N ASP G 148 -29.29 -43.79 -10.00
CA ASP G 148 -30.12 -42.87 -9.21
C ASP G 148 -30.33 -43.38 -7.80
N GLU G 149 -30.56 -42.44 -6.89
CA GLU G 149 -30.81 -42.74 -5.48
C GLU G 149 -32.13 -43.47 -5.28
N TRP G 150 -33.15 -43.10 -6.04
CA TRP G 150 -34.47 -43.68 -5.89
C TRP G 150 -34.92 -44.43 -7.13
N TRP G 151 -35.58 -45.56 -6.92
CA TRP G 151 -36.13 -46.38 -7.99
C TRP G 151 -37.63 -46.25 -8.05
N ILE G 152 -38.09 -45.59 -9.11
CA ILE G 152 -39.51 -45.39 -9.33
C ILE G 152 -40.12 -46.71 -9.77
N ARG G 153 -41.23 -47.07 -9.16
CA ARG G 153 -41.84 -48.38 -9.41
C ARG G 153 -43.02 -48.39 -10.32
N GLY G 154 -44.11 -47.78 -9.86
CA GLY G 154 -45.32 -47.71 -10.64
C GLY G 154 -45.23 -46.73 -11.78
N LYS G 155 -46.39 -46.39 -12.33
CA LYS G 155 -46.45 -45.38 -13.39
C LYS G 155 -47.04 -44.02 -13.03
N ALA G 156 -47.61 -43.92 -11.83
CA ALA G 156 -48.25 -42.78 -11.12
C ALA G 156 -49.74 -43.00 -10.96
N SER G 157 -50.15 -42.96 -9.70
CA SER G 157 -51.53 -43.21 -9.38
C SER G 157 -52.23 -41.87 -9.44
N THR G 158 -53.48 -41.87 -9.89
CA THR G 158 -54.22 -40.62 -9.91
C THR G 158 -55.50 -40.73 -9.08
N HIS G 159 -55.99 -39.60 -8.59
CA HIS G 159 -57.28 -39.44 -7.92
C HIS G 159 -57.82 -38.02 -8.01
N ILE G 160 -58.90 -37.87 -8.77
CA ILE G 160 -59.76 -36.70 -8.64
C ILE G 160 -60.89 -36.90 -7.64
N SER G 161 -61.04 -35.93 -6.74
CA SER G 161 -61.98 -36.08 -5.64
C SER G 161 -62.45 -34.69 -5.20
N ASP G 162 -63.37 -34.65 -4.25
CA ASP G 162 -63.89 -33.36 -3.85
C ASP G 162 -63.67 -33.17 -2.37
N ILE G 163 -63.04 -32.06 -2.04
CA ILE G 163 -62.72 -31.79 -0.65
C ILE G 163 -63.68 -30.77 -0.10
N ARG G 164 -64.34 -31.15 0.99
CA ARG G 164 -65.23 -30.25 1.68
C ARG G 164 -64.52 -29.53 2.83
N TYR G 165 -64.71 -28.21 2.86
CA TYR G 165 -64.27 -27.36 3.95
C TYR G 165 -65.45 -26.96 4.81
N ASP G 166 -65.35 -27.17 6.12
CA ASP G 166 -66.49 -26.96 7.00
C ASP G 166 -66.63 -25.54 7.52
N HIS G 167 -65.54 -24.78 7.49
CA HIS G 167 -65.46 -23.42 8.01
C HIS G 167 -64.98 -22.46 6.98
N LEU G 168 -65.88 -21.74 6.38
CA LEU G 168 -65.44 -20.74 5.46
C LEU G 168 -66.19 -19.54 5.87
N SER G 169 -66.64 -18.82 4.86
CA SER G 169 -67.31 -17.56 5.02
C SER G 169 -68.62 -17.85 5.75
N SER G 170 -69.40 -16.82 6.00
CA SER G 170 -70.74 -17.02 6.50
C SER G 170 -71.67 -17.54 5.40
N VAL G 171 -71.16 -18.50 4.63
CA VAL G 171 -71.90 -19.13 3.54
C VAL G 171 -72.35 -20.55 3.89
N GLN G 172 -73.63 -20.82 3.67
CA GLN G 172 -74.22 -22.10 4.07
C GLN G 172 -74.74 -23.10 2.98
N PRO G 173 -75.17 -22.64 1.77
CA PRO G 173 -75.74 -23.58 0.77
C PRO G 173 -74.87 -24.80 0.33
N ASN G 174 -73.91 -24.68 -0.60
CA ASN G 174 -73.10 -25.85 -1.03
C ASN G 174 -71.84 -25.47 -1.77
N GLN G 175 -71.45 -24.20 -1.67
CA GLN G 175 -70.21 -23.80 -2.29
C GLN G 175 -69.09 -24.08 -1.29
N ASN G 176 -68.71 -25.34 -1.16
CA ASN G 176 -67.70 -25.71 -0.18
C ASN G 176 -66.92 -26.98 -0.48
N GLU G 177 -67.14 -27.53 -1.67
CA GLU G 177 -66.45 -28.75 -2.08
C GLU G 177 -65.52 -28.58 -3.27
N PHE G 178 -64.46 -27.79 -3.09
CA PHE G 178 -63.43 -27.67 -4.10
C PHE G 178 -62.95 -29.02 -4.59
N SER G 179 -62.74 -29.11 -5.89
CA SER G 179 -62.23 -30.34 -6.47
C SER G 179 -60.71 -30.40 -6.41
N ARG G 180 -60.20 -31.54 -5.98
CA ARG G 180 -58.76 -31.73 -5.79
C ARG G 180 -58.20 -32.88 -6.60
N ILE G 181 -57.11 -32.62 -7.32
CA ILE G 181 -56.37 -33.68 -7.98
C ILE G 181 -55.26 -34.16 -7.04
N THR G 182 -55.14 -35.48 -6.90
CA THR G 182 -54.05 -36.02 -6.10
C THR G 182 -53.21 -37.03 -6.87
N VAL G 183 -51.96 -36.71 -7.13
CA VAL G 183 -51.08 -37.61 -7.86
C VAL G 183 -50.18 -38.38 -6.88
N ARG G 184 -50.05 -39.68 -7.06
CA ARG G 184 -49.13 -40.48 -6.24
C ARG G 184 -48.14 -41.30 -7.04
N ILE G 185 -46.87 -41.14 -6.69
CA ILE G 185 -45.76 -41.86 -7.31
C ILE G 185 -45.06 -42.73 -6.27
N ASP G 186 -45.05 -44.04 -6.45
CA ASP G 186 -44.37 -44.91 -5.50
C ASP G 186 -42.89 -45.00 -5.82
N ALA G 187 -42.05 -45.13 -4.79
CA ALA G 187 -40.61 -45.22 -5.00
C ALA G 187 -39.91 -46.05 -3.93
N VAL G 188 -38.80 -46.67 -4.31
CA VAL G 188 -37.98 -47.42 -3.37
C VAL G 188 -36.56 -46.87 -3.35
N ARG G 189 -35.97 -46.81 -2.16
CA ARG G 189 -34.59 -46.37 -1.99
C ARG G 189 -33.55 -47.37 -2.47
N ASN G 190 -32.53 -46.89 -3.17
CA ASN G 190 -31.42 -47.73 -3.59
C ASN G 190 -30.54 -48.04 -2.38
N PRO G 191 -30.63 -49.28 -1.86
CA PRO G 191 -30.01 -49.63 -0.58
C PRO G 191 -28.55 -50.06 -0.71
N SER G 192 -28.06 -50.14 -1.94
CA SER G 192 -26.71 -50.67 -2.19
C SER G 192 -25.64 -49.98 -1.37
N TYR G 193 -25.58 -48.65 -1.41
CA TYR G 193 -24.49 -47.93 -0.76
C TYR G 193 -24.46 -48.23 0.75
N TYR G 194 -25.63 -48.20 1.37
CA TYR G 194 -25.74 -48.37 2.81
C TYR G 194 -25.46 -49.80 3.25
N LEU G 195 -25.73 -50.75 2.36
CA LEU G 195 -25.49 -52.16 2.67
C LEU G 195 -23.99 -52.43 2.73
N TRP G 196 -23.29 -52.06 1.66
CA TRP G 196 -21.86 -52.35 1.53
C TRP G 196 -20.99 -51.46 2.41
N SER G 197 -21.31 -50.17 2.50
CA SER G 197 -20.48 -49.22 3.24
C SER G 197 -20.88 -49.06 4.70
N PHE G 198 -22.08 -49.50 5.09
CA PHE G 198 -22.48 -49.36 6.49
C PHE G 198 -22.83 -50.68 7.18
N ILE G 199 -23.78 -51.41 6.60
CA ILE G 199 -24.27 -52.65 7.20
C ILE G 199 -23.15 -53.69 7.32
N LEU G 200 -22.51 -53.97 6.18
CA LEU G 200 -21.46 -54.97 6.10
C LEU G 200 -20.33 -54.75 7.13
N PRO G 201 -19.65 -53.59 7.10
CA PRO G 201 -18.57 -53.47 8.09
C PRO G 201 -19.07 -53.43 9.53
N LEU G 202 -20.24 -52.86 9.76
CA LEU G 202 -20.84 -52.87 11.10
C LEU G 202 -21.04 -54.31 11.59
N GLY G 203 -21.42 -55.20 10.67
CA GLY G 203 -21.54 -56.62 10.96
C GLY G 203 -20.20 -57.17 11.40
N LEU G 204 -19.17 -56.86 10.63
CA LEU G 204 -17.83 -57.36 10.91
C LEU G 204 -17.34 -56.91 12.28
N ILE G 205 -17.63 -55.65 12.63
CA ILE G 205 -17.30 -55.16 13.95
C ILE G 205 -17.97 -55.98 15.06
N ILE G 206 -19.28 -56.15 14.97
CA ILE G 206 -20.03 -56.90 15.96
C ILE G 206 -19.47 -58.33 16.04
N ALA G 207 -19.21 -58.93 14.88
CA ALA G 207 -18.70 -60.29 14.83
C ALA G 207 -17.33 -60.35 15.50
N ALA G 208 -16.45 -59.41 15.16
CA ALA G 208 -15.10 -59.38 15.73
C ALA G 208 -15.18 -59.06 17.21
N SER G 209 -16.24 -58.37 17.61
CA SER G 209 -16.42 -58.06 19.02
C SER G 209 -16.44 -59.34 19.86
N TRP G 210 -17.04 -60.38 19.32
CA TRP G 210 -17.18 -61.63 20.05
C TRP G 210 -15.86 -62.39 20.18
N SER G 211 -14.88 -61.98 19.40
CA SER G 211 -13.57 -62.65 19.39
C SER G 211 -12.77 -62.35 20.65
N VAL G 212 -13.34 -61.54 21.54
CA VAL G 212 -12.68 -61.19 22.79
C VAL G 212 -12.57 -62.37 23.75
N PHE G 213 -13.41 -63.38 23.52
CA PHE G 213 -13.46 -64.57 24.36
C PHE G 213 -12.35 -65.56 24.05
N TRP G 214 -11.76 -65.44 22.86
CA TRP G 214 -10.63 -66.28 22.51
C TRP G 214 -9.31 -65.83 23.14
N LEU G 215 -9.38 -64.75 23.93
CA LEU G 215 -8.21 -64.26 24.64
C LEU G 215 -7.96 -65.09 25.88
N GLU G 216 -6.70 -65.30 26.23
CA GLU G 216 -6.37 -66.21 27.31
C GLU G 216 -6.55 -65.56 28.69
N SER G 217 -5.82 -64.49 28.92
CA SER G 217 -5.85 -63.78 30.20
C SER G 217 -7.14 -63.02 30.41
N PHE G 218 -7.50 -62.81 31.67
CA PHE G 218 -8.63 -62.00 32.08
C PHE G 218 -8.38 -60.51 31.80
N SER G 219 -7.16 -60.04 32.09
CA SER G 219 -6.80 -58.66 31.83
C SER G 219 -6.86 -58.35 30.34
N GLU G 220 -6.43 -59.33 29.55
CA GLU G 220 -6.47 -59.20 28.10
C GLU G 220 -7.91 -59.10 27.62
N ARG G 221 -8.75 -60.00 28.13
CA ARG G 221 -10.16 -60.04 27.81
C ARG G 221 -10.91 -58.75 28.13
N LEU G 222 -10.58 -58.17 29.27
CA LEU G 222 -11.25 -56.96 29.74
C LEU G 222 -10.75 -55.69 29.06
N GLN G 223 -9.45 -55.49 29.04
CA GLN G 223 -8.87 -54.27 28.49
C GLN G 223 -9.17 -54.06 27.01
N THR G 224 -9.19 -55.16 26.27
CA THR G 224 -9.47 -55.14 24.84
C THR G 224 -10.89 -54.68 24.53
N SER G 225 -11.81 -54.99 25.43
CA SER G 225 -13.22 -54.61 25.25
C SER G 225 -13.45 -53.11 25.35
N PHE G 226 -12.51 -52.40 25.97
CA PHE G 226 -12.60 -50.95 26.08
C PHE G 226 -12.26 -50.27 24.76
N THR G 227 -11.30 -50.87 24.04
CA THR G 227 -11.00 -50.46 22.68
C THR G 227 -12.18 -50.80 21.79
N LEU G 228 -12.82 -51.93 22.08
CA LEU G 228 -13.93 -52.40 21.28
C LEU G 228 -15.11 -51.45 21.44
N MET G 229 -15.31 -50.99 22.68
CA MET G 229 -16.38 -50.04 22.99
C MET G 229 -16.11 -48.77 22.21
N LEU G 230 -14.85 -48.34 22.23
CA LEU G 230 -14.41 -47.09 21.60
C LEU G 230 -14.56 -47.19 20.09
N THR G 231 -14.43 -48.40 19.56
CA THR G 231 -14.59 -48.63 18.14
C THR G 231 -16.05 -48.39 17.72
N VAL G 232 -16.99 -48.92 18.49
CA VAL G 232 -18.41 -48.73 18.20
C VAL G 232 -18.86 -47.26 18.27
N VAL G 233 -18.30 -46.52 19.24
CA VAL G 233 -18.51 -45.08 19.32
C VAL G 233 -18.03 -44.40 18.04
N ALA G 234 -16.82 -44.71 17.61
CA ALA G 234 -16.27 -44.11 16.41
C ALA G 234 -17.15 -44.42 15.21
N TYR G 235 -17.71 -45.63 15.18
CA TYR G 235 -18.58 -46.02 14.07
C TYR G 235 -19.89 -45.25 14.13
N ALA G 236 -20.49 -45.17 15.32
CA ALA G 236 -21.73 -44.42 15.50
C ALA G 236 -21.58 -43.00 14.98
N PHE G 237 -20.40 -42.44 15.22
CA PHE G 237 -20.08 -41.09 14.79
C PHE G 237 -20.09 -41.08 13.27
N TYR G 238 -19.34 -42.01 12.69
CA TYR G 238 -19.18 -42.12 11.24
C TYR G 238 -20.54 -42.27 10.55
N THR G 239 -21.37 -43.13 11.14
CA THR G 239 -22.74 -43.34 10.70
C THR G 239 -23.58 -42.06 10.77
N SER G 240 -23.65 -41.48 11.96
CA SER G 240 -24.43 -40.27 12.25
C SER G 240 -24.08 -39.06 11.40
N ASN G 241 -22.80 -38.90 11.11
CA ASN G 241 -22.35 -37.77 10.32
C ASN G 241 -22.78 -37.86 8.87
N ILE G 242 -22.89 -39.07 8.35
CA ILE G 242 -23.24 -39.27 6.95
C ILE G 242 -24.74 -39.53 6.69
N LEU G 243 -25.35 -40.38 7.53
CA LEU G 243 -26.79 -40.66 7.45
C LEU G 243 -27.68 -39.45 7.70
N PRO G 244 -28.91 -39.48 7.15
CA PRO G 244 -29.89 -38.39 7.29
C PRO G 244 -30.36 -38.20 8.72
N ARG G 245 -30.59 -36.96 9.13
CA ARG G 245 -31.06 -36.71 10.48
C ARG G 245 -32.53 -37.08 10.64
N LEU G 246 -32.86 -37.81 11.69
CA LEU G 246 -34.23 -38.21 11.92
C LEU G 246 -34.62 -38.04 13.38
N PRO G 247 -35.92 -37.94 13.68
CA PRO G 247 -36.34 -37.84 15.09
C PRO G 247 -36.64 -39.22 15.69
N TYR G 248 -36.25 -40.28 14.98
CA TYR G 248 -36.46 -41.65 15.45
C TYR G 248 -35.33 -42.56 14.99
N THR G 249 -35.21 -43.72 15.63
CA THR G 249 -34.14 -44.65 15.32
C THR G 249 -34.46 -45.48 14.09
N THR G 250 -33.43 -45.73 13.28
CA THR G 250 -33.58 -46.60 12.13
C THR G 250 -33.09 -48.00 12.44
N VAL G 251 -33.07 -48.85 11.42
CA VAL G 251 -32.57 -50.21 11.55
C VAL G 251 -31.10 -50.16 11.93
N ILE G 252 -30.35 -49.30 11.23
CA ILE G 252 -28.92 -49.15 11.47
C ILE G 252 -28.71 -48.65 12.89
N ASP G 253 -29.53 -47.70 13.33
CA ASP G 253 -29.39 -47.16 14.67
C ASP G 253 -29.58 -48.26 15.73
N GLN G 254 -30.50 -49.17 15.45
CA GLN G 254 -30.76 -50.31 16.32
C GLN G 254 -29.55 -51.25 16.36
N MET G 255 -28.95 -51.45 15.19
CA MET G 255 -27.75 -52.28 15.05
C MET G 255 -26.62 -51.74 15.91
N ILE G 256 -26.51 -50.42 15.96
CA ILE G 256 -25.52 -49.72 16.77
C ILE G 256 -25.79 -50.05 18.23
N ILE G 257 -27.00 -49.81 18.70
CA ILE G 257 -27.37 -50.11 20.08
C ILE G 257 -27.09 -51.56 20.46
N ALA G 258 -27.31 -52.45 19.51
CA ALA G 258 -27.04 -53.87 19.65
C ALA G 258 -25.55 -54.08 19.87
N GLY G 259 -24.74 -53.28 19.18
CA GLY G 259 -23.30 -53.37 19.32
C GLY G 259 -22.89 -52.97 20.72
N TYR G 260 -23.42 -51.86 21.21
CA TYR G 260 -23.12 -51.41 22.56
C TYR G 260 -23.53 -52.47 23.59
N GLY G 261 -24.67 -53.11 23.35
CA GLY G 261 -25.18 -54.13 24.24
C GLY G 261 -24.32 -55.35 24.30
N SER G 262 -23.92 -55.84 23.13
CA SER G 262 -23.07 -57.03 23.02
C SER G 262 -21.79 -56.84 23.82
N ILE G 263 -21.16 -55.68 23.64
CA ILE G 263 -19.91 -55.40 24.33
C ILE G 263 -20.12 -55.27 25.83
N PHE G 264 -21.14 -54.50 26.22
CA PHE G 264 -21.45 -54.33 27.64
C PHE G 264 -21.82 -55.67 28.29
N ALA G 265 -22.51 -56.53 27.55
CA ALA G 265 -22.90 -57.83 28.08
C ALA G 265 -21.64 -58.66 28.28
N ALA G 266 -20.72 -58.54 27.33
CA ALA G 266 -19.45 -59.26 27.38
C ALA G 266 -18.62 -58.80 28.59
N ILE G 267 -18.65 -57.50 28.83
CA ILE G 267 -17.97 -56.88 29.96
C ILE G 267 -18.45 -57.49 31.25
N LEU G 268 -19.76 -57.57 31.39
CA LEU G 268 -20.36 -58.16 32.57
C LEU G 268 -19.99 -59.61 32.80
N LEU G 269 -20.08 -60.41 31.73
CA LEU G 269 -19.72 -61.82 31.79
C LEU G 269 -18.25 -62.02 32.14
N ILE G 270 -17.39 -61.24 31.49
CA ILE G 270 -15.95 -61.31 31.75
C ILE G 270 -15.64 -61.09 33.21
N ILE G 271 -16.20 -60.02 33.78
CA ILE G 271 -16.01 -59.75 35.19
C ILE G 271 -16.61 -60.86 36.04
N PHE G 272 -17.79 -61.33 35.62
CA PHE G 272 -18.48 -62.38 36.35
C PHE G 272 -17.70 -63.69 36.40
N ALA G 273 -17.24 -64.12 35.23
CA ALA G 273 -16.42 -65.32 35.10
C ALA G 273 -15.28 -65.36 36.12
N HIS G 274 -14.59 -64.23 36.22
CA HIS G 274 -13.39 -64.11 37.05
C HIS G 274 -13.71 -64.18 38.55
N HIS G 275 -14.76 -63.48 38.98
CA HIS G 275 -15.13 -63.33 40.39
C HIS G 275 -16.21 -64.28 40.90
N ARG G 276 -16.91 -64.93 39.98
CA ARG G 276 -17.84 -65.97 40.38
C ARG G 276 -17.03 -67.26 40.48
N GLN G 277 -16.56 -67.56 41.68
CA GLN G 277 -15.56 -68.60 41.86
C GLN G 277 -15.73 -69.36 43.17
N ALA G 278 -14.91 -70.39 43.34
CA ALA G 278 -14.91 -71.16 44.58
C ALA G 278 -13.51 -71.08 45.16
N ASN G 279 -12.79 -70.06 44.71
CA ASN G 279 -11.42 -69.83 45.10
C ASN G 279 -10.94 -68.39 44.93
N GLY G 280 -11.12 -67.88 43.72
CA GLY G 280 -10.75 -66.53 43.35
C GLY G 280 -10.49 -66.49 41.85
N VAL G 281 -9.72 -67.43 41.30
CA VAL G 281 -9.44 -67.41 39.86
C VAL G 281 -10.16 -68.54 39.11
N GLU G 282 -11.26 -69.05 39.67
CA GLU G 282 -12.03 -70.11 39.02
C GLU G 282 -12.86 -69.48 37.91
N ASP G 283 -12.22 -69.26 36.77
CA ASP G 283 -12.92 -68.80 35.58
C ASP G 283 -13.64 -69.96 34.93
N ASP G 284 -14.96 -69.92 35.03
CA ASP G 284 -15.88 -70.98 34.61
C ASP G 284 -15.52 -71.45 33.21
N LEU G 285 -14.86 -72.61 33.13
CA LEU G 285 -14.38 -73.19 31.86
C LEU G 285 -15.39 -73.19 30.74
N LEU G 286 -16.68 -73.23 31.07
CA LEU G 286 -17.72 -73.24 30.06
C LEU G 286 -18.15 -71.81 29.74
N ILE G 287 -18.21 -70.96 30.75
CA ILE G 287 -18.67 -69.59 30.52
C ILE G 287 -17.61 -68.78 29.79
N GLN G 288 -16.35 -69.11 30.04
CA GLN G 288 -15.31 -68.41 29.31
C GLN G 288 -15.31 -68.91 27.86
N ARG G 289 -15.87 -70.10 27.67
CA ARG G 289 -16.03 -70.68 26.34
C ARG G 289 -17.43 -70.43 25.82
N CYS G 290 -18.03 -69.32 26.19
CA CYS G 290 -19.21 -68.84 25.48
C CYS G 290 -18.85 -68.07 24.23
N ARG G 291 -17.80 -68.55 23.60
CA ARG G 291 -17.31 -68.09 22.31
C ARG G 291 -18.30 -68.40 21.20
N LEU G 292 -19.25 -69.29 21.51
CA LEU G 292 -20.26 -69.69 20.56
C LEU G 292 -21.67 -69.51 21.09
N ALA G 293 -21.80 -69.35 22.42
CA ALA G 293 -23.12 -69.24 23.04
C ALA G 293 -23.86 -68.02 22.50
N PHE G 294 -23.38 -66.85 22.86
CA PHE G 294 -24.04 -65.60 22.46
C PHE G 294 -23.78 -64.93 21.09
N PRO G 295 -22.77 -65.40 20.32
CA PRO G 295 -22.79 -65.01 18.91
C PRO G 295 -24.03 -65.51 18.19
N LEU G 296 -24.45 -66.73 18.50
CA LEU G 296 -25.67 -67.25 17.91
C LEU G 296 -26.88 -66.82 18.73
N GLY G 297 -26.63 -66.44 19.99
CA GLY G 297 -27.69 -65.90 20.81
C GLY G 297 -28.00 -64.49 20.35
N PHE G 298 -27.05 -63.89 19.64
CA PHE G 298 -27.23 -62.57 19.08
C PHE G 298 -28.01 -62.72 17.79
N LEU G 299 -27.74 -63.82 17.09
CA LEU G 299 -28.46 -64.11 15.86
C LEU G 299 -29.89 -64.55 16.13
N ALA G 300 -30.15 -64.95 17.37
CA ALA G 300 -31.51 -65.28 17.79
C ALA G 300 -32.26 -64.02 18.16
N ILE G 301 -31.57 -63.10 18.83
CA ILE G 301 -32.13 -61.80 19.18
C ILE G 301 -32.27 -60.93 17.95
N GLY G 302 -31.33 -61.07 17.01
CA GLY G 302 -31.43 -60.32 15.78
C GLY G 302 -32.60 -60.82 14.97
N CYS G 303 -32.82 -62.13 14.93
CA CYS G 303 -33.97 -62.61 14.17
C CYS G 303 -35.30 -62.34 14.88
N VAL G 304 -35.23 -62.08 16.19
CA VAL G 304 -36.40 -61.69 16.96
C VAL G 304 -36.82 -60.25 16.70
N LEU G 305 -35.83 -59.42 16.36
CA LEU G 305 -36.03 -58.03 15.99
C LEU G 305 -36.79 -57.88 14.67
N VAL G 306 -36.74 -58.92 13.86
CA VAL G 306 -37.47 -58.97 12.60
C VAL G 306 -38.94 -59.23 12.85
N ILE G 307 -39.25 -59.91 13.95
CA ILE G 307 -40.61 -60.21 14.31
C ILE G 307 -41.31 -59.01 14.91
N PRO H 1 -41.58 -20.99 -41.56
CA PRO H 1 -40.63 -21.56 -40.59
C PRO H 1 -39.43 -20.64 -40.41
N VAL H 2 -39.41 -19.92 -39.30
CA VAL H 2 -38.35 -18.96 -39.00
C VAL H 2 -37.01 -19.64 -38.74
N ASP H 3 -36.01 -19.28 -39.54
CA ASP H 3 -34.66 -19.78 -39.36
C ASP H 3 -33.95 -19.02 -38.23
N VAL H 4 -33.59 -19.75 -37.17
CA VAL H 4 -32.86 -19.15 -36.06
C VAL H 4 -31.43 -19.65 -35.93
N SER H 5 -30.48 -18.71 -35.99
CA SER H 5 -29.08 -19.03 -35.78
C SER H 5 -28.76 -18.78 -34.30
N VAL H 6 -28.14 -19.76 -33.64
CA VAL H 6 -27.81 -19.62 -32.23
C VAL H 6 -26.30 -19.63 -32.00
N SER H 7 -25.84 -18.88 -31.00
CA SER H 7 -24.46 -18.95 -30.56
C SER H 7 -24.40 -19.01 -29.03
N ILE H 8 -23.70 -20.01 -28.50
CA ILE H 8 -23.50 -20.09 -27.06
C ILE H 8 -22.04 -19.82 -26.68
N PHE H 9 -21.83 -18.92 -25.72
CA PHE H 9 -20.49 -18.66 -25.19
C PHE H 9 -20.39 -19.15 -23.75
N ILE H 10 -19.54 -20.14 -23.51
CA ILE H 10 -19.40 -20.69 -22.19
C ILE H 10 -18.23 -20.04 -21.45
N ASN H 11 -18.51 -19.45 -20.30
CA ASN H 11 -17.46 -18.82 -19.50
C ASN H 11 -16.89 -19.73 -18.42
N LYS H 12 -17.77 -20.36 -17.68
CA LYS H 12 -17.34 -21.13 -16.52
C LYS H 12 -18.26 -22.31 -16.26
N ILE H 13 -17.66 -23.48 -16.03
CA ILE H 13 -18.45 -24.65 -15.61
C ILE H 13 -17.96 -25.11 -14.23
N TYR H 14 -18.80 -24.95 -13.21
CA TYR H 14 -18.42 -25.25 -11.83
C TYR H 14 -19.58 -25.81 -11.01
N GLY H 15 -19.29 -26.04 -9.73
CA GLY H 15 -20.28 -26.51 -8.76
C GLY H 15 -21.10 -27.73 -9.07
N VAL H 16 -20.42 -28.83 -9.37
CA VAL H 16 -21.11 -30.07 -9.65
C VAL H 16 -21.75 -30.62 -8.37
N ASN H 17 -23.07 -30.81 -8.40
CA ASN H 17 -23.74 -31.51 -7.31
C ASN H 17 -23.86 -32.97 -7.71
N THR H 18 -23.10 -33.84 -7.04
CA THR H 18 -23.08 -35.27 -7.35
C THR H 18 -24.43 -35.94 -7.13
N LEU H 19 -25.05 -35.65 -5.99
CA LEU H 19 -26.31 -36.30 -5.65
C LEU H 19 -27.46 -35.89 -6.56
N GLU H 20 -27.48 -34.61 -6.93
CA GLU H 20 -28.52 -34.05 -7.78
C GLU H 20 -28.23 -34.22 -9.26
N GLN H 21 -26.99 -34.61 -9.55
CA GLN H 21 -26.50 -34.77 -10.92
C GLN H 21 -26.70 -33.42 -11.63
N THR H 22 -26.10 -32.38 -11.07
CA THR H 22 -26.34 -30.99 -11.44
C THR H 22 -24.99 -30.31 -11.61
N TYR H 23 -24.93 -29.30 -12.47
CA TYR H 23 -23.75 -28.45 -12.61
C TYR H 23 -24.12 -27.05 -13.06
N LYS H 24 -23.34 -26.08 -12.59
CA LYS H 24 -23.59 -24.68 -12.88
C LYS H 24 -22.86 -24.15 -14.11
N VAL H 25 -23.56 -23.42 -14.98
CA VAL H 25 -22.92 -22.86 -16.16
C VAL H 25 -23.14 -21.36 -16.29
N ASP H 26 -22.06 -20.60 -16.47
CA ASP H 26 -22.17 -19.18 -16.77
C ASP H 26 -21.77 -18.92 -18.20
N GLY H 27 -22.59 -18.12 -18.88
CA GLY H 27 -22.32 -17.77 -20.26
C GLY H 27 -23.30 -16.82 -20.90
N TYR H 28 -23.26 -16.75 -22.23
CA TYR H 28 -24.10 -15.83 -22.99
C TYR H 28 -24.87 -16.63 -24.04
N ILE H 29 -26.08 -16.19 -24.37
CA ILE H 29 -26.78 -16.75 -25.50
C ILE H 29 -26.98 -15.70 -26.58
N VAL H 30 -26.70 -16.06 -27.82
CA VAL H 30 -26.99 -15.17 -28.95
C VAL H 30 -27.95 -15.87 -29.91
N ALA H 31 -29.11 -15.26 -30.14
CA ALA H 31 -30.08 -15.81 -31.09
C ALA H 31 -30.35 -14.80 -32.20
N GLN H 32 -30.29 -15.26 -33.44
CA GLN H 32 -30.52 -14.38 -34.57
C GLN H 32 -31.56 -14.92 -35.54
N TRP H 33 -32.43 -14.04 -36.01
CA TRP H 33 -33.41 -14.39 -37.02
C TRP H 33 -33.69 -13.16 -37.86
N THR H 34 -34.36 -13.34 -39.00
CA THR H 34 -34.71 -12.19 -39.81
C THR H 34 -36.20 -11.90 -39.83
N GLY H 35 -36.56 -10.69 -39.41
CA GLY H 35 -37.95 -10.28 -39.42
C GLY H 35 -38.21 -9.36 -40.59
N LYS H 36 -39.28 -8.58 -40.51
CA LYS H 36 -39.60 -7.62 -41.55
C LYS H 36 -38.78 -6.36 -41.33
N PRO H 37 -38.23 -5.80 -42.42
CA PRO H 37 -37.40 -4.59 -42.40
C PRO H 37 -38.00 -3.45 -41.57
N ARG H 38 -37.16 -2.81 -40.77
CA ARG H 38 -37.61 -1.76 -39.86
C ARG H 38 -37.02 -0.43 -40.32
N LYS H 39 -37.53 0.64 -39.73
CA LYS H 39 -36.95 1.96 -39.90
C LYS H 39 -36.30 2.42 -38.63
N THR H 40 -34.97 2.30 -38.59
CA THR H 40 -34.25 2.63 -37.38
C THR H 40 -33.79 4.09 -37.44
N PRO H 41 -33.63 4.73 -36.27
CA PRO H 41 -33.11 6.10 -36.19
C PRO H 41 -31.79 6.23 -36.93
N GLY H 42 -31.72 7.14 -37.89
CA GLY H 42 -30.54 7.20 -38.69
C GLY H 42 -30.59 6.15 -39.78
N ASP H 43 -29.95 5.02 -39.50
CA ASP H 43 -30.03 3.83 -40.33
C ASP H 43 -29.25 2.72 -39.67
N LYS H 44 -28.43 3.12 -38.69
CA LYS H 44 -27.69 2.13 -37.94
C LYS H 44 -28.55 1.27 -37.03
N PRO H 45 -28.09 0.05 -36.73
CA PRO H 45 -28.86 -0.88 -35.89
C PRO H 45 -29.33 -0.24 -34.58
N LEU H 46 -30.55 -0.54 -34.17
CA LEU H 46 -31.08 -0.01 -32.92
C LEU H 46 -30.81 -0.96 -31.76
N ILE H 47 -30.28 -0.44 -30.66
CA ILE H 47 -30.03 -1.25 -29.48
C ILE H 47 -31.10 -1.06 -28.40
N VAL H 48 -31.69 -2.17 -27.96
CA VAL H 48 -32.67 -2.15 -26.90
C VAL H 48 -32.20 -3.02 -25.74
N GLU H 49 -31.89 -2.41 -24.61
CA GLU H 49 -31.41 -3.15 -23.45
C GLU H 49 -32.50 -3.39 -22.43
N ASN H 50 -32.15 -4.16 -21.40
CA ASN H 50 -33.09 -4.81 -20.49
C ASN H 50 -34.55 -4.37 -20.44
N THR H 51 -34.88 -3.51 -19.49
CA THR H 51 -36.25 -3.00 -19.28
C THR H 51 -37.04 -2.64 -20.56
N GLN H 52 -36.38 -1.97 -21.50
CA GLN H 52 -37.02 -1.53 -22.75
C GLN H 52 -37.46 -2.67 -23.65
N ILE H 53 -36.98 -3.89 -23.40
CA ILE H 53 -37.36 -4.99 -24.26
C ILE H 53 -38.83 -5.36 -24.13
N GLU H 54 -39.28 -5.41 -22.89
CA GLU H 54 -40.68 -5.68 -22.57
C GLU H 54 -41.55 -4.65 -23.32
N ARG H 55 -41.14 -3.38 -23.29
CA ARG H 55 -41.89 -2.29 -23.94
C ARG H 55 -42.09 -2.50 -25.45
N TRP H 56 -41.09 -3.08 -26.10
CA TRP H 56 -41.17 -3.41 -27.51
C TRP H 56 -42.06 -4.62 -27.79
N ILE H 57 -42.05 -5.59 -26.89
CA ILE H 57 -42.89 -6.78 -27.05
C ILE H 57 -44.36 -6.38 -26.97
N ASN H 58 -44.68 -5.53 -26.00
CA ASN H 58 -46.03 -5.00 -25.82
C ASN H 58 -46.54 -4.35 -27.10
N ASN H 59 -45.65 -3.73 -27.86
CA ASN H 59 -46.05 -3.07 -29.09
C ASN H 59 -46.03 -4.01 -30.29
N GLY H 60 -45.90 -5.31 -30.00
CA GLY H 60 -46.04 -6.32 -31.03
C GLY H 60 -44.77 -6.95 -31.57
N LEU H 61 -43.62 -6.64 -30.97
CA LEU H 61 -42.39 -7.30 -31.37
C LEU H 61 -42.42 -8.76 -30.95
N TRP H 62 -42.20 -9.65 -31.92
CA TRP H 62 -42.19 -11.09 -31.68
C TRP H 62 -40.82 -11.54 -31.17
N VAL H 63 -40.73 -11.88 -29.89
CA VAL H 63 -39.50 -12.41 -29.28
C VAL H 63 -39.76 -13.79 -28.65
N PRO H 64 -39.51 -14.87 -29.39
CA PRO H 64 -39.91 -16.20 -28.89
C PRO H 64 -39.10 -16.71 -27.71
N ALA H 65 -39.80 -17.28 -26.72
CA ALA H 65 -39.16 -17.79 -25.52
C ALA H 65 -38.38 -19.07 -25.82
N LEU H 66 -37.08 -19.07 -25.56
CA LEU H 66 -36.30 -20.29 -25.73
C LEU H 66 -36.04 -20.96 -24.39
N GLU H 67 -36.60 -22.15 -24.19
CA GLU H 67 -36.44 -22.84 -22.92
C GLU H 67 -35.20 -23.71 -22.84
N PHE H 68 -34.55 -23.70 -21.68
CA PHE H 68 -33.48 -24.65 -21.41
C PHE H 68 -34.19 -25.89 -20.90
N ILE H 69 -34.20 -26.94 -21.71
CA ILE H 69 -34.85 -28.19 -21.32
C ILE H 69 -34.33 -28.81 -20.04
N ASN H 70 -33.01 -28.89 -19.90
CA ASN H 70 -32.43 -29.59 -18.76
C ASN H 70 -32.00 -28.68 -17.60
N VAL H 71 -32.60 -27.50 -17.52
CA VAL H 71 -32.34 -26.56 -16.43
C VAL H 71 -33.13 -26.91 -15.17
N VAL H 72 -32.43 -26.87 -14.04
CA VAL H 72 -33.04 -27.08 -12.76
C VAL H 72 -33.39 -25.76 -12.11
N GLY H 73 -34.67 -25.44 -12.02
CA GLY H 73 -34.99 -24.11 -11.53
C GLY H 73 -35.08 -23.20 -12.72
N SER H 74 -34.94 -21.90 -12.48
CA SER H 74 -34.96 -20.93 -13.55
C SER H 74 -33.73 -20.03 -13.44
N PRO H 75 -32.99 -19.88 -14.54
CA PRO H 75 -31.64 -19.30 -14.57
C PRO H 75 -31.62 -17.90 -13.99
N ASP H 76 -30.50 -17.49 -13.40
CA ASP H 76 -30.32 -16.09 -13.05
C ASP H 76 -30.01 -15.45 -14.40
N THR H 77 -30.87 -14.55 -14.86
CA THR H 77 -30.53 -13.78 -16.04
C THR H 77 -29.85 -12.47 -15.67
N GLY H 78 -28.75 -12.18 -16.34
CA GLY H 78 -28.06 -10.91 -16.19
C GLY H 78 -28.65 -9.89 -17.12
N ASN H 79 -27.79 -9.20 -17.87
CA ASN H 79 -28.25 -8.18 -18.79
C ASN H 79 -28.84 -8.83 -20.02
N LYS H 80 -29.85 -8.17 -20.58
CA LYS H 80 -30.50 -8.62 -21.80
C LYS H 80 -30.30 -7.56 -22.86
N ARG H 81 -30.28 -7.98 -24.12
CA ARG H 81 -30.09 -7.03 -25.19
C ARG H 81 -30.84 -7.44 -26.45
N LEU H 82 -31.42 -6.46 -27.12
CA LEU H 82 -31.97 -6.66 -28.46
C LEU H 82 -31.22 -5.76 -29.43
N MET H 83 -30.71 -6.34 -30.51
CA MET H 83 -30.13 -5.54 -31.58
C MET H 83 -31.03 -5.61 -32.81
N LEU H 84 -31.65 -4.49 -33.14
CA LEU H 84 -32.61 -4.44 -34.24
C LEU H 84 -32.01 -3.78 -35.49
N PHE H 85 -31.85 -4.57 -36.54
CA PHE H 85 -31.27 -4.06 -37.77
C PHE H 85 -32.39 -3.56 -38.68
N PRO H 86 -32.09 -2.56 -39.51
CA PRO H 86 -33.10 -2.01 -40.42
C PRO H 86 -33.48 -2.98 -41.53
N ASP H 87 -32.56 -3.87 -41.89
CA ASP H 87 -32.87 -4.87 -42.92
C ASP H 87 -33.80 -5.98 -42.45
N GLY H 88 -34.20 -5.91 -41.18
CA GLY H 88 -35.18 -6.84 -40.65
C GLY H 88 -34.62 -7.69 -39.52
N ARG H 89 -33.39 -8.17 -39.70
CA ARG H 89 -32.79 -9.12 -38.77
C ARG H 89 -32.71 -8.67 -37.32
N VAL H 90 -32.88 -9.61 -36.40
CA VAL H 90 -32.94 -9.33 -34.97
C VAL H 90 -31.95 -10.20 -34.21
N ILE H 91 -31.19 -9.60 -33.30
CA ILE H 91 -30.25 -10.35 -32.48
C ILE H 91 -30.50 -10.15 -31.00
N TYR H 92 -30.74 -11.27 -30.31
CA TYR H 92 -30.97 -11.24 -28.88
C TYR H 92 -29.77 -11.77 -28.12
N ASN H 93 -29.26 -10.96 -27.20
CA ASN H 93 -28.07 -11.34 -26.45
C ASN H 93 -28.37 -11.26 -24.96
N ALA H 94 -28.00 -12.28 -24.21
CA ALA H 94 -28.23 -12.31 -22.78
C ALA H 94 -27.21 -13.15 -22.04
N ARG H 95 -26.82 -12.72 -20.84
CA ARG H 95 -25.96 -13.55 -20.01
C ARG H 95 -26.82 -14.39 -19.08
N PHE H 96 -26.38 -15.61 -18.81
CA PHE H 96 -27.11 -16.48 -17.90
C PHE H 96 -26.23 -17.25 -16.94
N LEU H 97 -26.79 -17.60 -15.80
CA LEU H 97 -26.21 -18.59 -14.90
C LEU H 97 -27.27 -19.56 -14.44
N GLY H 98 -27.15 -20.82 -14.85
CA GLY H 98 -28.13 -21.82 -14.48
C GLY H 98 -27.59 -23.11 -13.92
N SER H 99 -28.45 -23.84 -13.23
CA SER H 99 -28.15 -25.20 -12.80
C SER H 99 -28.73 -26.19 -13.80
N PHE H 100 -27.88 -27.02 -14.39
CA PHE H 100 -28.34 -27.97 -15.39
C PHE H 100 -28.27 -29.44 -14.96
N SER H 101 -29.17 -30.25 -15.51
CA SER H 101 -29.31 -31.63 -15.12
C SER H 101 -28.82 -32.53 -16.23
N ASN H 102 -28.19 -33.63 -15.84
CA ASN H 102 -27.74 -34.69 -16.75
C ASN H 102 -27.37 -35.97 -16.05
N ASP H 103 -27.54 -37.09 -16.76
CA ASP H 103 -27.17 -38.38 -16.19
C ASP H 103 -25.68 -38.36 -15.94
N MET H 104 -25.32 -38.58 -14.68
CA MET H 104 -23.92 -38.60 -14.30
C MET H 104 -23.54 -39.87 -13.55
N ASP H 105 -22.60 -40.63 -14.13
CA ASP H 105 -22.10 -41.85 -13.51
C ASP H 105 -20.82 -41.55 -12.74
N PHE H 106 -20.85 -41.81 -11.43
CA PHE H 106 -19.69 -41.56 -10.57
C PHE H 106 -19.06 -42.83 -10.00
N ARG H 107 -19.43 -43.98 -10.55
CA ARG H 107 -18.96 -45.28 -10.07
C ARG H 107 -17.43 -45.39 -9.92
N LEU H 108 -16.72 -44.91 -10.94
CA LEU H 108 -15.25 -44.96 -10.93
C LEU H 108 -14.57 -43.69 -10.45
N PHE H 109 -15.15 -43.06 -9.45
CA PHE H 109 -14.55 -41.91 -8.80
C PHE H 109 -13.27 -42.39 -8.12
N PRO H 110 -12.22 -41.56 -8.13
CA PRO H 110 -12.10 -40.19 -8.65
C PRO H 110 -11.65 -40.12 -10.12
N PHE H 111 -11.81 -41.20 -10.87
CA PHE H 111 -11.46 -41.22 -12.29
C PHE H 111 -12.66 -41.16 -13.22
N ASP H 112 -13.62 -40.28 -12.91
CA ASP H 112 -14.85 -40.21 -13.69
C ASP H 112 -14.56 -39.59 -15.04
N ARG H 113 -15.36 -39.98 -16.01
CA ARG H 113 -15.41 -39.28 -17.27
C ARG H 113 -16.84 -38.75 -17.31
N GLN H 114 -17.00 -37.44 -17.34
CA GLN H 114 -18.34 -36.86 -17.40
C GLN H 114 -18.54 -36.03 -18.65
N GLN H 115 -19.79 -35.86 -19.04
CA GLN H 115 -20.13 -34.91 -20.09
C GLN H 115 -21.26 -33.94 -19.72
N PHE H 116 -20.96 -32.66 -19.87
CA PHE H 116 -21.89 -31.58 -19.54
C PHE H 116 -22.74 -31.23 -20.75
N VAL H 117 -24.05 -31.34 -20.58
CA VAL H 117 -25.00 -31.23 -21.67
C VAL H 117 -25.86 -29.99 -21.51
N LEU H 118 -26.17 -29.35 -22.64
CA LEU H 118 -27.10 -28.24 -22.66
C LEU H 118 -28.19 -28.55 -23.69
N GLU H 119 -29.45 -28.43 -23.30
CA GLU H 119 -30.53 -28.69 -24.24
C GLU H 119 -31.43 -27.47 -24.45
N LEU H 120 -31.45 -26.97 -25.68
CA LEU H 120 -32.22 -25.77 -26.03
C LEU H 120 -33.35 -26.14 -26.94
N GLU H 121 -34.51 -25.57 -26.66
CA GLU H 121 -35.70 -25.85 -27.44
C GLU H 121 -36.71 -24.73 -27.28
N PRO H 122 -37.37 -24.35 -28.39
CA PRO H 122 -38.37 -23.28 -28.31
C PRO H 122 -39.51 -23.72 -27.39
N PHE H 123 -39.96 -22.83 -26.51
CA PHE H 123 -40.97 -23.20 -25.53
C PHE H 123 -42.32 -23.53 -26.18
N SER H 124 -42.69 -22.73 -27.19
CA SER H 124 -44.03 -22.86 -27.77
C SER H 124 -44.12 -23.00 -29.28
N TYR H 125 -43.04 -22.68 -29.98
CA TYR H 125 -43.07 -22.77 -31.43
C TYR H 125 -42.49 -24.05 -32.02
N ASN H 126 -43.31 -24.80 -32.75
CA ASN H 126 -42.84 -26.03 -33.40
C ASN H 126 -41.96 -25.84 -34.63
N ASN H 127 -41.34 -26.94 -35.06
CA ASN H 127 -40.42 -26.99 -36.20
C ASN H 127 -40.90 -26.28 -37.46
N GLN H 128 -42.21 -26.17 -37.60
CA GLN H 128 -42.81 -25.54 -38.76
C GLN H 128 -43.03 -24.06 -38.54
N GLN H 129 -43.02 -23.67 -37.28
CA GLN H 129 -43.07 -22.28 -36.87
C GLN H 129 -41.67 -21.69 -36.69
N LEU H 130 -40.85 -22.40 -35.93
CA LEU H 130 -39.50 -21.94 -35.61
C LEU H 130 -38.51 -23.09 -35.78
N ARG H 131 -37.44 -22.82 -36.53
CA ARG H 131 -36.49 -23.87 -36.79
C ARG H 131 -35.06 -23.37 -36.52
N PHE H 132 -34.23 -24.18 -35.89
CA PHE H 132 -32.84 -23.79 -35.64
C PHE H 132 -31.92 -23.99 -36.84
N SER H 133 -31.61 -22.88 -37.52
CA SER H 133 -30.78 -22.97 -38.73
C SER H 133 -29.39 -23.53 -38.49
N ASP H 134 -28.69 -22.98 -37.50
CA ASP H 134 -27.34 -23.44 -37.18
C ASP H 134 -26.96 -23.06 -35.75
N ILE H 135 -25.90 -23.66 -35.24
CA ILE H 135 -25.37 -23.31 -33.94
C ILE H 135 -23.86 -23.49 -33.82
N GLN H 136 -23.19 -22.51 -33.23
CA GLN H 136 -21.77 -22.61 -32.93
C GLN H 136 -21.55 -22.33 -31.45
N VAL H 137 -20.71 -23.15 -30.84
CA VAL H 137 -20.36 -23.02 -29.44
C VAL H 137 -18.91 -22.62 -29.24
N TYR H 138 -18.69 -21.61 -28.40
CA TYR H 138 -17.34 -21.16 -28.11
C TYR H 138 -16.94 -21.40 -26.67
N THR H 139 -16.12 -22.43 -26.46
CA THR H 139 -15.57 -22.69 -25.15
C THR H 139 -14.22 -22.01 -25.03
N GLU H 140 -14.21 -20.74 -24.67
CA GLU H 140 -12.97 -19.97 -24.60
C GLU H 140 -12.05 -20.41 -23.47
N ASN H 141 -12.02 -21.71 -23.14
CA ASN H 141 -11.13 -22.13 -22.07
C ASN H 141 -9.82 -22.67 -22.61
N ILE H 142 -8.86 -22.87 -21.70
CA ILE H 142 -7.52 -23.33 -22.02
C ILE H 142 -6.68 -23.25 -20.75
N ASP H 143 -5.48 -23.82 -20.83
CA ASP H 143 -4.45 -23.64 -19.80
C ASP H 143 -4.81 -23.97 -18.32
N ASN H 144 -3.78 -24.04 -17.47
CA ASN H 144 -3.91 -24.23 -16.02
C ASN H 144 -4.86 -25.35 -15.64
N GLU H 145 -4.58 -26.53 -16.15
CA GLU H 145 -5.42 -27.68 -15.90
C GLU H 145 -5.27 -28.15 -14.45
N GLU H 146 -4.04 -28.02 -13.94
CA GLU H 146 -3.70 -28.46 -12.59
C GLU H 146 -4.19 -27.51 -11.52
N ILE H 147 -4.88 -26.45 -11.93
CA ILE H 147 -5.45 -25.49 -11.02
C ILE H 147 -6.96 -25.70 -10.89
N ASP H 148 -7.54 -26.21 -11.95
CA ASP H 148 -8.98 -26.45 -12.00
C ASP H 148 -9.34 -27.90 -11.66
N GLU H 149 -10.54 -28.07 -11.09
CA GLU H 149 -11.02 -29.37 -10.65
C GLU H 149 -11.26 -30.29 -11.85
N TRP H 150 -11.76 -29.72 -12.94
CA TRP H 150 -12.10 -30.51 -14.10
C TRP H 150 -11.26 -30.14 -15.32
N TRP H 151 -10.86 -31.13 -16.10
CA TRP H 151 -10.11 -30.90 -17.34
C TRP H 151 -10.96 -31.12 -18.57
N ILE H 152 -11.30 -30.01 -19.21
CA ILE H 152 -12.09 -30.07 -20.43
C ILE H 152 -11.26 -30.67 -21.55
N ARG H 153 -11.84 -31.63 -22.25
CA ARG H 153 -11.10 -32.39 -23.23
C ARG H 153 -11.34 -31.90 -24.65
N GLY H 154 -12.51 -32.19 -25.21
CA GLY H 154 -12.76 -31.79 -26.57
C GLY H 154 -13.01 -30.30 -26.73
N LYS H 155 -13.62 -29.93 -27.85
CA LYS H 155 -14.02 -28.55 -28.10
C LYS H 155 -15.47 -28.33 -27.63
N ALA H 156 -16.44 -29.04 -28.18
CA ALA H 156 -17.87 -29.06 -27.80
C ALA H 156 -18.58 -29.79 -28.90
N SER H 157 -19.34 -30.82 -28.53
CA SER H 157 -20.06 -31.58 -29.52
C SER H 157 -21.42 -30.92 -29.71
N THR H 158 -21.90 -30.88 -30.94
CA THR H 158 -23.18 -30.24 -31.22
C THR H 158 -24.11 -31.11 -32.04
N HIS H 159 -25.40 -31.02 -31.74
CA HIS H 159 -26.42 -31.74 -32.47
C HIS H 159 -27.77 -31.04 -32.50
N ILE H 160 -28.16 -30.61 -33.68
CA ILE H 160 -29.52 -30.15 -33.90
C ILE H 160 -30.38 -31.31 -34.35
N SER H 161 -31.48 -31.51 -33.64
CA SER H 161 -32.40 -32.60 -33.93
C SER H 161 -33.85 -32.19 -33.78
N ASP H 162 -34.76 -33.09 -34.13
CA ASP H 162 -36.18 -32.83 -34.04
C ASP H 162 -36.88 -33.76 -33.04
N ILE H 163 -37.42 -33.20 -31.96
CA ILE H 163 -38.01 -34.01 -30.90
C ILE H 163 -39.52 -34.09 -31.01
N ARG H 164 -40.02 -35.32 -31.16
CA ARG H 164 -41.44 -35.57 -31.31
C ARG H 164 -42.12 -35.84 -29.96
N TYR H 165 -43.19 -35.10 -29.71
CA TYR H 165 -44.05 -35.26 -28.53
C TYR H 165 -45.29 -35.99 -28.99
N ASP H 166 -45.65 -37.06 -28.30
CA ASP H 166 -46.74 -37.91 -28.71
C ASP H 166 -48.09 -37.47 -28.16
N HIS H 167 -48.06 -36.75 -27.04
CA HIS H 167 -49.26 -36.26 -26.39
C HIS H 167 -49.31 -34.74 -26.17
N LEU H 168 -49.97 -33.98 -27.04
CA LEU H 168 -50.14 -32.53 -26.83
C LEU H 168 -51.60 -32.14 -26.99
N SER H 169 -51.85 -31.00 -27.63
CA SER H 169 -53.18 -30.45 -27.84
C SER H 169 -53.93 -31.43 -28.74
N SER H 170 -55.20 -31.16 -29.00
CA SER H 170 -55.96 -31.95 -29.97
C SER H 170 -55.57 -31.64 -31.42
N VAL H 171 -54.27 -31.51 -31.67
CA VAL H 171 -53.76 -31.22 -33.00
C VAL H 171 -53.10 -32.44 -33.65
N GLN H 172 -53.51 -32.74 -34.88
CA GLN H 172 -53.10 -34.00 -35.51
C GLN H 172 -52.14 -33.98 -36.73
N PRO H 173 -52.13 -32.89 -37.55
CA PRO H 173 -51.34 -32.97 -38.78
C PRO H 173 -49.91 -33.35 -38.51
N ASN H 174 -49.15 -32.36 -38.07
CA ASN H 174 -47.73 -32.60 -37.81
C ASN H 174 -47.03 -31.56 -36.95
N GLN H 175 -47.80 -30.75 -36.23
CA GLN H 175 -47.21 -29.77 -35.34
C GLN H 175 -46.84 -30.45 -34.04
N ASN H 176 -45.75 -31.21 -34.06
CA ASN H 176 -45.35 -31.95 -32.87
C ASN H 176 -43.86 -32.28 -32.73
N GLU H 177 -43.08 -31.84 -33.72
CA GLU H 177 -41.63 -32.06 -33.68
C GLU H 177 -40.76 -30.83 -33.47
N PHE H 178 -40.94 -30.16 -32.33
CA PHE H 178 -40.06 -29.06 -31.90
C PHE H 178 -38.59 -29.38 -32.17
N SER H 179 -37.86 -28.40 -32.70
CA SER H 179 -36.43 -28.62 -32.94
C SER H 179 -35.62 -28.36 -31.68
N ARG H 180 -34.66 -29.25 -31.41
CA ARG H 180 -33.89 -29.14 -30.17
C ARG H 180 -32.39 -29.05 -30.44
N ILE H 181 -31.71 -28.11 -29.81
CA ILE H 181 -30.26 -28.06 -29.87
C ILE H 181 -29.68 -28.79 -28.64
N THR H 182 -28.68 -29.64 -28.87
CA THR H 182 -28.01 -30.38 -27.80
C THR H 182 -26.50 -30.18 -27.87
N VAL H 183 -25.96 -29.51 -26.87
CA VAL H 183 -24.53 -29.26 -26.76
C VAL H 183 -23.91 -30.24 -25.77
N ARG H 184 -22.80 -30.88 -26.17
CA ARG H 184 -22.12 -31.79 -25.27
C ARG H 184 -20.64 -31.45 -25.06
N ILE H 185 -20.23 -31.31 -23.81
CA ILE H 185 -18.86 -31.01 -23.44
C ILE H 185 -18.26 -32.11 -22.59
N ASP H 186 -17.26 -32.81 -23.12
CA ASP H 186 -16.63 -33.89 -22.37
C ASP H 186 -15.63 -33.34 -21.36
N ALA H 187 -15.49 -34.02 -20.22
CA ALA H 187 -14.56 -33.56 -19.19
C ALA H 187 -14.04 -34.71 -18.34
N VAL H 188 -12.84 -34.51 -17.79
CA VAL H 188 -12.23 -35.49 -16.89
C VAL H 188 -11.86 -34.87 -15.55
N ARG H 189 -12.07 -35.63 -14.49
CA ARG H 189 -11.78 -35.17 -13.14
C ARG H 189 -10.28 -35.11 -12.87
N ASN H 190 -9.83 -34.08 -12.16
CA ASN H 190 -8.44 -33.97 -11.74
C ASN H 190 -8.22 -34.87 -10.52
N PRO H 191 -7.61 -36.04 -10.73
CA PRO H 191 -7.56 -37.12 -9.73
C PRO H 191 -6.41 -36.91 -8.74
N SER H 192 -5.57 -35.90 -8.97
CA SER H 192 -4.36 -35.71 -8.16
C SER H 192 -4.61 -35.66 -6.65
N TYR H 193 -5.58 -34.87 -6.23
CA TYR H 193 -5.84 -34.66 -4.81
C TYR H 193 -6.21 -35.95 -4.09
N TYR H 194 -7.10 -36.70 -4.74
CA TYR H 194 -7.60 -37.94 -4.17
C TYR H 194 -6.55 -39.04 -4.18
N LEU H 195 -5.66 -39.03 -5.16
CA LEU H 195 -4.62 -40.05 -5.23
C LEU H 195 -3.66 -39.90 -4.07
N TRP H 196 -3.10 -38.71 -3.92
CA TRP H 196 -2.10 -38.42 -2.92
C TRP H 196 -2.62 -38.34 -1.49
N SER H 197 -3.78 -37.73 -1.33
CA SER H 197 -4.36 -37.56 0.00
C SER H 197 -5.32 -38.65 0.51
N PHE H 198 -5.74 -39.53 -0.38
CA PHE H 198 -6.68 -40.61 -0.03
C PHE H 198 -6.14 -42.00 -0.39
N ILE H 199 -5.92 -42.23 -1.69
CA ILE H 199 -5.50 -43.55 -2.16
C ILE H 199 -4.17 -43.96 -1.52
N LEU H 200 -3.17 -43.09 -1.61
CA LEU H 200 -1.83 -43.38 -1.08
C LEU H 200 -1.82 -43.79 0.38
N PRO H 201 -2.31 -42.92 1.28
CA PRO H 201 -2.24 -43.35 2.68
C PRO H 201 -3.13 -44.54 3.01
N LEU H 202 -4.26 -44.67 2.32
CA LEU H 202 -5.12 -45.84 2.49
C LEU H 202 -4.33 -47.09 2.14
N GLY H 203 -3.54 -47.04 1.07
CA GLY H 203 -2.70 -48.15 0.69
C GLY H 203 -1.71 -48.50 1.79
N LEU H 204 -1.10 -47.47 2.37
CA LEU H 204 -0.13 -47.65 3.45
C LEU H 204 -0.76 -48.31 4.68
N ILE H 205 -2.02 -47.96 4.95
CA ILE H 205 -2.77 -48.57 6.03
C ILE H 205 -2.97 -50.06 5.78
N ILE H 206 -3.48 -50.40 4.59
CA ILE H 206 -3.70 -51.79 4.22
C ILE H 206 -2.39 -52.56 4.28
N ALA H 207 -1.32 -51.95 3.78
CA ALA H 207 -0.04 -52.63 3.77
C ALA H 207 0.47 -52.85 5.19
N ALA H 208 0.36 -51.81 6.02
CA ALA H 208 0.81 -51.93 7.41
C ALA H 208 -0.08 -52.87 8.18
N SER H 209 -1.32 -53.04 7.71
CA SER H 209 -2.23 -54.00 8.34
C SER H 209 -1.64 -55.40 8.36
N TRP H 210 -0.95 -55.75 7.29
CA TRP H 210 -0.39 -57.09 7.15
C TRP H 210 0.83 -57.32 8.02
N SER H 211 1.36 -56.23 8.59
CA SER H 211 2.53 -56.33 9.46
C SER H 211 2.21 -56.93 10.82
N VAL H 212 0.94 -57.29 11.02
CA VAL H 212 0.49 -57.87 12.28
C VAL H 212 1.07 -59.28 12.48
N PHE H 213 1.44 -59.92 11.38
CA PHE H 213 1.96 -61.28 11.41
C PHE H 213 3.42 -61.35 11.85
N TRP H 214 4.12 -60.23 11.77
CA TRP H 214 5.50 -60.21 12.24
C TRP H 214 5.59 -60.12 13.77
N LEU H 215 4.43 -60.03 14.44
CA LEU H 215 4.40 -60.04 15.90
C LEU H 215 4.60 -61.44 16.43
N GLU H 216 5.34 -61.55 17.54
CA GLU H 216 5.71 -62.84 18.07
C GLU H 216 4.55 -63.55 18.80
N SER H 217 4.07 -62.92 19.87
CA SER H 217 2.99 -63.49 20.69
C SER H 217 1.63 -63.48 20.00
N PHE H 218 0.79 -64.44 20.37
CA PHE H 218 -0.59 -64.48 19.89
C PHE H 218 -1.45 -63.33 20.42
N SER H 219 -1.29 -63.00 21.70
CA SER H 219 -2.00 -61.88 22.31
C SER H 219 -1.62 -60.58 21.61
N GLU H 220 -0.33 -60.42 21.26
CA GLU H 220 0.13 -59.21 20.57
C GLU H 220 -0.57 -59.19 19.22
N ARG H 221 -0.49 -60.30 18.50
CA ARG H 221 -1.07 -60.40 17.16
C ARG H 221 -2.55 -60.06 17.13
N LEU H 222 -3.30 -60.54 18.12
CA LEU H 222 -4.73 -60.32 18.14
C LEU H 222 -5.12 -58.92 18.62
N GLN H 223 -4.59 -58.50 19.76
CA GLN H 223 -4.97 -57.19 20.34
C GLN H 223 -4.67 -56.01 19.42
N THR H 224 -3.56 -56.11 18.70
CA THR H 224 -3.11 -55.08 17.78
C THR H 224 -4.09 -54.89 16.61
N SER H 225 -4.71 -55.98 16.20
CA SER H 225 -5.66 -55.91 15.09
C SER H 225 -6.94 -55.17 15.42
N PHE H 226 -7.23 -55.01 16.71
CA PHE H 226 -8.40 -54.25 17.14
C PHE H 226 -8.17 -52.75 16.97
N THR H 227 -6.92 -52.33 17.17
CA THR H 227 -6.50 -50.96 16.90
C THR H 227 -6.50 -50.77 15.40
N LEU H 228 -6.07 -51.80 14.70
CA LEU H 228 -5.98 -51.75 13.25
C LEU H 228 -7.37 -51.61 12.63
N MET H 229 -8.34 -52.28 13.24
CA MET H 229 -9.73 -52.18 12.83
C MET H 229 -10.28 -50.78 13.06
N LEU H 230 -10.00 -50.28 14.25
CA LEU H 230 -10.38 -48.94 14.65
C LEU H 230 -9.73 -47.85 13.78
N THR H 231 -8.56 -48.15 13.25
CA THR H 231 -7.87 -47.24 12.35
C THR H 231 -8.62 -47.11 11.01
N VAL H 232 -9.08 -48.23 10.48
CA VAL H 232 -9.83 -48.24 9.23
C VAL H 232 -11.17 -47.51 9.37
N VAL H 233 -11.83 -47.69 10.51
CA VAL H 233 -13.04 -46.93 10.81
C VAL H 233 -12.79 -45.42 10.80
N ALA H 234 -11.73 -44.99 11.47
CA ALA H 234 -11.35 -43.58 11.51
C ALA H 234 -11.10 -43.05 10.10
N TYR H 235 -10.53 -43.90 9.24
CA TYR H 235 -10.26 -43.50 7.87
C TYR H 235 -11.52 -43.40 7.04
N ALA H 236 -12.41 -44.39 7.19
CA ALA H 236 -13.70 -44.38 6.52
C ALA H 236 -14.44 -43.08 6.82
N PHE H 237 -14.31 -42.64 8.07
CA PHE H 237 -14.94 -41.41 8.53
C PHE H 237 -14.31 -40.23 7.82
N TYR H 238 -13.00 -40.17 7.85
CA TYR H 238 -12.23 -39.10 7.23
C TYR H 238 -12.55 -39.01 5.74
N THR H 239 -12.65 -40.17 5.10
CA THR H 239 -13.01 -40.30 3.70
C THR H 239 -14.42 -39.77 3.45
N SER H 240 -15.39 -40.36 4.15
CA SER H 240 -16.80 -40.03 3.98
C SER H 240 -17.16 -38.57 4.25
N ASN H 241 -16.51 -37.97 5.23
CA ASN H 241 -16.78 -36.57 5.54
C ASN H 241 -16.32 -35.61 4.45
N ILE H 242 -15.28 -35.98 3.72
CA ILE H 242 -14.74 -35.09 2.69
C ILE H 242 -15.21 -35.40 1.26
N LEU H 243 -15.25 -36.68 0.91
CA LEU H 243 -15.78 -37.12 -0.38
C LEU H 243 -17.26 -36.77 -0.62
N PRO H 244 -17.66 -36.68 -1.90
CA PRO H 244 -19.04 -36.35 -2.29
C PRO H 244 -20.02 -37.47 -1.94
N ARG H 245 -21.22 -37.11 -1.49
CA ARG H 245 -22.22 -38.12 -1.16
C ARG H 245 -22.78 -38.78 -2.41
N LEU H 246 -22.88 -40.11 -2.37
CA LEU H 246 -23.40 -40.85 -3.51
C LEU H 246 -24.34 -41.95 -3.04
N PRO H 247 -25.24 -42.40 -3.93
CA PRO H 247 -26.09 -43.54 -3.58
C PRO H 247 -25.46 -44.87 -3.94
N TYR H 248 -24.17 -44.87 -4.32
CA TYR H 248 -23.51 -46.12 -4.65
C TYR H 248 -22.06 -46.08 -4.20
N THR H 249 -21.40 -47.24 -4.17
CA THR H 249 -20.01 -47.28 -3.76
C THR H 249 -19.06 -46.87 -4.89
N THR H 250 -17.99 -46.17 -4.53
CA THR H 250 -16.94 -45.83 -5.47
C THR H 250 -15.78 -46.82 -5.38
N VAL H 251 -14.71 -46.53 -6.09
CA VAL H 251 -13.50 -47.34 -6.02
C VAL H 251 -12.89 -47.26 -4.64
N ILE H 252 -12.82 -46.04 -4.12
CA ILE H 252 -12.31 -45.76 -2.79
C ILE H 252 -13.13 -46.48 -1.73
N ASP H 253 -14.44 -46.49 -1.91
CA ASP H 253 -15.32 -47.17 -0.98
C ASP H 253 -15.04 -48.67 -0.96
N GLN H 254 -14.78 -49.22 -2.14
CA GLN H 254 -14.42 -50.62 -2.28
C GLN H 254 -13.10 -50.97 -1.60
N MET H 255 -12.15 -50.04 -1.69
CA MET H 255 -10.86 -50.13 -1.05
C MET H 255 -11.06 -50.24 0.46
N ILE H 256 -11.97 -49.42 0.97
CA ILE H 256 -12.26 -49.40 2.39
C ILE H 256 -12.80 -50.75 2.86
N ILE H 257 -13.78 -51.27 2.13
CA ILE H 257 -14.36 -52.59 2.41
C ILE H 257 -13.25 -53.63 2.42
N ALA H 258 -12.36 -53.53 1.43
CA ALA H 258 -11.23 -54.45 1.32
C ALA H 258 -10.34 -54.38 2.56
N GLY H 259 -10.26 -53.18 3.13
CA GLY H 259 -9.50 -52.95 4.35
C GLY H 259 -10.12 -53.72 5.49
N TYR H 260 -11.44 -53.61 5.64
CA TYR H 260 -12.15 -54.31 6.69
C TYR H 260 -11.97 -55.82 6.51
N GLY H 261 -12.05 -56.28 5.27
CA GLY H 261 -11.95 -57.69 4.98
C GLY H 261 -10.59 -58.27 5.33
N SER H 262 -9.54 -57.56 4.94
CA SER H 262 -8.16 -57.97 5.21
C SER H 262 -7.95 -58.17 6.71
N ILE H 263 -8.44 -57.21 7.50
CA ILE H 263 -8.28 -57.26 8.95
C ILE H 263 -9.10 -58.36 9.59
N PHE H 264 -10.34 -58.49 9.12
CA PHE H 264 -11.21 -59.55 9.60
C PHE H 264 -10.68 -60.93 9.22
N ALA H 265 -10.14 -61.06 8.02
CA ALA H 265 -9.59 -62.32 7.58
C ALA H 265 -8.37 -62.68 8.44
N ALA H 266 -7.58 -61.66 8.76
CA ALA H 266 -6.41 -61.80 9.62
C ALA H 266 -6.83 -62.27 11.00
N ILE H 267 -7.89 -61.65 11.53
CA ILE H 267 -8.44 -62.01 12.84
C ILE H 267 -8.78 -63.49 12.88
N LEU H 268 -9.46 -63.95 11.85
CA LEU H 268 -9.87 -65.33 11.73
C LEU H 268 -8.67 -66.28 11.73
N LEU H 269 -7.69 -65.95 10.89
CA LEU H 269 -6.50 -66.78 10.79
C LEU H 269 -5.70 -66.83 12.08
N ILE H 270 -5.56 -65.66 12.71
CA ILE H 270 -4.84 -65.55 13.97
C ILE H 270 -5.41 -66.46 15.05
N ILE H 271 -6.73 -66.41 15.21
CA ILE H 271 -7.44 -67.29 16.13
C ILE H 271 -7.27 -68.74 15.68
N PHE H 272 -7.40 -68.97 14.38
CA PHE H 272 -7.33 -70.33 13.83
C PHE H 272 -5.96 -70.95 14.11
N ALA H 273 -4.90 -70.22 13.75
CA ALA H 273 -3.53 -70.65 13.98
C ALA H 273 -3.32 -71.15 15.41
N HIS H 274 -3.84 -70.39 16.36
CA HIS H 274 -3.62 -70.69 17.77
C HIS H 274 -4.36 -71.96 18.20
N HIS H 275 -5.62 -72.07 17.79
CA HIS H 275 -6.48 -73.16 18.23
C HIS H 275 -6.61 -74.36 17.31
N ARG H 276 -6.14 -74.23 16.06
CA ARG H 276 -6.03 -75.42 15.22
C ARG H 276 -4.68 -76.08 15.54
N GLN H 277 -4.70 -77.04 16.44
CA GLN H 277 -3.47 -77.57 16.99
C GLN H 277 -3.55 -79.07 17.23
N ALA H 278 -2.42 -79.59 17.67
CA ALA H 278 -2.24 -80.98 18.03
C ALA H 278 -1.87 -81.08 19.52
N ASN H 279 -2.06 -79.95 20.21
CA ASN H 279 -1.79 -79.78 21.65
C ASN H 279 -2.56 -78.70 22.31
N GLY H 280 -2.36 -77.50 21.81
CA GLY H 280 -2.97 -76.33 22.38
C GLY H 280 -2.34 -75.06 21.87
N VAL H 281 -1.01 -75.07 21.83
CA VAL H 281 -0.25 -73.93 21.34
C VAL H 281 0.52 -74.19 20.05
N GLU H 282 0.04 -75.14 19.26
CA GLU H 282 0.69 -75.44 17.99
C GLU H 282 0.26 -74.41 16.98
N ASP H 283 0.96 -73.28 16.97
CA ASP H 283 0.71 -72.24 16.00
C ASP H 283 1.41 -72.66 14.72
N ASP H 284 0.62 -73.03 13.72
CA ASP H 284 1.19 -73.54 12.46
C ASP H 284 2.28 -72.67 11.88
N LEU H 285 3.50 -73.17 12.00
CA LEU H 285 4.72 -72.46 11.65
C LEU H 285 4.66 -71.77 10.29
N LEU H 286 3.87 -72.34 9.39
CA LEU H 286 3.72 -71.77 8.06
C LEU H 286 2.58 -70.78 7.92
N ILE H 287 1.50 -71.02 8.67
CA ILE H 287 0.31 -70.18 8.61
C ILE H 287 0.55 -68.86 9.36
N GLN H 288 1.37 -68.92 10.40
CA GLN H 288 1.78 -67.71 11.08
C GLN H 288 2.76 -66.97 10.23
N ARG H 289 3.43 -67.68 9.35
CA ARG H 289 4.31 -67.03 8.41
C ARG H 289 3.63 -66.79 7.05
N CYS H 290 2.32 -66.61 7.05
CA CYS H 290 1.59 -66.10 5.89
C CYS H 290 1.77 -64.59 5.77
N ARG H 291 2.93 -64.12 6.24
CA ARG H 291 3.30 -62.71 6.13
C ARG H 291 3.52 -62.30 4.69
N LEU H 292 3.61 -63.29 3.80
CA LEU H 292 3.77 -62.99 2.39
C LEU H 292 2.62 -63.59 1.57
N ALA H 293 1.90 -64.53 2.17
CA ALA H 293 0.85 -65.25 1.46
C ALA H 293 -0.28 -64.34 0.97
N PHE H 294 -1.04 -63.76 1.89
CA PHE H 294 -2.17 -62.93 1.43
C PHE H 294 -1.88 -61.44 1.11
N PRO H 295 -0.70 -60.89 1.52
CA PRO H 295 -0.43 -59.56 0.97
C PRO H 295 -0.39 -59.57 -0.55
N LEU H 296 0.18 -60.62 -1.14
CA LEU H 296 0.15 -60.78 -2.58
C LEU H 296 -1.15 -61.45 -3.02
N GLY H 297 -1.82 -62.11 -2.07
CA GLY H 297 -3.13 -62.67 -2.38
C GLY H 297 -4.14 -61.54 -2.44
N PHE H 298 -3.80 -60.43 -1.81
CA PHE H 298 -4.63 -59.23 -1.82
C PHE H 298 -4.40 -58.49 -3.12
N LEU H 299 -3.18 -58.58 -3.61
CA LEU H 299 -2.80 -57.99 -4.88
C LEU H 299 -3.35 -58.78 -6.04
N ALA H 300 -3.69 -60.04 -5.78
CA ALA H 300 -4.34 -60.88 -6.79
C ALA H 300 -5.82 -60.59 -6.81
N ILE H 301 -6.42 -60.41 -5.63
CA ILE H 301 -7.82 -60.01 -5.53
C ILE H 301 -8.04 -58.57 -5.97
N GLY H 302 -7.05 -57.72 -5.72
CA GLY H 302 -7.13 -56.35 -6.18
C GLY H 302 -7.07 -56.27 -7.69
N CYS H 303 -6.22 -57.09 -8.29
CA CYS H 303 -6.13 -57.09 -9.75
C CYS H 303 -7.35 -57.77 -10.39
N VAL H 304 -8.02 -58.62 -9.62
CA VAL H 304 -9.26 -59.24 -10.07
C VAL H 304 -10.47 -58.30 -10.06
N LEU H 305 -10.40 -57.30 -9.18
CA LEU H 305 -11.37 -56.21 -9.10
C LEU H 305 -11.31 -55.29 -10.31
N VAL H 306 -10.19 -55.30 -11.00
CA VAL H 306 -10.06 -54.53 -12.23
C VAL H 306 -10.75 -55.24 -13.38
N ILE H 307 -10.83 -56.56 -13.31
CA ILE H 307 -11.45 -57.33 -14.36
C ILE H 307 -12.98 -57.21 -14.28
N PRO I 1 -18.13 8.57 -30.11
CA PRO I 1 -17.61 7.68 -29.07
C PRO I 1 -17.65 8.32 -27.69
N VAL I 2 -18.65 7.92 -26.90
CA VAL I 2 -18.89 8.55 -25.60
C VAL I 2 -17.78 8.28 -24.59
N ASP I 3 -17.19 9.34 -24.05
CA ASP I 3 -16.14 9.21 -23.04
C ASP I 3 -16.73 8.98 -21.66
N VAL I 4 -16.52 7.79 -21.11
CA VAL I 4 -17.02 7.47 -19.78
C VAL I 4 -15.90 7.44 -18.74
N SER I 5 -16.05 8.25 -17.69
CA SER I 5 -15.14 8.23 -16.55
C SER I 5 -15.71 7.36 -15.44
N VAL I 6 -14.95 6.38 -14.98
CA VAL I 6 -15.43 5.48 -13.94
C VAL I 6 -14.70 5.63 -12.61
N SER I 7 -15.41 5.41 -11.51
CA SER I 7 -14.80 5.38 -10.17
C SER I 7 -15.36 4.20 -9.39
N ILE I 8 -14.49 3.37 -8.85
CA ILE I 8 -14.88 2.26 -8.00
C ILE I 8 -14.43 2.47 -6.56
N PHE I 9 -15.38 2.35 -5.62
CA PHE I 9 -15.03 2.41 -4.22
C PHE I 9 -15.21 1.02 -3.63
N ILE I 10 -14.13 0.42 -3.13
CA ILE I 10 -14.22 -0.90 -2.51
C ILE I 10 -14.36 -0.82 -1.00
N ASN I 11 -15.47 -1.32 -0.48
CA ASN I 11 -15.68 -1.29 0.96
C ASN I 11 -15.13 -2.51 1.68
N LYS I 12 -15.41 -3.70 1.14
CA LYS I 12 -15.06 -4.93 1.83
C LYS I 12 -14.79 -6.05 0.84
N ILE I 13 -13.73 -6.83 1.08
CA ILE I 13 -13.50 -8.06 0.34
C ILE I 13 -13.46 -9.28 1.26
N TYR I 14 -14.47 -10.13 1.13
CA TYR I 14 -14.62 -11.27 2.03
C TYR I 14 -15.13 -12.52 1.31
N GLY I 15 -15.34 -13.56 2.11
CA GLY I 15 -15.93 -14.82 1.67
C GLY I 15 -15.36 -15.49 0.44
N VAL I 16 -14.09 -15.80 0.50
CA VAL I 16 -13.43 -16.51 -0.57
C VAL I 16 -13.90 -17.96 -0.63
N ASN I 17 -14.42 -18.37 -1.77
CA ASN I 17 -14.77 -19.77 -2.03
C ASN I 17 -13.63 -20.43 -2.80
N THR I 18 -12.82 -21.21 -2.10
CA THR I 18 -11.65 -21.82 -2.71
C THR I 18 -11.97 -22.73 -3.89
N LEU I 19 -13.00 -23.57 -3.73
CA LEU I 19 -13.36 -24.49 -4.79
C LEU I 19 -13.93 -23.83 -6.03
N GLU I 20 -14.74 -22.81 -5.82
CA GLU I 20 -15.34 -22.06 -6.91
C GLU I 20 -14.44 -20.97 -7.47
N GLN I 21 -13.36 -20.71 -6.74
CA GLN I 21 -12.44 -19.63 -7.07
C GLN I 21 -13.23 -18.33 -7.16
N THR I 22 -13.85 -17.95 -6.04
CA THR I 22 -14.85 -16.89 -6.00
C THR I 22 -14.58 -16.03 -4.77
N TYR I 23 -14.94 -14.74 -4.86
CA TYR I 23 -14.85 -13.88 -3.69
C TYR I 23 -15.92 -12.79 -3.74
N LYS I 24 -16.37 -12.33 -2.58
CA LYS I 24 -17.41 -11.30 -2.52
C LYS I 24 -16.84 -9.91 -2.32
N VAL I 25 -17.37 -8.99 -3.12
CA VAL I 25 -17.00 -7.58 -3.02
C VAL I 25 -18.19 -6.63 -2.79
N ASP I 26 -18.13 -5.83 -1.74
CA ASP I 26 -19.09 -4.75 -1.50
C ASP I 26 -18.49 -3.39 -1.83
N GLY I 27 -19.23 -2.58 -2.57
CA GLY I 27 -18.74 -1.27 -2.96
C GLY I 27 -19.70 -0.47 -3.81
N TYR I 28 -19.19 0.61 -4.39
CA TYR I 28 -20.01 1.55 -5.15
C TYR I 28 -19.38 1.77 -6.52
N ILE I 29 -20.22 1.95 -7.53
CA ILE I 29 -19.72 2.31 -8.86
C ILE I 29 -20.18 3.72 -9.19
N VAL I 30 -19.26 4.52 -9.71
CA VAL I 30 -19.63 5.82 -10.23
C VAL I 30 -19.22 5.91 -11.69
N ALA I 31 -20.20 6.21 -12.54
CA ALA I 31 -19.94 6.40 -13.96
C ALA I 31 -20.39 7.77 -14.44
N GLN I 32 -19.51 8.45 -15.17
CA GLN I 32 -19.81 9.79 -15.63
C GLN I 32 -19.59 9.96 -17.13
N TRP I 33 -20.54 10.61 -17.79
CA TRP I 33 -20.40 10.94 -19.20
C TRP I 33 -21.08 12.27 -19.43
N THR I 34 -20.83 12.91 -20.56
CA THR I 34 -21.53 14.15 -20.89
C THR I 34 -22.53 14.01 -22.04
N GLY I 35 -23.79 14.27 -21.71
CA GLY I 35 -24.87 14.19 -22.67
C GLY I 35 -25.22 15.57 -23.17
N LYS I 36 -26.40 15.71 -23.77
CA LYS I 36 -26.83 17.02 -24.22
C LYS I 36 -27.39 17.83 -23.05
N PRO I 37 -27.05 19.11 -22.98
CA PRO I 37 -27.50 20.04 -21.93
C PRO I 37 -28.99 20.02 -21.63
N ARG I 38 -29.34 19.91 -20.36
CA ARG I 38 -30.72 19.78 -19.95
C ARG I 38 -31.19 21.04 -19.25
N LYS I 39 -32.50 21.13 -19.04
CA LYS I 39 -33.09 22.21 -18.28
C LYS I 39 -33.56 21.67 -16.94
N THR I 40 -32.74 21.83 -15.90
CA THR I 40 -33.10 21.32 -14.59
C THR I 40 -33.86 22.35 -13.75
N PRO I 41 -34.77 21.88 -12.86
CA PRO I 41 -35.53 22.77 -11.98
C PRO I 41 -34.59 23.70 -11.20
N GLY I 42 -34.76 25.01 -11.37
CA GLY I 42 -33.89 26.04 -10.81
C GLY I 42 -32.71 26.10 -11.74
N ASP I 43 -31.63 25.38 -11.40
CA ASP I 43 -30.48 25.23 -12.29
C ASP I 43 -29.43 24.31 -11.66
N LYS I 44 -29.71 23.91 -10.43
CA LYS I 44 -28.94 22.93 -9.66
C LYS I 44 -29.20 21.55 -10.23
N PRO I 45 -28.16 20.71 -10.20
CA PRO I 45 -28.28 19.33 -10.68
C PRO I 45 -29.47 18.59 -10.09
N LEU I 46 -30.10 17.78 -10.95
CA LEU I 46 -31.30 17.03 -10.61
C LEU I 46 -30.90 15.64 -10.16
N ILE I 47 -31.43 15.25 -9.00
CA ILE I 47 -31.22 13.90 -8.51
C ILE I 47 -32.42 13.00 -8.78
N VAL I 48 -32.12 11.82 -9.33
CA VAL I 48 -33.12 10.80 -9.59
C VAL I 48 -32.70 9.49 -8.94
N GLU I 49 -33.42 9.11 -7.89
CA GLU I 49 -33.08 7.88 -7.19
C GLU I 49 -33.88 6.71 -7.69
N ASN I 50 -33.62 5.55 -7.07
CA ASN I 50 -33.98 4.21 -7.54
C ASN I 50 -35.08 4.06 -8.60
N THR I 51 -36.31 3.86 -8.12
CA THR I 51 -37.48 3.63 -8.97
C THR I 51 -37.63 4.63 -10.11
N GLN I 52 -37.43 5.91 -9.80
CA GLN I 52 -37.58 6.95 -10.80
C GLN I 52 -36.63 6.88 -12.00
N ILE I 53 -35.55 6.10 -11.88
CA ILE I 53 -34.59 6.01 -12.97
C ILE I 53 -35.23 5.34 -14.18
N GLU I 54 -35.99 4.26 -13.94
CA GLU I 54 -36.68 3.56 -15.00
C GLU I 54 -37.61 4.48 -15.79
N ARG I 55 -38.33 5.32 -15.05
CA ARG I 55 -39.23 6.31 -15.65
C ARG I 55 -38.49 7.21 -16.63
N TRP I 56 -37.29 7.62 -16.29
CA TRP I 56 -36.52 8.53 -17.14
C TRP I 56 -36.03 7.83 -18.41
N ILE I 57 -35.64 6.57 -18.26
CA ILE I 57 -35.17 5.76 -19.39
C ILE I 57 -36.30 5.57 -20.40
N ASN I 58 -37.49 5.29 -19.88
CA ASN I 58 -38.67 5.15 -20.71
C ASN I 58 -38.96 6.38 -21.56
N ASN I 59 -38.61 7.54 -21.03
CA ASN I 59 -38.80 8.79 -21.76
C ASN I 59 -37.64 9.12 -22.69
N GLY I 60 -36.70 8.18 -22.82
CA GLY I 60 -35.60 8.31 -23.75
C GLY I 60 -34.23 8.64 -23.20
N LEU I 61 -34.07 8.62 -21.89
CA LEU I 61 -32.76 8.83 -21.30
C LEU I 61 -31.88 7.62 -21.61
N TRP I 62 -30.71 7.87 -22.20
CA TRP I 62 -29.77 6.81 -22.53
C TRP I 62 -28.90 6.49 -21.30
N VAL I 63 -29.13 5.32 -20.71
CA VAL I 63 -28.30 4.83 -19.62
C VAL I 63 -27.71 3.47 -19.92
N PRO I 64 -26.47 3.42 -20.43
CA PRO I 64 -25.91 2.16 -20.92
C PRO I 64 -25.63 1.13 -19.82
N ALA I 65 -25.94 -0.14 -20.11
CA ALA I 65 -25.73 -1.22 -19.16
C ALA I 65 -24.24 -1.56 -19.10
N LEU I 66 -23.64 -1.47 -17.92
CA LEU I 66 -22.24 -1.88 -17.73
C LEU I 66 -22.16 -3.24 -17.04
N GLU I 67 -21.76 -4.26 -17.80
CA GLU I 67 -21.66 -5.61 -17.27
C GLU I 67 -20.35 -5.91 -16.54
N PHE I 68 -20.46 -6.60 -15.41
CA PHE I 68 -19.29 -7.12 -14.71
C PHE I 68 -18.93 -8.46 -15.33
N ILE I 69 -17.93 -8.46 -16.20
CA ILE I 69 -17.53 -9.66 -16.95
C ILE I 69 -17.32 -10.91 -16.10
N ASN I 70 -16.66 -10.75 -14.95
CA ASN I 70 -16.26 -11.88 -14.13
C ASN I 70 -17.14 -12.07 -12.92
N VAL I 71 -18.36 -11.54 -12.99
CA VAL I 71 -19.30 -11.83 -11.93
C VAL I 71 -19.97 -13.21 -12.06
N VAL I 72 -20.10 -13.89 -10.93
CA VAL I 72 -20.85 -15.13 -10.78
C VAL I 72 -22.28 -14.87 -10.34
N GLY I 73 -23.22 -15.02 -11.25
CA GLY I 73 -24.61 -14.73 -10.98
C GLY I 73 -24.83 -13.27 -11.25
N SER I 74 -25.78 -12.66 -10.57
CA SER I 74 -26.06 -11.24 -10.78
C SER I 74 -26.07 -10.52 -9.43
N PRO I 75 -25.35 -9.40 -9.35
CA PRO I 75 -25.05 -8.70 -8.10
C PRO I 75 -26.30 -8.23 -7.37
N ASP I 76 -26.22 -8.21 -6.04
CA ASP I 76 -27.25 -7.58 -5.24
C ASP I 76 -26.98 -6.09 -5.41
N THR I 77 -27.91 -5.41 -6.07
CA THR I 77 -27.83 -3.95 -6.18
C THR I 77 -28.60 -3.28 -5.07
N GLY I 78 -27.93 -2.39 -4.34
CA GLY I 78 -28.62 -1.62 -3.32
C GLY I 78 -29.25 -0.39 -3.93
N ASN I 79 -28.91 0.78 -3.42
CA ASN I 79 -29.53 2.00 -3.91
C ASN I 79 -28.91 2.45 -5.22
N LYS I 80 -29.73 3.02 -6.11
CA LYS I 80 -29.24 3.48 -7.39
C LYS I 80 -29.42 5.00 -7.36
N ARG I 81 -28.67 5.71 -8.20
CA ARG I 81 -28.82 7.16 -8.27
C ARG I 81 -28.39 7.68 -9.61
N LEU I 82 -29.14 8.65 -10.12
CA LEU I 82 -28.76 9.42 -11.28
C LEU I 82 -28.59 10.86 -10.84
N MET I 83 -27.45 11.46 -11.14
CA MET I 83 -27.29 12.90 -10.98
C MET I 83 -27.21 13.62 -12.32
N LEU I 84 -28.26 14.37 -12.64
CA LEU I 84 -28.35 15.05 -13.93
C LEU I 84 -28.01 16.54 -13.85
N PHE I 85 -26.93 16.91 -14.52
CA PHE I 85 -26.47 18.28 -14.54
C PHE I 85 -27.03 19.01 -15.74
N PRO I 86 -27.25 20.32 -15.61
CA PRO I 86 -27.84 21.12 -16.68
C PRO I 86 -26.89 21.26 -17.86
N ASP I 87 -25.59 21.26 -17.59
CA ASP I 87 -24.61 21.37 -18.67
C ASP I 87 -24.55 20.13 -19.55
N GLY I 88 -25.29 19.09 -19.17
CA GLY I 88 -25.37 17.88 -19.96
C GLY I 88 -24.91 16.64 -19.23
N ARG I 89 -23.79 16.77 -18.51
CA ARG I 89 -23.14 15.61 -17.88
C ARG I 89 -24.05 14.80 -16.97
N VAL I 90 -23.82 13.49 -16.92
CA VAL I 90 -24.65 12.58 -16.15
C VAL I 90 -23.78 11.71 -15.24
N ILE I 91 -24.17 11.57 -13.98
CA ILE I 91 -23.47 10.69 -13.06
C ILE I 91 -24.38 9.62 -12.46
N TYR I 92 -24.02 8.37 -12.72
CA TYR I 92 -24.70 7.20 -12.17
C TYR I 92 -23.98 6.57 -10.97
N ASN I 93 -24.64 6.55 -9.82
CA ASN I 93 -24.00 6.01 -8.62
C ASN I 93 -24.84 4.87 -8.02
N ALA I 94 -24.21 3.74 -7.73
CA ALA I 94 -24.94 2.58 -7.22
C ALA I 94 -24.06 1.71 -6.32
N ARG I 95 -24.62 1.22 -5.22
CA ARG I 95 -23.91 0.25 -4.39
C ARG I 95 -24.12 -1.17 -4.91
N PHE I 96 -23.12 -2.02 -4.77
CA PHE I 96 -23.24 -3.40 -5.22
C PHE I 96 -22.60 -4.40 -4.28
N LEU I 97 -23.12 -5.62 -4.31
CA LEU I 97 -22.47 -6.75 -3.66
C LEU I 97 -22.51 -7.90 -4.65
N GLY I 98 -21.35 -8.43 -4.99
CA GLY I 98 -21.26 -9.43 -6.02
C GLY I 98 -20.32 -10.56 -5.68
N SER I 99 -20.49 -11.69 -6.36
CA SER I 99 -19.53 -12.76 -6.31
C SER I 99 -18.73 -12.74 -7.60
N PHE I 100 -17.41 -12.62 -7.47
CA PHE I 100 -16.56 -12.55 -8.65
C PHE I 100 -15.64 -13.74 -8.81
N SER I 101 -15.36 -14.05 -10.07
CA SER I 101 -14.54 -15.18 -10.42
C SER I 101 -13.14 -14.76 -10.85
N ASN I 102 -12.15 -15.53 -10.46
CA ASN I 102 -10.77 -15.37 -10.94
C ASN I 102 -9.89 -16.59 -10.72
N ASP I 103 -8.89 -16.77 -11.58
CA ASP I 103 -7.97 -17.90 -11.44
C ASP I 103 -7.26 -17.76 -10.10
N MET I 104 -7.44 -18.76 -9.25
CA MET I 104 -6.83 -18.74 -7.93
C MET I 104 -5.98 -19.98 -7.65
N ASP I 105 -4.70 -19.78 -7.38
CA ASP I 105 -3.77 -20.86 -7.07
C ASP I 105 -3.61 -20.96 -5.57
N PHE I 106 -3.96 -22.13 -5.03
CA PHE I 106 -3.91 -22.39 -3.60
C PHE I 106 -2.87 -23.43 -3.21
N ARG I 107 -1.98 -23.77 -4.14
CA ARG I 107 -0.97 -24.81 -3.90
C ARG I 107 -0.10 -24.62 -2.66
N LEU I 108 0.41 -23.41 -2.47
CA LEU I 108 1.21 -23.13 -1.27
C LEU I 108 0.43 -22.57 -0.10
N PHE I 109 -0.77 -23.08 0.13
CA PHE I 109 -1.53 -22.74 1.32
C PHE I 109 -0.77 -23.25 2.53
N PRO I 110 -0.78 -22.49 3.64
CA PRO I 110 -1.50 -21.24 3.90
C PRO I 110 -0.67 -20.02 3.56
N PHE I 111 0.31 -20.15 2.67
CA PHE I 111 1.05 -18.95 2.30
C PHE I 111 0.73 -18.45 0.90
N ASP I 112 -0.55 -18.40 0.55
CA ASP I 112 -0.94 -18.03 -0.81
C ASP I 112 -0.67 -16.57 -1.05
N ARG I 113 -0.45 -16.23 -2.32
CA ARG I 113 -0.49 -14.86 -2.77
C ARG I 113 -1.63 -14.88 -3.76
N GLN I 114 -2.66 -14.10 -3.49
CA GLN I 114 -3.78 -14.03 -4.42
C GLN I 114 -3.98 -12.63 -4.96
N GLN I 115 -4.65 -12.52 -6.10
CA GLN I 115 -5.08 -11.22 -6.58
C GLN I 115 -6.55 -11.15 -7.01
N PHE I 116 -7.27 -10.21 -6.41
CA PHE I 116 -8.69 -10.02 -6.64
C PHE I 116 -8.96 -9.10 -7.82
N VAL I 117 -9.64 -9.61 -8.85
CA VAL I 117 -9.76 -8.90 -10.10
C VAL I 117 -11.20 -8.49 -10.32
N LEU I 118 -11.39 -7.33 -10.97
CA LEU I 118 -12.71 -6.89 -11.37
C LEU I 118 -12.63 -6.57 -12.86
N GLU I 119 -13.59 -7.06 -13.64
CA GLU I 119 -13.59 -6.73 -15.06
C GLU I 119 -14.88 -6.03 -15.46
N LEU I 120 -14.75 -4.79 -15.90
CA LEU I 120 -15.88 -3.98 -16.31
C LEU I 120 -15.89 -3.78 -17.83
N GLU I 121 -17.05 -3.91 -18.44
CA GLU I 121 -17.19 -3.77 -19.88
C GLU I 121 -18.63 -3.46 -20.24
N PRO I 122 -18.82 -2.52 -21.18
CA PRO I 122 -20.18 -2.18 -21.64
C PRO I 122 -20.80 -3.42 -22.24
N PHE I 123 -22.07 -3.67 -21.91
CA PHE I 123 -22.74 -4.87 -22.36
C PHE I 123 -23.00 -4.90 -23.86
N SER I 124 -23.35 -3.76 -24.42
CA SER I 124 -23.79 -3.69 -25.82
C SER I 124 -23.09 -2.66 -26.70
N TYR I 125 -22.44 -1.68 -26.08
CA TYR I 125 -21.79 -0.61 -26.85
C TYR I 125 -20.29 -0.76 -27.06
N ASN I 126 -19.88 -0.90 -28.31
CA ASN I 126 -18.48 -1.06 -28.66
C ASN I 126 -17.62 0.20 -28.49
N ASN I 127 -16.31 0.03 -28.58
CA ASN I 127 -15.32 1.10 -28.42
C ASN I 127 -15.63 2.38 -29.21
N GLN I 128 -16.29 2.25 -30.35
CA GLN I 128 -16.59 3.39 -31.20
C GLN I 128 -17.90 4.06 -30.77
N GLN I 129 -18.69 3.31 -30.01
CA GLN I 129 -19.91 3.86 -29.42
C GLN I 129 -19.63 4.37 -28.01
N LEU I 130 -19.00 3.53 -27.19
CA LEU I 130 -18.72 3.88 -25.81
C LEU I 130 -17.29 3.50 -25.46
N ARG I 131 -16.56 4.46 -24.93
CA ARG I 131 -15.15 4.34 -24.56
C ARG I 131 -14.91 4.80 -23.13
N PHE I 132 -14.09 4.04 -22.42
CA PHE I 132 -13.74 4.36 -21.06
C PHE I 132 -12.62 5.40 -20.99
N SER I 133 -12.97 6.65 -20.69
CA SER I 133 -11.98 7.73 -20.67
C SER I 133 -10.90 7.56 -19.59
N ASP I 134 -11.34 7.30 -18.37
CA ASP I 134 -10.42 7.02 -17.27
C ASP I 134 -11.08 6.29 -16.11
N ILE I 135 -10.26 5.74 -15.22
CA ILE I 135 -10.78 5.10 -14.01
C ILE I 135 -9.87 5.30 -12.79
N GLN I 136 -10.47 5.61 -11.64
CA GLN I 136 -9.73 5.63 -10.39
C GLN I 136 -10.41 4.72 -9.36
N VAL I 137 -9.61 3.91 -8.67
CA VAL I 137 -10.10 2.99 -7.65
C VAL I 137 -9.67 3.49 -6.26
N TYR I 138 -10.61 3.49 -5.33
CA TYR I 138 -10.33 3.86 -3.95
C TYR I 138 -10.55 2.68 -3.03
N THR I 139 -9.44 2.11 -2.58
CA THR I 139 -9.47 1.11 -1.53
C THR I 139 -9.24 1.74 -0.17
N GLU I 140 -10.32 2.24 0.44
CA GLU I 140 -10.22 2.95 1.72
C GLU I 140 -9.87 2.06 2.91
N ASN I 141 -9.10 0.99 2.68
CA ASN I 141 -8.74 0.12 3.78
C ASN I 141 -7.39 0.50 4.38
N ILE I 142 -7.10 -0.05 5.56
CA ILE I 142 -5.86 0.18 6.30
C ILE I 142 -6.01 -0.48 7.67
N ASP I 143 -4.89 -0.60 8.38
CA ASP I 143 -4.84 -1.01 9.78
C ASP I 143 -5.45 -2.36 10.11
N ASN I 144 -5.28 -2.76 11.36
CA ASN I 144 -5.83 -4.02 11.85
C ASN I 144 -5.59 -5.23 10.94
N GLU I 145 -4.35 -5.54 10.62
CA GLU I 145 -4.03 -6.61 9.70
C GLU I 145 -4.22 -7.94 10.39
N GLU I 146 -3.84 -7.96 11.65
CA GLU I 146 -3.91 -9.16 12.45
C GLU I 146 -5.31 -9.52 12.95
N ILE I 147 -6.29 -8.74 12.52
CA ILE I 147 -7.69 -8.99 12.80
C ILE I 147 -8.40 -9.56 11.57
N ASP I 148 -7.89 -9.22 10.40
CA ASP I 148 -8.49 -9.69 9.17
C ASP I 148 -7.79 -10.91 8.55
N GLU I 149 -8.54 -11.71 7.80
CA GLU I 149 -8.02 -12.94 7.21
C GLU I 149 -6.99 -12.61 6.14
N TRP I 150 -7.23 -11.55 5.39
CA TRP I 150 -6.35 -11.23 4.26
C TRP I 150 -5.67 -9.89 4.48
N TRP I 151 -4.41 -9.80 4.08
CA TRP I 151 -3.66 -8.56 4.19
C TRP I 151 -3.53 -7.91 2.82
N ILE I 152 -4.22 -6.78 2.60
CA ILE I 152 -4.10 -6.10 1.30
C ILE I 152 -2.74 -5.43 1.19
N ARG I 153 -2.08 -5.66 0.06
CA ARG I 153 -0.72 -5.22 -0.03
C ARG I 153 -0.54 -3.84 -0.72
N GLY I 154 -0.78 -3.84 -2.02
CA GLY I 154 -0.67 -2.65 -2.84
C GLY I 154 -1.85 -1.73 -2.72
N LYS I 155 -2.04 -0.88 -3.71
CA LYS I 155 -3.16 0.04 -3.65
C LYS I 155 -4.26 -0.36 -4.58
N ALA I 156 -4.08 -0.56 -5.87
CA ALA I 156 -5.07 -1.14 -6.78
C ALA I 156 -4.42 -1.04 -8.14
N SER I 157 -4.18 -2.12 -8.84
CA SER I 157 -3.57 -1.94 -10.15
C SER I 157 -4.69 -1.81 -11.21
N THR I 158 -4.49 -0.94 -12.19
CA THR I 158 -5.63 -0.68 -13.05
C THR I 158 -5.17 -0.82 -14.51
N HIS I 159 -6.06 -1.28 -15.39
CA HIS I 159 -5.68 -1.40 -16.79
C HIS I 159 -6.91 -1.09 -17.66
N ILE I 160 -6.89 -0.08 -18.51
CA ILE I 160 -7.93 0.05 -19.53
C ILE I 160 -7.41 -0.54 -20.84
N SER I 161 -8.20 -1.42 -21.46
CA SER I 161 -7.75 -2.13 -22.65
C SER I 161 -8.91 -2.35 -23.60
N ASP I 162 -8.60 -2.84 -24.80
CA ASP I 162 -9.62 -3.08 -25.79
C ASP I 162 -9.71 -4.55 -26.16
N ILE I 163 -10.86 -5.17 -25.88
CA ILE I 163 -11.04 -6.60 -26.09
C ILE I 163 -11.74 -6.90 -27.41
N ARG I 164 -11.08 -7.67 -28.26
CA ARG I 164 -11.62 -8.04 -29.57
C ARG I 164 -12.33 -9.39 -29.51
N TYR I 165 -13.56 -9.39 -29.99
CA TYR I 165 -14.37 -10.59 -30.15
C TYR I 165 -14.39 -11.00 -31.62
N ASP I 166 -14.00 -12.24 -31.90
CA ASP I 166 -13.81 -12.68 -33.27
C ASP I 166 -15.09 -13.15 -33.94
N HIS I 167 -16.08 -13.54 -33.13
CA HIS I 167 -17.31 -14.07 -33.68
C HIS I 167 -18.48 -13.31 -33.15
N LEU I 168 -18.98 -12.41 -33.94
CA LEU I 168 -20.18 -11.76 -33.49
C LEU I 168 -21.20 -11.78 -34.60
N SER I 169 -21.95 -10.70 -34.62
CA SER I 169 -23.09 -10.55 -35.48
C SER I 169 -22.70 -10.54 -36.94
N SER I 170 -23.70 -10.48 -37.81
CA SER I 170 -23.47 -10.33 -39.23
C SER I 170 -23.06 -8.91 -39.59
N VAL I 171 -22.22 -8.31 -38.75
CA VAL I 171 -21.64 -7.00 -38.97
C VAL I 171 -20.14 -7.14 -39.27
N GLN I 172 -19.69 -6.51 -40.34
CA GLN I 172 -18.29 -6.68 -40.79
C GLN I 172 -17.24 -5.51 -40.70
N PRO I 173 -17.65 -4.22 -40.68
CA PRO I 173 -16.62 -3.14 -40.64
C PRO I 173 -15.48 -3.19 -39.49
N ASN I 174 -15.66 -2.79 -38.20
CA ASN I 174 -14.67 -2.78 -37.06
C ASN I 174 -15.30 -2.64 -35.65
N GLN I 175 -16.60 -2.85 -35.60
CA GLN I 175 -17.32 -2.80 -34.34
C GLN I 175 -17.18 -4.13 -33.61
N ASN I 176 -16.01 -4.35 -33.03
CA ASN I 176 -15.73 -5.60 -32.33
C ASN I 176 -14.74 -5.51 -31.18
N GLU I 177 -14.27 -4.30 -30.87
CA GLU I 177 -13.31 -4.14 -29.79
C GLU I 177 -13.81 -3.39 -28.56
N PHE I 178 -14.85 -3.92 -27.90
CA PHE I 178 -15.33 -3.37 -26.65
C PHE I 178 -14.20 -3.00 -25.70
N SER I 179 -14.29 -1.84 -25.07
CA SER I 179 -13.28 -1.42 -24.12
C SER I 179 -13.55 -2.00 -22.74
N ARG I 180 -12.52 -2.57 -22.13
CA ARG I 180 -12.65 -3.23 -20.84
C ARG I 180 -11.76 -2.61 -19.78
N ILE I 181 -12.33 -2.43 -18.59
CA ILE I 181 -11.55 -2.03 -17.45
C ILE I 181 -11.22 -3.25 -16.60
N THR I 182 -9.96 -3.37 -16.20
CA THR I 182 -9.54 -4.46 -15.35
C THR I 182 -8.90 -3.88 -14.10
N VAL I 183 -9.45 -4.21 -12.94
CA VAL I 183 -8.86 -3.80 -11.69
C VAL I 183 -8.19 -4.97 -10.98
N ARG I 184 -6.98 -4.79 -10.49
CA ARG I 184 -6.32 -5.85 -9.74
C ARG I 184 -5.87 -5.39 -8.36
N ILE I 185 -6.24 -6.19 -7.37
CA ILE I 185 -5.83 -5.97 -5.99
C ILE I 185 -5.04 -7.17 -5.45
N ASP I 186 -3.78 -6.95 -5.10
CA ASP I 186 -2.97 -8.04 -4.53
C ASP I 186 -3.19 -8.22 -3.04
N ALA I 187 -3.22 -9.47 -2.61
CA ALA I 187 -3.45 -9.80 -1.22
C ALA I 187 -2.67 -11.03 -0.73
N VAL I 188 -2.37 -11.05 0.56
CA VAL I 188 -1.63 -12.13 1.20
C VAL I 188 -2.44 -12.67 2.38
N ARG I 189 -2.51 -13.99 2.47
CA ARG I 189 -3.22 -14.70 3.54
C ARG I 189 -2.51 -14.56 4.89
N ASN I 190 -3.31 -14.31 5.93
CA ASN I 190 -2.79 -14.28 7.29
C ASN I 190 -2.54 -15.70 7.79
N PRO I 191 -1.26 -16.10 7.80
CA PRO I 191 -0.88 -17.49 8.04
C PRO I 191 -0.79 -17.86 9.52
N SER I 192 -0.99 -16.87 10.40
CA SER I 192 -0.81 -17.09 11.82
C SER I 192 -1.58 -18.28 12.41
N TYR I 193 -2.88 -18.34 12.12
CA TYR I 193 -3.74 -19.36 12.68
C TYR I 193 -3.27 -20.76 12.31
N TYR I 194 -2.95 -20.92 11.04
CA TYR I 194 -2.54 -22.21 10.48
C TYR I 194 -1.16 -22.65 10.93
N LEU I 195 -0.30 -21.68 11.22
CA LEU I 195 1.02 -22.01 11.73
C LEU I 195 0.97 -22.58 13.13
N TRP I 196 0.34 -21.82 14.01
CA TRP I 196 0.24 -22.17 15.42
C TRP I 196 -0.68 -23.34 15.76
N SER I 197 -1.78 -23.44 15.04
CA SER I 197 -2.78 -24.47 15.32
C SER I 197 -2.67 -25.70 14.44
N PHE I 198 -1.94 -25.61 13.33
CA PHE I 198 -1.83 -26.76 12.44
C PHE I 198 -0.38 -27.22 12.22
N ILE I 199 0.46 -26.31 11.73
CA ILE I 199 1.85 -26.64 11.43
C ILE I 199 2.63 -27.08 12.66
N LEU I 200 2.58 -26.24 13.70
CA LEU I 200 3.30 -26.50 14.95
C LEU I 200 2.99 -27.86 15.57
N PRO I 201 1.70 -28.15 15.86
CA PRO I 201 1.50 -29.46 16.50
C PRO I 201 1.77 -30.62 15.57
N LEU I 202 1.56 -30.43 14.27
CA LEU I 202 1.87 -31.47 13.29
C LEU I 202 3.34 -31.81 13.33
N GLY I 203 4.16 -30.78 13.48
CA GLY I 203 5.59 -30.94 13.64
C GLY I 203 5.95 -31.75 14.87
N LEU I 204 5.27 -31.44 15.97
CA LEU I 204 5.47 -32.15 17.23
C LEU I 204 5.12 -33.63 17.09
N ILE I 205 4.06 -33.90 16.33
CA ILE I 205 3.66 -35.28 16.08
C ILE I 205 4.74 -36.04 15.32
N ILE I 206 5.19 -35.47 14.21
CA ILE I 206 6.25 -36.07 13.41
C ILE I 206 7.52 -36.26 14.21
N ALA I 207 7.83 -35.29 15.05
CA ALA I 207 9.03 -35.37 15.88
C ALA I 207 8.87 -36.50 16.88
N ALA I 208 7.75 -36.51 17.58
CA ALA I 208 7.51 -37.54 18.59
C ALA I 208 7.33 -38.93 17.98
N SER I 209 7.00 -38.97 16.69
CA SER I 209 6.93 -40.21 15.93
C SER I 209 8.28 -40.93 15.99
N TRP I 210 9.36 -40.16 15.91
CA TRP I 210 10.70 -40.72 15.82
C TRP I 210 11.15 -41.26 17.18
N SER I 211 10.45 -40.86 18.25
CA SER I 211 10.82 -41.33 19.58
C SER I 211 10.49 -42.80 19.83
N VAL I 212 9.99 -43.48 18.80
CA VAL I 212 9.67 -44.90 18.89
C VAL I 212 10.94 -45.73 18.99
N PHE I 213 12.05 -45.19 18.51
CA PHE I 213 13.31 -45.92 18.50
C PHE I 213 13.99 -45.97 19.87
N TRP I 214 13.61 -45.06 20.76
CA TRP I 214 14.12 -45.10 22.13
C TRP I 214 13.47 -46.18 23.00
N LEU I 215 12.55 -46.94 22.41
CA LEU I 215 11.93 -48.03 23.12
C LEU I 215 12.85 -49.25 23.10
N GLU I 216 12.83 -50.01 24.19
CA GLU I 216 13.76 -51.12 24.38
C GLU I 216 13.33 -52.33 23.58
N SER I 217 12.18 -52.89 23.93
CA SER I 217 11.69 -54.09 23.26
C SER I 217 11.20 -53.89 21.84
N PHE I 218 11.29 -54.95 21.05
CA PHE I 218 10.79 -54.96 19.68
C PHE I 218 9.26 -54.86 19.61
N SER I 219 8.59 -55.58 20.51
CA SER I 219 7.13 -55.54 20.60
C SER I 219 6.67 -54.13 20.93
N GLU I 220 7.40 -53.51 21.85
CA GLU I 220 7.07 -52.16 22.27
C GLU I 220 7.24 -51.23 21.06
N ARG I 221 8.39 -51.35 20.40
CA ARG I 221 8.70 -50.51 19.24
C ARG I 221 7.63 -50.63 18.16
N LEU I 222 7.16 -51.84 17.91
CA LEU I 222 6.21 -52.08 16.84
C LEU I 222 4.78 -51.68 17.18
N GLN I 223 4.28 -52.16 18.31
CA GLN I 223 2.89 -51.91 18.71
C GLN I 223 2.59 -50.42 18.85
N THR I 224 3.56 -49.68 19.38
CA THR I 224 3.39 -48.25 19.60
C THR I 224 3.23 -47.46 18.30
N SER I 225 3.84 -47.96 17.23
CA SER I 225 3.75 -47.32 15.92
C SER I 225 2.36 -47.41 15.29
N PHE I 226 1.54 -48.32 15.79
CA PHE I 226 0.17 -48.47 15.31
C PHE I 226 -0.72 -47.40 15.89
N THR I 227 -0.43 -47.04 17.13
CA THR I 227 -1.09 -45.91 17.78
C THR I 227 -0.62 -44.63 17.12
N LEU I 228 0.64 -44.63 16.69
CA LEU I 228 1.23 -43.45 16.05
C LEU I 228 0.59 -43.26 14.69
N MET I 229 0.35 -44.36 14.00
CA MET I 229 -0.28 -44.32 12.70
C MET I 229 -1.69 -43.75 12.84
N LEU I 230 -2.40 -44.24 13.85
CA LEU I 230 -3.77 -43.86 14.16
C LEU I 230 -3.81 -42.39 14.55
N THR I 231 -2.73 -41.89 15.17
CA THR I 231 -2.68 -40.49 15.54
C THR I 231 -2.63 -39.56 14.33
N VAL I 232 -1.85 -39.94 13.33
CA VAL I 232 -1.75 -39.19 12.09
C VAL I 232 -3.07 -39.16 11.31
N VAL I 233 -3.79 -40.28 11.34
CA VAL I 233 -5.12 -40.33 10.74
C VAL I 233 -6.07 -39.37 11.42
N ALA I 234 -6.08 -39.38 12.76
CA ALA I 234 -6.93 -38.47 13.51
C ALA I 234 -6.60 -37.02 13.19
N TYR I 235 -5.33 -36.75 12.93
CA TYR I 235 -4.90 -35.39 12.60
C TYR I 235 -5.30 -35.00 11.19
N ALA I 236 -5.12 -35.92 10.25
CA ALA I 236 -5.56 -35.68 8.89
C ALA I 236 -7.04 -35.33 8.84
N PHE I 237 -7.80 -35.98 9.71
CA PHE I 237 -9.23 -35.78 9.82
C PHE I 237 -9.44 -34.34 10.32
N TYR I 238 -8.83 -34.04 11.46
CA TYR I 238 -8.94 -32.73 12.08
C TYR I 238 -8.55 -31.62 11.10
N THR I 239 -7.49 -31.85 10.35
CA THR I 239 -7.02 -30.94 9.31
C THR I 239 -8.08 -30.74 8.23
N SER I 240 -8.45 -31.86 7.60
CA SER I 240 -9.40 -31.87 6.49
C SER I 240 -10.75 -31.24 6.81
N ASN I 241 -11.25 -31.47 8.02
CA ASN I 241 -12.56 -30.96 8.42
C ASN I 241 -12.60 -29.44 8.52
N ILE I 242 -11.46 -28.86 8.87
CA ILE I 242 -11.35 -27.41 9.06
C ILE I 242 -10.80 -26.65 7.86
N LEU I 243 -9.76 -27.19 7.24
CA LEU I 243 -9.18 -26.57 6.05
C LEU I 243 -10.11 -26.54 4.84
N PRO I 244 -9.89 -25.57 3.92
CA PRO I 244 -10.71 -25.37 2.71
C PRO I 244 -10.61 -26.57 1.77
N ARG I 245 -11.71 -26.95 1.12
CA ARG I 245 -11.66 -28.04 0.18
C ARG I 245 -10.99 -27.65 -1.14
N LEU I 246 -10.05 -28.47 -1.60
CA LEU I 246 -9.31 -28.18 -2.84
C LEU I 246 -9.18 -29.43 -3.69
N PRO I 247 -9.00 -29.24 -5.00
CA PRO I 247 -8.79 -30.40 -5.87
C PRO I 247 -7.32 -30.73 -6.00
N TYR I 248 -6.47 -30.19 -5.11
CA TYR I 248 -5.06 -30.52 -5.16
C TYR I 248 -4.47 -30.47 -3.75
N THR I 249 -3.29 -31.05 -3.57
CA THR I 249 -2.65 -31.09 -2.26
C THR I 249 -1.96 -29.78 -1.91
N THR I 250 -2.07 -29.37 -0.66
CA THR I 250 -1.35 -28.18 -0.21
C THR I 250 -0.05 -28.58 0.48
N VAL I 251 0.65 -27.60 1.04
CA VAL I 251 1.87 -27.84 1.80
C VAL I 251 1.54 -28.73 3.01
N ILE I 252 0.46 -28.38 3.70
CA ILE I 252 0.03 -29.14 4.86
C ILE I 252 -0.34 -30.56 4.53
N ASP I 253 -0.95 -30.72 3.36
CA ASP I 253 -1.35 -32.03 2.90
C ASP I 253 -0.08 -32.87 2.73
N GLN I 254 0.94 -32.28 2.11
CA GLN I 254 2.20 -32.97 1.88
C GLN I 254 2.90 -33.35 3.20
N MET I 255 2.78 -32.48 4.20
CA MET I 255 3.29 -32.75 5.54
C MET I 255 2.62 -33.98 6.13
N ILE I 256 1.32 -34.11 5.91
CA ILE I 256 0.56 -35.25 6.39
C ILE I 256 1.10 -36.52 5.73
N ILE I 257 1.24 -36.52 4.41
CA ILE I 257 1.77 -37.68 3.67
C ILE I 257 3.13 -38.04 4.23
N ALA I 258 3.95 -37.02 4.49
CA ALA I 258 5.29 -37.21 5.03
C ALA I 258 5.19 -37.93 6.37
N GLY I 259 4.17 -37.60 7.14
CA GLY I 259 3.95 -38.23 8.42
C GLY I 259 3.64 -39.71 8.29
N TYR I 260 2.79 -40.04 7.33
CA TYR I 260 2.47 -41.43 7.02
C TYR I 260 3.72 -42.19 6.59
N GLY I 261 4.53 -41.54 5.77
CA GLY I 261 5.76 -42.14 5.26
C GLY I 261 6.79 -42.43 6.34
N SER I 262 6.97 -41.47 7.23
CA SER I 262 7.91 -41.59 8.35
C SER I 262 7.56 -42.81 9.17
N ILE I 263 6.28 -42.94 9.49
CA ILE I 263 5.82 -44.03 10.33
C ILE I 263 5.92 -45.38 9.63
N PHE I 264 5.49 -45.41 8.37
CA PHE I 264 5.60 -46.62 7.57
C PHE I 264 7.05 -47.05 7.34
N ALA I 265 7.94 -46.07 7.19
CA ALA I 265 9.35 -46.34 6.99
C ALA I 265 9.88 -46.95 8.28
N ALA I 266 9.47 -46.36 9.41
CA ALA I 266 9.89 -46.87 10.70
C ALA I 266 9.40 -48.30 10.96
N ILE I 267 8.17 -48.58 10.56
CA ILE I 267 7.59 -49.92 10.65
C ILE I 267 8.47 -50.93 9.92
N LEU I 268 8.86 -50.58 8.70
CA LEU I 268 9.71 -51.43 7.87
C LEU I 268 11.06 -51.70 8.50
N LEU I 269 11.69 -50.64 9.00
CA LEU I 269 12.98 -50.75 9.65
C LEU I 269 12.90 -51.60 10.91
N ILE I 270 11.90 -51.32 11.73
CA ILE I 270 11.70 -52.04 12.99
C ILE I 270 11.63 -53.56 12.73
N ILE I 271 10.76 -53.96 11.79
CA ILE I 271 10.66 -55.37 11.41
C ILE I 271 11.97 -55.88 10.82
N PHE I 272 12.63 -55.05 10.03
CA PHE I 272 13.88 -55.41 9.38
C PHE I 272 14.96 -55.69 10.40
N ALA I 273 15.15 -54.74 11.31
CA ALA I 273 16.11 -54.86 12.40
C ALA I 273 16.02 -56.19 13.12
N HIS I 274 14.78 -56.58 13.43
CA HIS I 274 14.48 -57.78 14.22
C HIS I 274 14.86 -59.08 13.49
N HIS I 275 14.48 -59.11 12.21
CA HIS I 275 14.62 -60.29 11.37
C HIS I 275 15.84 -60.36 10.44
N ARG I 276 16.51 -59.23 10.25
CA ARG I 276 17.76 -59.22 9.53
C ARG I 276 18.83 -59.56 10.56
N GLN I 277 19.17 -60.83 10.66
CA GLN I 277 20.00 -61.30 11.76
C GLN I 277 20.96 -62.40 11.33
N ALA I 278 21.80 -62.81 12.28
CA ALA I 278 22.72 -63.92 12.12
C ALA I 278 22.40 -64.98 13.16
N ASN I 279 21.20 -64.86 13.73
CA ASN I 279 20.72 -65.80 14.74
C ASN I 279 19.20 -65.83 14.84
N GLY I 280 18.61 -64.68 15.09
CA GLY I 280 17.17 -64.54 15.22
C GLY I 280 16.80 -63.22 15.86
N VAL I 281 17.51 -62.87 16.92
CA VAL I 281 17.27 -61.62 17.65
C VAL I 281 18.42 -60.64 17.57
N GLU I 282 19.20 -60.74 16.50
CA GLU I 282 20.31 -59.81 16.30
C GLU I 282 19.75 -58.51 15.77
N ASP I 283 19.29 -57.67 16.69
CA ASP I 283 18.78 -56.38 16.31
C ASP I 283 19.94 -55.42 16.11
N ASP I 284 20.21 -55.07 14.86
CA ASP I 284 21.41 -54.30 14.50
C ASP I 284 21.62 -53.08 15.38
N LEU I 285 22.59 -53.20 16.28
CA LEU I 285 22.89 -52.21 17.32
C LEU I 285 22.91 -50.77 16.80
N LEU I 286 23.29 -50.61 15.53
CA LEU I 286 23.35 -49.29 14.92
C LEU I 286 22.04 -48.89 14.24
N ILE I 287 21.32 -49.85 13.69
CA ILE I 287 20.09 -49.57 12.95
C ILE I 287 18.98 -49.28 13.97
N GLN I 288 19.04 -49.91 15.14
CA GLN I 288 18.06 -49.65 16.17
C GLN I 288 18.37 -48.30 16.75
N ARG I 289 19.62 -47.89 16.64
CA ARG I 289 20.00 -46.57 17.09
C ARG I 289 20.03 -45.57 15.94
N CYS I 290 19.17 -45.77 14.95
CA CYS I 290 18.89 -44.73 13.95
C CYS I 290 17.92 -43.69 14.52
N ARG I 291 18.02 -43.48 15.82
CA ARG I 291 17.25 -42.46 16.52
C ARG I 291 17.66 -41.06 16.09
N LEU I 292 18.77 -40.96 15.38
CA LEU I 292 19.25 -39.67 14.90
C LEU I 292 19.43 -39.68 13.39
N ALA I 293 19.48 -40.88 12.81
CA ALA I 293 19.74 -41.01 11.37
C ALA I 293 18.65 -40.33 10.53
N PHE I 294 17.44 -40.88 10.56
CA PHE I 294 16.36 -40.30 9.73
C PHE I 294 15.52 -39.12 10.28
N PRO I 295 15.61 -38.78 11.58
CA PRO I 295 15.03 -37.49 11.95
C PRO I 295 15.68 -36.33 11.20
N LEU I 296 17.00 -36.38 11.03
CA LEU I 296 17.69 -35.38 10.23
C LEU I 296 17.65 -35.75 8.76
N GLY I 297 17.40 -37.03 8.48
CA GLY I 297 17.21 -37.51 7.12
C GLY I 297 15.86 -37.03 6.62
N PHE I 298 14.98 -36.70 7.55
CA PHE I 298 13.67 -36.15 7.24
C PHE I 298 13.81 -34.67 7.02
N LEU I 299 14.70 -34.06 7.77
CA LEU I 299 15.00 -32.64 7.64
C LEU I 299 15.76 -32.36 6.34
N ALA I 300 16.36 -33.40 5.78
CA ALA I 300 17.04 -33.31 4.48
C ALA I 300 16.00 -33.44 3.38
N ILE I 301 15.09 -34.38 3.54
CA ILE I 301 14.01 -34.57 2.58
C ILE I 301 13.03 -33.40 2.64
N GLY I 302 12.85 -32.84 3.84
CA GLY I 302 11.99 -31.68 4.01
C GLY I 302 12.56 -30.47 3.31
N CYS I 303 13.87 -30.28 3.41
CA CYS I 303 14.54 -29.15 2.77
C CYS I 303 14.63 -29.37 1.25
N VAL I 304 14.56 -30.62 0.83
CA VAL I 304 14.56 -30.98 -0.59
C VAL I 304 13.19 -30.66 -1.20
N LEU I 305 12.14 -30.75 -0.39
CA LEU I 305 10.81 -30.40 -0.86
C LEU I 305 10.68 -28.90 -1.12
N VAL I 306 11.56 -28.11 -0.53
CA VAL I 306 11.55 -26.69 -0.80
C VAL I 306 12.15 -26.35 -2.16
N ILE I 307 13.02 -27.24 -2.62
CA ILE I 307 13.69 -27.06 -3.90
C ILE I 307 12.73 -27.36 -5.07
N PRO J 1 -31.93 23.16 3.98
CA PRO J 1 -31.45 21.96 4.66
C PRO J 1 -32.58 21.31 5.46
N VAL J 2 -33.10 20.21 4.95
CA VAL J 2 -34.23 19.51 5.58
C VAL J 2 -33.83 18.82 6.87
N ASP J 3 -34.51 19.22 7.94
CA ASP J 3 -34.30 18.63 9.24
C ASP J 3 -35.00 17.27 9.35
N VAL J 4 -34.24 16.18 9.48
CA VAL J 4 -34.83 14.86 9.62
C VAL J 4 -34.67 14.28 11.02
N SER J 5 -35.79 13.90 11.64
CA SER J 5 -35.77 13.20 12.91
C SER J 5 -35.92 11.70 12.70
N VAL J 6 -34.98 10.93 13.24
CA VAL J 6 -34.97 9.49 13.06
C VAL J 6 -35.25 8.74 14.36
N SER J 7 -35.95 7.62 14.27
CA SER J 7 -36.11 6.73 15.41
C SER J 7 -35.89 5.29 14.97
N ILE J 8 -35.01 4.58 15.67
CA ILE J 8 -34.76 3.16 15.42
C ILE J 8 -35.32 2.31 16.55
N PHE J 9 -36.08 1.27 16.21
CA PHE J 9 -36.52 0.30 17.18
C PHE J 9 -35.83 -1.03 16.86
N ILE J 10 -35.03 -1.53 17.82
CA ILE J 10 -34.35 -2.82 17.67
C ILE J 10 -35.13 -3.94 18.29
N ASN J 11 -35.55 -4.90 17.48
CA ASN J 11 -36.29 -6.02 18.02
C ASN J 11 -35.44 -7.20 18.46
N LYS J 12 -34.48 -7.56 17.61
CA LYS J 12 -33.67 -8.76 17.79
C LYS J 12 -32.30 -8.61 17.15
N ILE J 13 -31.27 -9.00 17.90
CA ILE J 13 -29.93 -9.11 17.33
C ILE J 13 -29.43 -10.54 17.47
N TYR J 14 -29.17 -11.17 16.33
CA TYR J 14 -28.78 -12.57 16.29
C TYR J 14 -27.83 -12.90 15.15
N GLY J 15 -27.62 -14.20 14.94
CA GLY J 15 -26.89 -14.70 13.79
C GLY J 15 -25.54 -14.07 13.48
N VAL J 16 -24.64 -14.03 14.46
CA VAL J 16 -23.30 -13.47 14.25
C VAL J 16 -22.42 -14.39 13.44
N ASN J 17 -22.00 -13.91 12.28
CA ASN J 17 -21.05 -14.64 11.46
C ASN J 17 -19.64 -14.16 11.82
N THR J 18 -18.89 -14.98 12.54
CA THR J 18 -17.56 -14.61 12.99
C THR J 18 -16.54 -14.33 11.90
N LEU J 19 -16.57 -15.17 10.88
CA LEU J 19 -15.63 -15.06 9.79
C LEU J 19 -15.89 -13.79 8.96
N GLU J 20 -17.16 -13.54 8.67
CA GLU J 20 -17.60 -12.39 7.89
C GLU J 20 -17.72 -11.10 8.69
N GLN J 21 -17.62 -11.24 10.01
CA GLN J 21 -17.78 -10.11 10.94
C GLN J 21 -19.12 -9.45 10.65
N THR J 22 -20.17 -10.26 10.76
CA THR J 22 -21.51 -9.87 10.33
C THR J 22 -22.50 -10.18 11.47
N TYR J 23 -23.60 -9.46 11.54
CA TYR J 23 -24.67 -9.80 12.47
C TYR J 23 -26.02 -9.39 11.90
N LYS J 24 -27.08 -10.10 12.28
CA LYS J 24 -28.41 -9.78 11.78
C LYS J 24 -29.22 -8.94 12.76
N VAL J 25 -29.91 -7.95 12.22
CA VAL J 25 -30.79 -7.08 13.02
C VAL J 25 -32.19 -6.94 12.45
N ASP J 26 -33.18 -7.16 13.31
CA ASP J 26 -34.57 -6.94 12.96
C ASP J 26 -35.11 -5.78 13.75
N GLY J 27 -35.78 -4.87 13.04
CA GLY J 27 -36.42 -3.74 13.68
C GLY J 27 -37.11 -2.80 12.71
N TYR J 28 -37.43 -1.61 13.22
CA TYR J 28 -38.15 -0.62 12.44
C TYR J 28 -37.41 0.71 12.34
N ILE J 29 -37.61 1.41 11.23
CA ILE J 29 -37.08 2.76 11.05
C ILE J 29 -38.23 3.76 10.99
N VAL J 30 -38.09 4.85 11.73
CA VAL J 30 -39.03 5.94 11.63
C VAL J 30 -38.27 7.20 11.25
N ALA J 31 -38.66 7.82 10.14
CA ALA J 31 -38.03 9.07 9.74
C ALA J 31 -39.06 10.17 9.52
N GLN J 32 -38.81 11.32 10.13
CA GLN J 32 -39.79 12.39 10.09
C GLN J 32 -39.16 13.69 9.58
N TRP J 33 -39.89 14.39 8.72
CA TRP J 33 -39.47 15.71 8.25
C TRP J 33 -40.71 16.52 7.96
N THR J 34 -40.55 17.84 7.82
CA THR J 34 -41.69 18.68 7.51
C THR J 34 -41.67 19.22 6.07
N GLY J 35 -42.67 18.86 5.29
CA GLY J 35 -42.78 19.34 3.93
C GLY J 35 -43.79 20.47 3.86
N LYS J 36 -44.27 20.76 2.66
CA LYS J 36 -45.27 21.81 2.50
C LYS J 36 -46.64 21.23 2.86
N PRO J 37 -47.45 22.02 3.57
CA PRO J 37 -48.81 21.66 4.01
C PRO J 37 -49.68 21.05 2.92
N ARG J 38 -50.30 19.92 3.23
CA ARG J 38 -51.12 19.24 2.26
C ARG J 38 -52.61 19.38 2.59
N LYS J 39 -53.47 18.99 1.66
CA LYS J 39 -54.90 18.87 1.96
C LYS J 39 -55.30 17.41 2.05
N THR J 40 -55.45 16.92 3.27
CA THR J 40 -55.82 15.52 3.46
C THR J 40 -57.32 15.30 3.61
N PRO J 41 -57.82 14.15 3.14
CA PRO J 41 -59.25 13.83 3.22
C PRO J 41 -59.78 14.01 4.62
N GLY J 42 -60.77 14.86 4.80
CA GLY J 42 -61.21 15.22 6.14
C GLY J 42 -60.28 16.29 6.65
N ASP J 43 -59.27 15.85 7.41
CA ASP J 43 -58.22 16.72 7.93
C ASP J 43 -57.26 15.87 8.75
N LYS J 44 -57.68 14.64 9.05
CA LYS J 44 -56.80 13.71 9.74
C LYS J 44 -55.66 13.24 8.84
N PRO J 45 -54.52 12.87 9.45
CA PRO J 45 -53.36 12.41 8.67
C PRO J 45 -53.73 11.30 7.68
N LEU J 46 -53.09 11.33 6.53
CA LEU J 46 -53.31 10.34 5.49
C LEU J 46 -52.30 9.20 5.59
N ILE J 47 -52.78 7.96 5.56
CA ILE J 47 -51.90 6.80 5.58
C ILE J 47 -51.72 6.16 4.20
N VAL J 48 -50.47 6.03 3.78
CA VAL J 48 -50.13 5.39 2.52
C VAL J 48 -49.22 4.20 2.75
N GLU J 49 -49.77 3.00 2.59
CA GLU J 49 -49.01 1.78 2.83
C GLU J 49 -48.35 1.25 1.55
N ASN J 50 -47.60 0.17 1.71
CA ASN J 50 -46.63 -0.36 0.74
C ASN J 50 -46.70 0.13 -0.72
N THR J 51 -47.38 -0.66 -1.54
CA THR J 51 -47.50 -0.37 -2.97
C THR J 51 -47.90 1.05 -3.38
N GLN J 52 -48.78 1.65 -2.61
CA GLN J 52 -49.23 3.01 -2.90
C GLN J 52 -48.14 4.07 -2.78
N ILE J 53 -47.06 3.76 -2.08
CA ILE J 53 -46.01 4.73 -1.84
C ILE J 53 -45.34 5.13 -3.15
N GLU J 54 -45.06 4.14 -4.00
CA GLU J 54 -44.46 4.38 -5.32
C GLU J 54 -45.34 5.34 -6.10
N ARG J 55 -46.65 5.10 -6.05
CA ARG J 55 -47.60 5.92 -6.77
C ARG J 55 -47.56 7.39 -6.40
N TRP J 56 -47.30 7.66 -5.13
CA TRP J 56 -47.17 9.02 -4.67
C TRP J 56 -45.87 9.66 -5.14
N ILE J 57 -44.80 8.89 -5.10
CA ILE J 57 -43.48 9.37 -5.52
C ILE J 57 -43.49 9.80 -6.99
N ASN J 58 -44.11 8.96 -7.82
CA ASN J 58 -44.32 9.27 -9.23
C ASN J 58 -45.02 10.61 -9.41
N ASN J 59 -45.95 10.94 -8.52
CA ASN J 59 -46.68 12.20 -8.64
C ASN J 59 -45.91 13.36 -8.01
N GLY J 60 -44.64 13.13 -7.67
CA GLY J 60 -43.79 14.21 -7.20
C GLY J 60 -43.52 14.29 -5.71
N LEU J 61 -43.94 13.29 -4.94
CA LEU J 61 -43.62 13.26 -3.52
C LEU J 61 -42.15 12.95 -3.34
N TRP J 62 -41.48 13.82 -2.60
CA TRP J 62 -40.07 13.63 -2.31
C TRP J 62 -39.89 12.70 -1.11
N VAL J 63 -39.33 11.52 -1.37
CA VAL J 63 -39.00 10.56 -0.32
C VAL J 63 -37.55 10.13 -0.45
N PRO J 64 -36.64 10.77 0.30
CA PRO J 64 -35.21 10.52 0.14
C PRO J 64 -34.80 9.11 0.56
N ALA J 65 -33.93 8.50 -0.24
CA ALA J 65 -33.40 7.18 0.06
C ALA J 65 -32.36 7.25 1.18
N LEU J 66 -32.59 6.48 2.25
CA LEU J 66 -31.63 6.46 3.34
C LEU J 66 -30.87 5.14 3.32
N GLU J 67 -29.57 5.23 3.06
CA GLU J 67 -28.74 4.03 2.95
C GLU J 67 -28.23 3.55 4.29
N PHE J 68 -28.17 2.24 4.45
CA PHE J 68 -27.43 1.66 5.56
C PHE J 68 -26.00 1.47 5.08
N ILE J 69 -25.09 2.29 5.61
CA ILE J 69 -23.70 2.24 5.18
C ILE J 69 -23.01 0.90 5.37
N ASN J 70 -23.23 0.29 6.53
CA ASN J 70 -22.57 -0.97 6.86
C ASN J 70 -23.44 -2.19 6.66
N VAL J 71 -24.43 -2.10 5.78
CA VAL J 71 -25.19 -3.28 5.44
C VAL J 71 -24.49 -4.17 4.39
N VAL J 72 -24.47 -5.47 4.67
CA VAL J 72 -24.00 -6.47 3.72
C VAL J 72 -25.17 -6.96 2.86
N GLY J 73 -25.15 -6.63 1.57
CA GLY J 73 -26.26 -6.99 0.69
C GLY J 73 -27.33 -5.93 0.83
N SER J 74 -28.59 -6.31 0.61
CA SER J 74 -29.66 -5.33 0.73
C SER J 74 -30.75 -5.95 1.59
N PRO J 75 -31.25 -5.16 2.55
CA PRO J 75 -32.13 -5.65 3.61
C PRO J 75 -33.42 -6.26 3.09
N ASP J 76 -33.97 -7.18 3.86
CA ASP J 76 -35.32 -7.65 3.63
C ASP J 76 -36.21 -6.58 4.23
N THR J 77 -36.89 -5.83 3.37
CA THR J 77 -37.88 -4.87 3.81
C THR J 77 -39.26 -5.50 3.95
N GLY J 78 -39.84 -5.37 5.14
CA GLY J 78 -41.19 -5.85 5.38
C GLY J 78 -42.21 -4.83 4.91
N ASN J 79 -43.11 -4.44 5.81
CA ASN J 79 -44.11 -3.46 5.44
C ASN J 79 -43.56 -2.04 5.44
N LYS J 80 -44.05 -1.22 4.52
CA LYS J 80 -43.63 0.18 4.43
C LYS J 80 -44.85 1.02 4.72
N ARG J 81 -44.61 2.22 5.25
CA ARG J 81 -45.70 3.12 5.57
C ARG J 81 -45.31 4.59 5.42
N LEU J 82 -46.24 5.38 4.90
CA LEU J 82 -46.11 6.82 4.85
C LEU J 82 -47.28 7.42 5.62
N MET J 83 -46.97 8.29 6.56
CA MET J 83 -48.02 9.04 7.25
C MET J 83 -47.92 10.50 6.87
N LEU J 84 -48.92 10.96 6.12
CA LEU J 84 -48.93 12.32 5.62
C LEU J 84 -49.84 13.23 6.43
N PHE J 85 -49.24 14.22 7.09
CA PHE J 85 -50.01 15.16 7.90
C PHE J 85 -50.37 16.39 7.08
N PRO J 86 -51.52 17.01 7.39
CA PRO J 86 -51.98 18.17 6.60
C PRO J 86 -51.09 19.40 6.86
N ASP J 87 -50.48 19.46 8.03
CA ASP J 87 -49.60 20.59 8.38
C ASP J 87 -48.29 20.53 7.59
N GLY J 88 -48.08 19.46 6.84
CA GLY J 88 -46.91 19.30 6.01
C GLY J 88 -46.02 18.13 6.35
N ARG J 89 -45.84 17.88 7.64
CA ARG J 89 -44.90 16.87 8.14
C ARG J 89 -45.17 15.45 7.63
N VAL J 90 -44.11 14.70 7.38
CA VAL J 90 -44.20 13.37 6.78
C VAL J 90 -43.45 12.35 7.62
N ILE J 91 -44.08 11.20 7.85
CA ILE J 91 -43.45 10.14 8.63
C ILE J 91 -43.41 8.82 7.89
N TYR J 92 -42.19 8.34 7.67
CA TYR J 92 -41.94 7.06 7.00
C TYR J 92 -41.56 5.97 7.97
N ASN J 93 -42.38 4.92 7.98
CA ASN J 93 -42.15 3.80 8.88
C ASN J 93 -42.01 2.48 8.13
N ALA J 94 -40.95 1.74 8.43
CA ALA J 94 -40.69 0.48 7.74
C ALA J 94 -40.00 -0.54 8.65
N ARG J 95 -40.37 -1.82 8.53
CA ARG J 95 -39.66 -2.88 9.22
C ARG J 95 -38.51 -3.36 8.34
N PHE J 96 -37.40 -3.77 8.95
CA PHE J 96 -36.25 -4.26 8.21
C PHE J 96 -35.54 -5.43 8.87
N LEU J 97 -34.93 -6.27 8.05
CA LEU J 97 -34.02 -7.28 8.53
C LEU J 97 -32.80 -7.28 7.64
N GLY J 98 -31.64 -7.02 8.23
CA GLY J 98 -30.43 -6.88 7.44
C GLY J 98 -29.20 -7.50 8.07
N SER J 99 -28.22 -7.78 7.23
CA SER J 99 -26.91 -8.23 7.69
C SER J 99 -25.97 -7.04 7.74
N PHE J 100 -25.41 -6.77 8.92
CA PHE J 100 -24.54 -5.62 9.11
C PHE J 100 -23.08 -5.98 9.34
N SER J 101 -22.19 -5.10 8.90
CA SER J 101 -20.75 -5.35 9.01
C SER J 101 -20.15 -4.45 10.06
N ASN J 102 -19.20 -4.98 10.81
CA ASN J 102 -18.40 -4.23 11.76
C ASN J 102 -17.13 -4.95 12.17
N ASP J 103 -16.10 -4.18 12.48
CA ASP J 103 -14.84 -4.73 12.96
C ASP J 103 -15.09 -5.51 14.24
N MET J 104 -14.83 -6.82 14.20
CA MET J 104 -15.06 -7.65 15.37
C MET J 104 -13.81 -8.42 15.79
N ASP J 105 -13.38 -8.22 17.04
CA ASP J 105 -12.20 -8.89 17.55
C ASP J 105 -12.66 -10.10 18.38
N PHE J 106 -12.22 -11.29 17.98
CA PHE J 106 -12.59 -12.52 18.69
C PHE J 106 -11.41 -13.20 19.39
N ARG J 107 -10.30 -12.50 19.53
CA ARG J 107 -9.09 -13.08 20.15
C ARG J 107 -9.35 -13.72 21.50
N LEU J 108 -10.08 -13.05 22.37
CA LEU J 108 -10.30 -13.56 23.72
C LEU J 108 -11.63 -14.31 23.87
N PHE J 109 -11.97 -15.09 22.84
CA PHE J 109 -13.14 -15.94 22.92
C PHE J 109 -12.86 -16.99 23.98
N PRO J 110 -13.90 -17.41 24.72
CA PRO J 110 -15.32 -17.04 24.65
C PRO J 110 -15.69 -15.86 25.56
N PHE J 111 -14.72 -15.04 25.94
CA PHE J 111 -14.92 -13.82 26.73
C PHE J 111 -14.84 -12.55 25.90
N ASP J 112 -15.48 -12.56 24.74
CA ASP J 112 -15.46 -11.42 23.84
C ASP J 112 -16.20 -10.25 24.43
N ARG J 113 -15.80 -9.05 24.07
CA ARG J 113 -16.65 -7.89 24.25
C ARG J 113 -16.83 -7.37 22.84
N GLN J 114 -18.07 -7.33 22.37
CA GLN J 114 -18.35 -6.80 21.05
C GLN J 114 -19.26 -5.61 21.08
N GLN J 115 -19.25 -4.85 20.00
CA GLN J 115 -20.22 -3.78 19.85
C GLN J 115 -20.90 -3.76 18.47
N PHE J 116 -22.22 -3.81 18.48
CA PHE J 116 -23.00 -3.86 17.25
C PHE J 116 -23.29 -2.45 16.76
N VAL J 117 -22.88 -2.15 15.54
CA VAL J 117 -22.97 -0.79 15.02
C VAL J 117 -23.92 -0.69 13.83
N LEU J 118 -24.64 0.43 13.76
CA LEU J 118 -25.48 0.77 12.60
C LEU J 118 -25.10 2.15 12.12
N GLU J 119 -24.87 2.24 10.81
CA GLU J 119 -24.52 3.51 10.19
C GLU J 119 -25.53 3.96 9.15
N LEU J 120 -26.23 5.04 9.45
CA LEU J 120 -27.26 5.55 8.58
C LEU J 120 -26.78 6.83 7.89
N GLU J 121 -27.08 6.97 6.61
CA GLU J 121 -26.65 8.15 5.87
C GLU J 121 -27.51 8.28 4.63
N PRO J 122 -27.89 9.51 4.27
CA PRO J 122 -28.65 9.79 3.04
C PRO J 122 -27.84 9.35 1.84
N PHE J 123 -28.48 8.64 0.93
CA PHE J 123 -27.78 8.10 -0.22
C PHE J 123 -27.28 9.19 -1.17
N SER J 124 -28.09 10.22 -1.38
CA SER J 124 -27.76 11.25 -2.37
C SER J 124 -27.81 12.71 -1.94
N TYR J 125 -28.42 12.98 -0.79
CA TYR J 125 -28.54 14.33 -0.27
C TYR J 125 -27.49 14.75 0.77
N ASN J 126 -26.66 15.74 0.45
CA ASN J 126 -25.66 16.24 1.38
C ASN J 126 -26.19 17.09 2.53
N ASN J 127 -25.36 17.27 3.54
CA ASN J 127 -25.67 18.01 4.76
C ASN J 127 -26.43 19.33 4.55
N GLN J 128 -26.25 19.96 3.39
CA GLN J 128 -26.88 21.25 3.11
C GLN J 128 -28.25 20.99 2.50
N GLN J 129 -28.42 19.82 1.90
CA GLN J 129 -29.73 19.42 1.37
C GLN J 129 -30.54 18.70 2.45
N LEU J 130 -29.93 17.71 3.08
CA LEU J 130 -30.58 16.93 4.12
C LEU J 130 -29.68 16.72 5.34
N ARG J 131 -30.23 17.03 6.49
CA ARG J 131 -29.59 17.01 7.79
C ARG J 131 -30.41 16.26 8.82
N PHE J 132 -29.71 15.47 9.62
CA PHE J 132 -30.30 14.70 10.70
C PHE J 132 -30.43 15.54 11.96
N SER J 133 -31.66 15.97 12.22
CA SER J 133 -31.96 16.82 13.36
C SER J 133 -31.67 16.12 14.69
N ASP J 134 -32.22 14.93 14.87
CA ASP J 134 -32.03 14.14 16.08
C ASP J 134 -32.34 12.67 15.87
N ILE J 135 -31.89 11.85 16.81
CA ILE J 135 -32.18 10.43 16.79
C ILE J 135 -32.28 9.81 18.18
N GLN J 136 -33.29 8.97 18.36
CA GLN J 136 -33.46 8.18 19.57
C GLN J 136 -33.56 6.71 19.17
N VAL J 137 -32.89 5.88 19.97
CA VAL J 137 -32.92 4.44 19.79
C VAL J 137 -33.55 3.66 20.93
N TYR J 138 -34.55 2.84 20.60
CA TYR J 138 -35.21 2.05 21.63
C TYR J 138 -34.81 0.57 21.52
N THR J 139 -34.03 0.11 22.49
CA THR J 139 -33.70 -1.31 22.63
C THR J 139 -34.57 -1.96 23.68
N GLU J 140 -35.78 -2.32 23.26
CA GLU J 140 -36.81 -2.86 24.13
C GLU J 140 -36.50 -4.25 24.69
N ASN J 141 -35.22 -4.52 24.93
CA ASN J 141 -34.79 -5.77 25.53
C ASN J 141 -34.58 -5.69 27.03
N ILE J 142 -34.51 -6.86 27.66
CA ILE J 142 -34.33 -7.03 29.10
C ILE J 142 -34.50 -8.50 29.46
N ASP J 143 -34.15 -8.86 30.69
CA ASP J 143 -34.44 -10.19 31.22
C ASP J 143 -33.89 -11.39 30.45
N ASN J 144 -33.94 -12.53 31.10
CA ASN J 144 -33.51 -13.81 30.54
C ASN J 144 -32.16 -13.77 29.88
N GLU J 145 -31.14 -13.38 30.63
CA GLU J 145 -29.81 -13.28 30.06
C GLU J 145 -29.19 -14.65 29.83
N GLU J 146 -29.53 -15.57 30.72
CA GLU J 146 -29.00 -16.93 30.72
C GLU J 146 -29.67 -17.80 29.66
N ILE J 147 -30.59 -17.20 28.91
CA ILE J 147 -31.27 -17.91 27.84
C ILE J 147 -30.76 -17.49 26.47
N ASP J 148 -30.26 -16.27 26.40
CA ASP J 148 -29.71 -15.72 25.18
C ASP J 148 -28.19 -15.82 25.08
N GLU J 149 -27.69 -15.91 23.86
CA GLU J 149 -26.26 -16.07 23.62
C GLU J 149 -25.46 -14.84 24.02
N TRP J 150 -26.06 -13.67 23.81
CA TRP J 150 -25.39 -12.41 24.08
C TRP J 150 -26.12 -11.63 25.17
N TRP J 151 -25.34 -10.96 26.00
CA TRP J 151 -25.85 -10.12 27.06
C TRP J 151 -25.64 -8.65 26.72
N ILE J 152 -26.72 -7.96 26.41
CA ILE J 152 -26.65 -6.53 26.10
C ILE J 152 -26.42 -5.75 27.37
N ARG J 153 -25.47 -4.81 27.34
CA ARG J 153 -25.04 -4.12 28.56
C ARG J 153 -25.59 -2.72 28.69
N GLY J 154 -25.15 -1.83 27.83
CA GLY J 154 -25.65 -0.47 27.88
C GLY J 154 -27.04 -0.29 27.33
N LYS J 155 -27.39 0.96 27.01
CA LYS J 155 -28.72 1.20 26.47
C LYS J 155 -28.66 1.31 24.93
N ALA J 156 -27.74 2.11 24.40
CA ALA J 156 -27.42 2.31 22.96
C ALA J 156 -26.64 3.61 22.91
N SER J 157 -25.44 3.60 22.35
CA SER J 157 -24.68 4.82 22.21
C SER J 157 -25.08 5.45 20.86
N THR J 158 -25.20 6.76 20.82
CA THR J 158 -25.56 7.46 19.59
C THR J 158 -24.60 8.59 19.24
N HIS J 159 -24.40 8.77 17.94
CA HIS J 159 -23.58 9.84 17.41
C HIS J 159 -23.96 10.29 16.02
N ILE J 160 -24.41 11.54 15.96
CA ILE J 160 -24.62 12.21 14.69
C ILE J 160 -23.37 13.00 14.34
N SER J 161 -22.87 12.79 13.13
CA SER J 161 -21.62 13.39 12.71
C SER J 161 -21.70 13.76 11.24
N ASP J 162 -20.65 14.41 10.76
CA ASP J 162 -20.64 14.80 9.36
C ASP J 162 -19.45 14.12 8.66
N ILE J 163 -19.72 13.29 7.65
CA ILE J 163 -18.66 12.58 6.95
C ILE J 163 -18.32 13.32 5.66
N ARG J 164 -17.03 13.64 5.52
CA ARG J 164 -16.51 14.24 4.31
C ARG J 164 -15.91 13.27 3.31
N TYR J 165 -16.39 13.34 2.08
CA TYR J 165 -15.79 12.58 1.00
C TYR J 165 -14.92 13.48 0.14
N ASP J 166 -13.68 13.06 -0.11
CA ASP J 166 -12.71 13.92 -0.79
C ASP J 166 -12.84 13.84 -2.31
N HIS J 167 -13.36 12.72 -2.84
CA HIS J 167 -13.47 12.51 -4.27
C HIS J 167 -14.95 12.19 -4.58
N LEU J 168 -15.75 13.15 -5.02
CA LEU J 168 -17.17 12.85 -5.31
C LEU J 168 -17.63 13.32 -6.67
N SER J 169 -18.88 13.77 -6.73
CA SER J 169 -19.52 14.16 -7.98
C SER J 169 -18.79 15.38 -8.51
N SER J 170 -19.23 15.91 -9.65
CA SER J 170 -18.59 17.10 -10.19
C SER J 170 -18.87 18.36 -9.36
N VAL J 171 -18.79 18.22 -8.04
CA VAL J 171 -18.92 19.34 -7.13
C VAL J 171 -17.66 19.53 -6.29
N GLN J 172 -17.17 20.77 -6.26
CA GLN J 172 -16.01 21.13 -5.43
C GLN J 172 -16.19 22.14 -4.25
N PRO J 173 -17.17 23.07 -4.30
CA PRO J 173 -17.39 24.04 -3.19
C PRO J 173 -17.60 23.46 -1.77
N ASN J 174 -18.75 22.88 -1.39
CA ASN J 174 -18.84 22.32 -0.02
C ASN J 174 -19.92 21.29 0.12
N GLN J 175 -20.42 20.83 -1.01
CA GLN J 175 -21.42 19.77 -1.03
C GLN J 175 -20.66 18.45 -0.94
N ASN J 176 -20.18 18.10 0.26
CA ASN J 176 -19.36 16.90 0.38
C ASN J 176 -19.33 16.31 1.78
N GLU J 177 -20.10 16.89 2.70
CA GLU J 177 -20.17 16.39 4.07
C GLU J 177 -21.49 15.79 4.50
N PHE J 178 -21.91 14.74 3.82
CA PHE J 178 -23.11 13.98 4.18
C PHE J 178 -23.18 13.73 5.68
N SER J 179 -24.36 13.91 6.28
CA SER J 179 -24.51 13.67 7.71
C SER J 179 -24.78 12.19 7.99
N ARG J 180 -24.09 11.64 8.98
CA ARG J 180 -24.19 10.21 9.26
C ARG J 180 -24.58 9.93 10.70
N ILE J 181 -25.56 9.06 10.86
CA ILE J 181 -25.96 8.59 12.18
C ILE J 181 -25.24 7.27 12.50
N THR J 182 -24.63 7.19 13.67
CA THR J 182 -23.91 6.00 14.09
C THR J 182 -24.43 5.49 15.44
N VAL J 183 -25.06 4.32 15.42
CA VAL J 183 -25.60 3.72 16.64
C VAL J 183 -24.67 2.63 17.14
N ARG J 184 -24.34 2.65 18.43
CA ARG J 184 -23.49 1.61 18.97
C ARG J 184 -24.16 0.87 20.14
N ILE J 185 -24.19 -0.45 20.08
CA ILE J 185 -24.72 -1.29 21.15
C ILE J 185 -23.66 -2.24 21.69
N ASP J 186 -23.28 -2.06 22.94
CA ASP J 186 -22.27 -2.94 23.53
C ASP J 186 -22.88 -4.28 23.95
N ALA J 187 -22.11 -5.35 23.85
CA ALA J 187 -22.60 -6.67 24.24
C ALA J 187 -21.50 -7.58 24.77
N VAL J 188 -21.87 -8.53 25.62
CA VAL J 188 -20.93 -9.53 26.11
C VAL J 188 -21.42 -10.95 25.85
N ARG J 189 -20.50 -11.83 25.47
CA ARG J 189 -20.85 -13.22 25.19
C ARG J 189 -21.19 -14.00 26.45
N ASN J 190 -22.19 -14.87 26.38
CA ASN J 190 -22.53 -15.78 27.47
C ASN J 190 -21.53 -16.93 27.49
N PRO J 191 -20.56 -16.90 28.42
CA PRO J 191 -19.44 -17.83 28.43
C PRO J 191 -19.70 -19.15 29.17
N SER J 192 -20.91 -19.32 29.67
CA SER J 192 -21.29 -20.52 30.42
C SER J 192 -21.07 -21.82 29.68
N TYR J 193 -21.58 -21.92 28.46
CA TYR J 193 -21.50 -23.16 27.73
C TYR J 193 -20.05 -23.57 27.49
N TYR J 194 -19.25 -22.63 27.04
CA TYR J 194 -17.87 -22.91 26.69
C TYR J 194 -16.99 -23.22 27.91
N LEU J 195 -17.38 -22.68 29.06
CA LEU J 195 -16.64 -22.92 30.28
C LEU J 195 -16.82 -24.34 30.77
N TRP J 196 -18.09 -24.75 30.87
CA TRP J 196 -18.44 -26.04 31.41
C TRP J 196 -18.19 -27.19 30.45
N SER J 197 -18.51 -26.97 29.18
CA SER J 197 -18.36 -28.01 28.17
C SER J 197 -17.05 -28.03 27.39
N PHE J 198 -16.23 -27.00 27.55
CA PHE J 198 -14.96 -26.97 26.83
C PHE J 198 -13.75 -26.77 27.73
N ILE J 199 -13.78 -25.69 28.51
CA ILE J 199 -12.66 -25.32 29.38
C ILE J 199 -12.44 -26.34 30.47
N LEU J 200 -13.50 -26.63 31.21
CA LEU J 200 -13.43 -27.57 32.33
C LEU J 200 -12.86 -28.95 31.94
N PRO J 201 -13.47 -29.65 30.97
CA PRO J 201 -12.89 -30.97 30.68
C PRO J 201 -11.49 -30.86 30.08
N LEU J 202 -11.23 -29.82 29.30
CA LEU J 202 -9.90 -29.62 28.74
C LEU J 202 -8.86 -29.51 29.84
N GLY J 203 -9.24 -28.84 30.92
CA GLY J 203 -8.41 -28.73 32.12
C GLY J 203 -8.13 -30.09 32.74
N LEU J 204 -9.17 -30.91 32.84
CA LEU J 204 -9.04 -32.24 33.41
C LEU J 204 -8.10 -33.10 32.57
N ILE J 205 -8.18 -32.95 31.25
CA ILE J 205 -7.28 -33.66 30.35
C ILE J 205 -5.83 -33.28 30.62
N ILE J 206 -5.55 -31.96 30.65
CA ILE J 206 -4.20 -31.48 30.92
C ILE J 206 -3.69 -31.92 32.27
N ALA J 207 -4.59 -31.88 33.26
CA ALA J 207 -4.24 -32.32 34.60
C ALA J 207 -3.93 -33.81 34.63
N ALA J 208 -4.81 -34.60 34.03
CA ALA J 208 -4.60 -36.05 34.00
C ALA J 208 -3.40 -36.42 33.14
N SER J 209 -3.02 -35.52 32.24
CA SER J 209 -1.83 -35.71 31.42
C SER J 209 -0.60 -35.90 32.29
N TRP J 210 -0.53 -35.10 33.36
CA TRP J 210 0.62 -35.11 34.25
C TRP J 210 0.70 -36.36 35.11
N SER J 211 -0.40 -37.12 35.15
CA SER J 211 -0.45 -38.31 35.99
C SER J 211 0.40 -39.45 35.40
N VAL J 212 1.00 -39.20 34.23
CA VAL J 212 1.84 -40.19 33.57
C VAL J 212 3.12 -40.49 34.35
N PHE J 213 3.49 -39.56 35.22
CA PHE J 213 4.71 -39.70 36.02
C PHE J 213 4.54 -40.63 37.20
N TRP J 214 3.30 -40.86 37.61
CA TRP J 214 3.05 -41.79 38.71
C TRP J 214 3.15 -43.25 38.26
N LEU J 215 3.43 -43.47 36.98
CA LEU J 215 3.61 -44.83 36.48
C LEU J 215 5.00 -45.35 36.81
N GLU J 216 5.09 -46.64 37.15
CA GLU J 216 6.34 -47.20 37.62
C GLU J 216 7.36 -47.45 36.51
N SER J 217 7.00 -48.31 35.55
CA SER J 217 7.89 -48.65 34.45
C SER J 217 8.08 -47.50 33.45
N PHE J 218 9.22 -47.51 32.77
CA PHE J 218 9.50 -46.59 31.68
C PHE J 218 8.65 -46.84 30.45
N SER J 219 8.43 -48.11 30.12
CA SER J 219 7.60 -48.49 28.98
C SER J 219 6.17 -48.04 29.20
N GLU J 220 5.71 -48.16 30.45
CA GLU J 220 4.38 -47.72 30.81
C GLU J 220 4.29 -46.20 30.64
N ARG J 221 5.27 -45.50 31.21
CA ARG J 221 5.31 -44.04 31.15
C ARG J 221 5.28 -43.51 29.72
N LEU J 222 6.03 -44.15 28.84
CA LEU J 222 6.14 -43.69 27.47
C LEU J 222 4.92 -44.06 26.62
N GLN J 223 4.54 -45.34 26.61
CA GLN J 223 3.46 -45.80 25.74
C GLN J 223 2.15 -45.07 26.04
N THR J 224 1.88 -44.85 27.32
CA THR J 224 0.65 -44.19 27.75
C THR J 224 0.52 -42.75 27.23
N SER J 225 1.66 -42.08 27.05
CA SER J 225 1.68 -40.71 26.54
C SER J 225 1.28 -40.60 25.06
N PHE J 226 1.32 -41.72 24.34
CA PHE J 226 0.91 -41.71 22.95
C PHE J 226 -0.61 -41.71 22.90
N THR J 227 -1.25 -42.44 23.81
CA THR J 227 -2.69 -42.40 23.92
C THR J 227 -3.10 -41.01 24.39
N LEU J 228 -2.27 -40.43 25.26
CA LEU J 228 -2.56 -39.12 25.80
C LEU J 228 -2.49 -38.07 24.69
N MET J 229 -1.54 -38.26 23.79
CA MET J 229 -1.34 -37.37 22.65
C MET J 229 -2.57 -37.44 21.75
N LEU J 230 -2.99 -38.67 21.49
CA LEU J 230 -4.15 -38.96 20.67
C LEU J 230 -5.44 -38.45 21.28
N THR J 231 -5.49 -38.40 22.60
CA THR J 231 -6.63 -37.80 23.30
C THR J 231 -6.77 -36.31 23.02
N VAL J 232 -5.64 -35.59 23.04
CA VAL J 232 -5.64 -34.16 22.77
C VAL J 232 -6.03 -33.84 21.33
N VAL J 233 -5.59 -34.68 20.40
CA VAL J 233 -6.01 -34.57 19.00
C VAL J 233 -7.52 -34.70 18.87
N ALA J 234 -8.08 -35.73 19.52
CA ALA J 234 -9.51 -35.97 19.47
C ALA J 234 -10.26 -34.77 20.05
N TYR J 235 -9.69 -34.14 21.07
CA TYR J 235 -10.34 -32.99 21.68
C TYR J 235 -10.25 -31.77 20.77
N ALA J 236 -9.09 -31.58 20.14
CA ALA J 236 -8.88 -30.46 19.23
C ALA J 236 -9.97 -30.53 18.16
N PHE J 237 -10.23 -31.75 17.70
CA PHE J 237 -11.21 -32.01 16.66
C PHE J 237 -12.59 -31.64 17.18
N TYR J 238 -12.93 -32.17 18.35
CA TYR J 238 -14.21 -31.90 18.99
C TYR J 238 -14.42 -30.40 19.16
N THR J 239 -13.37 -29.71 19.60
CA THR J 239 -13.39 -28.26 19.73
C THR J 239 -13.61 -27.51 18.43
N SER J 240 -12.75 -27.81 17.45
CA SER J 240 -12.78 -27.19 16.13
C SER J 240 -14.09 -27.38 15.38
N ASN J 241 -14.71 -28.55 15.52
CA ASN J 241 -15.95 -28.83 14.80
C ASN J 241 -17.09 -27.97 15.32
N ILE J 242 -17.08 -27.67 16.61
CA ILE J 242 -18.19 -26.97 17.24
C ILE J 242 -17.95 -25.45 17.30
N LEU J 243 -16.75 -25.05 17.70
CA LEU J 243 -16.41 -23.62 17.77
C LEU J 243 -16.44 -22.89 16.44
N PRO J 244 -16.58 -21.56 16.48
CA PRO J 244 -16.68 -20.69 15.30
C PRO J 244 -15.35 -20.63 14.54
N ARG J 245 -15.39 -20.66 13.22
CA ARG J 245 -14.17 -20.58 12.42
C ARG J 245 -13.55 -19.18 12.45
N LEU J 246 -12.26 -19.08 12.76
CA LEU J 246 -11.58 -17.79 12.85
C LEU J 246 -10.26 -17.86 12.08
N PRO J 247 -9.71 -16.69 11.70
CA PRO J 247 -8.38 -16.66 11.10
C PRO J 247 -7.26 -16.46 12.11
N TYR J 248 -7.60 -16.60 13.37
CA TYR J 248 -6.61 -16.47 14.43
C TYR J 248 -6.93 -17.39 15.60
N THR J 249 -5.96 -17.61 16.46
CA THR J 249 -6.09 -18.50 17.62
C THR J 249 -6.79 -17.80 18.77
N THR J 250 -7.71 -18.53 19.41
CA THR J 250 -8.38 -18.02 20.60
C THR J 250 -7.70 -18.52 21.86
N VAL J 251 -8.29 -18.20 23.01
CA VAL J 251 -7.75 -18.65 24.29
C VAL J 251 -7.78 -20.16 24.35
N ILE J 252 -8.90 -20.74 23.90
CA ILE J 252 -9.08 -22.18 23.89
C ILE J 252 -8.05 -22.84 22.97
N ASP J 253 -7.81 -22.22 21.83
CA ASP J 253 -6.86 -22.74 20.88
C ASP J 253 -5.47 -22.78 21.53
N GLN J 254 -5.16 -21.75 22.31
CA GLN J 254 -3.88 -21.68 23.00
C GLN J 254 -3.77 -22.78 24.06
N MET J 255 -4.87 -23.03 24.76
CA MET J 255 -4.93 -24.12 25.73
C MET J 255 -4.63 -25.46 25.08
N ILE J 256 -5.12 -25.63 23.86
CA ILE J 256 -4.90 -26.85 23.11
C ILE J 256 -3.41 -27.03 22.79
N ILE J 257 -2.79 -25.97 22.29
CA ILE J 257 -1.36 -25.99 22.01
C ILE J 257 -0.58 -26.31 23.28
N ALA J 258 -1.03 -25.73 24.39
CA ALA J 258 -0.41 -25.95 25.69
C ALA J 258 -0.47 -27.44 26.03
N GLY J 259 -1.58 -28.06 25.68
CA GLY J 259 -1.76 -29.48 25.93
C GLY J 259 -0.77 -30.31 25.14
N TYR J 260 -0.58 -29.96 23.87
CA TYR J 260 0.38 -30.65 23.01
C TYR J 260 1.79 -30.50 23.59
N GLY J 261 2.09 -29.28 24.04
CA GLY J 261 3.40 -28.97 24.59
C GLY J 261 3.67 -29.76 25.85
N SER J 262 2.70 -29.79 26.76
CA SER J 262 2.89 -30.53 28.00
C SER J 262 3.22 -31.99 27.80
N ILE J 263 2.48 -32.62 26.89
CA ILE J 263 2.70 -34.02 26.56
C ILE J 263 4.04 -34.26 25.86
N PHE J 264 4.38 -33.38 24.92
CA PHE J 264 5.66 -33.49 24.21
C PHE J 264 6.82 -33.25 25.16
N ALA J 265 6.66 -32.31 26.08
CA ALA J 265 7.70 -32.00 27.05
C ALA J 265 7.89 -33.22 27.95
N ALA J 266 6.78 -33.85 28.31
CA ALA J 266 6.81 -35.05 29.13
C ALA J 266 7.51 -36.19 28.39
N ILE J 267 7.23 -36.31 27.10
CA ILE J 267 7.86 -37.33 26.25
C ILE J 267 9.38 -37.19 26.32
N LEU J 268 9.84 -35.96 26.14
CA LEU J 268 11.27 -35.65 26.15
C LEU J 268 11.91 -36.00 27.49
N LEU J 269 11.29 -35.56 28.58
CA LEU J 269 11.81 -35.85 29.91
C LEU J 269 11.83 -37.35 30.19
N ILE J 270 10.76 -38.04 29.81
CA ILE J 270 10.66 -39.48 30.03
C ILE J 270 11.82 -40.23 29.38
N ILE J 271 12.07 -39.90 28.11
CA ILE J 271 13.20 -40.48 27.39
C ILE J 271 14.52 -40.07 28.02
N PHE J 272 14.58 -38.81 28.44
CA PHE J 272 15.78 -38.26 29.04
C PHE J 272 16.14 -38.97 30.33
N ALA J 273 15.17 -39.04 31.24
CA ALA J 273 15.33 -39.72 32.52
C ALA J 273 15.96 -41.10 32.35
N HIS J 274 15.45 -41.86 31.38
CA HIS J 274 15.88 -43.23 31.16
C HIS J 274 17.31 -43.32 30.63
N HIS J 275 17.65 -42.48 29.65
CA HIS J 275 18.96 -42.56 29.02
C HIS J 275 20.04 -41.59 29.52
N ARG J 276 19.66 -40.60 30.31
CA ARG J 276 20.63 -39.75 30.99
C ARG J 276 21.03 -40.49 32.27
N GLN J 277 22.09 -41.29 32.20
CA GLN J 277 22.42 -42.20 33.29
C GLN J 277 23.92 -42.36 33.50
N ALA J 278 24.27 -43.13 34.52
CA ALA J 278 25.66 -43.46 34.81
C ALA J 278 25.82 -44.96 34.74
N ASN J 279 24.85 -45.61 34.11
CA ASN J 279 24.85 -47.05 33.93
C ASN J 279 24.04 -47.48 32.70
N GLY J 280 22.75 -47.12 32.73
CA GLY J 280 21.84 -47.48 31.66
C GLY J 280 20.41 -47.26 32.10
N VAL J 281 20.10 -47.75 33.29
CA VAL J 281 18.75 -47.60 33.85
C VAL J 281 18.67 -46.65 35.05
N GLU J 282 19.63 -45.73 35.16
CA GLU J 282 19.59 -44.76 36.25
C GLU J 282 18.56 -43.68 35.97
N ASP J 283 17.30 -43.98 36.27
CA ASP J 283 16.22 -43.04 36.08
C ASP J 283 16.28 -42.06 37.25
N ASP J 284 16.69 -40.82 36.98
CA ASP J 284 16.91 -39.82 38.02
C ASP J 284 15.74 -39.71 38.97
N LEU J 285 15.96 -40.26 40.16
CA LEU J 285 14.95 -40.36 41.21
C LEU J 285 14.13 -39.11 41.50
N LEU J 286 14.70 -37.95 41.20
CA LEU J 286 14.07 -36.65 41.37
C LEU J 286 13.34 -36.22 40.11
N ILE J 287 13.90 -36.53 38.94
CA ILE J 287 13.31 -36.11 37.68
C ILE J 287 12.12 -36.95 37.32
N GLN J 288 12.15 -38.20 37.73
CA GLN J 288 11.00 -39.07 37.55
C GLN J 288 9.93 -38.65 38.52
N ARG J 289 10.35 -38.00 39.60
CA ARG J 289 9.39 -37.44 40.54
C ARG J 289 9.17 -35.94 40.35
N CYS J 290 9.23 -35.49 39.10
CA CYS J 290 8.72 -34.19 38.72
C CYS J 290 7.21 -34.22 38.55
N ARG J 291 6.57 -35.09 39.34
CA ARG J 291 5.13 -35.22 39.37
C ARG J 291 4.46 -33.95 39.91
N LEU J 292 5.28 -33.09 40.51
CA LEU J 292 4.84 -31.83 41.06
C LEU J 292 5.57 -30.62 40.51
N ALA J 293 6.69 -30.87 39.84
CA ALA J 293 7.51 -29.80 39.30
C ALA J 293 6.78 -29.01 38.22
N PHE J 294 6.51 -29.63 37.08
CA PHE J 294 5.87 -28.91 35.98
C PHE J 294 4.32 -28.79 35.95
N PRO J 295 3.60 -29.57 36.78
CA PRO J 295 2.18 -29.22 36.91
C PRO J 295 2.02 -27.80 37.43
N LEU J 296 2.84 -27.42 38.40
CA LEU J 296 2.78 -26.05 38.88
C LEU J 296 3.66 -25.15 38.03
N GLY J 297 4.58 -25.74 37.27
CA GLY J 297 5.34 -24.98 36.31
C GLY J 297 4.44 -24.64 35.14
N PHE J 298 3.37 -25.42 34.98
CA PHE J 298 2.42 -25.15 33.92
C PHE J 298 1.49 -24.04 34.36
N LEU J 299 1.24 -24.03 35.67
CA LEU J 299 0.43 -22.99 36.27
C LEU J 299 1.16 -21.67 36.34
N ALA J 300 2.48 -21.73 36.27
CA ALA J 300 3.27 -20.51 36.20
C ALA J 300 3.29 -19.96 34.78
N ILE J 301 3.43 -20.86 33.82
CA ILE J 301 3.37 -20.50 32.41
C ILE J 301 1.96 -20.06 32.01
N GLY J 302 0.97 -20.69 32.62
CA GLY J 302 -0.42 -20.31 32.38
C GLY J 302 -0.74 -18.94 32.91
N CYS J 303 -0.21 -18.60 34.08
CA CYS J 303 -0.39 -17.27 34.65
C CYS J 303 0.43 -16.21 33.91
N VAL J 304 1.49 -16.67 33.24
CA VAL J 304 2.37 -15.80 32.42
C VAL J 304 1.66 -15.41 31.11
N LEU J 305 0.81 -16.30 30.62
CA LEU J 305 -0.01 -16.09 29.42
C LEU J 305 -1.07 -15.04 29.68
N VAL J 306 -1.38 -14.79 30.95
CA VAL J 306 -2.35 -13.74 31.25
C VAL J 306 -1.68 -12.37 31.18
N ILE J 307 -0.37 -12.34 31.42
CA ILE J 307 0.38 -11.10 31.40
C ILE J 307 0.57 -10.59 29.96
#